data_5TP6
#
_entry.id   5TP6
#
loop_
_entity.id
_entity.type
_entity.pdbx_description
1 polymer Calmodulin
2 polymer 'Nitric oxide synthase, inducible'
#
loop_
_entity_poly.entity_id
_entity_poly.type
_entity_poly.pdbx_seq_one_letter_code
_entity_poly.pdbx_strand_id
1 'polypeptide(L)'
;ADQLTEEQIAEFKEAFSLFDKDGDGTITTKELGTVMRSLGQNPTEAELQDMINEVDADGNGTIDFPEFLTMMARKMKDTD
SEEEIREAFRVFAKDGNGYISAAELRHVMTNLGEKLTDEEVDEMIREAAIDGDGQVNYEEFVQMMTAK
;
A
2 'polypeptide(L)' AGHMRPKRREIPLKVLVKAVLFACMLMRK B
#
# COMPACT_ATOMS: atom_id res chain seq x y z
N ALA A 1 4.21 -21.28 2.04
CA ALA A 1 3.74 -21.61 0.68
C ALA A 1 2.58 -20.71 0.24
N ASP A 2 1.65 -20.46 1.17
CA ASP A 2 0.48 -19.61 0.91
C ASP A 2 0.46 -18.39 1.82
N GLN A 3 0.79 -18.60 3.10
CA GLN A 3 0.80 -17.52 4.10
C GLN A 3 2.12 -17.52 4.88
N LEU A 4 2.83 -16.39 4.83
CA LEU A 4 4.11 -16.23 5.53
C LEU A 4 3.92 -15.48 6.85
N THR A 5 5.00 -14.88 7.40
CA THR A 5 4.91 -14.11 8.65
C THR A 5 4.02 -12.88 8.43
N GLU A 6 3.29 -12.50 9.49
CA GLU A 6 2.30 -11.40 9.46
C GLU A 6 2.71 -10.15 8.65
N GLU A 7 3.90 -9.60 8.90
CA GLU A 7 4.34 -8.41 8.20
C GLU A 7 4.99 -8.71 6.86
N GLN A 8 5.41 -9.95 6.66
CA GLN A 8 6.02 -10.38 5.42
C GLN A 8 4.95 -10.48 4.34
N ILE A 9 3.82 -11.12 4.70
CA ILE A 9 2.66 -11.27 3.82
C ILE A 9 1.69 -10.10 3.93
N ALA A 10 1.86 -9.27 4.98
CA ALA A 10 0.98 -8.10 5.26
C ALA A 10 0.60 -7.24 4.06
N GLU A 11 1.51 -7.09 3.08
CA GLU A 11 1.24 -6.18 1.97
C GLU A 11 0.51 -6.87 0.83
N PHE A 12 1.15 -7.89 0.21
CA PHE A 12 0.54 -8.58 -0.93
C PHE A 12 -0.71 -9.37 -0.54
N LYS A 13 -0.86 -9.69 0.76
CA LYS A 13 -2.06 -10.37 1.23
C LYS A 13 -3.27 -9.49 1.16
N GLU A 14 -3.13 -8.34 1.78
CA GLU A 14 -4.19 -7.40 1.86
C GLU A 14 -4.41 -6.76 0.51
N ALA A 15 -3.30 -6.62 -0.22
CA ALA A 15 -3.30 -6.07 -1.58
C ALA A 15 -3.67 -7.16 -2.58
N PHE A 16 -4.02 -8.31 -2.03
CA PHE A 16 -4.46 -9.48 -2.78
C PHE A 16 -5.95 -9.33 -3.04
N SER A 17 -6.66 -8.83 -2.01
CA SER A 17 -8.11 -8.59 -2.11
C SER A 17 -8.40 -7.22 -2.74
N LEU A 18 -7.36 -6.36 -2.80
CA LEU A 18 -7.46 -5.00 -3.38
C LEU A 18 -8.00 -5.05 -4.82
N PHE A 19 -7.42 -5.96 -5.59
CA PHE A 19 -7.77 -6.14 -7.00
C PHE A 19 -8.81 -7.22 -7.18
N ASP A 20 -8.57 -8.35 -6.50
CA ASP A 20 -9.40 -9.54 -6.63
C ASP A 20 -10.89 -9.33 -6.25
N LYS A 21 -11.72 -9.03 -7.27
CA LYS A 21 -13.18 -8.92 -7.11
C LYS A 21 -13.77 -10.30 -7.28
N ASP A 22 -13.26 -10.95 -8.34
CA ASP A 22 -13.60 -12.31 -8.70
C ASP A 22 -12.61 -13.24 -7.96
N GLY A 23 -11.30 -12.98 -8.17
CA GLY A 23 -10.25 -13.72 -7.48
C GLY A 23 -10.08 -15.17 -7.85
N ASP A 24 -9.88 -15.43 -9.15
CA ASP A 24 -9.62 -16.78 -9.66
C ASP A 24 -8.22 -17.20 -9.17
N GLY A 25 -7.64 -16.26 -8.45
CA GLY A 25 -6.32 -16.36 -7.87
C GLY A 25 -5.34 -15.45 -8.57
N THR A 26 -5.88 -14.68 -9.51
CA THR A 26 -5.11 -13.71 -10.27
C THR A 26 -5.70 -12.31 -10.20
N ILE A 27 -4.99 -11.39 -10.83
CA ILE A 27 -5.36 -10.01 -10.91
C ILE A 27 -5.63 -9.61 -12.32
N THR A 28 -6.78 -9.04 -12.50
CA THR A 28 -7.22 -8.61 -13.80
C THR A 28 -7.05 -7.13 -13.98
N THR A 29 -7.18 -6.75 -15.24
CA THR A 29 -7.05 -5.38 -15.69
C THR A 29 -8.15 -4.49 -15.10
N LYS A 30 -9.43 -4.92 -15.21
CA LYS A 30 -10.57 -4.14 -14.67
C LYS A 30 -10.34 -3.78 -13.18
N GLU A 31 -9.45 -4.54 -12.54
CA GLU A 31 -9.07 -4.34 -11.15
C GLU A 31 -7.91 -3.35 -11.06
N LEU A 32 -6.83 -3.65 -11.79
CA LEU A 32 -5.60 -2.84 -11.81
C LEU A 32 -5.88 -1.38 -12.17
N GLY A 33 -6.97 -1.13 -12.89
CA GLY A 33 -7.35 0.23 -13.24
C GLY A 33 -8.12 0.91 -12.13
N THR A 34 -8.88 0.10 -11.40
CA THR A 34 -9.65 0.58 -10.24
C THR A 34 -8.68 0.91 -9.10
N VAL A 35 -7.47 0.34 -9.20
CA VAL A 35 -6.41 0.50 -8.20
C VAL A 35 -5.63 1.80 -8.41
N MET A 36 -4.98 1.84 -9.56
CA MET A 36 -4.13 2.97 -10.03
C MET A 36 -4.75 4.35 -9.86
N ARG A 37 -6.01 4.46 -10.26
CA ARG A 37 -6.73 5.73 -10.27
C ARG A 37 -6.64 6.52 -8.97
N SER A 38 -6.56 5.79 -7.87
CA SER A 38 -6.49 6.36 -6.51
C SER A 38 -5.10 6.92 -6.17
N LEU A 39 -4.12 6.74 -7.07
CA LEU A 39 -2.77 7.22 -6.84
C LEU A 39 -2.53 8.59 -7.53
N GLY A 40 -3.36 8.91 -8.54
CA GLY A 40 -3.23 10.19 -9.23
C GLY A 40 -2.73 10.09 -10.66
N GLN A 41 -3.08 9.01 -11.34
CA GLN A 41 -2.68 8.78 -12.73
C GLN A 41 -3.84 9.05 -13.69
N ASN A 42 -3.54 9.06 -15.00
CA ASN A 42 -4.56 9.28 -16.04
C ASN A 42 -5.50 8.06 -16.12
N PRO A 43 -6.79 8.19 -15.67
CA PRO A 43 -7.75 7.06 -15.70
C PRO A 43 -8.10 6.56 -17.11
N THR A 44 -7.29 5.64 -17.62
CA THR A 44 -7.51 5.04 -18.93
C THR A 44 -8.14 3.66 -18.80
N GLU A 45 -8.88 3.27 -19.83
CA GLU A 45 -9.56 1.98 -19.88
C GLU A 45 -8.60 0.89 -20.34
N ALA A 46 -7.66 1.27 -21.19
CA ALA A 46 -6.64 0.36 -21.67
C ALA A 46 -5.43 0.34 -20.74
N GLU A 47 -5.31 1.37 -19.86
CA GLU A 47 -4.19 1.46 -18.89
C GLU A 47 -4.06 0.19 -18.06
N LEU A 48 -5.20 -0.42 -17.74
CA LEU A 48 -5.24 -1.65 -16.97
C LEU A 48 -4.93 -2.86 -17.86
N GLN A 49 -5.46 -2.87 -19.10
CA GLN A 49 -5.16 -3.93 -20.08
C GLN A 49 -3.74 -3.78 -20.62
N ASP A 50 -3.20 -2.56 -20.51
CA ASP A 50 -1.84 -2.24 -20.95
C ASP A 50 -0.85 -2.50 -19.82
N MET A 51 -1.20 -2.09 -18.59
CA MET A 51 -0.34 -2.32 -17.41
C MET A 51 -0.07 -3.82 -17.18
N ILE A 52 -1.05 -4.69 -17.53
CA ILE A 52 -0.88 -6.14 -17.36
C ILE A 52 -0.19 -6.77 -18.59
N ASN A 53 -0.12 -6.02 -19.69
CA ASN A 53 0.46 -6.48 -20.94
C ASN A 53 1.97 -6.65 -20.84
N GLU A 54 2.63 -5.59 -20.36
CA GLU A 54 4.09 -5.59 -20.18
C GLU A 54 4.55 -6.34 -18.94
N VAL A 55 3.70 -6.39 -17.95
CA VAL A 55 3.99 -7.12 -16.72
C VAL A 55 3.11 -8.37 -16.72
N ASP A 56 2.90 -8.91 -17.93
CA ASP A 56 2.05 -10.09 -18.18
C ASP A 56 2.48 -11.38 -17.47
N ALA A 57 1.64 -11.82 -16.52
CA ALA A 57 1.86 -13.06 -15.78
C ALA A 57 1.24 -14.22 -16.56
N ASP A 58 -0.01 -13.99 -16.94
CA ASP A 58 -0.80 -14.94 -17.72
C ASP A 58 -1.11 -14.32 -19.09
N GLY A 59 -1.04 -12.98 -19.14
CA GLY A 59 -1.24 -12.20 -20.35
C GLY A 59 -2.64 -12.16 -20.87
N ASN A 60 -3.58 -12.63 -20.06
CA ASN A 60 -4.97 -12.57 -20.41
C ASN A 60 -5.53 -11.33 -19.71
N GLY A 61 -4.57 -10.49 -19.33
CA GLY A 61 -4.87 -9.27 -18.61
C GLY A 61 -4.90 -9.51 -17.12
N THR A 62 -4.15 -10.53 -16.73
CA THR A 62 -4.06 -10.97 -15.35
C THR A 62 -2.64 -11.03 -14.85
N ILE A 63 -2.45 -10.50 -13.65
CA ILE A 63 -1.18 -10.50 -13.00
C ILE A 63 -1.29 -11.24 -11.66
N ASP A 64 -0.27 -12.02 -11.38
CA ASP A 64 -0.17 -12.82 -10.16
C ASP A 64 0.38 -11.99 -8.99
N PHE A 65 0.59 -12.64 -7.84
CA PHE A 65 1.09 -11.97 -6.62
C PHE A 65 2.59 -11.60 -6.69
N PRO A 66 3.50 -12.41 -7.33
CA PRO A 66 4.94 -12.09 -7.40
C PRO A 66 5.31 -11.06 -8.48
N GLU A 67 4.40 -10.83 -9.46
CA GLU A 67 4.66 -9.91 -10.55
C GLU A 67 4.24 -8.46 -10.29
N PHE A 68 3.01 -8.20 -9.77
CA PHE A 68 2.55 -6.82 -9.52
C PHE A 68 3.55 -5.95 -8.74
N LEU A 69 4.24 -6.57 -7.79
CA LEU A 69 5.21 -5.87 -6.94
C LEU A 69 6.61 -5.82 -7.53
N THR A 70 6.88 -6.65 -8.54
CA THR A 70 8.21 -6.73 -9.19
C THR A 70 8.81 -5.35 -9.47
N MET A 71 7.96 -4.32 -9.47
CA MET A 71 8.40 -2.95 -9.66
C MET A 71 8.81 -2.31 -8.33
N MET A 72 8.15 -2.69 -7.21
CA MET A 72 8.56 -2.17 -5.89
C MET A 72 9.66 -3.06 -5.37
N ALA A 73 9.63 -4.31 -5.86
CA ALA A 73 10.64 -5.30 -5.57
C ALA A 73 11.88 -4.92 -6.38
N ARG A 74 11.65 -4.16 -7.48
CA ARG A 74 12.71 -3.66 -8.31
C ARG A 74 13.45 -2.58 -7.54
N LYS A 75 12.68 -1.72 -6.86
CA LYS A 75 13.23 -0.67 -6.04
C LYS A 75 14.09 -1.25 -4.91
N MET A 76 13.93 -2.57 -4.70
CA MET A 76 14.71 -3.32 -3.74
C MET A 76 16.05 -3.71 -4.38
N LYS A 77 16.00 -3.94 -5.72
CA LYS A 77 17.22 -4.27 -6.50
C LYS A 77 17.99 -2.99 -6.80
N ASP A 78 17.25 -1.99 -7.28
CA ASP A 78 17.80 -0.66 -7.60
C ASP A 78 17.81 0.25 -6.36
N THR A 79 18.82 1.13 -6.27
CA THR A 79 18.97 2.04 -5.13
C THR A 79 18.20 3.34 -5.31
N ASP A 80 17.12 3.23 -6.08
CA ASP A 80 16.22 4.35 -6.33
C ASP A 80 15.21 4.52 -5.17
N SER A 81 15.47 3.76 -4.09
CA SER A 81 14.61 3.74 -2.88
C SER A 81 14.57 5.08 -2.13
N GLU A 82 15.51 5.99 -2.42
CA GLU A 82 15.59 7.28 -1.72
C GLU A 82 14.67 8.36 -2.32
N GLU A 83 14.61 8.45 -3.66
CA GLU A 83 13.80 9.46 -4.35
C GLU A 83 12.33 9.05 -4.52
N GLU A 84 12.02 7.77 -4.34
CA GLU A 84 10.66 7.24 -4.51
C GLU A 84 9.79 7.39 -3.25
N ILE A 85 10.38 7.12 -2.08
CA ILE A 85 9.67 7.16 -0.77
C ILE A 85 9.03 8.52 -0.44
N ARG A 86 9.57 9.61 -0.99
CA ARG A 86 9.02 10.93 -0.75
C ARG A 86 7.86 11.24 -1.70
N GLU A 87 7.91 10.64 -2.90
CA GLU A 87 6.85 10.79 -3.90
C GLU A 87 5.77 9.74 -3.66
N ALA A 88 6.20 8.61 -3.09
CA ALA A 88 5.31 7.51 -2.69
C ALA A 88 4.45 7.98 -1.53
N PHE A 89 4.89 9.08 -0.89
CA PHE A 89 4.16 9.75 0.19
C PHE A 89 3.06 10.56 -0.47
N ARG A 90 3.44 11.22 -1.59
CA ARG A 90 2.53 12.06 -2.35
C ARG A 90 1.30 11.28 -2.81
N VAL A 91 1.50 9.95 -2.86
CA VAL A 91 0.48 8.97 -3.22
C VAL A 91 -0.80 9.17 -2.41
N PHE A 92 -0.61 9.37 -1.09
CA PHE A 92 -1.68 9.61 -0.15
C PHE A 92 -1.73 11.10 0.17
N ALA A 93 -0.54 11.71 0.24
CA ALA A 93 -0.42 13.13 0.53
C ALA A 93 -0.69 13.99 -0.71
N LYS A 94 -1.97 14.34 -0.89
CA LYS A 94 -2.38 15.19 -2.00
C LYS A 94 -2.30 16.66 -1.57
N ASP A 95 -1.92 16.84 -0.30
CA ASP A 95 -1.76 18.16 0.28
C ASP A 95 -0.31 18.62 0.16
N GLY A 96 0.56 17.72 -0.34
CA GLY A 96 1.98 18.03 -0.50
C GLY A 96 2.73 18.25 0.83
N ASN A 97 2.00 18.13 1.95
CA ASN A 97 2.58 18.31 3.27
C ASN A 97 2.50 17.03 4.10
N GLY A 98 1.30 16.68 4.60
CA GLY A 98 1.14 15.48 5.39
C GLY A 98 1.20 15.81 6.86
N TYR A 99 0.13 15.49 7.56
CA TYR A 99 0.06 15.69 9.02
C TYR A 99 -0.10 14.40 9.78
N ILE A 100 0.10 14.52 11.09
CA ILE A 100 0.01 13.42 12.03
C ILE A 100 -1.44 12.99 12.27
N SER A 101 -1.90 11.87 11.67
CA SER A 101 -3.21 11.33 11.98
C SER A 101 -3.21 9.82 11.79
N ALA A 102 -3.68 9.07 12.81
CA ALA A 102 -3.81 7.62 12.72
C ALA A 102 -5.07 7.28 11.95
N ALA A 103 -5.92 8.32 11.80
CA ALA A 103 -7.17 8.22 11.06
C ALA A 103 -6.88 8.11 9.57
N GLU A 104 -5.63 8.43 9.18
CA GLU A 104 -5.17 8.36 7.79
C GLU A 104 -5.46 6.98 7.19
N LEU A 105 -5.27 5.93 8.02
CA LEU A 105 -5.52 4.54 7.65
C LEU A 105 -6.91 4.34 7.04
N ARG A 106 -7.84 5.10 7.56
CA ARG A 106 -9.21 5.06 7.13
C ARG A 106 -9.45 5.96 5.90
N HIS A 107 -8.59 6.99 5.70
CA HIS A 107 -8.73 7.87 4.55
C HIS A 107 -8.14 7.25 3.29
N VAL A 108 -7.08 6.42 3.45
CA VAL A 108 -6.44 5.73 2.32
C VAL A 108 -7.42 4.72 1.70
N MET A 109 -7.99 3.85 2.54
CA MET A 109 -8.96 2.85 2.10
C MET A 109 -10.26 3.44 1.58
N THR A 110 -10.70 4.56 2.15
CA THR A 110 -11.92 5.25 1.70
C THR A 110 -11.57 6.10 0.47
N ASN A 111 -10.26 6.38 0.28
CA ASN A 111 -9.80 7.09 -0.92
C ASN A 111 -10.17 6.21 -2.13
N LEU A 112 -10.18 4.89 -1.86
CA LEU A 112 -10.62 3.88 -2.82
C LEU A 112 -12.13 3.65 -2.57
N GLY A 113 -12.55 3.98 -1.34
CA GLY A 113 -13.94 3.88 -0.92
C GLY A 113 -14.29 2.60 -0.20
N GLU A 114 -13.30 2.04 0.49
CA GLU A 114 -13.44 0.82 1.26
C GLU A 114 -14.33 1.06 2.48
N LYS A 115 -15.01 0.01 2.91
CA LYS A 115 -15.93 0.08 4.00
C LYS A 115 -15.44 -0.67 5.22
N LEU A 116 -15.30 0.07 6.32
CA LEU A 116 -14.84 -0.45 7.60
C LEU A 116 -15.76 0.04 8.73
N THR A 117 -15.71 -0.64 9.88
CA THR A 117 -16.55 -0.26 11.02
C THR A 117 -15.75 0.55 12.04
N ASP A 118 -16.45 1.15 13.01
CA ASP A 118 -15.83 1.97 14.07
C ASP A 118 -14.93 1.13 14.97
N GLU A 119 -15.28 -0.16 15.15
CA GLU A 119 -14.51 -1.08 15.98
C GLU A 119 -13.33 -1.66 15.21
N GLU A 120 -13.50 -1.85 13.90
CA GLU A 120 -12.46 -2.34 13.02
C GLU A 120 -11.29 -1.38 13.07
N VAL A 121 -11.63 -0.10 12.89
CA VAL A 121 -10.67 0.95 12.94
C VAL A 121 -10.28 1.32 14.36
N ASP A 122 -11.12 0.95 15.35
CA ASP A 122 -10.78 1.26 16.75
C ASP A 122 -9.55 0.46 17.13
N GLU A 123 -9.40 -0.68 16.46
CA GLU A 123 -8.26 -1.55 16.61
C GLU A 123 -7.16 -1.13 15.66
N MET A 124 -7.52 -0.84 14.40
CA MET A 124 -6.56 -0.37 13.39
C MET A 124 -6.11 1.03 13.76
N ILE A 125 -6.95 1.71 14.57
CA ILE A 125 -6.65 3.04 15.06
C ILE A 125 -5.68 2.93 16.23
N ARG A 126 -5.90 1.88 17.07
CA ARG A 126 -5.06 1.65 18.25
C ARG A 126 -3.81 0.89 17.95
N GLU A 127 -3.78 0.36 16.75
CA GLU A 127 -2.63 -0.37 16.23
C GLU A 127 -1.52 0.62 15.88
N ALA A 128 -1.84 1.92 16.05
CA ALA A 128 -0.91 3.01 15.74
C ALA A 128 -0.88 4.09 16.83
N ALA A 129 -1.55 3.85 17.98
CA ALA A 129 -1.56 4.82 19.09
C ALA A 129 -0.14 5.17 19.54
N ILE A 130 0.24 6.42 19.25
CA ILE A 130 1.57 6.93 19.60
C ILE A 130 1.49 7.94 20.72
N ASP A 131 2.46 7.80 21.64
CA ASP A 131 2.57 8.63 22.87
C ASP A 131 1.30 8.61 23.73
N GLY A 132 0.17 8.51 23.06
CA GLY A 132 -1.15 8.48 23.68
C GLY A 132 -2.13 9.42 22.99
N ASP A 133 -1.66 10.06 21.90
CA ASP A 133 -2.49 10.98 21.11
C ASP A 133 -3.19 10.21 19.98
N GLY A 134 -2.40 9.54 19.13
CA GLY A 134 -2.97 8.74 18.04
C GLY A 134 -2.88 9.37 16.67
N GLN A 135 -1.85 10.18 16.41
CA GLN A 135 -1.67 10.79 15.09
C GLN A 135 -0.28 10.45 14.53
N VAL A 136 -0.15 10.34 13.18
CA VAL A 136 1.14 9.97 12.54
C VAL A 136 1.38 10.59 11.14
N ASN A 137 2.34 11.53 11.06
CA ASN A 137 2.77 12.20 9.81
C ASN A 137 3.76 11.31 9.01
N TYR A 138 4.43 11.93 8.01
CA TYR A 138 5.43 11.31 7.11
C TYR A 138 6.49 10.45 7.86
N GLU A 139 6.66 10.69 9.18
CA GLU A 139 7.64 9.94 9.99
C GLU A 139 7.31 8.44 10.03
N GLU A 140 6.06 8.10 10.38
CA GLU A 140 5.63 6.69 10.46
C GLU A 140 5.06 6.21 9.11
N PHE A 141 4.70 7.15 8.23
CA PHE A 141 4.14 6.84 6.90
C PHE A 141 5.21 6.30 5.97
N VAL A 142 6.41 6.92 6.03
CA VAL A 142 7.56 6.50 5.23
C VAL A 142 8.22 5.30 5.87
N GLN A 143 8.31 5.34 7.21
CA GLN A 143 8.90 4.26 7.99
C GLN A 143 8.11 2.98 7.74
N MET A 144 6.81 3.18 7.47
CA MET A 144 5.90 2.11 7.11
C MET A 144 6.40 1.45 5.83
N MET A 145 7.01 2.28 4.96
CA MET A 145 7.56 1.82 3.69
C MET A 145 9.05 1.42 3.81
N THR A 146 9.84 2.20 4.59
CA THR A 146 11.27 1.94 4.74
C THR A 146 11.58 0.67 5.55
N ALA A 147 10.66 0.30 6.44
CA ALA A 147 10.81 -0.88 7.28
C ALA A 147 10.22 -2.12 6.60
N LYS A 148 10.87 -3.27 6.81
CA LYS A 148 10.44 -4.53 6.23
C LYS A 148 9.68 -5.37 7.26
N ALA B 1 22.11 8.67 27.92
CA ALA B 1 21.55 9.61 26.90
C ALA B 1 20.03 9.70 26.98
N GLY B 2 19.39 8.53 27.17
CA GLY B 2 17.94 8.48 27.27
C GLY B 2 17.35 7.25 26.62
N HIS B 3 16.97 6.27 27.44
CA HIS B 3 16.39 5.01 26.96
C HIS B 3 14.88 5.01 27.15
N MET B 4 14.17 4.34 26.23
CA MET B 4 12.71 4.24 26.27
C MET B 4 12.25 2.79 26.19
N ARG B 5 12.90 2.01 25.29
CA ARG B 5 12.58 0.58 25.07
C ARG B 5 11.10 0.36 24.68
N PRO B 6 10.78 0.16 23.35
CA PRO B 6 9.39 -0.06 22.89
C PRO B 6 8.84 -1.43 23.32
N LYS B 7 7.50 -1.52 23.35
CA LYS B 7 6.82 -2.75 23.74
C LYS B 7 5.92 -3.26 22.62
N ARG B 8 5.76 -4.58 22.56
CA ARG B 8 4.93 -5.22 21.52
C ARG B 8 3.67 -5.83 22.13
N ARG B 9 2.51 -5.39 21.65
CA ARG B 9 1.22 -5.88 22.13
C ARG B 9 0.26 -6.13 20.97
N GLU B 10 0.21 -5.18 20.02
CA GLU B 10 -0.67 -5.29 18.85
C GLU B 10 0.16 -5.37 17.57
N ILE B 11 -0.45 -5.89 16.50
CA ILE B 11 0.23 -6.03 15.19
C ILE B 11 0.08 -4.76 14.33
N PRO B 12 1.03 -4.49 13.38
CA PRO B 12 0.98 -3.30 12.52
C PRO B 12 0.09 -3.47 11.28
N LEU B 13 -0.11 -2.36 10.56
CA LEU B 13 -0.94 -2.33 9.34
C LEU B 13 -0.08 -2.66 8.11
N LYS B 14 1.00 -1.85 7.91
CA LYS B 14 1.97 -1.98 6.82
C LYS B 14 1.39 -2.44 5.45
N VAL B 15 0.14 -2.06 5.14
CA VAL B 15 -0.48 -2.43 3.86
C VAL B 15 -1.43 -1.36 3.34
N LEU B 16 -2.23 -0.82 4.24
CA LEU B 16 -3.21 0.21 3.95
C LEU B 16 -2.57 1.48 3.35
N VAL B 17 -1.24 1.43 3.21
CA VAL B 17 -0.44 2.49 2.63
C VAL B 17 0.64 1.84 1.77
N LYS B 18 1.17 0.70 2.25
CA LYS B 18 2.16 -0.06 1.51
C LYS B 18 1.62 -0.56 0.18
N ALA B 19 0.30 -0.80 0.16
CA ALA B 19 -0.38 -1.23 -1.05
C ALA B 19 -0.68 -0.01 -1.93
N VAL B 20 -0.06 1.10 -1.52
CA VAL B 20 -0.17 2.38 -2.17
C VAL B 20 1.23 2.91 -2.49
N LEU B 21 2.25 2.46 -1.71
CA LEU B 21 3.64 2.84 -1.95
C LEU B 21 4.24 1.82 -2.93
N PHE B 22 3.43 0.76 -3.17
CA PHE B 22 3.77 -0.32 -4.08
C PHE B 22 3.37 0.03 -5.52
N ALA B 23 2.17 0.59 -5.67
CA ALA B 23 1.62 0.98 -6.98
C ALA B 23 2.15 2.34 -7.45
N CYS B 24 2.90 3.03 -6.58
CA CYS B 24 3.49 4.34 -6.90
C CYS B 24 4.81 4.19 -7.67
N MET B 25 5.06 2.98 -8.18
CA MET B 25 6.28 2.68 -8.94
C MET B 25 5.98 2.27 -10.37
N LEU B 26 4.71 1.91 -10.63
CA LEU B 26 4.25 1.48 -11.96
C LEU B 26 4.51 2.55 -13.04
N MET B 27 4.08 3.79 -12.75
CA MET B 27 4.26 4.92 -13.67
C MET B 27 4.66 6.18 -12.89
N ARG B 28 5.89 6.16 -12.35
CA ARG B 28 6.43 7.29 -11.58
C ARG B 28 7.21 8.27 -12.48
N LYS B 29 6.73 8.44 -13.74
CA LYS B 29 7.35 9.33 -14.75
C LYS B 29 8.76 8.88 -15.12
N ALA A 1 10.09 -23.85 11.24
CA ALA A 1 10.69 -23.74 9.88
C ALA A 1 10.56 -22.33 9.32
N ASP A 2 9.37 -21.72 9.51
CA ASP A 2 9.05 -20.35 9.03
C ASP A 2 9.11 -20.24 7.50
N GLN A 3 8.00 -19.77 6.91
CA GLN A 3 7.90 -19.61 5.46
C GLN A 3 7.70 -18.14 5.08
N LEU A 4 6.83 -17.45 5.83
CA LEU A 4 6.54 -16.03 5.59
C LEU A 4 7.32 -15.14 6.54
N THR A 5 7.47 -13.89 6.13
CA THR A 5 8.18 -12.87 6.90
C THR A 5 7.15 -11.96 7.59
N GLU A 6 7.62 -11.02 8.41
CA GLU A 6 6.72 -10.11 9.10
C GLU A 6 6.28 -8.90 8.25
N GLU A 7 7.27 -8.10 7.80
CA GLU A 7 7.00 -6.89 7.01
C GLU A 7 6.96 -7.13 5.50
N GLN A 8 7.86 -7.98 5.00
CA GLN A 8 7.94 -8.28 3.56
C GLN A 8 6.58 -8.69 3.00
N ILE A 9 5.80 -9.37 3.84
CA ILE A 9 4.45 -9.84 3.48
C ILE A 9 3.41 -8.76 3.74
N ALA A 10 3.67 -7.92 4.74
CA ALA A 10 2.75 -6.82 5.14
C ALA A 10 2.18 -6.03 3.97
N GLU A 11 2.96 -5.92 2.88
CA GLU A 11 2.53 -5.11 1.75
C GLU A 11 1.71 -5.94 0.75
N PHE A 12 2.34 -6.98 0.17
CA PHE A 12 1.67 -7.81 -0.84
C PHE A 12 0.52 -8.62 -0.24
N LYS A 13 0.64 -9.04 1.03
CA LYS A 13 -0.44 -9.76 1.69
C LYS A 13 -1.69 -8.94 1.78
N GLU A 14 -1.52 -7.75 2.32
CA GLU A 14 -2.61 -6.87 2.52
C GLU A 14 -3.11 -6.33 1.20
N ALA A 15 -2.15 -6.15 0.28
CA ALA A 15 -2.42 -5.68 -1.07
C ALA A 15 -2.91 -6.82 -1.95
N PHE A 16 -3.05 -7.96 -1.29
CA PHE A 16 -3.54 -9.19 -1.89
C PHE A 16 -5.06 -9.18 -1.84
N SER A 17 -5.62 -8.91 -0.63
CA SER A 17 -7.08 -8.87 -0.46
C SER A 17 -7.66 -7.49 -0.80
N LEU A 18 -6.78 -6.47 -0.81
CA LEU A 18 -7.17 -5.08 -1.13
C LEU A 18 -7.37 -4.93 -2.65
N PHE A 19 -6.88 -5.93 -3.38
CA PHE A 19 -6.98 -6.01 -4.84
C PHE A 19 -7.95 -7.11 -5.26
N ASP A 20 -7.87 -8.23 -4.54
CA ASP A 20 -8.65 -9.43 -4.85
C ASP A 20 -10.14 -9.30 -4.45
N LYS A 21 -10.99 -8.92 -5.43
CA LYS A 21 -12.45 -8.84 -5.22
C LYS A 21 -13.01 -10.25 -5.31
N ASP A 22 -12.70 -10.85 -6.45
CA ASP A 22 -13.08 -12.23 -6.77
C ASP A 22 -12.10 -13.19 -6.07
N GLY A 23 -10.80 -12.89 -6.21
CA GLY A 23 -9.75 -13.66 -5.56
C GLY A 23 -9.61 -15.11 -5.97
N ASP A 24 -9.46 -15.33 -7.27
CA ASP A 24 -9.22 -16.67 -7.83
C ASP A 24 -7.81 -17.11 -7.44
N GLY A 25 -7.19 -16.18 -6.73
CA GLY A 25 -5.82 -16.30 -6.24
C GLY A 25 -4.95 -15.33 -7.00
N THR A 26 -5.57 -14.73 -8.03
CA THR A 26 -4.93 -13.75 -8.87
C THR A 26 -5.56 -12.36 -8.76
N ILE A 27 -4.97 -11.42 -9.50
CA ILE A 27 -5.39 -10.05 -9.58
C ILE A 27 -5.90 -9.74 -10.94
N THR A 28 -7.04 -9.14 -10.96
CA THR A 28 -7.67 -8.80 -12.22
C THR A 28 -7.64 -7.32 -12.46
N THR A 29 -7.95 -7.00 -13.69
CA THR A 29 -7.97 -5.64 -14.21
C THR A 29 -9.07 -4.80 -13.54
N LYS A 30 -10.24 -5.41 -13.25
CA LYS A 30 -11.38 -4.68 -12.62
C LYS A 30 -10.95 -3.80 -11.45
N GLU A 31 -9.99 -4.32 -10.68
CA GLU A 31 -9.45 -3.63 -9.51
C GLU A 31 -8.31 -2.70 -9.85
N LEU A 32 -7.35 -3.19 -10.65
CA LEU A 32 -6.14 -2.44 -11.03
C LEU A 32 -6.42 -1.00 -11.43
N GLY A 33 -7.53 -0.76 -12.14
CA GLY A 33 -7.88 0.59 -12.53
C GLY A 33 -8.62 1.32 -11.43
N THR A 34 -9.38 0.56 -10.67
CA THR A 34 -10.11 1.07 -9.51
C THR A 34 -9.11 1.41 -8.40
N VAL A 35 -7.92 0.80 -8.51
CA VAL A 35 -6.84 0.99 -7.52
C VAL A 35 -6.13 2.32 -7.79
N MET A 36 -5.54 2.37 -8.97
CA MET A 36 -4.79 3.53 -9.51
C MET A 36 -5.58 4.83 -9.49
N ARG A 37 -6.83 4.74 -9.93
CA ARG A 37 -7.70 5.90 -10.09
C ARG A 37 -7.81 6.79 -8.85
N SER A 38 -7.71 6.17 -7.69
CA SER A 38 -7.85 6.87 -6.40
C SER A 38 -6.65 7.75 -5.99
N LEU A 39 -5.48 7.54 -6.60
CA LEU A 39 -4.29 8.31 -6.26
C LEU A 39 -4.13 9.56 -7.14
N GLY A 40 -4.88 9.63 -8.25
CA GLY A 40 -4.80 10.79 -9.14
C GLY A 40 -4.14 10.49 -10.47
N GLN A 41 -4.31 9.27 -10.95
CA GLN A 41 -3.74 8.84 -12.23
C GLN A 41 -4.77 8.98 -13.35
N ASN A 42 -4.33 8.78 -14.61
CA ASN A 42 -5.21 8.88 -15.79
C ASN A 42 -6.34 7.83 -15.71
N PRO A 43 -7.63 8.26 -15.45
CA PRO A 43 -8.75 7.31 -15.33
C PRO A 43 -9.15 6.64 -16.66
N THR A 44 -8.47 5.52 -16.95
CA THR A 44 -8.75 4.73 -18.13
C THR A 44 -9.34 3.38 -17.76
N GLU A 45 -10.24 2.91 -18.60
CA GLU A 45 -10.92 1.62 -18.41
C GLU A 45 -10.06 0.49 -18.91
N ALA A 46 -9.21 0.80 -19.89
CA ALA A 46 -8.28 -0.15 -20.44
C ALA A 46 -6.98 -0.17 -19.65
N GLU A 47 -6.71 0.91 -18.89
CA GLU A 47 -5.48 1.00 -18.06
C GLU A 47 -5.27 -0.24 -17.20
N LEU A 48 -6.37 -0.82 -16.73
CA LEU A 48 -6.32 -2.03 -15.92
C LEU A 48 -6.14 -3.28 -16.81
N GLN A 49 -6.85 -3.33 -17.95
CA GLN A 49 -6.71 -4.43 -18.92
C GLN A 49 -5.40 -4.29 -19.71
N ASP A 50 -4.86 -3.06 -19.73
CA ASP A 50 -3.61 -2.75 -20.43
C ASP A 50 -2.42 -2.99 -19.50
N MET A 51 -2.54 -2.56 -18.23
CA MET A 51 -1.46 -2.77 -17.24
C MET A 51 -1.21 -4.26 -16.98
N ILE A 52 -2.25 -5.12 -17.10
CA ILE A 52 -2.07 -6.57 -16.92
C ILE A 52 -1.62 -7.24 -18.22
N ASN A 53 -1.74 -6.52 -19.34
CA ASN A 53 -1.38 -7.02 -20.66
C ASN A 53 0.13 -7.17 -20.81
N GLU A 54 0.84 -6.10 -20.49
CA GLU A 54 2.31 -6.06 -20.57
C GLU A 54 2.97 -6.73 -19.38
N VAL A 55 2.30 -6.72 -18.25
CA VAL A 55 2.81 -7.38 -17.05
C VAL A 55 1.96 -8.63 -16.83
N ASP A 56 1.57 -9.24 -17.98
CA ASP A 56 0.72 -10.43 -18.02
C ASP A 56 1.30 -11.68 -17.34
N ALA A 57 0.63 -12.10 -16.26
CA ALA A 57 1.00 -13.31 -15.52
C ALA A 57 0.27 -14.51 -16.13
N ASP A 58 -1.02 -14.30 -16.29
CA ASP A 58 -1.92 -15.27 -16.89
C ASP A 58 -2.47 -14.71 -18.21
N GLY A 59 -2.43 -13.37 -18.30
CA GLY A 59 -2.84 -12.63 -19.49
C GLY A 59 -4.31 -12.64 -19.78
N ASN A 60 -5.10 -13.09 -18.82
CA ASN A 60 -6.53 -13.06 -18.93
C ASN A 60 -7.00 -11.81 -18.20
N GLY A 61 -6.01 -10.93 -17.99
CA GLY A 61 -6.22 -9.70 -17.28
C GLY A 61 -5.98 -9.88 -15.80
N THR A 62 -5.13 -10.86 -15.52
CA THR A 62 -4.80 -11.24 -14.15
C THR A 62 -3.31 -11.27 -13.91
N ILE A 63 -2.92 -10.72 -12.76
CA ILE A 63 -1.56 -10.70 -12.32
C ILE A 63 -1.47 -11.43 -10.98
N ASP A 64 -0.41 -12.18 -10.84
CA ASP A 64 -0.14 -12.97 -9.64
C ASP A 64 0.80 -12.22 -8.69
N PHE A 65 1.26 -12.92 -7.63
CA PHE A 65 2.16 -12.33 -6.62
C PHE A 65 3.61 -12.11 -7.14
N PRO A 66 4.19 -12.97 -8.04
CA PRO A 66 5.57 -12.79 -8.54
C PRO A 66 5.75 -11.58 -9.46
N GLU A 67 4.71 -11.23 -10.23
CA GLU A 67 4.76 -10.10 -11.14
C GLU A 67 4.33 -8.78 -10.48
N PHE A 68 3.17 -8.80 -9.79
CA PHE A 68 2.63 -7.62 -9.06
C PHE A 68 3.71 -6.76 -8.38
N LEU A 69 4.63 -7.40 -7.67
CA LEU A 69 5.69 -6.69 -6.94
C LEU A 69 6.92 -6.40 -7.77
N THR A 70 7.08 -7.08 -8.92
CA THR A 70 8.26 -6.89 -9.80
C THR A 70 8.61 -5.42 -10.00
N MET A 71 7.62 -4.55 -9.76
CA MET A 71 7.82 -3.12 -9.85
C MET A 71 8.32 -2.55 -8.52
N MET A 72 7.92 -3.16 -7.39
CA MET A 72 8.42 -2.72 -6.07
C MET A 72 9.72 -3.45 -5.81
N ALA A 73 9.83 -4.62 -6.47
CA ALA A 73 11.03 -5.43 -6.47
C ALA A 73 12.01 -4.78 -7.43
N ARG A 74 11.47 -3.90 -8.32
CA ARG A 74 12.23 -3.15 -9.25
C ARG A 74 12.94 -2.03 -8.52
N LYS A 75 12.19 -1.33 -7.65
CA LYS A 75 12.74 -0.26 -6.84
C LYS A 75 13.92 -0.78 -6.01
N MET A 76 13.98 -2.13 -5.93
CA MET A 76 15.04 -2.86 -5.26
C MET A 76 16.23 -3.01 -6.20
N LYS A 77 15.95 -3.31 -7.49
CA LYS A 77 17.00 -3.45 -8.50
C LYS A 77 17.39 -2.08 -9.10
N ASP A 78 16.58 -1.06 -8.82
CA ASP A 78 16.81 0.31 -9.28
C ASP A 78 16.83 1.26 -8.09
N THR A 79 17.97 1.93 -7.87
CA THR A 79 18.13 2.85 -6.74
C THR A 79 17.66 4.26 -7.08
N ASP A 80 16.75 4.33 -8.03
CA ASP A 80 16.14 5.58 -8.46
C ASP A 80 14.93 5.89 -7.56
N SER A 81 14.78 5.06 -6.52
CA SER A 81 13.70 5.15 -5.54
C SER A 81 13.75 6.43 -4.67
N GLU A 82 14.91 7.11 -4.66
CA GLU A 82 15.08 8.35 -3.88
C GLU A 82 14.28 9.51 -4.49
N GLU A 83 14.23 9.54 -5.83
CA GLU A 83 13.51 10.57 -6.57
C GLU A 83 12.03 10.18 -6.79
N GLU A 84 11.75 8.87 -6.61
CA GLU A 84 10.38 8.33 -6.79
C GLU A 84 9.55 8.43 -5.51
N ILE A 85 10.22 8.26 -4.36
CA ILE A 85 9.55 8.27 -3.03
C ILE A 85 8.88 9.61 -2.68
N ARG A 86 9.45 10.73 -3.15
CA ARG A 86 8.90 12.05 -2.87
C ARG A 86 7.64 12.33 -3.70
N GLU A 87 7.58 11.74 -4.91
CA GLU A 87 6.42 11.86 -5.81
C GLU A 87 5.42 10.77 -5.47
N ALA A 88 5.97 9.64 -4.97
CA ALA A 88 5.16 8.51 -4.50
C ALA A 88 4.45 8.94 -3.23
N PHE A 89 4.96 10.03 -2.64
CA PHE A 89 4.37 10.67 -1.47
C PHE A 89 3.11 11.39 -1.93
N ARG A 90 3.24 12.02 -3.11
CA ARG A 90 2.15 12.76 -3.71
C ARG A 90 0.94 11.87 -4.00
N VAL A 91 1.21 10.56 -4.00
CA VAL A 91 0.22 9.50 -4.21
C VAL A 91 -1.03 9.68 -3.33
N PHE A 92 -0.79 9.94 -2.03
CA PHE A 92 -1.85 10.17 -1.07
C PHE A 92 -1.89 11.66 -0.74
N ALA A 93 -0.70 12.28 -0.73
CA ALA A 93 -0.54 13.71 -0.45
C ALA A 93 -1.38 14.57 -1.39
N LYS A 94 -1.85 15.71 -0.90
CA LYS A 94 -2.62 16.61 -1.72
C LYS A 94 -1.84 17.86 -2.04
N ASP A 95 -1.13 17.75 -3.17
CA ASP A 95 -0.26 18.80 -3.73
C ASP A 95 1.03 18.92 -2.91
N GLY A 96 1.11 18.08 -1.87
CA GLY A 96 2.25 18.07 -0.98
C GLY A 96 2.11 19.05 0.17
N ASN A 97 1.08 18.81 0.98
CA ASN A 97 0.78 19.63 2.15
C ASN A 97 1.95 19.67 3.14
N GLY A 98 2.65 18.54 3.25
CA GLY A 98 3.80 18.44 4.13
C GLY A 98 3.55 17.59 5.34
N TYR A 99 2.57 17.99 6.16
CA TYR A 99 2.24 17.29 7.40
C TYR A 99 0.95 16.46 7.25
N ILE A 100 1.11 15.13 7.25
CA ILE A 100 -0.01 14.21 7.11
C ILE A 100 0.04 13.09 8.17
N SER A 101 -0.95 13.11 9.09
CA SER A 101 -1.06 12.16 10.20
C SER A 101 -1.22 10.71 9.77
N ALA A 102 -0.79 9.83 10.69
CA ALA A 102 -0.94 8.39 10.55
C ALA A 102 -2.42 8.05 10.76
N ALA A 103 -3.14 9.04 11.30
CA ALA A 103 -4.58 8.93 11.52
C ALA A 103 -5.33 8.99 10.19
N GLU A 104 -4.60 9.49 9.16
CA GLU A 104 -5.10 9.61 7.80
C GLU A 104 -5.29 8.25 7.15
N LEU A 105 -4.67 7.19 7.73
CA LEU A 105 -4.83 5.82 7.27
C LEU A 105 -6.28 5.48 7.03
N ARG A 106 -7.09 5.97 7.95
CA ARG A 106 -8.53 5.84 7.94
C ARG A 106 -9.10 6.45 6.65
N HIS A 107 -8.47 7.55 6.20
CA HIS A 107 -8.86 8.24 4.96
C HIS A 107 -8.38 7.48 3.71
N VAL A 108 -7.19 6.86 3.79
CA VAL A 108 -6.65 6.08 2.65
C VAL A 108 -7.51 4.85 2.34
N MET A 109 -8.07 4.22 3.40
CA MET A 109 -8.90 3.01 3.25
C MET A 109 -10.33 3.35 2.83
N THR A 110 -10.86 4.46 3.32
CA THR A 110 -12.20 4.91 2.96
C THR A 110 -12.13 5.64 1.61
N ASN A 111 -10.90 6.04 1.23
CA ASN A 111 -10.65 6.65 -0.10
C ASN A 111 -11.06 5.61 -1.14
N LEU A 112 -10.86 4.33 -0.76
CA LEU A 112 -11.27 3.19 -1.55
C LEU A 112 -12.66 2.76 -1.06
N GLY A 113 -13.01 3.20 0.17
CA GLY A 113 -14.30 2.91 0.78
C GLY A 113 -14.35 1.59 1.53
N GLU A 114 -13.20 1.24 2.07
CA GLU A 114 -12.99 0.01 2.82
C GLU A 114 -13.85 -0.05 4.08
N LYS A 115 -14.26 -1.27 4.41
CA LYS A 115 -15.08 -1.51 5.56
C LYS A 115 -14.33 -2.26 6.63
N LEU A 116 -14.14 -1.57 7.73
CA LEU A 116 -13.42 -2.06 8.89
C LEU A 116 -14.20 -1.79 10.18
N THR A 117 -13.77 -2.41 11.29
CA THR A 117 -14.44 -2.19 12.59
C THR A 117 -13.86 -0.92 13.22
N ASP A 118 -14.67 -0.24 14.05
CA ASP A 118 -14.27 1.03 14.68
C ASP A 118 -12.99 0.90 15.52
N GLU A 119 -12.87 -0.16 16.32
CA GLU A 119 -11.70 -0.37 17.16
C GLU A 119 -10.60 -1.16 16.47
N GLU A 120 -10.97 -1.98 15.47
CA GLU A 120 -10.02 -2.77 14.71
C GLU A 120 -9.01 -1.86 14.01
N VAL A 121 -9.53 -0.81 13.34
CA VAL A 121 -8.70 0.15 12.68
C VAL A 121 -8.24 1.26 13.63
N ASP A 122 -8.92 1.43 14.78
CA ASP A 122 -8.53 2.46 15.74
C ASP A 122 -7.22 2.04 16.42
N GLU A 123 -6.97 0.73 16.40
CA GLU A 123 -5.77 0.16 16.96
C GLU A 123 -4.68 0.14 15.90
N MET A 124 -5.06 -0.19 14.65
CA MET A 124 -4.12 -0.19 13.52
C MET A 124 -3.74 1.24 13.19
N ILE A 125 -4.61 2.16 13.60
CA ILE A 125 -4.40 3.58 13.43
C ILE A 125 -3.54 4.10 14.57
N ARG A 126 -3.74 3.52 15.78
CA ARG A 126 -2.99 3.89 16.95
C ARG A 126 -1.64 3.23 17.01
N GLU A 127 -1.49 2.26 16.13
CA GLU A 127 -0.24 1.52 15.98
C GLU A 127 0.84 2.42 15.37
N ALA A 128 0.43 3.66 15.04
CA ALA A 128 1.32 4.65 14.42
C ALA A 128 1.14 6.06 15.02
N ALA A 129 0.31 6.18 16.07
CA ALA A 129 0.06 7.48 16.73
C ALA A 129 1.23 7.90 17.61
N ILE A 130 1.93 8.97 17.19
CA ILE A 130 3.06 9.51 17.92
C ILE A 130 2.57 10.45 19.04
N ASP A 131 3.16 10.30 20.25
CA ASP A 131 2.80 11.09 21.46
C ASP A 131 1.31 10.97 21.81
N GLY A 132 0.46 11.56 20.98
CA GLY A 132 -0.98 11.51 21.16
C GLY A 132 -1.74 12.38 20.16
N ASP A 133 -1.14 12.57 18.98
CA ASP A 133 -1.75 13.36 17.91
C ASP A 133 -1.76 12.54 16.61
N GLY A 134 -0.60 11.97 16.28
CA GLY A 134 -0.47 11.12 15.11
C GLY A 134 -0.08 11.86 13.83
N GLN A 135 0.03 13.20 13.86
CA GLN A 135 0.40 13.96 12.65
C GLN A 135 1.89 13.86 12.36
N VAL A 136 2.21 13.49 11.12
CA VAL A 136 3.61 13.31 10.69
C VAL A 136 3.85 13.85 9.27
N ASN A 137 4.98 14.54 9.10
CA ASN A 137 5.36 15.12 7.83
C ASN A 137 6.00 14.09 6.90
N TYR A 138 6.63 14.58 5.83
CA TYR A 138 7.29 13.75 4.83
C TYR A 138 8.52 13.01 5.38
N GLU A 139 9.09 13.51 6.49
CA GLU A 139 10.28 12.91 7.11
C GLU A 139 10.01 11.52 7.70
N GLU A 140 8.94 11.40 8.50
CA GLU A 140 8.58 10.13 9.14
C GLU A 140 7.62 9.29 8.29
N PHE A 141 6.74 9.95 7.52
CA PHE A 141 5.77 9.26 6.67
C PHE A 141 6.43 8.62 5.44
N VAL A 142 7.70 9.01 5.17
CA VAL A 142 8.49 8.44 4.07
C VAL A 142 9.13 7.14 4.51
N GLN A 143 9.47 7.06 5.80
CA GLN A 143 10.09 5.87 6.37
C GLN A 143 9.20 4.64 6.17
N MET A 144 7.87 4.84 6.22
CA MET A 144 6.92 3.77 5.97
C MET A 144 6.95 3.44 4.46
N MET A 145 7.47 4.41 3.68
CA MET A 145 7.60 4.27 2.23
C MET A 145 8.96 3.66 1.85
N THR A 146 10.01 3.94 2.68
CA THR A 146 11.35 3.43 2.42
C THR A 146 11.54 2.00 2.93
N ALA A 147 10.79 1.64 3.97
CA ALA A 147 10.85 0.31 4.57
C ALA A 147 9.91 -0.67 3.86
N LYS A 148 10.34 -1.94 3.79
CA LYS A 148 9.56 -2.99 3.15
C LYS A 148 8.90 -3.89 4.19
N ALA B 1 2.06 -5.74 41.62
CA ALA B 1 1.51 -4.35 41.62
C ALA B 1 1.05 -3.94 40.22
N GLY B 2 1.85 -4.29 39.20
CA GLY B 2 1.54 -3.95 37.83
C GLY B 2 1.92 -5.04 36.86
N HIS B 3 2.23 -4.64 35.61
CA HIS B 3 2.62 -5.58 34.57
C HIS B 3 4.12 -5.53 34.32
N MET B 4 4.69 -6.68 33.92
CA MET B 4 6.13 -6.79 33.65
C MET B 4 6.38 -7.36 32.25
N ARG B 5 5.61 -8.39 31.88
CA ARG B 5 5.74 -9.04 30.58
C ARG B 5 4.43 -8.94 29.78
N PRO B 6 4.41 -8.19 28.62
CA PRO B 6 3.19 -8.07 27.79
C PRO B 6 2.75 -9.38 27.15
N LYS B 7 1.46 -9.46 26.78
CA LYS B 7 0.90 -10.67 26.16
C LYS B 7 0.30 -10.34 24.79
N ARG B 8 0.56 -11.24 23.82
CA ARG B 8 0.07 -11.11 22.42
C ARG B 8 0.64 -9.88 21.72
N ARG B 9 1.15 -10.09 20.50
CA ARG B 9 1.73 -9.00 19.70
C ARG B 9 0.83 -8.66 18.52
N GLU B 10 0.72 -7.36 18.23
CA GLU B 10 -0.11 -6.87 17.12
C GLU B 10 0.76 -6.54 15.90
N ILE B 11 0.16 -6.64 14.71
CA ILE B 11 0.86 -6.37 13.45
C ILE B 11 0.63 -4.92 12.98
N PRO B 12 1.70 -4.19 12.51
CA PRO B 12 1.57 -2.80 12.02
C PRO B 12 0.88 -2.70 10.65
N LEU B 13 0.67 -1.47 10.17
CA LEU B 13 0.03 -1.23 8.88
C LEU B 13 1.01 -1.43 7.71
N LYS B 14 1.98 -0.50 7.57
CA LYS B 14 3.03 -0.50 6.52
C LYS B 14 2.57 -1.07 5.15
N VAL B 15 1.30 -0.84 4.80
CA VAL B 15 0.74 -1.32 3.52
C VAL B 15 -0.27 -0.36 2.92
N LEU B 16 -1.05 0.25 3.78
CA LEU B 16 -2.10 1.18 3.40
C LEU B 16 -1.56 2.41 2.65
N VAL B 17 -0.26 2.39 2.38
CA VAL B 17 0.44 3.44 1.64
C VAL B 17 1.43 2.75 0.69
N LYS B 18 2.01 1.63 1.16
CA LYS B 18 2.92 0.83 0.37
C LYS B 18 2.20 0.12 -0.77
N ALA B 19 0.91 -0.17 -0.55
CA ALA B 19 0.06 -0.79 -1.55
C ALA B 19 -0.53 0.32 -2.44
N VAL B 20 0.18 1.44 -2.37
CA VAL B 20 -0.13 2.66 -3.08
C VAL B 20 1.15 3.16 -3.77
N LEU B 21 2.33 2.80 -3.23
CA LEU B 21 3.61 3.18 -3.83
C LEU B 21 3.94 2.21 -4.96
N PHE B 22 3.11 1.15 -5.03
CA PHE B 22 3.23 0.11 -6.06
C PHE B 22 2.77 0.63 -7.44
N ALA B 23 1.86 1.60 -7.42
CA ALA B 23 1.32 2.16 -8.66
C ALA B 23 1.91 3.54 -9.00
N CYS B 24 2.85 4.02 -8.17
CA CYS B 24 3.49 5.33 -8.39
C CYS B 24 4.54 5.29 -9.52
N MET B 25 4.79 4.10 -10.09
CA MET B 25 5.79 3.96 -11.16
C MET B 25 5.25 3.22 -12.40
N LEU B 26 4.00 2.71 -12.35
CA LEU B 26 3.39 2.00 -13.50
C LEU B 26 3.29 2.89 -14.75
N MET B 27 3.05 4.19 -14.55
CA MET B 27 2.92 5.16 -15.64
C MET B 27 4.28 5.66 -16.16
N ARG B 28 5.36 5.04 -15.67
CA ARG B 28 6.73 5.41 -16.07
C ARG B 28 7.20 4.61 -17.28
N LYS B 29 6.84 3.31 -17.30
CA LYS B 29 7.20 2.41 -18.41
C LYS B 29 6.11 2.36 -19.46
N ALA A 1 1.35 -19.79 1.31
CA ALA A 1 0.60 -18.60 1.76
C ALA A 1 1.54 -17.47 2.18
N ASP A 2 2.61 -17.82 2.90
CA ASP A 2 3.60 -16.86 3.37
C ASP A 2 5.01 -17.29 3.00
N GLN A 3 5.83 -16.33 2.54
CA GLN A 3 7.21 -16.61 2.15
C GLN A 3 8.19 -15.86 3.05
N LEU A 4 7.92 -14.57 3.30
CA LEU A 4 8.78 -13.73 4.15
C LEU A 4 8.15 -13.53 5.52
N THR A 5 8.77 -12.66 6.35
CA THR A 5 8.24 -12.38 7.70
C THR A 5 6.90 -11.66 7.57
N GLU A 6 6.02 -11.91 8.54
CA GLU A 6 4.64 -11.39 8.58
C GLU A 6 4.46 -9.95 8.11
N GLU A 7 5.26 -9.02 8.63
CA GLU A 7 5.14 -7.61 8.26
C GLU A 7 5.91 -7.25 7.01
N GLN A 8 6.87 -8.10 6.63
CA GLN A 8 7.67 -7.88 5.43
C GLN A 8 6.81 -8.18 4.19
N ILE A 9 6.11 -9.31 4.25
CA ILE A 9 5.20 -9.75 3.19
C ILE A 9 3.78 -9.20 3.40
N ALA A 10 3.54 -8.61 4.60
CA ALA A 10 2.23 -8.01 4.96
C ALA A 10 1.60 -7.13 3.88
N GLU A 11 2.44 -6.45 3.09
CA GLU A 11 1.95 -5.50 2.09
C GLU A 11 1.29 -6.26 0.95
N PHE A 12 2.03 -7.19 0.34
CA PHE A 12 1.52 -8.00 -0.76
C PHE A 12 0.34 -8.84 -0.27
N LYS A 13 0.34 -9.17 1.03
CA LYS A 13 -0.75 -9.92 1.62
C LYS A 13 -2.04 -9.16 1.63
N GLU A 14 -1.98 -7.99 2.22
CA GLU A 14 -3.13 -7.18 2.34
C GLU A 14 -3.49 -6.57 1.00
N ALA A 15 -2.46 -6.41 0.17
CA ALA A 15 -2.62 -5.89 -1.17
C ALA A 15 -3.00 -7.03 -2.13
N PHE A 16 -3.17 -8.19 -1.52
CA PHE A 16 -3.56 -9.41 -2.20
C PHE A 16 -5.09 -9.46 -2.32
N SER A 17 -5.78 -9.25 -1.18
CA SER A 17 -7.24 -9.26 -1.15
C SER A 17 -7.83 -7.89 -1.53
N LEU A 18 -6.99 -6.84 -1.43
CA LEU A 18 -7.37 -5.46 -1.77
C LEU A 18 -7.37 -5.29 -3.31
N PHE A 19 -6.76 -6.29 -3.97
CA PHE A 19 -6.66 -6.35 -5.42
C PHE A 19 -7.54 -7.46 -5.98
N ASP A 20 -7.57 -8.58 -5.26
CA ASP A 20 -8.29 -9.77 -5.68
C ASP A 20 -9.83 -9.68 -5.45
N LYS A 21 -10.56 -9.29 -6.51
CA LYS A 21 -12.03 -9.25 -6.45
C LYS A 21 -12.57 -10.63 -6.75
N ASP A 22 -12.12 -11.13 -7.90
CA ASP A 22 -12.44 -12.48 -8.37
C ASP A 22 -11.60 -13.49 -7.57
N GLY A 23 -10.30 -13.18 -7.44
CA GLY A 23 -9.36 -13.98 -6.65
C GLY A 23 -9.22 -15.44 -7.04
N ASP A 24 -8.93 -15.68 -8.32
CA ASP A 24 -8.67 -17.03 -8.83
C ASP A 24 -7.31 -17.49 -8.29
N GLY A 25 -6.73 -16.55 -7.55
CA GLY A 25 -5.42 -16.68 -6.93
C GLY A 25 -4.43 -15.77 -7.61
N THR A 26 -4.98 -14.94 -8.51
CA THR A 26 -4.22 -13.98 -9.28
C THR A 26 -4.84 -12.57 -9.23
N ILE A 27 -4.15 -11.64 -9.88
CA ILE A 27 -4.55 -10.27 -9.98
C ILE A 27 -4.92 -9.93 -11.38
N THR A 28 -6.10 -9.40 -11.50
CA THR A 28 -6.63 -9.06 -12.79
C THR A 28 -6.58 -7.56 -13.03
N THR A 29 -6.80 -7.25 -14.29
CA THR A 29 -6.79 -5.90 -14.82
C THR A 29 -7.92 -5.03 -14.26
N LYS A 30 -9.18 -5.53 -14.25
CA LYS A 30 -10.35 -4.74 -13.77
C LYS A 30 -10.08 -4.01 -12.45
N GLU A 31 -9.21 -4.58 -11.61
CA GLU A 31 -8.83 -3.97 -10.34
C GLU A 31 -7.65 -3.02 -10.52
N LEU A 32 -6.59 -3.50 -11.19
CA LEU A 32 -5.35 -2.73 -11.40
C LEU A 32 -5.60 -1.29 -11.87
N GLY A 33 -6.65 -1.07 -12.66
CA GLY A 33 -6.97 0.28 -13.10
C GLY A 33 -7.78 1.04 -12.09
N THR A 34 -8.59 0.30 -11.36
CA THR A 34 -9.39 0.83 -10.26
C THR A 34 -8.48 1.14 -9.07
N VAL A 35 -7.30 0.51 -9.09
CA VAL A 35 -6.29 0.65 -8.03
C VAL A 35 -5.49 1.95 -8.22
N MET A 36 -4.77 1.96 -9.34
CA MET A 36 -3.90 3.06 -9.80
C MET A 36 -4.52 4.45 -9.72
N ARG A 37 -5.76 4.54 -10.20
CA ARG A 37 -6.47 5.81 -10.32
C ARG A 37 -6.38 6.73 -9.08
N SER A 38 -6.25 6.10 -7.93
CA SER A 38 -6.18 6.81 -6.64
C SER A 38 -4.86 7.57 -6.39
N LEU A 39 -3.80 7.24 -7.12
CA LEU A 39 -2.51 7.89 -6.93
C LEU A 39 -2.32 9.13 -7.83
N GLY A 40 -3.19 9.31 -8.84
CA GLY A 40 -3.11 10.47 -9.70
C GLY A 40 -2.62 10.19 -11.11
N GLN A 41 -2.95 9.02 -11.62
CA GLN A 41 -2.57 8.61 -12.98
C GLN A 41 -3.76 8.77 -13.93
N ASN A 42 -3.49 8.73 -15.25
CA ASN A 42 -4.53 8.86 -16.28
C ASN A 42 -5.47 7.64 -16.26
N PRO A 43 -6.76 7.80 -15.79
CA PRO A 43 -7.72 6.69 -15.70
C PRO A 43 -8.09 6.06 -17.06
N THR A 44 -7.28 5.09 -17.48
CA THR A 44 -7.52 4.37 -18.72
C THR A 44 -8.11 3.00 -18.45
N GLU A 45 -8.91 2.52 -19.40
CA GLU A 45 -9.58 1.21 -19.29
C GLU A 45 -8.64 0.10 -19.72
N ALA A 46 -7.73 0.43 -20.64
CA ALA A 46 -6.73 -0.49 -21.11
C ALA A 46 -5.49 -0.44 -20.23
N GLU A 47 -5.34 0.65 -19.44
CA GLU A 47 -4.17 0.81 -18.53
C GLU A 47 -3.98 -0.41 -17.63
N LEU A 48 -5.09 -1.03 -17.22
CA LEU A 48 -5.08 -2.22 -16.39
C LEU A 48 -4.77 -3.46 -17.23
N GLN A 49 -5.37 -3.56 -18.43
CA GLN A 49 -5.09 -4.67 -19.36
C GLN A 49 -3.71 -4.51 -20.00
N ASP A 50 -3.21 -3.25 -20.00
CA ASP A 50 -1.89 -2.92 -20.53
C ASP A 50 -0.81 -3.10 -19.45
N MET A 51 -1.12 -2.63 -18.22
CA MET A 51 -0.17 -2.78 -17.10
C MET A 51 0.13 -4.26 -16.79
N ILE A 52 -0.84 -5.15 -17.04
CA ILE A 52 -0.62 -6.59 -16.81
C ILE A 52 0.02 -7.25 -18.05
N ASN A 53 0.01 -6.54 -19.18
CA ASN A 53 0.56 -7.02 -20.44
C ASN A 53 2.08 -7.08 -20.41
N GLU A 54 2.67 -5.94 -20.02
CA GLU A 54 4.14 -5.81 -19.94
C GLU A 54 4.71 -6.46 -18.67
N VAL A 55 3.90 -6.54 -17.64
CA VAL A 55 4.30 -7.18 -16.39
C VAL A 55 3.50 -8.49 -16.28
N ASP A 56 3.27 -9.09 -17.47
CA ASP A 56 2.49 -10.33 -17.63
C ASP A 56 3.04 -11.56 -16.90
N ALA A 57 2.27 -12.03 -15.91
CA ALA A 57 2.61 -13.24 -15.16
C ALA A 57 2.00 -14.44 -15.87
N ASP A 58 0.72 -14.28 -16.19
CA ASP A 58 -0.07 -15.26 -16.91
C ASP A 58 -0.49 -14.68 -18.27
N GLY A 59 -0.50 -13.34 -18.32
CA GLY A 59 -0.79 -12.59 -19.53
C GLY A 59 -2.21 -12.65 -20.01
N ASN A 60 -3.09 -13.18 -19.17
CA ASN A 60 -4.50 -13.20 -19.47
C ASN A 60 -5.12 -12.00 -18.79
N GLY A 61 -4.20 -11.07 -18.45
CA GLY A 61 -4.56 -9.86 -17.76
C GLY A 61 -4.51 -10.05 -16.26
N THR A 62 -3.67 -11.00 -15.89
CA THR A 62 -3.49 -11.38 -14.50
C THR A 62 -2.04 -11.43 -14.09
N ILE A 63 -1.77 -10.88 -12.92
CA ILE A 63 -0.46 -10.87 -12.34
C ILE A 63 -0.51 -11.68 -11.05
N ASP A 64 0.54 -12.45 -10.85
CA ASP A 64 0.68 -13.33 -9.71
C ASP A 64 1.46 -12.66 -8.57
N PHE A 65 1.77 -13.45 -7.52
CA PHE A 65 2.50 -12.96 -6.34
C PHE A 65 4.00 -12.68 -6.60
N PRO A 66 4.74 -13.44 -7.49
CA PRO A 66 6.18 -13.20 -7.75
C PRO A 66 6.45 -11.92 -8.53
N GLU A 67 5.53 -11.53 -9.42
CA GLU A 67 5.68 -10.33 -10.25
C GLU A 67 5.13 -9.08 -9.57
N PHE A 68 3.88 -9.14 -9.08
CA PHE A 68 3.19 -8.03 -8.38
C PHE A 68 4.13 -7.20 -7.48
N LEU A 69 4.92 -7.88 -6.65
CA LEU A 69 5.83 -7.20 -5.72
C LEU A 69 7.19 -6.87 -6.30
N THR A 70 7.55 -7.46 -7.44
CA THR A 70 8.86 -7.23 -8.08
C THR A 70 9.22 -5.75 -8.13
N MET A 71 8.19 -4.90 -8.02
CA MET A 71 8.38 -3.47 -8.00
C MET A 71 8.62 -2.96 -6.57
N MET A 72 8.00 -3.58 -5.55
CA MET A 72 8.25 -3.18 -4.17
C MET A 72 9.48 -3.93 -3.67
N ALA A 73 9.73 -5.05 -4.34
CA ALA A 73 10.91 -5.86 -4.13
C ALA A 73 12.05 -5.20 -4.87
N ARG A 74 11.70 -4.30 -5.83
CA ARG A 74 12.65 -3.54 -6.57
C ARG A 74 13.19 -2.44 -5.69
N LYS A 75 12.28 -1.76 -4.97
CA LYS A 75 12.66 -0.71 -4.04
C LYS A 75 13.65 -1.27 -3.00
N MET A 76 13.69 -2.61 -2.95
CA MET A 76 14.59 -3.36 -2.10
C MET A 76 15.96 -3.48 -2.79
N LYS A 77 15.94 -3.78 -4.11
CA LYS A 77 17.16 -3.90 -4.90
C LYS A 77 17.66 -2.54 -5.41
N ASP A 78 16.79 -1.53 -5.28
CA ASP A 78 17.08 -0.15 -5.67
C ASP A 78 16.87 0.78 -4.48
N THR A 79 17.96 1.39 -4.00
CA THR A 79 17.92 2.29 -2.84
C THR A 79 17.58 3.73 -3.20
N ASP A 80 16.89 3.87 -4.33
CA ASP A 80 16.42 5.15 -4.82
C ASP A 80 15.05 5.49 -4.18
N SER A 81 14.68 4.65 -3.20
CA SER A 81 13.41 4.76 -2.46
C SER A 81 13.34 6.01 -1.56
N GLU A 82 14.49 6.63 -1.27
CA GLU A 82 14.54 7.85 -0.43
C GLU A 82 13.94 9.05 -1.16
N GLU A 83 14.13 9.08 -2.49
CA GLU A 83 13.60 10.15 -3.33
C GLU A 83 12.17 9.84 -3.80
N GLU A 84 11.82 8.55 -3.75
CA GLU A 84 10.49 8.06 -4.17
C GLU A 84 9.48 8.13 -3.02
N ILE A 85 9.97 7.99 -1.78
CA ILE A 85 9.12 7.98 -0.57
C ILE A 85 8.39 9.32 -0.31
N ARG A 86 8.92 10.42 -0.86
CA ARG A 86 8.30 11.75 -0.69
C ARG A 86 7.22 12.00 -1.74
N GLU A 87 7.38 11.39 -2.93
CA GLU A 87 6.39 11.50 -4.02
C GLU A 87 5.34 10.41 -3.83
N ALA A 88 5.79 9.30 -3.23
CA ALA A 88 4.91 8.19 -2.87
C ALA A 88 4.06 8.64 -1.69
N PHE A 89 4.53 9.72 -1.04
CA PHE A 89 3.82 10.38 0.06
C PHE A 89 2.63 11.10 -0.52
N ARG A 90 2.89 11.77 -1.67
CA ARG A 90 1.86 12.55 -2.36
C ARG A 90 0.69 11.67 -2.82
N VAL A 91 0.95 10.35 -2.82
CA VAL A 91 -0.02 9.32 -3.20
C VAL A 91 -1.38 9.51 -2.50
N PHE A 92 -1.33 9.72 -1.17
CA PHE A 92 -2.53 9.95 -0.41
C PHE A 92 -2.56 11.41 0.03
N ALA A 93 -1.36 11.97 0.30
CA ALA A 93 -1.22 13.37 0.70
C ALA A 93 -1.56 14.31 -0.46
N LYS A 94 -2.70 15.02 -0.34
CA LYS A 94 -3.16 15.94 -1.38
C LYS A 94 -2.39 17.25 -1.34
N ASP A 95 -1.94 17.61 -0.15
CA ASP A 95 -1.13 18.79 0.06
C ASP A 95 0.34 18.36 0.09
N GLY A 96 0.54 17.03 -0.08
CA GLY A 96 1.88 16.44 -0.05
C GLY A 96 2.51 16.44 1.35
N ASN A 97 2.13 17.42 2.18
CA ASN A 97 2.65 17.60 3.53
C ASN A 97 1.66 18.42 4.40
N GLY A 98 2.11 18.79 5.61
CA GLY A 98 1.31 19.58 6.52
C GLY A 98 0.81 18.80 7.72
N TYR A 99 -0.12 17.89 7.46
CA TYR A 99 -0.74 17.05 8.51
C TYR A 99 -1.38 15.81 7.89
N ILE A 100 -0.88 14.63 8.28
CA ILE A 100 -1.39 13.35 7.78
C ILE A 100 -1.65 12.40 8.96
N SER A 101 -2.92 12.30 9.34
CA SER A 101 -3.37 11.47 10.46
C SER A 101 -3.41 10.00 10.14
N ALA A 102 -3.13 9.22 11.20
CA ALA A 102 -3.19 7.76 11.15
C ALA A 102 -4.66 7.34 11.08
N ALA A 103 -5.54 8.32 11.37
CA ALA A 103 -6.98 8.14 11.33
C ALA A 103 -7.45 8.03 9.87
N GLU A 104 -6.56 8.46 8.96
CA GLU A 104 -6.78 8.42 7.50
C GLU A 104 -7.03 7.00 7.00
N LEU A 105 -6.64 5.98 7.81
CA LEU A 105 -6.86 4.56 7.52
C LEU A 105 -8.28 4.26 7.06
N ARG A 106 -9.17 5.09 7.55
CA ARG A 106 -10.59 5.00 7.25
C ARG A 106 -10.93 5.71 5.93
N HIS A 107 -10.10 6.69 5.55
CA HIS A 107 -10.29 7.43 4.29
C HIS A 107 -9.63 6.71 3.11
N VAL A 108 -8.47 6.06 3.36
CA VAL A 108 -7.75 5.31 2.30
C VAL A 108 -8.54 4.07 1.85
N MET A 109 -9.34 3.48 2.75
CA MET A 109 -10.13 2.29 2.43
C MET A 109 -11.46 2.64 1.76
N THR A 110 -12.01 3.81 2.11
CA THR A 110 -13.27 4.29 1.51
C THR A 110 -12.96 4.89 0.13
N ASN A 111 -11.66 5.20 -0.09
CA ASN A 111 -11.18 5.68 -1.40
C ASN A 111 -11.50 4.56 -2.40
N LEU A 112 -11.46 3.32 -1.87
CA LEU A 112 -11.83 2.12 -2.59
C LEU A 112 -13.31 1.84 -2.30
N GLY A 113 -13.76 2.37 -1.15
CA GLY A 113 -15.14 2.25 -0.72
C GLY A 113 -15.40 1.13 0.27
N GLU A 114 -14.37 0.82 1.06
CA GLU A 114 -14.43 -0.23 2.08
C GLU A 114 -15.44 0.12 3.16
N LYS A 115 -16.09 -0.91 3.67
CA LYS A 115 -17.10 -0.75 4.68
C LYS A 115 -16.63 -1.32 6.01
N LEU A 116 -16.49 -0.41 6.95
CA LEU A 116 -16.03 -0.73 8.31
C LEU A 116 -16.92 -0.06 9.35
N THR A 117 -16.82 -0.50 10.61
CA THR A 117 -17.61 0.09 11.70
C THR A 117 -16.75 1.08 12.48
N ASP A 118 -17.41 1.98 13.22
CA ASP A 118 -16.72 3.00 14.03
C ASP A 118 -15.83 2.39 15.12
N GLU A 119 -16.19 1.17 15.56
CA GLU A 119 -15.42 0.46 16.59
C GLU A 119 -14.30 -0.36 15.97
N GLU A 120 -14.54 -0.88 14.75
CA GLU A 120 -13.56 -1.65 14.01
C GLU A 120 -12.34 -0.78 13.77
N VAL A 121 -12.62 0.44 13.28
CA VAL A 121 -11.60 1.40 13.02
C VAL A 121 -11.17 2.11 14.29
N ASP A 122 -11.99 2.07 15.35
CA ASP A 122 -11.61 2.72 16.61
C ASP A 122 -10.39 1.99 17.19
N GLU A 123 -10.31 0.71 16.83
CA GLU A 123 -9.22 -0.15 17.20
C GLU A 123 -8.09 -0.02 16.18
N MET A 124 -8.45 -0.04 14.89
CA MET A 124 -7.48 0.13 13.81
C MET A 124 -6.99 1.57 13.81
N ILE A 125 -7.82 2.45 14.41
CA ILE A 125 -7.51 3.86 14.54
C ILE A 125 -6.56 4.04 15.73
N ARG A 126 -6.82 3.24 16.81
CA ARG A 126 -6.03 3.32 18.02
C ARG A 126 -4.77 2.49 17.97
N GLU A 127 -4.72 1.67 16.96
CA GLU A 127 -3.56 0.81 16.69
C GLU A 127 -2.43 1.67 16.12
N ALA A 128 -2.73 2.98 15.92
CA ALA A 128 -1.78 3.93 15.36
C ALA A 128 -1.87 5.33 15.99
N ALA A 129 -2.61 5.47 17.11
CA ALA A 129 -2.77 6.76 17.79
C ALA A 129 -1.43 7.30 18.31
N ILE A 130 -0.97 8.38 17.67
CA ILE A 130 0.29 9.04 18.04
C ILE A 130 0.01 10.36 18.71
N ASP A 131 0.84 10.65 19.72
CA ASP A 131 0.76 11.87 20.57
C ASP A 131 -0.58 11.99 21.33
N GLY A 132 -1.64 11.55 20.68
CA GLY A 132 -2.99 11.60 21.24
C GLY A 132 -3.99 12.23 20.28
N ASP A 133 -3.49 13.06 19.36
CA ASP A 133 -4.32 13.74 18.35
C ASP A 133 -4.55 12.80 17.16
N GLY A 134 -3.48 12.16 16.69
CA GLY A 134 -3.56 11.22 15.60
C GLY A 134 -3.04 11.75 14.26
N GLN A 135 -2.82 13.07 14.14
CA GLN A 135 -2.32 13.64 12.88
C GLN A 135 -0.80 13.73 12.88
N VAL A 136 -0.20 13.36 11.73
CA VAL A 136 1.28 13.36 11.61
C VAL A 136 1.75 13.66 10.18
N ASN A 137 2.77 14.52 10.07
CA ASN A 137 3.33 14.93 8.77
C ASN A 137 4.35 13.89 8.23
N TYR A 138 5.10 14.31 7.19
CA TYR A 138 6.13 13.48 6.50
C TYR A 138 7.17 12.86 7.46
N GLU A 139 7.32 13.42 8.67
CA GLU A 139 8.29 12.93 9.64
C GLU A 139 7.96 11.50 10.14
N GLU A 140 6.78 11.33 10.76
CA GLU A 140 6.35 10.03 11.30
C GLU A 140 5.56 9.19 10.30
N PHE A 141 4.77 9.84 9.42
CA PHE A 141 3.97 9.12 8.42
C PHE A 141 4.84 8.43 7.35
N VAL A 142 6.14 8.78 7.33
CA VAL A 142 7.10 8.17 6.40
C VAL A 142 7.55 6.82 6.91
N GLN A 143 7.64 6.69 8.24
CA GLN A 143 8.05 5.44 8.87
C GLN A 143 7.09 4.31 8.48
N MET A 144 5.81 4.68 8.29
CA MET A 144 4.79 3.75 7.83
C MET A 144 5.07 3.42 6.36
N MET A 145 5.78 4.36 5.70
CA MET A 145 6.14 4.22 4.30
C MET A 145 7.50 3.53 4.12
N THR A 146 8.43 3.72 5.09
CA THR A 146 9.77 3.13 5.00
C THR A 146 9.79 1.66 5.41
N ALA A 147 8.84 1.26 6.26
CA ALA A 147 8.73 -0.11 6.74
C ALA A 147 8.09 -1.01 5.68
N LYS A 148 8.76 -2.13 5.39
CA LYS A 148 8.28 -3.11 4.40
C LYS A 148 7.41 -4.19 5.05
N ALA B 1 24.03 -8.68 16.60
CA ALA B 1 23.38 -8.84 17.92
C ALA B 1 23.18 -7.50 18.60
N GLY B 2 21.99 -7.30 19.17
CA GLY B 2 21.66 -6.06 19.85
C GLY B 2 20.70 -6.26 21.00
N HIS B 3 19.61 -5.48 21.01
CA HIS B 3 18.60 -5.56 22.06
C HIS B 3 17.20 -5.72 21.46
N MET B 4 16.40 -6.58 22.09
CA MET B 4 15.04 -6.85 21.63
C MET B 4 14.03 -6.07 22.49
N ARG B 5 12.91 -5.69 21.87
CA ARG B 5 11.85 -4.93 22.55
C ARG B 5 10.72 -5.87 23.02
N PRO B 6 9.91 -5.49 24.07
CA PRO B 6 8.80 -6.33 24.56
C PRO B 6 7.55 -6.26 23.68
N LYS B 7 7.39 -5.14 22.95
CA LYS B 7 6.24 -4.90 22.03
C LYS B 7 4.92 -4.83 22.81
N ARG B 8 4.21 -3.72 22.64
CA ARG B 8 2.92 -3.49 23.31
C ARG B 8 1.74 -3.70 22.35
N ARG B 9 1.90 -3.24 21.11
CA ARG B 9 0.86 -3.37 20.08
C ARG B 9 1.07 -4.62 19.23
N GLU B 10 -0.04 -5.22 18.79
CA GLU B 10 -0.01 -6.43 17.97
C GLU B 10 -0.74 -6.20 16.64
N ILE B 11 -0.43 -7.07 15.65
CA ILE B 11 -1.02 -7.02 14.28
C ILE B 11 -1.21 -5.58 13.74
N PRO B 12 -0.10 -4.91 13.28
CA PRO B 12 -0.18 -3.53 12.73
C PRO B 12 -0.71 -3.50 11.29
N LEU B 13 -1.00 -2.29 10.80
CA LEU B 13 -1.53 -2.10 9.44
C LEU B 13 -0.39 -2.04 8.40
N LYS B 14 0.35 -0.90 8.33
CA LYS B 14 1.47 -0.67 7.39
C LYS B 14 1.24 -1.31 6.00
N VAL B 15 -0.02 -1.32 5.56
CA VAL B 15 -0.40 -1.92 4.27
C VAL B 15 -1.41 -1.06 3.53
N LEU B 16 -2.33 -0.50 4.29
CA LEU B 16 -3.38 0.38 3.79
C LEU B 16 -2.85 1.66 3.14
N VAL B 17 -1.52 1.77 3.11
CA VAL B 17 -0.79 2.87 2.48
C VAL B 17 0.39 2.30 1.71
N LYS B 18 0.96 1.20 2.25
CA LYS B 18 2.05 0.50 1.60
C LYS B 18 1.57 -0.20 0.33
N ALA B 19 0.26 -0.48 0.28
CA ALA B 19 -0.38 -1.08 -0.88
C ALA B 19 -0.76 0.05 -1.85
N VAL B 20 -0.14 1.19 -1.59
CA VAL B 20 -0.33 2.43 -2.31
C VAL B 20 1.04 3.01 -2.68
N LEU B 21 2.09 2.67 -1.89
CA LEU B 21 3.45 3.13 -2.16
C LEU B 21 4.12 2.18 -3.13
N PHE B 22 3.43 1.06 -3.40
CA PHE B 22 3.89 0.05 -4.32
C PHE B 22 3.57 0.45 -5.77
N ALA B 23 2.37 1.04 -5.95
CA ALA B 23 1.87 1.47 -7.26
C ALA B 23 2.42 2.85 -7.68
N CYS B 24 3.16 3.51 -6.78
CA CYS B 24 3.74 4.85 -7.07
C CYS B 24 4.92 4.78 -8.06
N MET B 25 5.27 3.58 -8.52
CA MET B 25 6.39 3.38 -9.44
C MET B 25 5.95 2.88 -10.83
N LEU B 26 4.68 2.44 -10.96
CA LEU B 26 4.14 1.93 -12.24
C LEU B 26 4.28 2.94 -13.39
N MET B 27 4.10 4.23 -13.09
CA MET B 27 4.20 5.29 -14.09
C MET B 27 5.51 6.07 -13.98
N ARG B 28 5.93 6.37 -12.72
CA ARG B 28 7.16 7.13 -12.40
C ARG B 28 7.35 8.40 -13.26
N LYS B 29 6.21 9.01 -13.66
CA LYS B 29 6.18 10.25 -14.49
C LYS B 29 6.87 10.05 -15.85
N ALA A 1 1.25 -20.24 0.42
CA ALA A 1 2.03 -21.50 0.58
C ALA A 1 3.31 -21.26 1.38
N ASP A 2 4.00 -20.14 1.07
CA ASP A 2 5.24 -19.78 1.75
C ASP A 2 5.17 -18.37 2.31
N GLN A 3 5.61 -18.21 3.55
CA GLN A 3 5.59 -16.91 4.23
C GLN A 3 6.96 -16.59 4.84
N LEU A 4 7.44 -15.37 4.57
CA LEU A 4 8.75 -14.92 5.08
C LEU A 4 8.56 -13.98 6.27
N THR A 5 9.45 -12.98 6.44
CA THR A 5 9.32 -12.03 7.56
C THR A 5 8.02 -11.25 7.40
N GLU A 6 7.38 -10.99 8.54
CA GLU A 6 6.05 -10.36 8.64
C GLU A 6 5.78 -9.16 7.72
N GLU A 7 6.59 -8.11 7.78
CA GLU A 7 6.36 -6.91 6.97
C GLU A 7 6.88 -7.04 5.55
N GLN A 8 7.76 -8.01 5.33
CA GLN A 8 8.30 -8.27 4.01
C GLN A 8 7.24 -9.01 3.18
N ILE A 9 6.60 -10.00 3.82
CA ILE A 9 5.52 -10.77 3.19
C ILE A 9 4.14 -10.14 3.41
N ALA A 10 4.03 -9.15 4.31
CA ALA A 10 2.75 -8.45 4.58
C ALA A 10 2.33 -7.49 3.49
N GLU A 11 3.30 -7.06 2.68
CA GLU A 11 3.06 -6.07 1.65
C GLU A 11 2.10 -6.61 0.59
N PHE A 12 2.46 -7.77 0.00
CA PHE A 12 1.61 -8.40 -1.00
C PHE A 12 0.39 -9.03 -0.31
N LYS A 13 0.54 -9.34 1.00
CA LYS A 13 -0.56 -9.89 1.78
C LYS A 13 -1.69 -8.92 1.92
N GLU A 14 -1.36 -7.76 2.42
CA GLU A 14 -2.33 -6.75 2.63
C GLU A 14 -2.80 -6.20 1.30
N ALA A 15 -1.87 -6.24 0.34
CA ALA A 15 -2.14 -5.82 -1.03
C ALA A 15 -2.89 -6.90 -1.79
N PHE A 16 -3.16 -7.96 -1.05
CA PHE A 16 -3.89 -9.12 -1.54
C PHE A 16 -5.39 -8.86 -1.38
N SER A 17 -5.80 -8.48 -0.15
CA SER A 17 -7.20 -8.20 0.15
C SER A 17 -7.61 -6.76 -0.19
N LEU A 18 -6.61 -5.87 -0.30
CA LEU A 18 -6.84 -4.44 -0.62
C LEU A 18 -7.24 -4.27 -2.10
N PHE A 19 -7.01 -5.33 -2.89
CA PHE A 19 -7.33 -5.37 -4.31
C PHE A 19 -8.41 -6.38 -4.62
N ASP A 20 -8.30 -7.54 -3.96
CA ASP A 20 -9.18 -8.66 -4.21
C ASP A 20 -10.68 -8.41 -3.83
N LYS A 21 -11.49 -8.01 -4.83
CA LYS A 21 -12.94 -7.83 -4.65
C LYS A 21 -13.62 -9.16 -4.87
N ASP A 22 -13.19 -9.77 -5.98
CA ASP A 22 -13.65 -11.11 -6.39
C ASP A 22 -12.84 -12.14 -5.61
N GLY A 23 -11.50 -11.99 -5.68
CA GLY A 23 -10.57 -12.84 -4.92
C GLY A 23 -10.54 -14.31 -5.29
N ASP A 24 -10.31 -14.59 -6.58
CA ASP A 24 -10.15 -15.96 -7.08
C ASP A 24 -8.81 -16.50 -6.56
N GLY A 25 -8.14 -15.60 -5.87
CA GLY A 25 -6.84 -15.81 -5.27
C GLY A 25 -5.78 -15.01 -6.00
N THR A 26 -6.28 -14.12 -6.87
CA THR A 26 -5.45 -13.25 -7.68
C THR A 26 -5.94 -11.80 -7.64
N ILE A 27 -5.19 -10.94 -8.34
CA ILE A 27 -5.47 -9.55 -8.48
C ILE A 27 -5.89 -9.23 -9.87
N THR A 28 -6.99 -8.54 -9.96
CA THR A 28 -7.53 -8.18 -11.23
C THR A 28 -7.23 -6.74 -11.60
N THR A 29 -7.53 -6.46 -12.85
CA THR A 29 -7.33 -5.16 -13.47
C THR A 29 -8.23 -4.07 -12.86
N LYS A 30 -9.52 -4.39 -12.62
CA LYS A 30 -10.45 -3.41 -12.02
C LYS A 30 -9.98 -2.99 -10.62
N GLU A 31 -9.26 -3.89 -9.92
CA GLU A 31 -8.70 -3.60 -8.59
C GLU A 31 -7.56 -2.61 -8.73
N LEU A 32 -6.69 -2.94 -9.69
CA LEU A 32 -5.50 -2.17 -10.02
C LEU A 32 -5.79 -0.69 -10.19
N GLY A 33 -6.96 -0.37 -10.76
CA GLY A 33 -7.34 1.02 -10.92
C GLY A 33 -7.96 1.59 -9.68
N THR A 34 -8.70 0.75 -8.97
CA THR A 34 -9.33 1.13 -7.70
C THR A 34 -8.25 1.52 -6.69
N VAL A 35 -7.03 1.00 -6.92
CA VAL A 35 -5.89 1.26 -6.04
C VAL A 35 -5.22 2.60 -6.40
N MET A 36 -4.72 2.62 -7.62
CA MET A 36 -4.02 3.79 -8.22
C MET A 36 -4.81 5.08 -8.24
N ARG A 37 -6.13 4.96 -8.47
CA ARG A 37 -6.99 6.13 -8.64
C ARG A 37 -6.76 7.27 -7.64
N SER A 38 -6.82 6.88 -6.38
CA SER A 38 -6.66 7.78 -5.21
C SER A 38 -5.46 8.74 -5.25
N LEU A 39 -4.45 8.47 -6.10
CA LEU A 39 -3.29 9.32 -6.19
C LEU A 39 -3.46 10.46 -7.22
N GLY A 40 -4.59 10.45 -7.95
CA GLY A 40 -4.86 11.50 -8.93
C GLY A 40 -4.78 11.06 -10.38
N GLN A 41 -4.72 9.75 -10.62
CA GLN A 41 -4.64 9.22 -11.98
C GLN A 41 -5.90 8.43 -12.35
N ASN A 42 -6.47 8.73 -13.52
CA ASN A 42 -7.68 8.05 -14.00
C ASN A 42 -7.52 7.68 -15.50
N PRO A 43 -6.66 6.68 -15.82
CA PRO A 43 -6.43 6.21 -17.21
C PRO A 43 -7.55 5.30 -17.73
N THR A 44 -7.33 4.73 -18.94
CA THR A 44 -8.28 3.84 -19.61
C THR A 44 -8.64 2.60 -18.76
N GLU A 45 -9.74 1.95 -19.15
CA GLU A 45 -10.25 0.74 -18.47
C GLU A 45 -9.51 -0.49 -18.98
N ALA A 46 -8.93 -0.35 -20.16
CA ALA A 46 -8.11 -1.39 -20.74
C ALA A 46 -6.68 -1.21 -20.24
N GLU A 47 -6.41 -0.01 -19.69
CA GLU A 47 -5.09 0.31 -19.12
C GLU A 47 -4.75 -0.56 -17.93
N LEU A 48 -5.76 -1.15 -17.30
CA LEU A 48 -5.58 -2.09 -16.18
C LEU A 48 -5.37 -3.48 -16.76
N GLN A 49 -6.17 -3.81 -17.79
CA GLN A 49 -5.99 -5.06 -18.54
C GLN A 49 -4.64 -4.97 -19.26
N ASP A 50 -4.20 -3.71 -19.45
CA ASP A 50 -2.92 -3.37 -20.05
C ASP A 50 -1.85 -3.34 -18.96
N MET A 51 -2.20 -2.77 -17.77
CA MET A 51 -1.23 -2.74 -16.64
C MET A 51 -0.87 -4.16 -16.18
N ILE A 52 -1.84 -5.09 -16.31
CA ILE A 52 -1.61 -6.49 -15.95
C ILE A 52 -0.98 -7.28 -17.13
N ASN A 53 -1.03 -6.70 -18.34
CA ASN A 53 -0.52 -7.32 -19.55
C ASN A 53 0.99 -7.48 -19.54
N GLU A 54 1.67 -6.37 -19.25
CA GLU A 54 3.14 -6.36 -19.20
C GLU A 54 3.70 -6.97 -17.93
N VAL A 55 2.90 -6.97 -16.88
CA VAL A 55 3.31 -7.58 -15.62
C VAL A 55 2.40 -8.79 -15.41
N ASP A 56 2.07 -9.44 -16.55
CA ASP A 56 1.16 -10.59 -16.59
C ASP A 56 1.64 -11.83 -15.81
N ALA A 57 0.88 -12.15 -14.73
CA ALA A 57 1.13 -13.34 -13.92
C ALA A 57 0.36 -14.51 -14.52
N ASP A 58 -0.91 -14.24 -14.77
CA ASP A 58 -1.84 -15.18 -15.37
C ASP A 58 -2.28 -14.64 -16.74
N GLY A 59 -2.15 -13.31 -16.89
CA GLY A 59 -2.44 -12.60 -18.13
C GLY A 59 -3.89 -12.57 -18.53
N ASN A 60 -4.77 -12.96 -17.61
CA ASN A 60 -6.18 -12.88 -17.85
C ASN A 60 -6.66 -11.60 -17.21
N GLY A 61 -5.67 -10.74 -16.97
CA GLY A 61 -5.88 -9.46 -16.33
C GLY A 61 -5.76 -9.59 -14.83
N THR A 62 -4.98 -10.57 -14.43
CA THR A 62 -4.75 -10.87 -13.04
C THR A 62 -3.28 -10.97 -12.72
N ILE A 63 -2.93 -10.47 -11.54
CA ILE A 63 -1.59 -10.51 -11.05
C ILE A 63 -1.57 -11.16 -9.67
N ASP A 64 -0.57 -11.98 -9.47
CA ASP A 64 -0.37 -12.73 -8.24
C ASP A 64 0.74 -12.10 -7.39
N PHE A 65 1.16 -12.81 -6.33
CA PHE A 65 2.20 -12.33 -5.41
C PHE A 65 3.63 -12.27 -6.03
N PRO A 66 4.03 -13.20 -6.98
CA PRO A 66 5.38 -13.17 -7.60
C PRO A 66 5.59 -11.98 -8.55
N GLU A 67 4.53 -11.57 -9.25
CA GLU A 67 4.60 -10.46 -10.19
C GLU A 67 4.34 -9.11 -9.52
N PHE A 68 3.22 -9.01 -8.76
CA PHE A 68 2.82 -7.79 -8.04
C PHE A 68 3.99 -6.98 -7.47
N LEU A 69 4.91 -7.64 -6.79
CA LEU A 69 6.05 -6.98 -6.15
C LEU A 69 7.26 -6.77 -7.04
N THR A 70 7.33 -7.48 -8.18
CA THR A 70 8.48 -7.36 -9.10
C THR A 70 8.81 -5.90 -9.39
N MET A 71 7.82 -5.03 -9.17
CA MET A 71 8.00 -3.60 -9.33
C MET A 71 8.50 -2.94 -8.05
N MET A 72 8.12 -3.48 -6.86
CA MET A 72 8.63 -2.93 -5.60
C MET A 72 9.96 -3.62 -5.29
N ALA A 73 10.10 -4.82 -5.87
CA ALA A 73 11.31 -5.59 -5.82
C ALA A 73 12.26 -5.00 -6.86
N ARG A 74 11.68 -4.20 -7.80
CA ARG A 74 12.42 -3.51 -8.79
C ARG A 74 13.12 -2.32 -8.15
N LYS A 75 12.36 -1.59 -7.30
CA LYS A 75 12.90 -0.46 -6.55
C LYS A 75 14.12 -0.91 -5.73
N MET A 76 14.23 -2.24 -5.60
CA MET A 76 15.34 -2.90 -4.92
C MET A 76 16.51 -3.05 -5.89
N LYS A 77 16.19 -3.44 -7.15
CA LYS A 77 17.22 -3.61 -8.18
C LYS A 77 17.56 -2.28 -8.88
N ASP A 78 16.72 -1.25 -8.63
CA ASP A 78 16.90 0.09 -9.17
C ASP A 78 17.01 1.11 -8.03
N THR A 79 18.02 1.97 -8.09
CA THR A 79 18.25 2.99 -7.05
C THR A 79 17.46 4.27 -7.31
N ASP A 80 16.34 4.10 -8.00
CA ASP A 80 15.42 5.18 -8.31
C ASP A 80 14.46 5.40 -7.13
N SER A 81 14.75 4.71 -6.02
CA SER A 81 13.95 4.75 -4.78
C SER A 81 13.96 6.11 -4.07
N GLU A 82 14.91 6.99 -4.43
CA GLU A 82 15.03 8.31 -3.79
C GLU A 82 14.15 9.37 -4.48
N GLU A 83 14.06 9.31 -5.81
CA GLU A 83 13.28 10.28 -6.60
C GLU A 83 11.78 9.96 -6.60
N GLU A 84 11.43 8.70 -6.30
CA GLU A 84 10.02 8.26 -6.29
C GLU A 84 9.34 8.51 -4.94
N ILE A 85 10.04 8.21 -3.85
CA ILE A 85 9.52 8.34 -2.46
C ILE A 85 8.90 9.72 -2.13
N ARG A 86 9.33 10.77 -2.84
CA ARG A 86 8.82 12.11 -2.60
C ARG A 86 7.48 12.32 -3.33
N GLU A 87 7.35 11.73 -4.51
CA GLU A 87 6.12 11.80 -5.31
C GLU A 87 5.18 10.67 -4.87
N ALA A 88 5.81 9.59 -4.38
CA ALA A 88 5.11 8.43 -3.82
C ALA A 88 4.38 8.87 -2.55
N PHE A 89 4.83 10.03 -2.03
CA PHE A 89 4.20 10.68 -0.87
C PHE A 89 2.90 11.31 -1.33
N ARG A 90 2.97 11.91 -2.54
CA ARG A 90 1.83 12.58 -3.14
C ARG A 90 0.68 11.60 -3.39
N VAL A 91 1.02 10.30 -3.34
CA VAL A 91 0.09 9.18 -3.53
C VAL A 91 -1.19 9.34 -2.67
N PHE A 92 -0.99 9.65 -1.39
CA PHE A 92 -2.07 9.86 -0.45
C PHE A 92 -2.18 11.33 -0.11
N ALA A 93 -1.01 12.00 -0.09
CA ALA A 93 -0.94 13.43 0.20
C ALA A 93 -1.51 14.29 -0.93
N LYS A 94 -2.78 14.66 -0.76
CA LYS A 94 -3.47 15.52 -1.73
C LYS A 94 -3.30 16.98 -1.35
N ASP A 95 -2.56 17.18 -0.24
CA ASP A 95 -2.27 18.52 0.29
C ASP A 95 -1.21 19.25 -0.54
N GLY A 96 -0.53 18.50 -1.43
CA GLY A 96 0.50 19.09 -2.28
C GLY A 96 1.79 19.41 -1.55
N ASN A 97 1.89 18.95 -0.29
CA ASN A 97 3.06 19.17 0.55
C ASN A 97 3.39 17.91 1.33
N GLY A 98 2.37 17.30 1.94
CA GLY A 98 2.55 16.07 2.68
C GLY A 98 2.46 16.21 4.19
N TYR A 99 1.35 16.77 4.69
CA TYR A 99 1.14 16.93 6.13
C TYR A 99 -0.08 16.10 6.57
N ILE A 100 -0.15 14.86 6.06
CA ILE A 100 -1.26 13.95 6.35
C ILE A 100 -0.99 13.05 7.56
N SER A 101 -1.93 13.08 8.52
CA SER A 101 -1.89 12.29 9.75
C SER A 101 -2.01 10.80 9.50
N ALA A 102 -1.46 10.04 10.46
CA ALA A 102 -1.56 8.59 10.46
C ALA A 102 -3.00 8.21 10.77
N ALA A 103 -3.75 9.22 11.25
CA ALA A 103 -5.17 9.09 11.58
C ALA A 103 -6.00 9.06 10.30
N GLU A 104 -5.37 9.52 9.20
CA GLU A 104 -5.97 9.54 7.87
C GLU A 104 -6.04 8.15 7.27
N LEU A 105 -5.24 7.20 7.82
CA LEU A 105 -5.23 5.81 7.36
C LEU A 105 -6.59 5.16 7.42
N ARG A 106 -7.43 5.77 8.21
CA ARG A 106 -8.80 5.35 8.40
C ARG A 106 -9.66 5.89 7.26
N HIS A 107 -9.31 7.11 6.78
CA HIS A 107 -10.04 7.74 5.69
C HIS A 107 -9.51 7.35 4.31
N VAL A 108 -8.18 7.30 4.14
CA VAL A 108 -7.58 6.93 2.85
C VAL A 108 -7.85 5.47 2.50
N MET A 109 -7.92 4.60 3.52
CA MET A 109 -8.21 3.18 3.30
C MET A 109 -9.65 2.95 2.88
N THR A 110 -10.58 3.69 3.48
CA THR A 110 -11.99 3.57 3.12
C THR A 110 -12.26 4.41 1.86
N ASN A 111 -11.33 5.35 1.58
CA ASN A 111 -11.39 6.15 0.35
C ASN A 111 -11.21 5.18 -0.82
N LEU A 112 -10.46 4.10 -0.51
CA LEU A 112 -10.24 2.98 -1.41
C LEU A 112 -11.29 1.90 -1.08
N GLY A 113 -11.83 2.01 0.15
CA GLY A 113 -12.87 1.11 0.64
C GLY A 113 -12.35 -0.11 1.38
N GLU A 114 -11.20 0.05 2.02
CA GLU A 114 -10.56 -1.01 2.79
C GLU A 114 -11.42 -1.41 3.98
N LYS A 115 -11.33 -2.68 4.34
CA LYS A 115 -12.10 -3.23 5.40
C LYS A 115 -11.25 -3.61 6.59
N LEU A 116 -11.43 -2.81 7.64
CA LEU A 116 -10.73 -2.97 8.90
C LEU A 116 -11.70 -2.86 10.07
N THR A 117 -11.25 -3.26 11.27
CA THR A 117 -12.10 -3.17 12.47
C THR A 117 -11.88 -1.81 13.15
N ASP A 118 -12.79 -1.45 14.06
CA ASP A 118 -12.72 -0.16 14.77
C ASP A 118 -11.48 -0.06 15.67
N GLU A 119 -11.18 -1.14 16.40
CA GLU A 119 -10.03 -1.17 17.30
C GLU A 119 -8.76 -1.67 16.62
N GLU A 120 -8.88 -2.55 15.62
CA GLU A 120 -7.72 -3.07 14.89
C GLU A 120 -6.94 -1.93 14.25
N VAL A 121 -7.65 -0.99 13.62
CA VAL A 121 -7.03 0.16 13.03
C VAL A 121 -6.81 1.27 14.05
N ASP A 122 -7.52 1.23 15.19
CA ASP A 122 -7.34 2.25 16.24
C ASP A 122 -6.00 2.06 16.92
N GLU A 123 -5.51 0.83 16.86
CA GLU A 123 -4.21 0.47 17.40
C GLU A 123 -3.14 0.71 16.36
N MET A 124 -3.44 0.35 15.10
CA MET A 124 -2.50 0.57 13.99
C MET A 124 -2.38 2.07 13.74
N ILE A 125 -3.43 2.80 14.17
CA ILE A 125 -3.46 4.23 14.06
C ILE A 125 -2.64 4.84 15.20
N ARG A 126 -2.72 4.18 16.37
CA ARG A 126 -1.97 4.61 17.55
C ARG A 126 -0.53 4.17 17.50
N GLU A 127 -0.29 3.31 16.54
CA GLU A 127 1.03 2.78 16.25
C GLU A 127 1.92 3.88 15.62
N ALA A 128 1.30 5.06 15.41
CA ALA A 128 1.98 6.20 14.80
C ALA A 128 1.56 7.55 15.41
N ALA A 129 0.77 7.52 16.50
CA ALA A 129 0.31 8.77 17.16
C ALA A 129 1.48 9.59 17.70
N ILE A 130 1.72 10.73 17.05
CA ILE A 130 2.80 11.63 17.45
C ILE A 130 2.25 12.86 18.15
N ASP A 131 3.02 13.29 19.16
CA ASP A 131 2.70 14.43 20.05
C ASP A 131 1.35 14.28 20.78
N GLY A 132 0.39 13.66 20.08
CA GLY A 132 -0.94 13.43 20.60
C GLY A 132 -2.01 13.81 19.60
N ASP A 133 -1.61 14.52 18.53
CA ASP A 133 -2.53 14.94 17.46
C ASP A 133 -2.64 13.84 16.40
N GLY A 134 -1.48 13.32 15.97
CA GLY A 134 -1.44 12.24 15.00
C GLY A 134 -1.07 12.66 13.58
N GLN A 135 -0.85 13.97 13.33
CA GLN A 135 -0.48 14.43 11.98
C GLN A 135 1.00 14.22 11.69
N VAL A 136 1.29 13.71 10.49
CA VAL A 136 2.68 13.43 10.10
C VAL A 136 3.01 13.97 8.71
N ASN A 137 4.19 14.58 8.60
CA ASN A 137 4.67 15.16 7.35
C ASN A 137 5.65 14.22 6.63
N TYR A 138 6.35 14.76 5.62
CA TYR A 138 7.33 14.03 4.80
C TYR A 138 8.45 13.36 5.63
N GLU A 139 8.65 13.83 6.87
CA GLU A 139 9.69 13.29 7.76
C GLU A 139 9.38 11.87 8.27
N GLU A 140 8.18 11.66 8.85
CA GLU A 140 7.80 10.36 9.41
C GLU A 140 7.10 9.43 8.42
N PHE A 141 6.16 9.96 7.62
CA PHE A 141 5.40 9.13 6.66
C PHE A 141 6.29 8.60 5.52
N VAL A 142 7.52 9.14 5.41
CA VAL A 142 8.49 8.68 4.41
C VAL A 142 9.19 7.43 4.92
N GLN A 143 9.45 7.40 6.24
CA GLN A 143 10.08 6.25 6.88
C GLN A 143 9.19 5.02 6.70
N MET A 144 7.88 5.27 6.64
CA MET A 144 6.87 4.25 6.38
C MET A 144 7.06 3.76 4.94
N MET A 145 7.59 4.66 4.10
CA MET A 145 7.84 4.37 2.69
C MET A 145 9.26 3.83 2.44
N THR A 146 10.24 4.22 3.28
CA THR A 146 11.62 3.78 3.13
C THR A 146 11.87 2.38 3.73
N ALA A 147 11.06 2.04 4.74
CA ALA A 147 11.16 0.75 5.40
C ALA A 147 10.26 -0.30 4.75
N LYS A 148 10.79 -1.53 4.62
CA LYS A 148 10.06 -2.63 4.02
C LYS A 148 9.46 -3.55 5.09
N ALA B 1 -9.26 -6.56 28.08
CA ALA B 1 -8.40 -6.24 29.23
C ALA B 1 -7.98 -7.50 29.99
N GLY B 2 -6.74 -7.51 30.47
CA GLY B 2 -6.23 -8.67 31.20
C GLY B 2 -4.72 -8.79 31.10
N HIS B 3 -4.24 -10.03 30.95
CA HIS B 3 -2.81 -10.30 30.84
C HIS B 3 -2.42 -10.54 29.39
N MET B 4 -1.36 -9.84 28.93
CA MET B 4 -0.87 -9.95 27.56
C MET B 4 0.48 -10.66 27.53
N ARG B 5 0.57 -11.72 26.71
CA ARG B 5 1.80 -12.50 26.58
C ARG B 5 2.17 -12.77 25.10
N PRO B 6 1.19 -13.16 24.20
CA PRO B 6 1.49 -13.44 22.78
C PRO B 6 1.72 -12.17 21.95
N LYS B 7 0.95 -11.12 22.27
CA LYS B 7 1.05 -9.84 21.57
C LYS B 7 1.76 -8.80 22.44
N ARG B 8 3.00 -8.48 22.08
CA ARG B 8 3.81 -7.50 22.82
C ARG B 8 4.64 -6.62 21.88
N ARG B 9 5.06 -7.19 20.75
CA ARG B 9 5.87 -6.47 19.76
C ARG B 9 5.00 -5.69 18.76
N GLU B 10 3.90 -6.33 18.30
CA GLU B 10 2.94 -5.72 17.33
C GLU B 10 3.60 -5.46 15.97
N ILE B 11 2.79 -5.54 14.90
CA ILE B 11 3.28 -5.31 13.54
C ILE B 11 2.89 -3.90 13.03
N PRO B 12 3.80 -3.19 12.28
CA PRO B 12 3.51 -1.84 11.75
C PRO B 12 2.43 -1.85 10.67
N LEU B 13 1.93 -0.65 10.32
CA LEU B 13 0.90 -0.49 9.29
C LEU B 13 1.51 -0.32 7.88
N LYS B 14 2.79 -0.67 7.74
CA LYS B 14 3.53 -0.55 6.46
C LYS B 14 2.94 -1.49 5.39
N VAL B 15 1.75 -1.13 4.90
CA VAL B 15 1.04 -1.90 3.87
C VAL B 15 0.03 -1.04 3.14
N LEU B 16 -0.81 -0.39 3.92
CA LEU B 16 -1.85 0.53 3.46
C LEU B 16 -1.26 1.66 2.59
N VAL B 17 0.08 1.71 2.51
CA VAL B 17 0.80 2.71 1.73
C VAL B 17 1.89 2.02 0.94
N LYS B 18 2.50 0.98 1.54
CA LYS B 18 3.52 0.20 0.86
C LYS B 18 2.94 -0.53 -0.33
N ALA B 19 1.66 -0.86 -0.22
CA ALA B 19 0.91 -1.53 -1.27
C ALA B 19 0.33 -0.49 -2.22
N VAL B 20 0.99 0.66 -2.20
CA VAL B 20 0.65 1.82 -2.98
C VAL B 20 1.94 2.45 -3.55
N LEU B 21 3.12 2.14 -2.93
CA LEU B 21 4.40 2.63 -3.43
C LEU B 21 4.81 1.80 -4.63
N PHE B 22 4.05 0.71 -4.83
CA PHE B 22 4.23 -0.20 -5.95
C PHE B 22 3.58 0.37 -7.22
N ALA B 23 2.59 1.26 -7.02
CA ALA B 23 1.85 1.89 -8.12
C ALA B 23 2.39 3.28 -8.49
N CYS B 24 3.34 3.80 -7.69
CA CYS B 24 3.93 5.13 -7.94
C CYS B 24 5.03 5.06 -9.02
N MET B 25 5.10 3.93 -9.75
CA MET B 25 6.10 3.72 -10.80
C MET B 25 5.46 3.28 -12.13
N LEU B 26 4.17 2.90 -12.09
CA LEU B 26 3.43 2.45 -13.29
C LEU B 26 3.32 3.53 -14.37
N MET B 27 3.08 4.77 -13.95
CA MET B 27 2.93 5.89 -14.89
C MET B 27 4.13 6.85 -14.82
N ARG B 28 5.31 6.30 -15.10
CA ARG B 28 6.56 7.07 -15.09
C ARG B 28 7.36 6.84 -16.37
N LYS B 29 7.44 5.57 -16.81
CA LYS B 29 8.17 5.20 -18.03
C LYS B 29 7.23 5.16 -19.23
N ALA A 1 7.06 -27.67 2.74
CA ALA A 1 7.31 -27.28 1.32
C ALA A 1 7.09 -25.78 1.11
N ASP A 2 7.92 -25.19 0.22
CA ASP A 2 7.85 -23.74 -0.12
C ASP A 2 8.16 -22.86 1.11
N GLN A 3 9.16 -21.98 0.95
CA GLN A 3 9.58 -21.08 2.02
C GLN A 3 8.98 -19.69 1.82
N LEU A 4 8.57 -19.07 2.94
CA LEU A 4 7.96 -17.73 2.91
C LEU A 4 8.96 -16.67 3.35
N THR A 5 8.68 -15.44 2.95
CA THR A 5 9.51 -14.28 3.29
C THR A 5 8.85 -13.49 4.43
N GLU A 6 9.51 -12.45 4.91
CA GLU A 6 8.94 -11.64 5.99
C GLU A 6 7.98 -10.55 5.50
N GLU A 7 8.46 -9.64 4.64
CA GLU A 7 7.66 -8.54 4.11
C GLU A 7 6.93 -8.86 2.83
N GLN A 8 7.57 -9.61 1.93
CA GLN A 8 6.96 -9.98 0.63
C GLN A 8 5.59 -10.63 0.81
N ILE A 9 5.44 -11.35 1.94
CA ILE A 9 4.19 -12.03 2.29
C ILE A 9 3.27 -11.09 3.06
N ALA A 10 3.87 -10.12 3.74
CA ALA A 10 3.11 -9.13 4.50
C ALA A 10 2.50 -8.07 3.60
N GLU A 11 3.20 -7.75 2.50
CA GLU A 11 2.80 -6.69 1.60
C GLU A 11 1.86 -7.25 0.53
N PHE A 12 2.33 -8.30 -0.18
CA PHE A 12 1.56 -8.94 -1.25
C PHE A 12 0.23 -9.46 -0.71
N LYS A 13 0.24 -10.01 0.52
CA LYS A 13 -0.99 -10.49 1.14
C LYS A 13 -2.05 -9.43 1.26
N GLU A 14 -1.67 -8.34 1.88
CA GLU A 14 -2.59 -7.29 2.10
C GLU A 14 -2.91 -6.57 0.81
N ALA A 15 -1.93 -6.58 -0.09
CA ALA A 15 -2.06 -5.99 -1.40
C ALA A 15 -2.75 -6.95 -2.36
N PHE A 16 -3.14 -8.08 -1.79
CA PHE A 16 -3.85 -9.16 -2.47
C PHE A 16 -5.35 -8.86 -2.41
N SER A 17 -5.78 -8.33 -1.24
CA SER A 17 -7.18 -7.97 -1.02
C SER A 17 -7.51 -6.60 -1.61
N LEU A 18 -6.46 -5.82 -1.94
CA LEU A 18 -6.61 -4.47 -2.51
C LEU A 18 -7.40 -4.46 -3.82
N PHE A 19 -7.12 -5.42 -4.71
CA PHE A 19 -7.76 -5.49 -6.03
C PHE A 19 -8.74 -6.65 -6.17
N ASP A 20 -8.50 -7.71 -5.40
CA ASP A 20 -9.29 -8.94 -5.50
C ASP A 20 -10.75 -8.80 -4.97
N LYS A 21 -11.62 -8.19 -5.79
CA LYS A 21 -13.07 -8.03 -5.48
C LYS A 21 -13.81 -9.26 -5.95
N ASP A 22 -13.38 -9.71 -7.12
CA ASP A 22 -13.96 -10.91 -7.79
C ASP A 22 -13.47 -12.14 -7.03
N GLY A 23 -12.15 -12.21 -6.84
CA GLY A 23 -11.50 -13.26 -6.08
C GLY A 23 -11.40 -14.63 -6.69
N ASP A 24 -10.85 -14.68 -7.90
CA ASP A 24 -10.54 -15.94 -8.57
C ASP A 24 -9.14 -16.33 -8.10
N GLY A 25 -8.58 -15.34 -7.41
CA GLY A 25 -7.24 -15.37 -6.84
C GLY A 25 -6.36 -14.44 -7.65
N THR A 26 -7.04 -13.49 -8.29
CA THR A 26 -6.42 -12.52 -9.18
C THR A 26 -6.79 -11.06 -8.87
N ILE A 27 -6.19 -10.19 -9.69
CA ILE A 27 -6.33 -8.76 -9.66
C ILE A 27 -6.97 -8.29 -10.92
N THR A 28 -7.85 -7.34 -10.77
CA THR A 28 -8.57 -6.83 -11.92
C THR A 28 -8.22 -5.39 -12.26
N THR A 29 -8.70 -5.02 -13.43
CA THR A 29 -8.51 -3.69 -14.02
C THR A 29 -9.45 -2.65 -13.40
N LYS A 30 -10.63 -3.10 -12.89
CA LYS A 30 -11.59 -2.17 -12.28
C LYS A 30 -11.00 -1.52 -11.02
N GLU A 31 -10.30 -2.33 -10.23
CA GLU A 31 -9.67 -1.87 -9.01
C GLU A 31 -8.26 -1.34 -9.24
N LEU A 32 -7.57 -1.86 -10.27
CA LEU A 32 -6.19 -1.48 -10.58
C LEU A 32 -5.95 0.02 -10.52
N GLY A 33 -6.89 0.81 -11.02
CA GLY A 33 -6.76 2.25 -10.94
C GLY A 33 -7.25 2.75 -9.61
N THR A 34 -8.33 2.14 -9.14
CA THR A 34 -8.92 2.46 -7.84
C THR A 34 -7.86 2.32 -6.73
N VAL A 35 -6.84 1.48 -7.00
CA VAL A 35 -5.75 1.26 -6.04
C VAL A 35 -4.77 2.44 -6.07
N MET A 36 -4.19 2.60 -7.26
CA MET A 36 -3.18 3.62 -7.59
C MET A 36 -3.67 5.07 -7.49
N ARG A 37 -4.83 5.32 -8.11
CA ARG A 37 -5.40 6.67 -8.26
C ARG A 37 -5.36 7.54 -7.01
N SER A 38 -5.36 6.89 -5.86
CA SER A 38 -5.32 7.56 -4.54
C SER A 38 -4.13 8.56 -4.37
N LEU A 39 -3.22 8.60 -5.36
CA LEU A 39 -2.07 9.49 -5.32
C LEU A 39 -2.37 10.83 -6.03
N GLY A 40 -3.53 10.91 -6.71
CA GLY A 40 -3.90 12.14 -7.41
C GLY A 40 -3.85 12.04 -8.92
N GLN A 41 -3.86 10.80 -9.43
CA GLN A 41 -3.83 10.54 -10.88
C GLN A 41 -5.15 9.92 -11.33
N ASN A 42 -5.62 10.33 -12.51
CA ASN A 42 -6.88 9.82 -13.08
C ASN A 42 -6.71 9.35 -14.53
N PRO A 43 -6.31 8.05 -14.75
CA PRO A 43 -6.12 7.50 -16.10
C PRO A 43 -7.40 6.87 -16.69
N THR A 44 -7.31 6.41 -17.95
CA THR A 44 -8.41 5.78 -18.66
C THR A 44 -8.90 4.49 -17.99
N GLU A 45 -10.11 4.06 -18.37
CA GLU A 45 -10.74 2.84 -17.84
C GLU A 45 -10.24 1.61 -18.58
N ALA A 46 -9.80 1.83 -19.82
CA ALA A 46 -9.21 0.80 -20.63
C ALA A 46 -7.72 0.73 -20.34
N GLU A 47 -7.20 1.79 -19.69
CA GLU A 47 -5.78 1.86 -19.31
C GLU A 47 -5.40 0.80 -18.30
N LEU A 48 -6.41 0.29 -17.58
CA LEU A 48 -6.23 -0.78 -16.61
C LEU A 48 -6.35 -2.10 -17.33
N GLN A 49 -7.34 -2.17 -18.25
CA GLN A 49 -7.46 -3.35 -19.13
C GLN A 49 -6.19 -3.39 -19.99
N ASP A 50 -5.57 -2.20 -20.09
CA ASP A 50 -4.30 -1.98 -20.77
C ASP A 50 -3.16 -2.24 -19.78
N MET A 51 -3.32 -1.75 -18.50
CA MET A 51 -2.28 -2.01 -17.47
C MET A 51 -2.07 -3.51 -17.25
N ILE A 52 -3.15 -4.28 -17.43
CA ILE A 52 -3.09 -5.73 -17.28
C ILE A 52 -2.68 -6.43 -18.59
N ASN A 53 -2.71 -5.67 -19.70
CA ASN A 53 -2.38 -6.17 -21.03
C ASN A 53 -0.87 -6.35 -21.18
N GLU A 54 -0.14 -5.29 -20.83
CA GLU A 54 1.34 -5.31 -20.91
C GLU A 54 1.96 -6.16 -19.81
N VAL A 55 1.28 -6.25 -18.69
CA VAL A 55 1.73 -7.09 -17.60
C VAL A 55 0.72 -8.25 -17.51
N ASP A 56 0.41 -8.77 -18.72
CA ASP A 56 -0.58 -9.84 -18.93
C ASP A 56 -0.27 -11.17 -18.21
N ALA A 57 -0.96 -11.39 -17.07
CA ALA A 57 -0.82 -12.65 -16.32
C ALA A 57 -1.82 -13.69 -16.82
N ASP A 58 -3.08 -13.26 -16.86
CA ASP A 58 -4.19 -14.07 -17.32
C ASP A 58 -4.82 -13.45 -18.58
N GLY A 59 -4.62 -12.14 -18.72
CA GLY A 59 -5.08 -11.37 -19.87
C GLY A 59 -6.56 -11.22 -20.02
N ASN A 60 -7.30 -11.59 -18.98
CA ASN A 60 -8.73 -11.40 -18.97
C ASN A 60 -8.97 -10.11 -18.21
N GLY A 61 -7.87 -9.34 -18.10
CA GLY A 61 -7.87 -8.09 -17.37
C GLY A 61 -7.59 -8.35 -15.91
N THR A 62 -6.89 -9.45 -15.69
CA THR A 62 -6.53 -9.89 -14.37
C THR A 62 -5.05 -10.20 -14.25
N ILE A 63 -4.46 -9.71 -13.16
CA ILE A 63 -3.07 -9.96 -12.88
C ILE A 63 -2.95 -10.79 -11.60
N ASP A 64 -2.04 -11.73 -11.64
CA ASP A 64 -1.78 -12.66 -10.55
C ASP A 64 -0.80 -12.10 -9.51
N PHE A 65 -0.41 -12.94 -8.54
CA PHE A 65 0.51 -12.55 -7.45
C PHE A 65 1.99 -12.42 -7.89
N PRO A 66 2.53 -13.26 -8.84
CA PRO A 66 3.95 -13.16 -9.26
C PRO A 66 4.24 -11.95 -10.15
N GLU A 67 3.21 -11.47 -10.86
CA GLU A 67 3.35 -10.34 -11.76
C GLU A 67 3.12 -8.96 -11.11
N PHE A 68 1.98 -8.78 -10.38
CA PHE A 68 1.65 -7.48 -9.75
C PHE A 68 2.81 -6.82 -8.99
N LEU A 69 3.59 -7.63 -8.27
CA LEU A 69 4.72 -7.12 -7.49
C LEU A 69 6.02 -6.98 -8.28
N THR A 70 6.09 -7.62 -9.44
CA THR A 70 7.30 -7.59 -10.30
C THR A 70 7.84 -6.16 -10.45
N MET A 71 6.99 -5.19 -10.17
CA MET A 71 7.36 -3.78 -10.22
C MET A 71 7.95 -3.32 -8.89
N MET A 72 7.50 -3.92 -7.76
CA MET A 72 8.06 -3.57 -6.45
C MET A 72 9.29 -4.44 -6.24
N ALA A 73 9.24 -5.62 -6.88
CA ALA A 73 10.36 -6.55 -6.90
C ALA A 73 11.38 -6.00 -7.90
N ARG A 74 10.89 -5.10 -8.80
CA ARG A 74 11.72 -4.44 -9.75
C ARG A 74 12.59 -3.44 -9.01
N LYS A 75 11.97 -2.71 -8.06
CA LYS A 75 12.69 -1.75 -7.24
C LYS A 75 13.84 -2.43 -6.49
N MET A 76 13.75 -3.77 -6.41
CA MET A 76 14.77 -4.61 -5.81
C MET A 76 15.92 -4.79 -6.82
N LYS A 77 15.55 -4.89 -8.12
CA LYS A 77 16.52 -5.02 -9.22
C LYS A 77 17.06 -3.65 -9.57
N ASP A 78 16.12 -2.71 -9.74
CA ASP A 78 16.42 -1.30 -10.06
C ASP A 78 16.58 -0.47 -8.79
N THR A 79 17.78 0.10 -8.59
CA THR A 79 18.07 0.91 -7.41
C THR A 79 17.69 2.38 -7.60
N ASP A 80 16.72 2.59 -8.49
CA ASP A 80 16.19 3.91 -8.79
C ASP A 80 15.08 4.25 -7.76
N SER A 81 14.97 3.39 -6.74
CA SER A 81 13.98 3.52 -5.67
C SER A 81 14.23 4.72 -4.74
N GLU A 82 15.46 5.29 -4.78
CA GLU A 82 15.81 6.45 -3.94
C GLU A 82 15.04 7.70 -4.39
N GLU A 83 14.80 7.79 -5.70
CA GLU A 83 14.07 8.91 -6.30
C GLU A 83 12.56 8.65 -6.30
N GLU A 84 12.20 7.36 -6.27
CA GLU A 84 10.78 6.92 -6.26
C GLU A 84 10.20 6.87 -4.86
N ILE A 85 11.07 6.69 -3.85
CA ILE A 85 10.66 6.55 -2.43
C ILE A 85 9.95 7.80 -1.86
N ARG A 86 10.39 9.01 -2.24
CA ARG A 86 9.79 10.24 -1.75
C ARG A 86 8.50 10.60 -2.49
N GLU A 87 8.35 10.10 -3.73
CA GLU A 87 7.14 10.33 -4.53
C GLU A 87 6.12 9.24 -4.21
N ALA A 88 6.64 8.06 -3.85
CA ALA A 88 5.84 6.92 -3.40
C ALA A 88 5.27 7.25 -2.03
N PHE A 89 5.90 8.26 -1.40
CA PHE A 89 5.47 8.78 -0.10
C PHE A 89 4.28 9.71 -0.29
N ARG A 90 4.35 10.53 -1.36
CA ARG A 90 3.30 11.50 -1.65
C ARG A 90 1.96 10.79 -1.90
N VAL A 91 2.07 9.49 -2.16
CA VAL A 91 0.95 8.58 -2.39
C VAL A 91 -0.11 8.65 -1.25
N PHE A 92 0.40 8.63 -0.02
CA PHE A 92 -0.41 8.66 1.19
C PHE A 92 -0.26 10.03 1.87
N ALA A 93 0.96 10.59 1.77
CA ALA A 93 1.28 11.89 2.37
C ALA A 93 0.40 13.03 1.81
N LYS A 94 0.42 13.23 0.47
CA LYS A 94 -0.35 14.28 -0.23
C LYS A 94 0.01 15.71 0.19
N ASP A 95 0.84 15.84 1.23
CA ASP A 95 1.27 17.15 1.73
C ASP A 95 2.49 17.66 0.94
N GLY A 96 2.97 16.84 0.00
CA GLY A 96 4.12 17.20 -0.83
C GLY A 96 5.46 16.94 -0.14
N ASN A 97 5.40 16.51 1.13
CA ASN A 97 6.59 16.24 1.93
C ASN A 97 6.34 15.07 2.88
N GLY A 98 5.18 15.11 3.57
CA GLY A 98 4.82 14.05 4.49
C GLY A 98 4.90 14.46 5.95
N TYR A 99 3.74 14.78 6.53
CA TYR A 99 3.59 15.16 7.95
C TYR A 99 2.29 14.52 8.47
N ILE A 100 1.78 13.57 7.67
CA ILE A 100 0.51 12.85 7.92
C ILE A 100 0.50 11.94 9.15
N SER A 101 -0.47 12.22 10.03
CA SER A 101 -0.70 11.49 11.27
C SER A 101 -0.91 10.01 11.04
N ALA A 102 -0.61 9.29 12.11
CA ALA A 102 -0.76 7.85 12.17
C ALA A 102 -2.22 7.47 12.11
N ALA A 103 -3.06 8.49 12.32
CA ALA A 103 -4.52 8.34 12.30
C ALA A 103 -5.09 8.37 10.88
N GLU A 104 -4.27 8.86 9.93
CA GLU A 104 -4.67 8.99 8.53
C GLU A 104 -4.73 7.65 7.78
N LEU A 105 -4.07 6.60 8.32
CA LEU A 105 -4.11 5.27 7.68
C LEU A 105 -5.50 4.70 7.57
N ARG A 106 -6.33 5.15 8.48
CA ARG A 106 -7.72 4.75 8.54
C ARG A 106 -8.52 5.51 7.47
N HIS A 107 -7.98 6.66 7.01
CA HIS A 107 -8.63 7.44 5.96
C HIS A 107 -8.28 6.93 4.56
N VAL A 108 -7.01 6.53 4.33
CA VAL A 108 -6.60 6.00 3.03
C VAL A 108 -7.15 4.60 2.77
N MET A 109 -7.52 3.88 3.84
CA MET A 109 -8.10 2.54 3.70
C MET A 109 -9.57 2.63 3.32
N THR A 110 -10.28 3.61 3.89
CA THR A 110 -11.68 3.83 3.57
C THR A 110 -11.77 4.71 2.33
N ASN A 111 -10.65 5.38 1.98
CA ASN A 111 -10.56 6.16 0.74
C ASN A 111 -10.71 5.16 -0.40
N LEU A 112 -10.23 3.93 -0.13
CA LEU A 112 -10.38 2.80 -1.03
C LEU A 112 -11.69 2.09 -0.66
N GLY A 113 -12.16 2.38 0.58
CA GLY A 113 -13.39 1.83 1.12
C GLY A 113 -13.25 0.45 1.71
N GLU A 114 -12.06 0.19 2.23
CA GLU A 114 -11.69 -1.08 2.83
C GLU A 114 -12.52 -1.40 4.06
N LYS A 115 -12.83 -2.69 4.18
CA LYS A 115 -13.61 -3.19 5.26
C LYS A 115 -12.76 -4.06 6.17
N LEU A 116 -12.52 -3.54 7.35
CA LEU A 116 -11.71 -4.19 8.36
C LEU A 116 -12.37 -4.14 9.72
N THR A 117 -11.90 -4.98 10.66
CA THR A 117 -12.42 -5.01 12.02
C THR A 117 -11.69 -3.95 12.86
N ASP A 118 -12.31 -3.53 13.97
CA ASP A 118 -11.73 -2.50 14.84
C ASP A 118 -10.38 -2.94 15.43
N GLU A 119 -10.28 -4.21 15.81
CA GLU A 119 -9.06 -4.76 16.38
C GLU A 119 -8.11 -5.32 15.34
N GLU A 120 -8.64 -5.69 14.15
CA GLU A 120 -7.82 -6.22 13.08
C GLU A 120 -6.81 -5.18 12.62
N VAL A 121 -7.27 -3.93 12.42
CA VAL A 121 -6.42 -2.85 12.05
C VAL A 121 -5.75 -2.21 13.27
N ASP A 122 -6.32 -2.46 14.48
CA ASP A 122 -5.73 -1.90 15.70
C ASP A 122 -4.43 -2.64 16.06
N GLU A 123 -4.31 -3.86 15.54
CA GLU A 123 -3.12 -4.66 15.73
C GLU A 123 -2.12 -4.34 14.64
N MET A 124 -2.63 -4.24 13.39
CA MET A 124 -1.79 -3.88 12.24
C MET A 124 -1.28 -2.46 12.44
N ILE A 125 -2.09 -1.69 13.19
CA ILE A 125 -1.78 -0.31 13.52
C ILE A 125 -0.72 -0.30 14.64
N ARG A 126 -0.82 -1.28 15.56
CA ARG A 126 0.14 -1.39 16.65
C ARG A 126 1.41 -2.02 16.18
N GLU A 127 1.31 -2.53 14.97
CA GLU A 127 2.42 -3.14 14.26
C GLU A 127 3.44 -2.05 13.87
N ALA A 128 3.10 -0.77 14.19
CA ALA A 128 3.97 0.38 13.86
C ALA A 128 3.78 1.61 14.78
N ALA A 129 3.27 1.43 16.03
CA ALA A 129 3.08 2.59 16.95
C ALA A 129 4.33 3.45 17.07
N ILE A 130 4.18 4.71 16.65
CA ILE A 130 5.24 5.72 16.75
C ILE A 130 5.61 5.90 18.22
N ASP A 131 6.75 6.57 18.46
CA ASP A 131 7.25 6.85 19.84
C ASP A 131 6.10 6.92 20.88
N GLY A 132 4.94 7.32 20.36
CA GLY A 132 3.71 7.40 21.12
C GLY A 132 3.05 8.77 20.99
N ASP A 133 3.40 9.50 19.92
CA ASP A 133 2.86 10.86 19.66
C ASP A 133 1.52 10.80 18.92
N GLY A 134 1.43 9.90 17.92
CA GLY A 134 0.21 9.72 17.17
C GLY A 134 0.21 10.28 15.74
N GLN A 135 1.20 11.11 15.39
CA GLN A 135 1.28 11.63 14.01
C GLN A 135 2.64 11.26 13.40
N VAL A 136 2.74 11.20 12.06
CA VAL A 136 4.02 10.80 11.44
C VAL A 136 4.37 11.55 10.15
N ASN A 137 5.66 11.93 10.06
CA ASN A 137 6.21 12.65 8.94
C ASN A 137 6.79 11.70 7.90
N TYR A 138 7.56 12.28 6.96
CA TYR A 138 8.20 11.54 5.87
C TYR A 138 9.25 10.50 6.32
N GLU A 139 9.77 10.66 7.54
CA GLU A 139 10.83 9.77 8.05
C GLU A 139 10.37 8.35 8.43
N GLU A 140 9.08 8.14 8.74
CA GLU A 140 8.60 6.82 9.16
C GLU A 140 8.13 5.92 8.00
N PHE A 141 7.15 6.36 7.20
CA PHE A 141 6.62 5.53 6.11
C PHE A 141 7.67 5.26 5.02
N VAL A 142 8.80 6.01 5.07
CA VAL A 142 9.92 5.81 4.16
C VAL A 142 10.71 4.59 4.62
N GLN A 143 10.99 4.56 5.94
CA GLN A 143 11.73 3.46 6.54
C GLN A 143 11.02 2.14 6.31
N MET A 144 9.67 2.23 6.23
CA MET A 144 8.82 1.10 5.93
C MET A 144 9.21 0.56 4.55
N MET A 145 9.54 1.50 3.64
CA MET A 145 9.92 1.16 2.29
C MET A 145 11.45 0.97 2.11
N THR A 146 12.26 1.73 2.86
CA THR A 146 13.73 1.64 2.74
C THR A 146 14.31 0.38 3.38
N ALA A 147 13.61 -0.15 4.39
CA ALA A 147 14.03 -1.35 5.10
C ALA A 147 13.59 -2.62 4.38
N LYS A 148 14.47 -3.62 4.37
CA LYS A 148 14.19 -4.91 3.71
C LYS A 148 14.51 -6.08 4.65
N ALA B 1 -0.07 12.45 36.43
CA ALA B 1 -0.24 10.98 36.37
C ALA B 1 -1.57 10.56 37.00
N GLY B 2 -2.24 9.60 36.36
CA GLY B 2 -3.52 9.11 36.85
C GLY B 2 -4.41 8.60 35.74
N HIS B 3 -4.05 7.45 35.18
CA HIS B 3 -4.81 6.83 34.09
C HIS B 3 -5.68 5.69 34.63
N MET B 4 -6.87 5.54 34.03
CA MET B 4 -7.82 4.50 34.43
C MET B 4 -8.27 3.68 33.21
N ARG B 5 -8.55 4.38 32.10
CA ARG B 5 -9.01 3.73 30.87
C ARG B 5 -8.13 4.16 29.68
N PRO B 6 -7.28 3.24 29.11
CA PRO B 6 -6.41 3.57 27.95
C PRO B 6 -7.19 3.81 26.67
N LYS B 7 -6.72 4.78 25.88
CA LYS B 7 -7.36 5.14 24.61
C LYS B 7 -6.35 5.17 23.47
N ARG B 8 -6.67 4.46 22.38
CA ARG B 8 -5.80 4.38 21.21
C ARG B 8 -6.58 4.67 19.93
N ARG B 9 -6.15 5.72 19.21
CA ARG B 9 -6.78 6.12 17.95
C ARG B 9 -5.76 6.53 16.90
N GLU B 10 -4.72 7.26 17.34
CA GLU B 10 -3.66 7.74 16.44
C GLU B 10 -2.42 6.82 16.51
N ILE B 11 -2.42 5.79 15.65
CA ILE B 11 -1.33 4.81 15.58
C ILE B 11 -1.07 4.46 14.09
N PRO B 12 0.21 4.36 13.61
CA PRO B 12 0.52 4.04 12.20
C PRO B 12 0.81 2.56 11.97
N LEU B 13 0.66 2.09 10.72
CA LEU B 13 0.94 0.73 10.38
C LEU B 13 1.89 0.66 9.16
N LYS B 14 2.63 -0.45 9.06
CA LYS B 14 3.63 -0.64 8.01
C LYS B 14 3.08 -1.12 6.64
N VAL B 15 2.43 -2.30 6.62
CA VAL B 15 1.92 -2.92 5.37
C VAL B 15 1.00 -2.01 4.53
N LEU B 16 0.00 -1.45 5.18
CA LEU B 16 -1.00 -0.57 4.59
C LEU B 16 -0.42 0.67 3.89
N VAL B 17 0.90 0.70 3.79
CA VAL B 17 1.63 1.77 3.14
C VAL B 17 2.54 1.15 2.10
N LYS B 18 3.08 -0.03 2.43
CA LYS B 18 3.91 -0.80 1.52
C LYS B 18 3.07 -1.32 0.37
N ALA B 19 1.78 -1.52 0.66
CA ALA B 19 0.81 -1.95 -0.33
C ALA B 19 0.32 -0.74 -1.13
N VAL B 20 1.09 0.34 -0.98
CA VAL B 20 0.84 1.62 -1.61
C VAL B 20 2.13 2.16 -2.23
N LEU B 21 3.31 1.74 -1.71
CA LEU B 21 4.59 2.17 -2.26
C LEU B 21 5.00 1.22 -3.38
N PHE B 22 4.17 0.16 -3.53
CA PHE B 22 4.36 -0.85 -4.56
C PHE B 22 3.68 -0.43 -5.87
N ALA B 23 2.45 0.09 -5.75
CA ALA B 23 1.64 0.53 -6.90
C ALA B 23 1.99 1.95 -7.38
N CYS B 24 2.94 2.61 -6.69
CA CYS B 24 3.35 3.98 -7.02
C CYS B 24 4.08 4.10 -8.38
N MET B 25 4.51 2.97 -8.94
CA MET B 25 5.25 2.96 -10.20
C MET B 25 4.41 2.48 -11.40
N LEU B 26 3.22 1.93 -11.16
CA LEU B 26 2.34 1.43 -12.23
C LEU B 26 1.94 2.53 -13.23
N MET B 27 1.92 3.79 -12.75
CA MET B 27 1.56 4.94 -13.59
C MET B 27 2.74 5.91 -13.73
N ARG B 28 3.89 5.37 -14.17
CA ARG B 28 5.11 6.16 -14.35
C ARG B 28 5.13 6.88 -15.71
N LYS B 29 4.86 6.13 -16.80
CA LYS B 29 4.83 6.71 -18.16
C LYS B 29 3.60 6.25 -18.95
N ALA A 1 -4.46 -15.66 4.26
CA ALA A 1 -4.34 -16.99 4.92
C ALA A 1 -2.88 -17.42 5.03
N ASP A 2 -2.10 -17.20 3.95
CA ASP A 2 -0.69 -17.56 3.92
C ASP A 2 0.20 -16.35 4.19
N GLN A 3 0.96 -16.42 5.29
CA GLN A 3 1.87 -15.35 5.69
C GLN A 3 3.24 -15.92 6.03
N LEU A 4 4.26 -15.53 5.25
CA LEU A 4 5.63 -16.00 5.48
C LEU A 4 6.46 -15.00 6.30
N THR A 5 7.35 -14.24 5.63
CA THR A 5 8.19 -13.24 6.30
C THR A 5 7.31 -12.14 6.94
N GLU A 6 7.92 -11.16 7.60
CA GLU A 6 7.15 -10.11 8.24
C GLU A 6 6.72 -8.99 7.29
N GLU A 7 7.69 -8.32 6.64
CA GLU A 7 7.41 -7.22 5.73
C GLU A 7 7.21 -7.68 4.29
N GLN A 8 7.92 -8.73 3.87
CA GLN A 8 7.81 -9.25 2.50
C GLN A 8 6.37 -9.61 2.16
N ILE A 9 5.64 -10.13 3.17
CA ILE A 9 4.23 -10.51 3.02
C ILE A 9 3.34 -9.32 3.30
N ALA A 10 3.81 -8.41 4.16
CA ALA A 10 3.07 -7.20 4.56
C ALA A 10 2.41 -6.47 3.40
N GLU A 11 3.06 -6.47 2.24
CA GLU A 11 2.54 -5.72 1.11
C GLU A 11 1.59 -6.56 0.27
N PHE A 12 2.11 -7.67 -0.32
CA PHE A 12 1.30 -8.52 -1.19
C PHE A 12 0.14 -9.17 -0.44
N LYS A 13 0.32 -9.46 0.85
CA LYS A 13 -0.77 -10.04 1.65
C LYS A 13 -1.96 -9.12 1.73
N GLU A 14 -1.69 -7.91 2.14
CA GLU A 14 -2.71 -6.94 2.32
C GLU A 14 -3.20 -6.46 0.98
N ALA A 15 -2.26 -6.39 0.04
CA ALA A 15 -2.53 -6.00 -1.34
C ALA A 15 -3.11 -7.17 -2.12
N PHE A 16 -3.35 -8.22 -1.37
CA PHE A 16 -3.95 -9.45 -1.88
C PHE A 16 -5.46 -9.29 -1.85
N SER A 17 -6.01 -8.91 -0.68
CA SER A 17 -7.46 -8.70 -0.54
C SER A 17 -7.89 -7.28 -0.95
N LEU A 18 -6.93 -6.34 -0.93
CA LEU A 18 -7.17 -4.93 -1.29
C LEU A 18 -7.32 -4.81 -2.83
N PHE A 19 -6.92 -5.88 -3.51
CA PHE A 19 -6.99 -5.98 -4.96
C PHE A 19 -8.03 -7.01 -5.39
N ASP A 20 -7.91 -8.20 -4.79
CA ASP A 20 -8.74 -9.35 -5.10
C ASP A 20 -10.25 -9.16 -4.76
N LYS A 21 -11.03 -8.76 -5.78
CA LYS A 21 -12.49 -8.64 -5.64
C LYS A 21 -13.09 -9.99 -5.95
N ASP A 22 -12.69 -10.48 -7.12
CA ASP A 22 -13.07 -11.81 -7.62
C ASP A 22 -12.20 -12.86 -6.87
N GLY A 23 -10.88 -12.63 -6.91
CA GLY A 23 -9.92 -13.46 -6.19
C GLY A 23 -9.87 -14.93 -6.54
N ASP A 24 -9.66 -15.22 -7.83
CA ASP A 24 -9.49 -16.60 -8.30
C ASP A 24 -8.14 -17.12 -7.80
N GLY A 25 -7.51 -16.22 -7.06
CA GLY A 25 -6.21 -16.40 -6.45
C GLY A 25 -5.19 -15.52 -7.14
N THR A 26 -5.65 -14.88 -8.21
CA THR A 26 -4.86 -13.95 -9.00
C THR A 26 -5.46 -12.55 -9.00
N ILE A 27 -4.77 -11.64 -9.67
CA ILE A 27 -5.17 -10.27 -9.80
C ILE A 27 -5.59 -9.98 -11.20
N THR A 28 -6.79 -9.53 -11.30
CA THR A 28 -7.38 -9.21 -12.57
C THR A 28 -7.35 -7.72 -12.83
N THR A 29 -7.61 -7.43 -14.08
CA THR A 29 -7.62 -6.08 -14.62
C THR A 29 -8.73 -5.25 -13.95
N LYS A 30 -9.97 -5.79 -13.85
CA LYS A 30 -11.10 -5.06 -13.22
C LYS A 30 -10.74 -4.55 -11.81
N GLU A 31 -9.70 -5.16 -11.22
CA GLU A 31 -9.19 -4.78 -9.92
C GLU A 31 -8.16 -3.66 -10.05
N LEU A 32 -7.19 -3.90 -10.95
CA LEU A 32 -6.08 -2.96 -11.23
C LEU A 32 -6.57 -1.56 -11.59
N GLY A 33 -7.75 -1.46 -12.18
CA GLY A 33 -8.31 -0.16 -12.53
C GLY A 33 -8.99 0.50 -11.37
N THR A 34 -9.57 -0.32 -10.50
CA THR A 34 -10.21 0.16 -9.28
C THR A 34 -9.16 0.71 -8.32
N VAL A 35 -7.91 0.25 -8.55
CA VAL A 35 -6.75 0.63 -7.73
C VAL A 35 -6.20 2.00 -8.15
N MET A 36 -5.74 2.02 -9.39
CA MET A 36 -5.15 3.20 -10.06
C MET A 36 -6.03 4.44 -9.98
N ARG A 37 -7.32 4.25 -10.26
CA ARG A 37 -8.28 5.33 -10.34
C ARG A 37 -8.38 6.18 -9.07
N SER A 38 -8.17 5.54 -7.92
CA SER A 38 -8.27 6.18 -6.61
C SER A 38 -7.02 6.95 -6.18
N LEU A 39 -5.88 6.70 -6.82
CA LEU A 39 -4.65 7.38 -6.46
C LEU A 39 -4.36 8.62 -7.32
N GLY A 40 -5.16 8.83 -8.38
CA GLY A 40 -4.99 10.00 -9.24
C GLY A 40 -4.43 9.71 -10.62
N GLN A 41 -4.76 8.54 -11.16
CA GLN A 41 -4.30 8.13 -12.49
C GLN A 41 -5.41 8.35 -13.53
N ASN A 42 -5.04 8.21 -14.83
CA ASN A 42 -5.98 8.37 -15.94
C ASN A 42 -7.01 7.20 -15.94
N PRO A 43 -8.32 7.46 -15.59
CA PRO A 43 -9.34 6.39 -15.55
C PRO A 43 -9.68 5.79 -16.91
N THR A 44 -8.90 4.76 -17.30
CA THR A 44 -9.13 4.04 -18.53
C THR A 44 -9.62 2.62 -18.24
N GLU A 45 -10.42 2.10 -19.15
CA GLU A 45 -11.00 0.76 -19.04
C GLU A 45 -10.02 -0.29 -19.53
N ALA A 46 -9.17 0.11 -20.48
CA ALA A 46 -8.15 -0.76 -21.01
C ALA A 46 -6.87 -0.66 -20.20
N GLU A 47 -6.70 0.42 -19.42
CA GLU A 47 -5.49 0.59 -18.58
C GLU A 47 -5.23 -0.61 -17.69
N LEU A 48 -6.29 -1.22 -17.19
CA LEU A 48 -6.20 -2.40 -16.34
C LEU A 48 -5.91 -3.65 -17.19
N GLN A 49 -6.55 -3.76 -18.37
CA GLN A 49 -6.30 -4.88 -19.30
C GLN A 49 -4.96 -4.69 -20.02
N ASP A 50 -4.50 -3.43 -20.08
CA ASP A 50 -3.23 -3.06 -20.70
C ASP A 50 -2.09 -3.20 -19.71
N MET A 51 -2.31 -2.73 -18.47
CA MET A 51 -1.27 -2.83 -17.41
C MET A 51 -0.93 -4.29 -17.07
N ILE A 52 -1.90 -5.22 -17.19
CA ILE A 52 -1.63 -6.65 -16.93
C ILE A 52 -1.07 -7.34 -18.18
N ASN A 53 -1.20 -6.68 -19.34
CA ASN A 53 -0.75 -7.21 -20.62
C ASN A 53 0.77 -7.28 -20.71
N GLU A 54 1.41 -6.15 -20.40
CA GLU A 54 2.88 -6.05 -20.43
C GLU A 54 3.53 -6.68 -19.22
N VAL A 55 2.81 -6.71 -18.11
CA VAL A 55 3.31 -7.33 -16.88
C VAL A 55 2.52 -8.63 -16.70
N ASP A 56 2.21 -9.26 -17.85
CA ASP A 56 1.41 -10.50 -17.92
C ASP A 56 2.01 -11.71 -17.18
N ALA A 57 1.31 -12.13 -16.12
CA ALA A 57 1.70 -13.32 -15.35
C ALA A 57 1.04 -14.55 -15.96
N ASP A 58 -0.24 -14.40 -16.19
CA ASP A 58 -1.09 -15.42 -16.81
C ASP A 58 -1.59 -14.89 -18.16
N GLY A 59 -1.59 -13.56 -18.28
CA GLY A 59 -1.96 -12.86 -19.50
C GLY A 59 -3.42 -12.91 -19.87
N ASN A 60 -4.24 -13.38 -18.92
CA ASN A 60 -5.66 -13.39 -19.11
C ASN A 60 -6.19 -12.15 -18.42
N GLY A 61 -5.24 -11.23 -18.20
CA GLY A 61 -5.51 -9.99 -17.52
C GLY A 61 -5.35 -10.14 -16.04
N THR A 62 -4.50 -11.09 -15.68
CA THR A 62 -4.25 -11.43 -14.30
C THR A 62 -2.77 -11.44 -13.95
N ILE A 63 -2.48 -10.88 -12.78
CA ILE A 63 -1.15 -10.83 -12.27
C ILE A 63 -1.13 -11.51 -10.89
N ASP A 64 -0.08 -12.26 -10.67
CA ASP A 64 0.09 -13.01 -9.43
C ASP A 64 1.01 -12.27 -8.45
N PHE A 65 1.31 -12.92 -7.30
CA PHE A 65 2.16 -12.33 -6.26
C PHE A 65 3.65 -12.18 -6.65
N PRO A 66 4.27 -13.10 -7.47
CA PRO A 66 5.69 -12.97 -7.87
C PRO A 66 5.97 -11.80 -8.83
N GLU A 67 4.97 -11.49 -9.67
CA GLU A 67 5.09 -10.39 -10.63
C GLU A 67 4.63 -9.05 -10.05
N PHE A 68 3.44 -9.04 -9.41
CA PHE A 68 2.86 -7.83 -8.77
C PHE A 68 3.90 -6.95 -8.07
N LEU A 69 4.77 -7.54 -7.27
CA LEU A 69 5.79 -6.78 -6.53
C LEU A 69 7.08 -6.54 -7.29
N THR A 70 7.30 -7.27 -8.39
CA THR A 70 8.52 -7.13 -9.21
C THR A 70 8.87 -5.66 -9.48
N MET A 71 7.87 -4.80 -9.32
CA MET A 71 8.06 -3.38 -9.49
C MET A 71 8.50 -2.71 -8.19
N MET A 72 8.01 -3.19 -7.02
CA MET A 72 8.47 -2.63 -5.75
C MET A 72 9.74 -3.35 -5.33
N ALA A 73 9.87 -4.56 -5.89
CA ALA A 73 11.06 -5.37 -5.73
C ALA A 73 12.12 -4.82 -6.69
N ARG A 74 11.66 -4.01 -7.68
CA ARG A 74 12.51 -3.37 -8.61
C ARG A 74 13.17 -2.18 -7.94
N LYS A 75 12.36 -1.40 -7.19
CA LYS A 75 12.85 -0.26 -6.43
C LYS A 75 13.95 -0.70 -5.47
N MET A 76 14.00 -2.04 -5.28
CA MET A 76 15.00 -2.70 -4.46
C MET A 76 16.26 -2.93 -5.28
N LYS A 77 16.08 -3.34 -6.56
CA LYS A 77 17.22 -3.56 -7.46
C LYS A 77 17.68 -2.27 -8.15
N ASP A 78 16.85 -1.21 -8.03
CA ASP A 78 17.15 0.10 -8.60
C ASP A 78 17.20 1.16 -7.50
N THR A 79 18.23 2.01 -7.51
CA THR A 79 18.40 3.05 -6.50
C THR A 79 17.66 4.34 -6.85
N ASP A 80 16.60 4.16 -7.62
CA ASP A 80 15.72 5.26 -8.02
C ASP A 80 14.70 5.56 -6.93
N SER A 81 14.90 4.92 -5.76
CA SER A 81 14.03 5.03 -4.59
C SER A 81 14.02 6.43 -3.93
N GLU A 82 15.02 7.27 -4.28
CA GLU A 82 15.10 8.62 -3.70
C GLU A 82 14.32 9.66 -4.50
N GLU A 83 14.19 9.44 -5.81
CA GLU A 83 13.47 10.38 -6.70
C GLU A 83 11.96 10.15 -6.70
N GLU A 84 11.55 8.89 -6.51
CA GLU A 84 10.12 8.52 -6.51
C GLU A 84 9.46 8.66 -5.13
N ILE A 85 10.21 8.32 -4.08
CA ILE A 85 9.72 8.35 -2.68
C ILE A 85 8.98 9.63 -2.27
N ARG A 86 9.34 10.78 -2.84
CA ARG A 86 8.70 12.03 -2.52
C ARG A 86 7.41 12.22 -3.33
N GLU A 87 7.39 11.68 -4.56
CA GLU A 87 6.20 11.73 -5.43
C GLU A 87 5.27 10.55 -5.12
N ALA A 88 5.90 9.46 -4.64
CA ALA A 88 5.21 8.25 -4.20
C ALA A 88 4.34 8.58 -2.98
N PHE A 89 4.70 9.71 -2.35
CA PHE A 89 3.98 10.25 -1.20
C PHE A 89 2.75 10.99 -1.69
N ARG A 90 2.96 11.81 -2.75
CA ARG A 90 1.90 12.62 -3.32
C ARG A 90 0.78 11.76 -3.91
N VAL A 91 1.14 10.51 -4.20
CA VAL A 91 0.26 9.49 -4.74
C VAL A 91 -1.04 9.35 -3.91
N PHE A 92 -0.87 9.31 -2.59
CA PHE A 92 -1.97 9.19 -1.65
C PHE A 92 -2.21 10.48 -0.89
N ALA A 93 -1.11 11.21 -0.64
CA ALA A 93 -1.13 12.49 0.09
C ALA A 93 -2.33 13.38 -0.30
N LYS A 94 -2.44 13.68 -1.62
CA LYS A 94 -3.52 14.52 -2.20
C LYS A 94 -3.62 15.93 -1.59
N ASP A 95 -2.88 16.17 -0.51
CA ASP A 95 -2.87 17.47 0.16
C ASP A 95 -1.75 18.35 -0.40
N GLY A 96 -1.04 17.80 -1.41
CA GLY A 96 0.06 18.52 -2.05
C GLY A 96 1.39 18.37 -1.30
N ASN A 97 1.32 17.87 -0.05
CA ASN A 97 2.50 17.69 0.79
C ASN A 97 2.33 16.52 1.76
N GLY A 98 1.28 16.56 2.60
CA GLY A 98 1.05 15.52 3.56
C GLY A 98 1.51 15.95 4.93
N TYR A 99 0.56 16.08 5.86
CA TYR A 99 0.86 16.50 7.23
C TYR A 99 0.84 15.36 8.21
N ILE A 100 1.31 15.69 9.42
CA ILE A 100 1.39 14.77 10.53
C ILE A 100 0.00 14.31 11.00
N SER A 101 -0.44 13.10 10.60
CA SER A 101 -1.66 12.56 11.14
C SER A 101 -1.63 11.03 11.15
N ALA A 102 -1.92 10.46 12.34
CA ALA A 102 -2.03 9.01 12.51
C ALA A 102 -3.36 8.54 11.93
N ALA A 103 -4.27 9.53 11.81
CA ALA A 103 -5.61 9.34 11.24
C ALA A 103 -5.51 9.01 9.75
N GLU A 104 -4.32 9.26 9.17
CA GLU A 104 -4.04 8.98 7.75
C GLU A 104 -4.49 7.58 7.34
N LEU A 105 -4.26 6.59 8.22
CA LEU A 105 -4.67 5.19 7.97
C LEU A 105 -6.16 5.05 7.73
N ARG A 106 -6.88 6.03 8.24
CA ARG A 106 -8.31 6.12 8.12
C ARG A 106 -8.69 6.78 6.78
N HIS A 107 -7.82 7.69 6.28
CA HIS A 107 -8.08 8.36 5.00
C HIS A 107 -7.53 7.54 3.84
N VAL A 108 -6.42 6.84 4.09
CA VAL A 108 -5.77 5.99 3.08
C VAL A 108 -6.66 4.79 2.68
N MET A 109 -7.42 4.26 3.65
CA MET A 109 -8.28 3.11 3.40
C MET A 109 -9.67 3.51 2.86
N THR A 110 -10.19 4.64 3.33
CA THR A 110 -11.49 5.13 2.87
C THR A 110 -11.31 5.85 1.53
N ASN A 111 -10.06 6.22 1.20
CA ASN A 111 -9.73 6.82 -0.11
C ASN A 111 -10.11 5.78 -1.16
N LEU A 112 -9.94 4.50 -0.77
CA LEU A 112 -10.34 3.37 -1.57
C LEU A 112 -11.76 2.97 -1.17
N GLY A 113 -12.18 3.48 0.01
CA GLY A 113 -13.52 3.24 0.55
C GLY A 113 -13.65 1.91 1.27
N GLU A 114 -12.54 1.49 1.85
CA GLU A 114 -12.42 0.24 2.57
C GLU A 114 -13.31 0.19 3.79
N LYS A 115 -13.82 -1.01 4.07
CA LYS A 115 -14.70 -1.25 5.16
C LYS A 115 -14.02 -2.09 6.23
N LEU A 116 -13.81 -1.45 7.36
CA LEU A 116 -13.17 -2.07 8.51
C LEU A 116 -13.95 -1.76 9.79
N THR A 117 -13.63 -2.46 10.88
CA THR A 117 -14.29 -2.23 12.17
C THR A 117 -13.74 -0.96 12.81
N ASP A 118 -14.56 -0.29 13.62
CA ASP A 118 -14.18 0.97 14.28
C ASP A 118 -12.92 0.82 15.14
N GLU A 119 -12.81 -0.31 15.85
CA GLU A 119 -11.66 -0.58 16.71
C GLU A 119 -10.52 -1.28 15.97
N GLU A 120 -10.83 -1.95 14.85
CA GLU A 120 -9.84 -2.63 14.04
C GLU A 120 -8.82 -1.62 13.50
N VAL A 121 -9.32 -0.51 12.94
CA VAL A 121 -8.49 0.54 12.44
C VAL A 121 -8.10 1.53 13.55
N ASP A 122 -8.84 1.54 14.68
CA ASP A 122 -8.51 2.43 15.79
C ASP A 122 -7.25 1.94 16.48
N GLU A 123 -6.97 0.65 16.31
CA GLU A 123 -5.79 0.02 16.83
C GLU A 123 -4.64 0.18 15.85
N MET A 124 -4.95 0.01 14.54
CA MET A 124 -3.96 0.18 13.47
C MET A 124 -3.60 1.65 13.36
N ILE A 125 -4.51 2.49 13.87
CA ILE A 125 -4.33 3.93 13.91
C ILE A 125 -3.49 4.27 15.15
N ARG A 126 -3.72 3.52 16.24
CA ARG A 126 -3.00 3.71 17.49
C ARG A 126 -1.65 3.05 17.48
N GLU A 127 -1.46 2.23 16.47
CA GLU A 127 -0.21 1.51 16.23
C GLU A 127 0.89 2.53 15.84
N ALA A 128 0.47 3.80 15.73
CA ALA A 128 1.36 4.89 15.36
C ALA A 128 1.38 6.00 16.42
N ALA A 129 0.55 5.86 17.48
CA ALA A 129 0.48 6.87 18.57
C ALA A 129 1.84 7.13 19.21
N ILE A 130 2.37 8.33 18.96
CA ILE A 130 3.65 8.75 19.49
C ILE A 130 3.46 9.74 20.65
N ASP A 131 3.97 9.36 21.83
CA ASP A 131 3.87 10.15 23.09
C ASP A 131 2.42 10.35 23.54
N GLY A 132 1.52 10.50 22.57
CA GLY A 132 0.10 10.70 22.82
C GLY A 132 -0.57 11.53 21.74
N ASP A 133 -0.05 11.44 20.50
CA ASP A 133 -0.60 12.17 19.35
C ASP A 133 -0.69 11.23 18.14
N GLY A 134 0.46 10.66 17.75
CA GLY A 134 0.51 9.71 16.64
C GLY A 134 0.59 10.33 15.25
N GLN A 135 0.35 11.65 15.13
CA GLN A 135 0.37 12.31 13.81
C GLN A 135 1.75 12.16 13.14
N VAL A 136 1.74 11.92 11.82
CA VAL A 136 2.99 11.66 11.07
C VAL A 136 3.00 12.22 9.62
N ASN A 137 3.93 13.16 9.38
CA ASN A 137 4.17 13.80 8.07
C ASN A 137 5.11 12.92 7.21
N TYR A 138 5.63 13.52 6.13
CA TYR A 138 6.57 12.89 5.18
C TYR A 138 7.77 12.18 5.87
N GLU A 139 8.04 12.55 7.13
CA GLU A 139 9.17 11.99 7.90
C GLU A 139 9.01 10.47 8.20
N GLU A 140 7.90 10.06 8.84
CA GLU A 140 7.69 8.66 9.20
C GLU A 140 6.98 7.85 8.12
N PHE A 141 6.09 8.49 7.34
CA PHE A 141 5.34 7.80 6.28
C PHE A 141 6.23 7.44 5.08
N VAL A 142 7.44 8.04 5.03
CA VAL A 142 8.43 7.77 3.97
C VAL A 142 9.21 6.51 4.31
N GLN A 143 9.48 6.32 5.62
CA GLN A 143 10.19 5.16 6.11
C GLN A 143 9.45 3.88 5.73
N MET A 144 8.11 4.01 5.64
CA MET A 144 7.24 2.94 5.21
C MET A 144 7.51 2.65 3.73
N MET A 145 7.95 3.71 3.01
CA MET A 145 8.27 3.60 1.60
C MET A 145 9.75 3.26 1.36
N THR A 146 10.65 3.67 2.30
CA THR A 146 12.08 3.42 2.16
C THR A 146 12.47 2.00 2.62
N ALA A 147 11.68 1.44 3.55
CA ALA A 147 11.90 0.11 4.08
C ALA A 147 11.31 -0.97 3.18
N LYS A 148 12.08 -2.05 2.98
CA LYS A 148 11.64 -3.18 2.14
C LYS A 148 11.10 -4.33 2.99
N ALA B 1 4.63 0.85 41.13
CA ALA B 1 5.01 -0.54 40.78
C ALA B 1 3.79 -1.42 40.58
N GLY B 2 3.78 -2.16 39.47
CA GLY B 2 2.67 -3.05 39.15
C GLY B 2 3.05 -4.13 38.17
N HIS B 3 3.16 -3.76 36.89
CA HIS B 3 3.53 -4.70 35.83
C HIS B 3 5.01 -4.59 35.48
N MET B 4 5.52 -3.34 35.40
CA MET B 4 6.94 -3.03 35.07
C MET B 4 7.29 -3.32 33.60
N ARG B 5 6.93 -4.52 33.13
CA ARG B 5 7.21 -4.93 31.76
C ARG B 5 5.89 -5.30 31.02
N PRO B 6 5.29 -4.35 30.23
CA PRO B 6 4.05 -4.61 29.48
C PRO B 6 4.26 -5.49 28.26
N LYS B 7 3.23 -6.27 27.91
CA LYS B 7 3.30 -7.17 26.76
C LYS B 7 2.09 -6.97 25.85
N ARG B 8 2.35 -6.51 24.62
CA ARG B 8 1.29 -6.27 23.62
C ARG B 8 1.72 -6.73 22.24
N ARG B 9 0.75 -7.15 21.43
CA ARG B 9 1.01 -7.63 20.07
C ARG B 9 0.60 -6.58 19.05
N GLU B 10 1.53 -6.28 18.12
CA GLU B 10 1.29 -5.28 17.07
C GLU B 10 1.69 -5.83 15.71
N ILE B 11 0.95 -5.42 14.67
CA ILE B 11 1.22 -5.86 13.29
C ILE B 11 1.69 -4.68 12.40
N PRO B 12 2.44 -4.93 11.29
CA PRO B 12 2.93 -3.86 10.39
C PRO B 12 1.87 -3.40 9.39
N LEU B 13 1.74 -2.08 9.25
CA LEU B 13 0.78 -1.49 8.30
C LEU B 13 1.51 -0.96 7.05
N LYS B 14 2.75 -1.41 6.85
CA LYS B 14 3.57 -1.00 5.71
C LYS B 14 3.08 -1.64 4.41
N VAL B 15 1.85 -1.28 4.03
CA VAL B 15 1.20 -1.79 2.82
C VAL B 15 0.23 -0.77 2.23
N LEU B 16 -0.44 -0.05 3.12
CA LEU B 16 -1.43 0.96 2.77
C LEU B 16 -0.87 2.06 1.83
N VAL B 17 0.42 1.93 1.52
CA VAL B 17 1.13 2.84 0.62
C VAL B 17 2.08 2.02 -0.23
N LYS B 18 2.62 0.93 0.36
CA LYS B 18 3.49 0.01 -0.35
C LYS B 18 2.73 -0.72 -1.45
N ALA B 19 1.40 -0.78 -1.28
CA ALA B 19 0.50 -1.38 -2.26
C ALA B 19 0.11 -0.30 -3.29
N VAL B 20 0.99 0.69 -3.35
CA VAL B 20 0.85 1.85 -4.20
C VAL B 20 2.19 2.17 -4.85
N LEU B 21 3.33 1.78 -4.19
CA LEU B 21 4.65 1.99 -4.77
C LEU B 21 4.83 1.11 -5.99
N PHE B 22 3.95 0.10 -6.09
CA PHE B 22 3.92 -0.83 -7.21
C PHE B 22 3.28 -0.15 -8.44
N ALA B 23 2.49 0.90 -8.18
CA ALA B 23 1.81 1.66 -9.22
C ALA B 23 2.42 3.05 -9.41
N CYS B 24 3.38 3.41 -8.55
CA CYS B 24 4.07 4.71 -8.62
C CYS B 24 5.19 4.70 -9.67
N MET B 25 5.20 3.65 -10.50
CA MET B 25 6.20 3.50 -11.56
C MET B 25 5.55 3.33 -12.94
N LEU B 26 4.26 2.92 -12.97
CA LEU B 26 3.52 2.69 -14.22
C LEU B 26 3.48 3.94 -15.12
N MET B 27 3.19 5.10 -14.52
CA MET B 27 3.12 6.36 -15.25
C MET B 27 3.74 7.49 -14.41
N ARG B 28 5.07 7.53 -14.37
CA ARG B 28 5.82 8.54 -13.63
C ARG B 28 6.03 9.82 -14.46
N LYS B 29 6.52 9.66 -15.69
CA LYS B 29 6.75 10.80 -16.59
C LYS B 29 5.60 10.95 -17.59
N ALA A 1 -1.11 -22.50 0.80
CA ALA A 1 -0.55 -21.12 0.82
C ALA A 1 0.46 -20.96 1.95
N ASP A 2 1.60 -20.32 1.64
CA ASP A 2 2.66 -20.09 2.61
C ASP A 2 2.60 -18.66 3.14
N GLN A 3 2.87 -18.50 4.44
CA GLN A 3 2.85 -17.19 5.10
C GLN A 3 4.14 -16.96 5.89
N LEU A 4 4.62 -15.72 5.87
CA LEU A 4 5.85 -15.34 6.58
C LEU A 4 5.52 -14.60 7.88
N THR A 5 6.52 -13.92 8.48
CA THR A 5 6.32 -13.15 9.71
C THR A 5 5.34 -12.00 9.43
N GLU A 6 4.50 -11.70 10.43
CA GLU A 6 3.42 -10.71 10.36
C GLU A 6 3.70 -9.41 9.58
N GLU A 7 4.75 -8.67 9.96
CA GLU A 7 5.05 -7.39 9.30
C GLU A 7 5.84 -7.54 8.01
N GLN A 8 6.46 -8.70 7.81
CA GLN A 8 7.22 -8.96 6.60
C GLN A 8 6.25 -9.24 5.45
N ILE A 9 5.22 -10.05 5.74
CA ILE A 9 4.17 -10.39 4.78
C ILE A 9 3.02 -9.38 4.81
N ALA A 10 2.96 -8.56 5.90
CA ALA A 10 1.89 -7.56 6.10
C ALA A 10 1.51 -6.69 4.90
N GLU A 11 2.52 -6.15 4.19
CA GLU A 11 2.28 -5.20 3.11
C GLU A 11 1.61 -5.87 1.91
N PHE A 12 2.28 -6.84 1.29
CA PHE A 12 1.70 -7.54 0.15
C PHE A 12 0.46 -8.33 0.56
N LYS A 13 0.33 -8.62 1.89
CA LYS A 13 -0.85 -9.30 2.40
C LYS A 13 -2.08 -8.43 2.30
N GLU A 14 -1.98 -7.28 2.93
CA GLU A 14 -3.07 -6.36 2.96
C GLU A 14 -3.29 -5.77 1.58
N ALA A 15 -2.18 -5.71 0.84
CA ALA A 15 -2.18 -5.23 -0.52
C ALA A 15 -2.59 -6.34 -1.50
N PHE A 16 -2.88 -7.47 -0.88
CA PHE A 16 -3.33 -8.68 -1.59
C PHE A 16 -4.85 -8.60 -1.77
N SER A 17 -5.53 -8.09 -0.73
CA SER A 17 -6.99 -7.92 -0.76
C SER A 17 -7.36 -6.60 -1.45
N LEU A 18 -6.37 -5.71 -1.60
CA LEU A 18 -6.54 -4.41 -2.27
C LEU A 18 -7.09 -4.57 -3.69
N PHE A 19 -6.63 -5.64 -4.34
CA PHE A 19 -6.98 -5.95 -5.72
C PHE A 19 -7.96 -7.11 -5.81
N ASP A 20 -7.68 -8.15 -5.02
CA ASP A 20 -8.43 -9.39 -5.06
C ASP A 20 -9.95 -9.26 -4.77
N LYS A 21 -10.76 -9.15 -5.85
CA LYS A 21 -12.22 -9.10 -5.75
C LYS A 21 -12.74 -10.53 -5.74
N ASP A 22 -12.21 -11.27 -6.71
CA ASP A 22 -12.49 -12.70 -6.89
C ASP A 22 -11.51 -13.48 -6.00
N GLY A 23 -10.22 -13.16 -6.15
CA GLY A 23 -9.17 -13.75 -5.33
C GLY A 23 -8.93 -15.23 -5.51
N ASP A 24 -8.66 -15.64 -6.75
CA ASP A 24 -8.32 -17.04 -7.07
C ASP A 24 -6.92 -17.33 -6.50
N GLY A 25 -6.41 -16.26 -5.91
CA GLY A 25 -5.11 -16.22 -5.27
C GLY A 25 -4.14 -15.37 -6.06
N THR A 26 -4.69 -14.65 -7.04
CA THR A 26 -3.94 -13.77 -7.90
C THR A 26 -4.57 -12.39 -8.01
N ILE A 27 -3.83 -11.51 -8.69
CA ILE A 27 -4.22 -10.16 -8.95
C ILE A 27 -4.46 -9.95 -10.41
N THR A 28 -5.57 -9.34 -10.69
CA THR A 28 -5.96 -9.09 -12.06
C THR A 28 -5.79 -7.64 -12.45
N THR A 29 -5.93 -7.44 -13.75
CA THR A 29 -5.79 -6.15 -14.41
C THR A 29 -6.91 -5.16 -14.02
N LYS A 30 -8.19 -5.60 -14.06
CA LYS A 30 -9.32 -4.72 -13.70
C LYS A 30 -9.19 -4.20 -12.25
N GLU A 31 -8.46 -4.96 -11.43
CA GLU A 31 -8.19 -4.63 -10.04
C GLU A 31 -7.09 -3.58 -9.94
N LEU A 32 -6.05 -3.79 -10.75
CA LEU A 32 -4.88 -2.93 -10.83
C LEU A 32 -5.23 -1.47 -11.06
N GLY A 33 -6.32 -1.23 -11.78
CA GLY A 33 -6.78 0.12 -11.99
C GLY A 33 -7.62 0.61 -10.84
N THR A 34 -8.41 -0.30 -10.29
CA THR A 34 -9.25 -0.03 -9.12
C THR A 34 -8.37 0.47 -7.97
N VAL A 35 -7.09 0.09 -8.02
CA VAL A 35 -6.11 0.47 -7.00
C VAL A 35 -5.64 1.91 -7.22
N MET A 36 -5.04 2.10 -8.38
CA MET A 36 -4.49 3.39 -8.84
C MET A 36 -5.52 4.50 -8.98
N ARG A 37 -6.59 4.20 -9.70
CA ARG A 37 -7.64 5.16 -10.04
C ARG A 37 -8.14 6.01 -8.87
N SER A 38 -8.13 5.40 -7.69
CA SER A 38 -8.60 6.02 -6.44
C SER A 38 -7.93 7.37 -6.11
N LEU A 39 -6.64 7.48 -6.40
CA LEU A 39 -5.87 8.69 -6.12
C LEU A 39 -6.05 9.77 -7.21
N GLY A 40 -6.83 9.46 -8.26
CA GLY A 40 -7.07 10.40 -9.33
C GLY A 40 -6.39 10.02 -10.64
N GLN A 41 -6.27 8.72 -10.87
CA GLN A 41 -5.64 8.19 -12.08
C GLN A 41 -6.71 7.67 -13.05
N ASN A 42 -6.54 7.99 -14.33
CA ASN A 42 -7.48 7.55 -15.37
C ASN A 42 -6.73 6.83 -16.51
N PRO A 43 -6.18 5.61 -16.25
CA PRO A 43 -5.44 4.82 -17.25
C PRO A 43 -6.36 3.98 -18.15
N THR A 44 -5.81 3.51 -19.28
CA THR A 44 -6.53 2.67 -20.24
C THR A 44 -6.96 1.33 -19.63
N GLU A 45 -7.88 0.64 -20.33
CA GLU A 45 -8.39 -0.67 -19.90
C GLU A 45 -7.40 -1.77 -20.27
N ALA A 46 -6.63 -1.51 -21.32
CA ALA A 46 -5.58 -2.41 -21.73
C ALA A 46 -4.32 -2.08 -20.96
N GLU A 47 -4.30 -0.87 -20.34
CA GLU A 47 -3.17 -0.41 -19.53
C GLU A 47 -2.92 -1.31 -18.33
N LEU A 48 -3.97 -2.01 -17.90
CA LEU A 48 -3.89 -2.96 -16.79
C LEU A 48 -3.46 -4.31 -17.33
N GLN A 49 -4.06 -4.72 -18.47
CA GLN A 49 -3.66 -5.96 -19.16
C GLN A 49 -2.21 -5.78 -19.62
N ASP A 50 -1.83 -4.49 -19.81
CA ASP A 50 -0.49 -4.09 -20.18
C ASP A 50 0.36 -3.90 -18.92
N MET A 51 -0.24 -3.33 -17.84
CA MET A 51 0.53 -3.16 -16.56
C MET A 51 0.93 -4.52 -15.99
N ILE A 52 0.12 -5.56 -16.25
CA ILE A 52 0.42 -6.92 -15.79
C ILE A 52 1.35 -7.65 -16.79
N ASN A 53 1.47 -7.08 -18.00
CA ASN A 53 2.28 -7.65 -19.07
C ASN A 53 3.76 -7.46 -18.80
N GLU A 54 4.14 -6.23 -18.45
CA GLU A 54 5.53 -5.89 -18.14
C GLU A 54 5.98 -6.46 -16.81
N VAL A 55 5.02 -6.64 -15.91
CA VAL A 55 5.29 -7.26 -14.62
C VAL A 55 4.56 -8.62 -14.65
N ASP A 56 4.72 -9.29 -15.81
CA ASP A 56 4.08 -10.58 -16.13
C ASP A 56 4.43 -11.74 -15.18
N ALA A 57 3.51 -12.05 -14.25
CA ALA A 57 3.68 -13.18 -13.33
C ALA A 57 3.09 -14.45 -13.92
N ASP A 58 1.84 -14.32 -14.36
CA ASP A 58 1.10 -15.41 -15.00
C ASP A 58 0.74 -15.03 -16.44
N GLY A 59 0.70 -13.71 -16.69
CA GLY A 59 0.45 -13.16 -18.01
C GLY A 59 -0.94 -13.33 -18.54
N ASN A 60 -1.85 -13.78 -17.69
CA ASN A 60 -3.24 -13.89 -18.07
C ASN A 60 -3.92 -12.64 -17.56
N GLY A 61 -3.06 -11.64 -17.29
CA GLY A 61 -3.49 -10.37 -16.76
C GLY A 61 -3.59 -10.44 -15.26
N THR A 62 -2.78 -11.33 -14.72
CA THR A 62 -2.73 -11.58 -13.30
C THR A 62 -1.33 -11.51 -12.76
N ILE A 63 -1.21 -10.97 -11.56
CA ILE A 63 0.04 -10.86 -10.87
C ILE A 63 -0.10 -11.48 -9.48
N ASP A 64 0.92 -12.19 -9.10
CA ASP A 64 0.98 -12.89 -7.83
C ASP A 64 1.91 -12.15 -6.85
N PHE A 65 2.14 -12.75 -5.67
CA PHE A 65 3.00 -12.15 -4.63
C PHE A 65 4.49 -11.98 -5.05
N PRO A 66 5.12 -12.91 -5.87
CA PRO A 66 6.54 -12.75 -6.28
C PRO A 66 6.78 -11.55 -7.21
N GLU A 67 5.81 -11.25 -8.10
CA GLU A 67 5.92 -10.14 -9.02
C GLU A 67 5.38 -8.83 -8.43
N PHE A 68 4.18 -8.91 -7.81
CA PHE A 68 3.52 -7.77 -7.14
C PHE A 68 4.49 -6.74 -6.54
N LEU A 69 5.42 -7.20 -5.71
CA LEU A 69 6.38 -6.33 -5.04
C LEU A 69 7.64 -6.04 -5.84
N THR A 70 7.90 -6.84 -6.88
CA THR A 70 9.11 -6.66 -7.73
C THR A 70 9.30 -5.20 -8.13
N MET A 71 8.22 -4.43 -8.05
CA MET A 71 8.25 -3.01 -8.34
C MET A 71 8.62 -2.20 -7.11
N MET A 72 8.21 -2.64 -5.89
CA MET A 72 8.60 -1.92 -4.67
C MET A 72 9.95 -2.46 -4.23
N ALA A 73 10.22 -3.69 -4.67
CA ALA A 73 11.49 -4.34 -4.46
C ALA A 73 12.47 -3.78 -5.49
N ARG A 74 11.90 -3.14 -6.54
CA ARG A 74 12.67 -2.48 -7.56
C ARG A 74 13.21 -1.17 -7.02
N LYS A 75 12.34 -0.43 -6.33
CA LYS A 75 12.70 0.83 -5.71
C LYS A 75 13.84 0.60 -4.71
N MET A 76 14.03 -0.69 -4.38
CA MET A 76 15.08 -1.17 -3.50
C MET A 76 16.35 -1.39 -4.31
N LYS A 77 16.20 -1.96 -5.54
CA LYS A 77 17.36 -2.19 -6.41
C LYS A 77 17.74 -0.94 -7.23
N ASP A 78 16.84 0.04 -7.23
CA ASP A 78 17.06 1.32 -7.91
C ASP A 78 17.10 2.46 -6.90
N THR A 79 18.00 3.44 -7.14
CA THR A 79 18.16 4.59 -6.24
C THR A 79 17.19 5.72 -6.56
N ASP A 80 16.07 5.34 -7.14
CA ASP A 80 14.99 6.26 -7.49
C ASP A 80 14.09 6.50 -6.27
N SER A 81 14.55 5.98 -5.11
CA SER A 81 13.84 6.07 -3.82
C SER A 81 13.67 7.51 -3.29
N GLU A 82 14.43 8.46 -3.85
CA GLU A 82 14.39 9.86 -3.40
C GLU A 82 13.25 10.67 -4.06
N GLU A 83 13.03 10.45 -5.37
CA GLU A 83 12.00 11.20 -6.11
C GLU A 83 10.61 10.56 -6.03
N GLU A 84 10.55 9.29 -5.63
CA GLU A 84 9.28 8.54 -5.52
C GLU A 84 8.57 8.74 -4.17
N ILE A 85 9.36 8.71 -3.09
CA ILE A 85 8.84 8.84 -1.71
C ILE A 85 8.04 10.14 -1.46
N ARG A 86 8.38 11.21 -2.17
CA ARG A 86 7.70 12.49 -2.02
C ARG A 86 6.36 12.50 -2.78
N GLU A 87 6.32 11.75 -3.89
CA GLU A 87 5.10 11.62 -4.71
C GLU A 87 4.23 10.50 -4.15
N ALA A 88 4.92 9.52 -3.53
CA ALA A 88 4.28 8.40 -2.84
C ALA A 88 3.58 8.94 -1.59
N PHE A 89 3.98 10.16 -1.22
CA PHE A 89 3.38 10.89 -0.11
C PHE A 89 2.06 11.49 -0.57
N ARG A 90 2.08 12.03 -1.80
CA ARG A 90 0.91 12.66 -2.39
C ARG A 90 -0.27 11.68 -2.51
N VAL A 91 0.10 10.40 -2.47
CA VAL A 91 -0.83 9.27 -2.52
C VAL A 91 -1.89 9.35 -1.41
N PHE A 92 -1.41 9.68 -0.20
CA PHE A 92 -2.23 9.80 0.99
C PHE A 92 -2.45 11.27 1.29
N ALA A 93 -1.43 12.08 0.97
CA ALA A 93 -1.48 13.52 1.17
C ALA A 93 -2.28 14.21 0.06
N LYS A 94 -3.36 14.89 0.45
CA LYS A 94 -4.23 15.60 -0.52
C LYS A 94 -3.63 16.93 -0.92
N ASP A 95 -2.96 17.56 0.03
CA ASP A 95 -2.26 18.82 -0.21
C ASP A 95 -0.82 18.51 -0.60
N GLY A 96 -0.53 17.20 -0.68
CA GLY A 96 0.81 16.73 -1.01
C GLY A 96 1.76 16.78 0.19
N ASN A 97 1.64 17.88 0.97
CA ASN A 97 2.46 18.13 2.15
C ASN A 97 1.78 19.14 3.08
N GLY A 98 2.42 19.41 4.23
CA GLY A 98 1.91 20.38 5.19
C GLY A 98 1.36 19.74 6.44
N TYR A 99 0.24 19.02 6.29
CA TYR A 99 -0.41 18.35 7.43
C TYR A 99 -1.40 17.27 6.96
N ILE A 100 -1.04 16.00 7.23
CA ILE A 100 -1.91 14.88 6.88
C ILE A 100 -2.06 13.92 8.06
N SER A 101 -3.25 13.94 8.67
CA SER A 101 -3.59 13.14 9.85
C SER A 101 -3.73 11.66 9.58
N ALA A 102 -3.44 10.92 10.66
CA ALA A 102 -3.59 9.46 10.67
C ALA A 102 -5.07 9.13 10.61
N ALA A 103 -5.89 10.18 10.85
CA ALA A 103 -7.35 10.09 10.79
C ALA A 103 -7.80 9.91 9.34
N GLU A 104 -6.89 10.25 8.41
CA GLU A 104 -7.12 10.13 6.98
C GLU A 104 -7.12 8.65 6.54
N LEU A 105 -6.55 7.78 7.41
CA LEU A 105 -6.51 6.32 7.19
C LEU A 105 -7.88 5.74 6.90
N ARG A 106 -8.86 6.45 7.41
CA ARG A 106 -10.26 6.11 7.27
C ARG A 106 -10.79 6.58 5.90
N HIS A 107 -10.23 7.70 5.40
CA HIS A 107 -10.65 8.24 4.10
C HIS A 107 -9.88 7.63 2.92
N VAL A 108 -8.56 7.49 3.05
CA VAL A 108 -7.75 6.90 1.97
C VAL A 108 -8.08 5.43 1.74
N MET A 109 -8.40 4.71 2.83
CA MET A 109 -8.76 3.29 2.73
C MET A 109 -10.12 3.09 2.10
N THR A 110 -11.09 3.95 2.43
CA THR A 110 -12.43 3.83 1.85
C THR A 110 -12.42 4.50 0.47
N ASN A 111 -11.41 5.36 0.23
CA ASN A 111 -11.22 5.99 -1.09
C ASN A 111 -10.91 4.86 -2.08
N LEU A 112 -10.28 3.82 -1.52
CA LEU A 112 -9.98 2.58 -2.24
C LEU A 112 -11.12 1.59 -1.96
N GLY A 113 -11.86 1.89 -0.86
CA GLY A 113 -13.00 1.09 -0.44
C GLY A 113 -12.66 -0.06 0.47
N GLU A 114 -11.60 0.11 1.24
CA GLU A 114 -11.11 -0.87 2.19
C GLU A 114 -12.12 -1.13 3.30
N LYS A 115 -12.13 -2.36 3.78
CA LYS A 115 -13.05 -2.78 4.79
C LYS A 115 -12.37 -3.04 6.11
N LEU A 116 -12.70 -2.19 7.06
CA LEU A 116 -12.18 -2.24 8.42
C LEU A 116 -13.30 -2.07 9.44
N THR A 117 -13.03 -2.41 10.71
CA THR A 117 -14.03 -2.26 11.77
C THR A 117 -13.93 -0.86 12.38
N ASP A 118 -14.99 -0.43 13.09
CA ASP A 118 -15.04 0.90 13.70
C ASP A 118 -13.93 1.12 14.75
N GLU A 119 -13.73 0.14 15.62
CA GLU A 119 -12.72 0.22 16.67
C GLU A 119 -11.36 -0.32 16.22
N GLU A 120 -11.34 -1.21 15.21
CA GLU A 120 -10.10 -1.76 14.70
C GLU A 120 -9.24 -0.65 14.11
N VAL A 121 -9.86 0.21 13.30
CA VAL A 121 -9.17 1.34 12.72
C VAL A 121 -9.11 2.52 13.68
N ASP A 122 -9.98 2.54 14.71
CA ASP A 122 -9.97 3.63 15.70
C ASP A 122 -8.74 3.52 16.59
N GLU A 123 -8.22 2.29 16.68
CA GLU A 123 -7.02 1.99 17.43
C GLU A 123 -5.80 2.19 16.53
N MET A 124 -5.92 1.74 15.26
CA MET A 124 -4.85 1.91 14.28
C MET A 124 -4.72 3.38 13.95
N ILE A 125 -5.80 4.12 14.19
CA ILE A 125 -5.86 5.55 13.97
C ILE A 125 -5.20 6.25 15.17
N ARG A 126 -5.43 5.66 16.38
CA ARG A 126 -4.87 6.21 17.60
C ARG A 126 -3.45 5.78 17.83
N GLU A 127 -3.05 4.82 17.02
CA GLU A 127 -1.70 4.28 17.01
C GLU A 127 -0.71 5.33 16.48
N ALA A 128 -1.26 6.49 16.07
CA ALA A 128 -0.46 7.58 15.51
C ALA A 128 -0.91 8.96 16.01
N ALA A 129 -1.86 9.01 16.96
CA ALA A 129 -2.36 10.28 17.51
C ALA A 129 -1.23 11.10 18.15
N ILE A 130 -0.89 12.21 17.51
CA ILE A 130 0.16 13.10 17.99
C ILE A 130 -0.45 14.38 18.53
N ASP A 131 0.17 14.86 19.61
CA ASP A 131 -0.25 16.06 20.38
C ASP A 131 -1.69 15.97 20.92
N GLY A 132 -2.54 15.31 20.13
CA GLY A 132 -3.94 15.12 20.47
C GLY A 132 -4.86 15.38 19.29
N ASP A 133 -4.29 15.93 18.21
CA ASP A 133 -5.04 16.22 16.98
C ASP A 133 -4.95 15.03 16.01
N GLY A 134 -3.72 14.54 15.80
CA GLY A 134 -3.51 13.38 14.93
C GLY A 134 -2.96 13.72 13.55
N GLN A 135 -2.70 15.01 13.27
CA GLN A 135 -2.18 15.41 11.95
C GLN A 135 -0.66 15.28 11.89
N VAL A 136 -0.18 14.75 10.75
CA VAL A 136 1.28 14.52 10.56
C VAL A 136 1.75 14.87 9.14
N ASN A 137 2.90 15.54 9.06
CA ASN A 137 3.49 15.97 7.79
C ASN A 137 4.46 14.91 7.19
N TYR A 138 5.25 15.34 6.19
CA TYR A 138 6.23 14.51 5.46
C TYR A 138 7.30 13.87 6.37
N GLU A 139 7.48 14.41 7.58
CA GLU A 139 8.49 13.91 8.53
C GLU A 139 8.22 12.47 9.01
N GLU A 140 6.99 12.19 9.48
CA GLU A 140 6.64 10.86 10.01
C GLU A 140 6.08 9.88 8.98
N PHE A 141 5.09 10.29 8.18
CA PHE A 141 4.46 9.40 7.18
C PHE A 141 5.44 8.89 6.12
N VAL A 142 6.60 9.55 5.99
CA VAL A 142 7.64 9.14 5.06
C VAL A 142 8.48 8.04 5.70
N GLN A 143 8.79 8.24 7.00
CA GLN A 143 9.56 7.28 7.76
C GLN A 143 8.91 5.89 7.72
N MET A 144 7.58 5.91 7.58
CA MET A 144 6.78 4.69 7.43
C MET A 144 7.28 3.94 6.19
N MET A 145 7.66 4.72 5.15
CA MET A 145 8.18 4.15 3.91
C MET A 145 9.72 4.04 3.91
N THR A 146 10.41 5.05 4.48
CA THR A 146 11.88 5.06 4.47
C THR A 146 12.51 4.00 5.38
N ALA A 147 11.77 3.60 6.43
CA ALA A 147 12.24 2.60 7.38
C ALA A 147 11.84 1.19 6.94
N LYS A 148 12.79 0.26 7.04
CA LYS A 148 12.56 -1.14 6.65
C LYS A 148 12.30 -2.00 7.89
N ALA B 1 16.38 -16.76 11.95
CA ALA B 1 15.08 -17.19 11.36
C ALA B 1 14.23 -17.93 12.38
N GLY B 2 12.96 -17.55 12.48
CA GLY B 2 12.04 -18.18 13.42
C GLY B 2 11.17 -17.16 14.13
N HIS B 3 10.91 -17.43 15.42
CA HIS B 3 10.07 -16.54 16.24
C HIS B 3 10.77 -16.18 17.55
N MET B 4 10.46 -14.99 18.08
CA MET B 4 11.05 -14.51 19.32
C MET B 4 10.11 -14.73 20.51
N ARG B 5 8.81 -14.47 20.30
CA ARG B 5 7.80 -14.63 21.34
C ARG B 5 6.76 -15.69 20.93
N PRO B 6 6.02 -16.32 21.90
CA PRO B 6 5.00 -17.34 21.58
C PRO B 6 3.71 -16.74 21.00
N LYS B 7 3.36 -15.54 21.46
CA LYS B 7 2.15 -14.85 21.00
C LYS B 7 2.49 -13.83 19.91
N ARG B 8 1.60 -13.71 18.92
CA ARG B 8 1.80 -12.76 17.82
C ARG B 8 0.70 -11.70 17.82
N ARG B 9 1.12 -10.44 17.99
CA ARG B 9 0.19 -9.30 18.02
C ARG B 9 0.76 -8.13 17.24
N GLU B 10 -0.08 -7.51 16.40
CA GLU B 10 0.32 -6.36 15.59
C GLU B 10 -0.39 -5.09 16.07
N ILE B 11 0.28 -3.95 15.89
CA ILE B 11 -0.26 -2.65 16.31
C ILE B 11 0.00 -1.51 15.30
N PRO B 12 1.11 -1.52 14.46
CA PRO B 12 1.37 -0.43 13.49
C PRO B 12 0.46 -0.50 12.27
N LEU B 13 0.24 0.65 11.63
CA LEU B 13 -0.60 0.73 10.43
C LEU B 13 0.24 0.71 9.14
N LYS B 14 1.37 0.00 9.18
CA LYS B 14 2.30 -0.08 8.04
C LYS B 14 1.73 -0.98 6.91
N VAL B 15 0.53 -0.62 6.45
CA VAL B 15 -0.15 -1.34 5.37
C VAL B 15 -1.07 -0.44 4.59
N LEU B 16 -1.92 0.25 5.32
CA LEU B 16 -2.86 1.19 4.78
C LEU B 16 -2.15 2.45 4.21
N VAL B 17 -0.82 2.37 4.16
CA VAL B 17 0.03 3.44 3.64
C VAL B 17 1.11 2.79 2.78
N LYS B 18 1.65 1.67 3.28
CA LYS B 18 2.65 0.91 2.56
C LYS B 18 2.08 0.25 1.30
N ALA B 19 0.80 -0.13 1.38
CA ALA B 19 0.10 -0.72 0.24
C ALA B 19 -0.46 0.40 -0.63
N VAL B 20 0.14 1.57 -0.41
CA VAL B 20 -0.19 2.80 -1.09
C VAL B 20 1.10 3.51 -1.56
N LEU B 21 2.25 3.19 -0.92
CA LEU B 21 3.53 3.78 -1.33
C LEU B 21 4.22 2.85 -2.32
N PHE B 22 3.56 1.70 -2.56
CA PHE B 22 4.06 0.71 -3.50
C PHE B 22 3.49 0.94 -4.92
N ALA B 23 2.19 1.25 -5.00
CA ALA B 23 1.51 1.47 -6.27
C ALA B 23 1.59 2.92 -6.76
N CYS B 24 2.23 3.80 -5.96
CA CYS B 24 2.37 5.23 -6.34
C CYS B 24 3.50 5.47 -7.36
N MET B 25 4.10 4.39 -7.87
CA MET B 25 5.20 4.51 -8.85
C MET B 25 4.86 3.84 -10.19
N LEU B 26 3.80 3.01 -10.22
CA LEU B 26 3.38 2.31 -11.45
C LEU B 26 3.11 3.27 -12.62
N MET B 27 2.64 4.48 -12.31
CA MET B 27 2.34 5.49 -13.32
C MET B 27 3.07 6.82 -13.04
N ARG B 28 3.51 7.00 -11.77
CA ARG B 28 4.23 8.21 -11.31
C ARG B 28 3.57 9.53 -11.78
N LYS B 29 2.22 9.56 -11.73
CA LYS B 29 1.40 10.72 -12.14
C LYS B 29 1.57 11.04 -13.63
N ALA A 1 9.14 -26.30 0.90
CA ALA A 1 8.17 -25.26 1.34
C ALA A 1 8.80 -23.88 1.32
N ASP A 2 8.00 -22.88 0.93
CA ASP A 2 8.47 -21.49 0.87
C ASP A 2 8.03 -20.70 2.11
N GLN A 3 6.77 -20.90 2.53
CA GLN A 3 6.16 -20.24 3.71
C GLN A 3 6.05 -18.71 3.52
N LEU A 4 4.96 -18.14 4.02
CA LEU A 4 4.71 -16.70 3.93
C LEU A 4 5.09 -16.00 5.22
N THR A 5 5.56 -14.78 5.05
CA THR A 5 5.98 -13.93 6.14
C THR A 5 4.88 -12.90 6.41
N GLU A 6 4.65 -12.62 7.70
CA GLU A 6 3.58 -11.72 8.17
C GLU A 6 3.47 -10.36 7.47
N GLU A 7 4.55 -9.57 7.46
CA GLU A 7 4.51 -8.23 6.85
C GLU A 7 4.70 -8.25 5.34
N GLN A 8 5.22 -9.35 4.82
CA GLN A 8 5.40 -9.50 3.39
C GLN A 8 4.04 -9.81 2.74
N ILE A 9 3.29 -10.70 3.39
CA ILE A 9 1.94 -11.06 2.93
C ILE A 9 0.85 -10.15 3.52
N ALA A 10 1.19 -9.35 4.56
CA ALA A 10 0.20 -8.43 5.17
C ALA A 10 -0.30 -7.36 4.21
N GLU A 11 0.64 -6.80 3.44
CA GLU A 11 0.35 -5.71 2.52
C GLU A 11 -0.36 -6.27 1.30
N PHE A 12 0.22 -7.35 0.73
CA PHE A 12 -0.34 -8.02 -0.43
C PHE A 12 -1.70 -8.60 -0.11
N LYS A 13 -1.96 -8.88 1.18
CA LYS A 13 -3.24 -9.39 1.61
C LYS A 13 -4.33 -8.38 1.43
N GLU A 14 -4.11 -7.24 2.04
CA GLU A 14 -5.09 -6.20 1.99
C GLU A 14 -5.12 -5.59 0.59
N ALA A 15 -3.96 -5.69 -0.07
CA ALA A 15 -3.79 -5.22 -1.43
C ALA A 15 -4.26 -6.27 -2.43
N PHE A 16 -4.76 -7.35 -1.84
CA PHE A 16 -5.30 -8.49 -2.58
C PHE A 16 -6.76 -8.22 -2.90
N SER A 17 -7.49 -7.70 -1.90
CA SER A 17 -8.90 -7.37 -2.06
C SER A 17 -9.06 -6.06 -2.85
N LEU A 18 -7.95 -5.31 -2.99
CA LEU A 18 -7.93 -4.04 -3.73
C LEU A 18 -8.27 -4.24 -5.21
N PHE A 19 -7.68 -5.29 -5.78
CA PHE A 19 -7.85 -5.63 -7.20
C PHE A 19 -8.75 -6.82 -7.39
N ASP A 20 -8.56 -7.84 -6.57
CA ASP A 20 -9.28 -9.09 -6.70
C ASP A 20 -10.81 -8.93 -6.42
N LYS A 21 -11.52 -8.24 -7.34
CA LYS A 21 -12.98 -8.06 -7.21
C LYS A 21 -13.71 -9.24 -7.87
N ASP A 22 -13.05 -9.82 -8.87
CA ASP A 22 -13.55 -11.02 -9.57
C ASP A 22 -12.93 -12.21 -8.83
N GLY A 23 -11.59 -12.20 -8.76
CA GLY A 23 -10.85 -13.17 -7.98
C GLY A 23 -10.67 -14.56 -8.52
N ASP A 24 -10.11 -14.67 -9.70
CA ASP A 24 -9.73 -15.99 -10.26
C ASP A 24 -8.54 -16.48 -9.41
N GLY A 25 -8.12 -15.53 -8.57
CA GLY A 25 -7.01 -15.67 -7.63
C GLY A 25 -5.84 -14.86 -8.09
N THR A 26 -6.09 -14.04 -9.11
CA THR A 26 -5.11 -13.18 -9.71
C THR A 26 -5.56 -11.73 -9.80
N ILE A 27 -4.65 -10.91 -10.33
CA ILE A 27 -4.86 -9.51 -10.56
C ILE A 27 -4.93 -9.22 -12.01
N THR A 28 -5.97 -8.53 -12.35
CA THR A 28 -6.22 -8.19 -13.72
C THR A 28 -6.03 -6.71 -13.98
N THR A 29 -6.04 -6.42 -15.27
CA THR A 29 -5.84 -5.08 -15.82
C THR A 29 -7.01 -4.13 -15.47
N LYS A 30 -8.28 -4.60 -15.61
CA LYS A 30 -9.44 -3.74 -15.27
C LYS A 30 -9.37 -3.29 -13.80
N GLU A 31 -8.79 -4.17 -12.97
CA GLU A 31 -8.58 -3.91 -11.54
C GLU A 31 -7.49 -2.86 -11.34
N LEU A 32 -6.40 -3.06 -12.10
CA LEU A 32 -5.22 -2.20 -12.08
C LEU A 32 -5.57 -0.74 -12.32
N GLY A 33 -6.60 -0.49 -13.12
CA GLY A 33 -7.05 0.86 -13.35
C GLY A 33 -7.99 1.35 -12.28
N THR A 34 -8.75 0.40 -11.74
CA THR A 34 -9.67 0.66 -10.63
C THR A 34 -8.89 1.11 -9.39
N VAL A 35 -7.60 0.74 -9.36
CA VAL A 35 -6.72 1.07 -8.23
C VAL A 35 -6.15 2.49 -8.37
N MET A 36 -5.37 2.65 -9.44
CA MET A 36 -4.68 3.90 -9.82
C MET A 36 -5.57 5.13 -9.83
N ARG A 37 -6.81 4.94 -10.27
CA ARG A 37 -7.74 6.05 -10.44
C ARG A 37 -7.92 6.96 -9.21
N SER A 38 -8.33 6.33 -8.12
CA SER A 38 -8.62 6.97 -6.83
C SER A 38 -7.57 7.96 -6.29
N LEU A 39 -6.32 7.83 -6.72
CA LEU A 39 -5.27 8.73 -6.24
C LEU A 39 -5.12 10.00 -7.11
N GLY A 40 -5.90 10.07 -8.20
CA GLY A 40 -5.86 11.24 -9.07
C GLY A 40 -5.23 10.98 -10.44
N GLN A 41 -5.04 9.71 -10.77
CA GLN A 41 -4.45 9.33 -12.06
C GLN A 41 -5.46 8.57 -12.91
N ASN A 42 -5.61 9.00 -14.17
CA ASN A 42 -6.53 8.38 -15.11
C ASN A 42 -5.79 7.95 -16.39
N PRO A 43 -5.00 6.82 -16.32
CA PRO A 43 -4.23 6.31 -17.47
C PRO A 43 -5.11 5.60 -18.51
N THR A 44 -4.49 5.16 -19.61
CA THR A 44 -5.17 4.47 -20.72
C THR A 44 -5.90 3.21 -20.26
N GLU A 45 -6.76 2.69 -21.15
CA GLU A 45 -7.53 1.46 -20.89
C GLU A 45 -6.65 0.25 -21.17
N ALA A 46 -5.69 0.44 -22.07
CA ALA A 46 -4.71 -0.57 -22.39
C ALA A 46 -3.50 -0.45 -21.48
N GLU A 47 -3.37 0.73 -20.80
CA GLU A 47 -2.24 0.98 -19.87
C GLU A 47 -2.17 -0.05 -18.75
N LEU A 48 -3.31 -0.62 -18.39
CA LEU A 48 -3.40 -1.65 -17.37
C LEU A 48 -3.17 -3.01 -18.01
N GLN A 49 -3.67 -3.17 -19.26
CA GLN A 49 -3.42 -4.38 -20.04
C GLN A 49 -1.94 -4.40 -20.45
N ASP A 50 -1.35 -3.20 -20.49
CA ASP A 50 0.06 -2.99 -20.80
C ASP A 50 0.89 -3.07 -19.52
N MET A 51 0.37 -2.47 -18.41
CA MET A 51 1.08 -2.54 -17.10
C MET A 51 1.29 -4.00 -16.67
N ILE A 52 0.36 -4.89 -17.06
CA ILE A 52 0.48 -6.32 -16.74
C ILE A 52 1.33 -7.07 -17.78
N ASN A 53 1.56 -6.44 -18.94
CA ASN A 53 2.31 -7.04 -20.04
C ASN A 53 3.78 -7.22 -19.71
N GLU A 54 4.40 -6.14 -19.25
CA GLU A 54 5.82 -6.14 -18.88
C GLU A 54 6.10 -6.85 -17.56
N VAL A 55 5.11 -6.91 -16.71
CA VAL A 55 5.24 -7.60 -15.43
C VAL A 55 4.29 -8.80 -15.49
N ASP A 56 4.19 -9.37 -16.70
CA ASP A 56 3.30 -10.51 -17.01
C ASP A 56 3.57 -11.79 -16.21
N ALA A 57 2.61 -12.15 -15.34
CA ALA A 57 2.67 -13.38 -14.56
C ALA A 57 2.06 -14.52 -15.36
N ASP A 58 0.87 -14.23 -15.87
CA ASP A 58 0.11 -15.14 -16.71
C ASP A 58 -0.01 -14.55 -18.12
N GLY A 59 0.13 -13.22 -18.17
CA GLY A 59 0.12 -12.46 -19.42
C GLY A 59 -1.22 -12.39 -20.11
N ASN A 60 -2.26 -12.77 -19.41
CA ASN A 60 -3.60 -12.66 -19.93
C ASN A 60 -4.17 -11.39 -19.35
N GLY A 61 -3.23 -10.56 -18.87
CA GLY A 61 -3.56 -9.31 -18.24
C GLY A 61 -3.76 -9.47 -16.77
N THR A 62 -3.08 -10.49 -16.24
CA THR A 62 -3.17 -10.84 -14.84
C THR A 62 -1.80 -10.97 -14.20
N ILE A 63 -1.72 -10.46 -12.97
CA ILE A 63 -0.53 -10.52 -12.18
C ILE A 63 -0.85 -11.18 -10.83
N ASP A 64 0.07 -12.01 -10.41
CA ASP A 64 -0.03 -12.73 -9.15
C ASP A 64 0.71 -11.99 -8.02
N PHE A 65 0.87 -12.63 -6.85
CA PHE A 65 1.55 -12.03 -5.70
C PHE A 65 3.11 -11.95 -5.86
N PRO A 66 3.79 -12.92 -6.54
CA PRO A 66 5.27 -12.89 -6.71
C PRO A 66 5.77 -11.93 -7.81
N GLU A 67 4.91 -11.60 -8.77
CA GLU A 67 5.28 -10.70 -9.87
C GLU A 67 5.03 -9.23 -9.55
N PHE A 68 3.80 -8.89 -9.09
CA PHE A 68 3.43 -7.51 -8.75
C PHE A 68 4.49 -6.74 -7.96
N LEU A 69 5.17 -7.43 -7.05
CA LEU A 69 6.21 -6.80 -6.21
C LEU A 69 7.58 -6.75 -6.82
N THR A 70 7.82 -7.55 -7.87
CA THR A 70 9.14 -7.57 -8.53
C THR A 70 9.63 -6.15 -8.84
N MET A 71 8.67 -5.23 -8.92
CA MET A 71 8.96 -3.83 -9.11
C MET A 71 9.16 -3.12 -7.76
N MET A 72 8.48 -3.61 -6.70
CA MET A 72 8.65 -3.04 -5.36
C MET A 72 9.85 -3.73 -4.72
N ALA A 73 10.08 -4.96 -5.18
CA ALA A 73 11.22 -5.76 -4.79
C ALA A 73 12.41 -5.21 -5.56
N ARG A 74 12.11 -4.44 -6.65
CA ARG A 74 13.10 -3.80 -7.44
C ARG A 74 13.61 -2.58 -6.69
N LYS A 75 12.67 -1.82 -6.10
CA LYS A 75 12.99 -0.65 -5.29
C LYS A 75 13.90 -1.08 -4.12
N MET A 76 13.94 -2.40 -3.91
CA MET A 76 14.78 -3.03 -2.90
C MET A 76 16.17 -3.28 -3.49
N LYS A 77 16.22 -3.75 -4.76
CA LYS A 77 17.50 -4.00 -5.44
C LYS A 77 18.10 -2.70 -6.01
N ASP A 78 17.27 -1.65 -6.04
CA ASP A 78 17.67 -0.31 -6.49
C ASP A 78 17.51 0.66 -5.32
N THR A 79 18.57 1.40 -4.97
CA THR A 79 18.52 2.32 -3.83
C THR A 79 17.99 3.71 -4.19
N ASP A 80 17.19 3.73 -5.23
CA ASP A 80 16.52 4.94 -5.69
C ASP A 80 15.18 5.10 -4.95
N SER A 81 14.99 4.22 -3.95
CA SER A 81 13.79 4.15 -3.12
C SER A 81 13.67 5.33 -2.12
N GLU A 82 14.81 5.89 -1.69
CA GLU A 82 14.82 7.01 -0.73
C GLU A 82 14.05 8.23 -1.26
N GLU A 83 14.10 8.42 -2.58
CA GLU A 83 13.41 9.53 -3.24
C GLU A 83 11.97 9.15 -3.61
N GLU A 84 11.69 7.84 -3.65
CA GLU A 84 10.37 7.30 -3.99
C GLU A 84 9.43 7.21 -2.78
N ILE A 85 10.01 7.08 -1.57
CA ILE A 85 9.25 6.94 -0.32
C ILE A 85 8.42 8.19 0.05
N ARG A 86 8.94 9.38 -0.32
CA ARG A 86 8.26 10.65 -0.04
C ARG A 86 7.19 10.97 -1.09
N GLU A 87 7.39 10.45 -2.32
CA GLU A 87 6.43 10.63 -3.43
C GLU A 87 5.34 9.59 -3.31
N ALA A 88 5.72 8.43 -2.75
CA ALA A 88 4.80 7.33 -2.46
C ALA A 88 3.94 7.74 -1.28
N PHE A 89 4.44 8.76 -0.55
CA PHE A 89 3.76 9.37 0.58
C PHE A 89 2.73 10.37 0.07
N ARG A 90 3.14 11.16 -0.95
CA ARG A 90 2.30 12.17 -1.54
C ARG A 90 1.04 11.56 -2.17
N VAL A 91 1.10 10.24 -2.37
CA VAL A 91 0.03 9.43 -2.93
C VAL A 91 -1.32 9.69 -2.22
N PHE A 92 -1.30 9.69 -0.89
CA PHE A 92 -2.48 9.97 -0.08
C PHE A 92 -2.35 11.31 0.60
N ALA A 93 -1.12 11.66 0.96
CA ALA A 93 -0.80 12.93 1.62
C ALA A 93 -1.14 14.16 0.74
N LYS A 94 -0.42 14.32 -0.39
CA LYS A 94 -0.61 15.44 -1.35
C LYS A 94 -0.38 16.83 -0.74
N ASP A 95 -0.19 16.89 0.58
CA ASP A 95 0.06 18.15 1.29
C ASP A 95 1.55 18.50 1.27
N GLY A 96 2.37 17.61 0.69
CA GLY A 96 3.81 17.82 0.62
C GLY A 96 4.56 17.29 1.85
N ASN A 97 3.79 16.89 2.86
CA ASN A 97 4.33 16.35 4.11
C ASN A 97 3.47 15.19 4.57
N GLY A 98 2.15 15.45 4.70
CA GLY A 98 1.20 14.42 5.09
C GLY A 98 1.11 14.16 6.58
N TYR A 99 0.11 14.77 7.21
CA TYR A 99 -0.14 14.58 8.65
C TYR A 99 -1.35 13.64 8.78
N ILE A 100 -1.13 12.38 8.42
CA ILE A 100 -2.17 11.35 8.42
C ILE A 100 -2.49 10.81 9.83
N SER A 101 -3.59 11.34 10.39
CA SER A 101 -4.12 10.93 11.69
C SER A 101 -4.75 9.57 11.66
N ALA A 102 -4.70 8.94 12.84
CA ALA A 102 -5.33 7.63 13.09
C ALA A 102 -6.80 7.65 12.65
N ALA A 103 -7.30 8.88 12.43
CA ALA A 103 -8.69 9.12 12.01
C ALA A 103 -8.84 9.05 10.49
N GLU A 104 -7.72 9.22 9.76
CA GLU A 104 -7.70 9.20 8.30
C GLU A 104 -7.91 7.79 7.73
N LEU A 105 -7.66 6.75 8.55
CA LEU A 105 -7.88 5.36 8.15
C LEU A 105 -9.34 5.11 7.80
N ARG A 106 -10.16 6.01 8.30
CA ARG A 106 -11.58 6.02 8.08
C ARG A 106 -11.89 6.65 6.70
N HIS A 107 -11.03 7.59 6.28
CA HIS A 107 -11.19 8.27 4.99
C HIS A 107 -10.53 7.48 3.85
N VAL A 108 -9.38 6.85 4.15
CA VAL A 108 -8.65 6.04 3.17
C VAL A 108 -9.46 4.81 2.73
N MET A 109 -10.29 4.29 3.65
CA MET A 109 -11.12 3.10 3.37
C MET A 109 -12.44 3.47 2.69
N THR A 110 -13.03 4.59 3.10
CA THR A 110 -14.28 5.08 2.51
C THR A 110 -13.96 5.74 1.16
N ASN A 111 -12.66 6.07 0.95
CA ASN A 111 -12.18 6.60 -0.33
C ASN A 111 -12.47 5.53 -1.38
N LEU A 112 -12.42 4.27 -0.90
CA LEU A 112 -12.77 3.10 -1.69
C LEU A 112 -14.25 2.75 -1.40
N GLY A 113 -14.74 3.28 -0.26
CA GLY A 113 -16.12 3.10 0.18
C GLY A 113 -16.33 1.89 1.07
N GLU A 114 -15.28 1.57 1.81
CA GLU A 114 -15.27 0.44 2.73
C GLU A 114 -16.15 0.67 3.95
N LYS A 115 -16.74 -0.42 4.42
CA LYS A 115 -17.63 -0.40 5.55
C LYS A 115 -17.01 -1.11 6.74
N LEU A 116 -16.87 -0.37 7.84
CA LEU A 116 -16.29 -0.88 9.08
C LEU A 116 -17.15 -0.49 10.28
N THR A 117 -16.88 -1.13 11.43
CA THR A 117 -17.63 -0.85 12.67
C THR A 117 -16.84 0.13 13.56
N ASP A 118 -17.49 0.62 14.62
CA ASP A 118 -16.87 1.57 15.56
C ASP A 118 -15.73 0.93 16.38
N GLU A 119 -15.92 -0.34 16.77
CA GLU A 119 -14.92 -1.08 17.55
C GLU A 119 -13.77 -1.57 16.66
N GLU A 120 -14.09 -1.85 15.38
CA GLU A 120 -13.11 -2.27 14.41
C GLU A 120 -12.08 -1.17 14.25
N VAL A 121 -12.61 0.04 14.05
CA VAL A 121 -11.79 1.21 13.91
C VAL A 121 -11.30 1.72 15.24
N ASP A 122 -11.96 1.34 16.35
CA ASP A 122 -11.51 1.79 17.67
C ASP A 122 -10.14 1.19 17.96
N GLU A 123 -9.92 0.03 17.32
CA GLU A 123 -8.65 -0.66 17.38
C GLU A 123 -7.73 -0.16 16.30
N MET A 124 -8.26 -0.03 15.06
CA MET A 124 -7.48 0.49 13.94
C MET A 124 -7.20 1.97 14.17
N ILE A 125 -8.05 2.59 15.01
CA ILE A 125 -7.89 3.98 15.38
C ILE A 125 -6.81 4.08 16.46
N ARG A 126 -6.80 3.07 17.37
CA ARG A 126 -5.85 3.05 18.47
C ARG A 126 -4.51 2.47 18.07
N GLU A 127 -4.50 1.89 16.91
CA GLU A 127 -3.30 1.32 16.31
C GLU A 127 -2.43 2.46 15.77
N ALA A 128 -2.94 3.70 15.90
CA ALA A 128 -2.23 4.89 15.41
C ALA A 128 -2.47 6.14 16.28
N ALA A 129 -3.32 6.03 17.32
CA ALA A 129 -3.61 7.18 18.19
C ALA A 129 -2.48 7.46 19.18
N ILE A 130 -1.77 8.58 18.96
CA ILE A 130 -0.68 8.99 19.82
C ILE A 130 -1.13 10.14 20.73
N ASP A 131 -0.92 9.97 22.05
CA ASP A 131 -1.30 10.95 23.09
C ASP A 131 -2.82 11.18 23.20
N GLY A 132 -3.48 11.18 22.05
CA GLY A 132 -4.93 11.38 21.99
C GLY A 132 -5.39 12.18 20.77
N ASP A 133 -4.61 12.10 19.68
CA ASP A 133 -4.93 12.80 18.43
C ASP A 133 -4.81 11.85 17.25
N GLY A 134 -3.63 11.21 17.13
CA GLY A 134 -3.38 10.25 16.07
C GLY A 134 -2.78 10.82 14.80
N GLN A 135 -2.69 12.16 14.67
CA GLN A 135 -2.11 12.77 13.46
C GLN A 135 -0.61 12.52 13.37
N VAL A 136 -0.24 11.77 12.32
CA VAL A 136 1.17 11.38 12.13
C VAL A 136 1.68 11.78 10.74
N ASN A 137 2.90 12.32 10.71
CA ASN A 137 3.53 12.79 9.48
C ASN A 137 4.45 11.71 8.85
N TYR A 138 5.27 12.15 7.86
CA TYR A 138 6.23 11.30 7.12
C TYR A 138 7.08 10.36 7.99
N GLU A 139 7.19 10.66 9.30
CA GLU A 139 8.00 9.84 10.22
C GLU A 139 7.47 8.41 10.42
N GLU A 140 6.20 8.28 10.86
CA GLU A 140 5.60 6.96 11.14
C GLU A 140 4.90 6.31 9.94
N PHE A 141 4.14 7.09 9.15
CA PHE A 141 3.40 6.53 8.00
C PHE A 141 4.31 6.04 6.86
N VAL A 142 5.60 6.43 6.90
CA VAL A 142 6.59 5.98 5.91
C VAL A 142 7.11 4.62 6.34
N GLN A 143 7.14 4.40 7.67
CA GLN A 143 7.60 3.15 8.26
C GLN A 143 6.84 1.98 7.63
N MET A 144 5.61 2.25 7.20
CA MET A 144 4.79 1.27 6.50
C MET A 144 5.55 0.79 5.26
N MET A 145 6.20 1.75 4.56
CA MET A 145 6.95 1.44 3.36
C MET A 145 8.44 1.15 3.62
N THR A 146 9.02 1.73 4.70
CA THR A 146 10.44 1.53 5.00
C THR A 146 10.73 0.20 5.70
N ALA A 147 9.74 -0.31 6.43
CA ALA A 147 9.87 -1.58 7.15
C ALA A 147 9.49 -2.76 6.27
N LYS A 148 10.26 -3.84 6.39
CA LYS A 148 10.03 -5.06 5.61
C LYS A 148 9.29 -6.11 6.44
N ALA B 1 23.71 -6.29 21.80
CA ALA B 1 23.91 -5.65 20.47
C ALA B 1 23.80 -4.12 20.57
N GLY B 2 22.81 -3.65 21.33
CA GLY B 2 22.61 -2.22 21.51
C GLY B 2 21.16 -1.81 21.32
N HIS B 3 20.49 -1.48 22.43
CA HIS B 3 19.08 -1.07 22.40
C HIS B 3 18.91 0.26 23.14
N MET B 4 18.32 1.24 22.44
CA MET B 4 18.09 2.57 23.02
C MET B 4 16.59 2.85 23.18
N ARG B 5 15.81 2.56 22.12
CA ARG B 5 14.36 2.79 22.14
C ARG B 5 13.62 1.58 21.54
N PRO B 6 12.30 1.37 21.88
CA PRO B 6 11.51 0.24 21.34
C PRO B 6 11.03 0.48 19.91
N LYS B 7 10.68 -0.61 19.22
CA LYS B 7 10.20 -0.53 17.83
C LYS B 7 8.95 -1.37 17.63
N ARG B 8 8.05 -0.87 16.76
CA ARG B 8 6.75 -1.53 16.43
C ARG B 8 5.78 -1.59 17.62
N ARG B 9 6.13 -2.41 18.64
CA ARG B 9 5.30 -2.59 19.88
C ARG B 9 3.99 -3.35 19.59
N GLU B 10 3.19 -2.83 18.64
CA GLU B 10 1.92 -3.44 18.27
C GLU B 10 1.83 -3.63 16.75
N ILE B 11 0.71 -4.22 16.28
CA ILE B 11 0.48 -4.47 14.85
C ILE B 11 0.13 -3.17 14.08
N PRO B 12 1.07 -2.61 13.25
CA PRO B 12 0.83 -1.37 12.48
C PRO B 12 -0.24 -1.52 11.38
N LEU B 13 -0.70 -0.37 10.89
CA LEU B 13 -1.73 -0.28 9.84
C LEU B 13 -1.10 -0.25 8.44
N LYS B 14 0.10 -0.83 8.30
CA LYS B 14 0.83 -0.84 7.03
C LYS B 14 0.13 -1.71 5.96
N VAL B 15 -0.96 -1.16 5.41
CA VAL B 15 -1.76 -1.81 4.37
C VAL B 15 -2.59 -0.80 3.62
N LEU B 16 -3.34 -0.05 4.40
CA LEU B 16 -4.21 1.01 3.91
C LEU B 16 -3.43 2.14 3.20
N VAL B 17 -2.10 2.03 3.24
CA VAL B 17 -1.20 2.98 2.61
C VAL B 17 -0.10 2.20 1.91
N LYS B 18 0.32 1.09 2.55
CA LYS B 18 1.32 0.19 2.00
C LYS B 18 0.82 -0.44 0.70
N ALA B 19 -0.51 -0.58 0.61
CA ALA B 19 -1.16 -1.12 -0.58
C ALA B 19 -1.34 0.00 -1.60
N VAL B 20 -0.64 1.09 -1.31
CA VAL B 20 -0.64 2.31 -2.10
C VAL B 20 0.82 2.76 -2.35
N LEU B 21 1.76 2.32 -1.46
CA LEU B 21 3.16 2.64 -1.63
C LEU B 21 3.81 1.56 -2.50
N PHE B 22 3.04 0.48 -2.69
CA PHE B 22 3.46 -0.65 -3.51
C PHE B 22 3.01 -0.48 -4.97
N ALA B 23 2.07 0.43 -5.21
CA ALA B 23 1.55 0.69 -6.55
C ALA B 23 1.70 2.16 -6.95
N CYS B 24 2.53 2.90 -6.20
CA CYS B 24 2.76 4.33 -6.47
C CYS B 24 3.90 4.58 -7.47
N MET B 25 4.78 3.59 -7.65
CA MET B 25 5.92 3.75 -8.57
C MET B 25 5.68 3.11 -9.95
N LEU B 26 4.50 2.50 -10.16
CA LEU B 26 4.16 1.87 -11.44
C LEU B 26 4.14 2.86 -12.61
N MET B 27 3.54 4.03 -12.39
CA MET B 27 3.43 5.08 -13.43
C MET B 27 4.46 6.20 -13.24
N ARG B 28 4.98 6.34 -12.02
CA ARG B 28 5.97 7.38 -11.69
C ARG B 28 7.40 6.91 -12.01
N LYS B 29 7.65 5.59 -11.86
CA LYS B 29 8.97 4.97 -12.12
C LYS B 29 10.05 5.48 -11.16
N ALA A 1 13.39 -18.28 1.52
CA ALA A 1 12.37 -17.46 2.23
C ALA A 1 12.88 -16.04 2.44
N ASP A 2 12.03 -15.07 2.10
CA ASP A 2 12.37 -13.65 2.24
C ASP A 2 11.27 -12.89 3.00
N GLN A 3 10.01 -13.20 2.68
CA GLN A 3 8.85 -12.56 3.33
C GLN A 3 7.88 -13.62 3.86
N LEU A 4 8.19 -14.13 5.05
CA LEU A 4 7.36 -15.15 5.72
C LEU A 4 6.56 -14.61 6.89
N THR A 5 7.20 -13.77 7.71
CA THR A 5 6.57 -13.19 8.89
C THR A 5 5.32 -12.37 8.52
N GLU A 6 4.42 -12.24 9.50
CA GLU A 6 3.11 -11.56 9.38
C GLU A 6 3.09 -10.27 8.55
N GLU A 7 3.92 -9.29 8.90
CA GLU A 7 3.93 -8.01 8.18
C GLU A 7 4.62 -8.07 6.83
N GLN A 8 5.42 -9.11 6.62
CA GLN A 8 6.10 -9.32 5.35
C GLN A 8 5.10 -9.87 4.33
N ILE A 9 4.28 -10.83 4.81
CA ILE A 9 3.24 -11.45 3.99
C ILE A 9 1.91 -10.69 4.06
N ALA A 10 1.79 -9.71 4.99
CA ALA A 10 0.54 -8.93 5.14
C ALA A 10 0.37 -7.86 4.08
N GLU A 11 1.50 -7.34 3.56
CA GLU A 11 1.48 -6.24 2.60
C GLU A 11 0.82 -6.68 1.30
N PHE A 12 1.33 -7.76 0.68
CA PHE A 12 0.74 -8.28 -0.54
C PHE A 12 -0.61 -8.92 -0.23
N LYS A 13 -0.82 -9.29 1.06
CA LYS A 13 -2.08 -9.85 1.51
C LYS A 13 -3.20 -8.85 1.42
N GLU A 14 -3.00 -7.74 2.10
CA GLU A 14 -3.98 -6.72 2.14
C GLU A 14 -4.09 -6.07 0.77
N ALA A 15 -2.97 -6.11 0.06
CA ALA A 15 -2.87 -5.59 -1.29
C ALA A 15 -3.39 -6.61 -2.30
N PHE A 16 -3.80 -7.74 -1.76
CA PHE A 16 -4.36 -8.87 -2.51
C PHE A 16 -5.86 -8.63 -2.70
N SER A 17 -6.50 -8.10 -1.63
CA SER A 17 -7.93 -7.78 -1.67
C SER A 17 -8.16 -6.40 -2.28
N LEU A 18 -7.08 -5.61 -2.40
CA LEU A 18 -7.11 -4.26 -2.97
C LEU A 18 -7.69 -4.26 -4.38
N PHE A 19 -7.18 -5.18 -5.20
CA PHE A 19 -7.57 -5.32 -6.58
C PHE A 19 -8.68 -6.34 -6.75
N ASP A 20 -8.43 -7.51 -6.16
CA ASP A 20 -9.30 -8.66 -6.30
C ASP A 20 -10.74 -8.45 -5.76
N LYS A 21 -11.64 -8.00 -6.66
CA LYS A 21 -13.07 -7.80 -6.33
C LYS A 21 -13.75 -9.15 -6.34
N ASP A 22 -13.50 -9.85 -7.45
CA ASP A 22 -13.99 -11.22 -7.66
C ASP A 22 -13.05 -12.17 -6.91
N GLY A 23 -11.74 -11.93 -7.08
CA GLY A 23 -10.71 -12.67 -6.36
C GLY A 23 -10.68 -14.17 -6.56
N ASP A 24 -10.61 -14.59 -7.83
CA ASP A 24 -10.49 -16.02 -8.18
C ASP A 24 -9.09 -16.48 -7.74
N GLY A 25 -8.40 -15.49 -7.18
CA GLY A 25 -7.06 -15.61 -6.66
C GLY A 25 -6.06 -14.86 -7.52
N THR A 26 -6.59 -14.21 -8.55
CA THR A 26 -5.78 -13.41 -9.45
C THR A 26 -6.28 -11.98 -9.55
N ILE A 27 -5.36 -11.10 -9.92
CA ILE A 27 -5.59 -9.69 -10.08
C ILE A 27 -5.87 -9.35 -11.50
N THR A 28 -6.94 -8.63 -11.67
CA THR A 28 -7.37 -8.24 -13.00
C THR A 28 -7.06 -6.79 -13.27
N THR A 29 -7.21 -6.47 -14.54
CA THR A 29 -6.96 -5.15 -15.09
C THR A 29 -7.96 -4.10 -14.57
N LYS A 30 -9.28 -4.37 -14.68
CA LYS A 30 -10.31 -3.40 -14.19
C LYS A 30 -10.09 -3.02 -12.71
N GLU A 31 -9.32 -3.87 -12.02
CA GLU A 31 -8.96 -3.68 -10.63
C GLU A 31 -7.73 -2.78 -10.51
N LEU A 32 -6.75 -3.07 -11.37
CA LEU A 32 -5.48 -2.36 -11.43
C LEU A 32 -5.66 -0.86 -11.65
N GLY A 33 -6.78 -0.46 -12.27
CA GLY A 33 -7.07 0.95 -12.45
C GLY A 33 -7.73 1.56 -11.24
N THR A 34 -8.55 0.74 -10.58
CA THR A 34 -9.23 1.11 -9.35
C THR A 34 -8.20 1.38 -8.23
N VAL A 35 -7.01 0.79 -8.43
CA VAL A 35 -5.92 0.89 -7.46
C VAL A 35 -5.10 2.18 -7.66
N MET A 36 -4.47 2.23 -8.83
CA MET A 36 -3.61 3.33 -9.29
C MET A 36 -4.20 4.72 -9.07
N ARG A 37 -5.48 4.84 -9.43
CA ARG A 37 -6.22 6.11 -9.39
C ARG A 37 -6.03 6.93 -8.12
N SER A 38 -5.77 6.22 -7.02
CA SER A 38 -5.58 6.81 -5.68
C SER A 38 -4.50 7.91 -5.57
N LEU A 39 -3.65 8.05 -6.59
CA LEU A 39 -2.61 9.07 -6.56
C LEU A 39 -2.87 10.23 -7.54
N GLY A 40 -3.79 10.02 -8.49
CA GLY A 40 -4.12 11.08 -9.46
C GLY A 40 -3.62 10.81 -10.86
N GLN A 41 -3.58 9.53 -11.24
CA GLN A 41 -3.13 9.11 -12.57
C GLN A 41 -4.31 9.05 -13.55
N ASN A 42 -3.99 8.99 -14.85
CA ASN A 42 -5.01 8.90 -15.92
C ASN A 42 -5.59 7.47 -15.98
N PRO A 43 -6.87 7.27 -15.54
CA PRO A 43 -7.49 5.93 -15.54
C PRO A 43 -7.98 5.45 -16.90
N THR A 44 -7.07 4.82 -17.65
CA THR A 44 -7.40 4.26 -18.96
C THR A 44 -7.86 2.81 -18.82
N GLU A 45 -8.60 2.35 -19.82
CA GLU A 45 -9.15 0.98 -19.83
C GLU A 45 -8.12 0.00 -20.34
N ALA A 46 -7.25 0.49 -21.22
CA ALA A 46 -6.18 -0.33 -21.74
C ALA A 46 -4.93 -0.22 -20.88
N GLU A 47 -4.83 0.84 -20.05
CA GLU A 47 -3.64 0.99 -19.17
C GLU A 47 -3.51 -0.14 -18.17
N LEU A 48 -4.63 -0.70 -17.73
CA LEU A 48 -4.64 -1.81 -16.80
C LEU A 48 -4.52 -3.13 -17.57
N GLN A 49 -5.13 -3.19 -18.77
CA GLN A 49 -4.98 -4.37 -19.65
C GLN A 49 -3.55 -4.42 -20.19
N ASP A 50 -2.93 -3.22 -20.27
CA ASP A 50 -1.55 -3.06 -20.72
C ASP A 50 -0.58 -3.22 -19.55
N MET A 51 -0.94 -2.65 -18.38
CA MET A 51 -0.06 -2.79 -17.18
C MET A 51 0.10 -4.27 -16.79
N ILE A 52 -0.91 -5.11 -17.10
CA ILE A 52 -0.82 -6.54 -16.81
C ILE A 52 -0.03 -7.29 -17.90
N ASN A 53 0.18 -6.61 -19.05
CA ASN A 53 0.89 -7.17 -20.18
C ASN A 53 2.40 -7.21 -19.94
N GLU A 54 2.92 -6.08 -19.47
CA GLU A 54 4.36 -5.96 -19.14
C GLU A 54 4.73 -6.71 -17.88
N VAL A 55 3.79 -6.82 -16.97
CA VAL A 55 3.98 -7.58 -15.75
C VAL A 55 3.07 -8.82 -15.88
N ASP A 56 3.13 -9.39 -17.11
CA ASP A 56 2.32 -10.56 -17.52
C ASP A 56 2.54 -11.83 -16.67
N ALA A 57 1.61 -12.08 -15.74
CA ALA A 57 1.65 -13.29 -14.90
C ALA A 57 0.89 -14.42 -15.57
N ASP A 58 -0.34 -14.10 -15.96
CA ASP A 58 -1.24 -15.03 -16.65
C ASP A 58 -1.57 -14.52 -18.05
N GLY A 59 -1.44 -13.21 -18.22
CA GLY A 59 -1.65 -12.53 -19.49
C GLY A 59 -3.06 -12.52 -20.00
N ASN A 60 -4.00 -12.89 -19.16
CA ASN A 60 -5.40 -12.81 -19.50
C ASN A 60 -5.92 -11.53 -18.88
N GLY A 61 -4.93 -10.68 -18.57
CA GLY A 61 -5.20 -9.41 -17.93
C GLY A 61 -5.27 -9.58 -16.43
N THR A 62 -4.56 -10.60 -15.99
CA THR A 62 -4.50 -10.96 -14.59
C THR A 62 -3.07 -11.09 -14.11
N ILE A 63 -2.87 -10.68 -12.88
CA ILE A 63 -1.59 -10.75 -12.24
C ILE A 63 -1.74 -11.50 -10.93
N ASP A 64 -0.79 -12.36 -10.68
CA ASP A 64 -0.75 -13.21 -9.49
C ASP A 64 0.28 -12.68 -8.48
N PHE A 65 0.41 -13.39 -7.34
CA PHE A 65 1.35 -13.01 -6.26
C PHE A 65 2.84 -12.99 -6.68
N PRO A 66 3.36 -13.92 -7.57
CA PRO A 66 4.79 -13.91 -7.97
C PRO A 66 5.17 -12.70 -8.82
N GLU A 67 4.23 -12.24 -9.65
CA GLU A 67 4.45 -11.08 -10.51
C GLU A 67 4.08 -9.76 -9.81
N PHE A 68 2.88 -9.74 -9.17
CA PHE A 68 2.36 -8.58 -8.42
C PHE A 68 3.44 -7.79 -7.66
N LEU A 69 4.30 -8.50 -6.93
CA LEU A 69 5.35 -7.85 -6.14
C LEU A 69 6.63 -7.58 -6.89
N THR A 70 6.82 -8.23 -8.04
CA THR A 70 8.05 -8.06 -8.85
C THR A 70 8.44 -6.58 -9.01
N MET A 71 7.46 -5.70 -8.78
CA MET A 71 7.69 -4.27 -8.82
C MET A 71 8.12 -3.74 -7.47
N MET A 72 7.57 -4.26 -6.34
CA MET A 72 8.02 -3.79 -5.03
C MET A 72 9.23 -4.61 -4.62
N ALA A 73 9.35 -5.77 -5.29
CA ALA A 73 10.50 -6.63 -5.15
C ALA A 73 11.62 -6.06 -6.01
N ARG A 74 11.23 -5.17 -6.98
CA ARG A 74 12.16 -4.50 -7.83
C ARG A 74 12.81 -3.36 -7.07
N LYS A 75 11.97 -2.63 -6.30
CA LYS A 75 12.44 -1.55 -5.45
C LYS A 75 13.45 -2.08 -4.44
N MET A 76 13.47 -3.42 -4.32
CA MET A 76 14.39 -4.15 -3.48
C MET A 76 15.71 -4.33 -4.25
N LYS A 77 15.60 -4.63 -5.57
CA LYS A 77 16.78 -4.80 -6.41
C LYS A 77 17.33 -3.46 -6.95
N ASP A 78 16.52 -2.40 -6.83
CA ASP A 78 16.89 -1.06 -7.26
C ASP A 78 16.90 -0.09 -6.06
N THR A 79 17.91 0.79 -6.02
CA THR A 79 18.06 1.76 -4.92
C THR A 79 17.26 3.04 -5.15
N ASP A 80 16.19 2.90 -5.90
CA ASP A 80 15.28 4.00 -6.20
C ASP A 80 14.28 4.21 -5.04
N SER A 81 14.55 3.51 -3.93
CA SER A 81 13.71 3.54 -2.71
C SER A 81 13.75 4.88 -1.95
N GLU A 82 14.73 5.74 -2.25
CA GLU A 82 14.87 7.04 -1.55
C GLU A 82 14.03 8.15 -2.21
N GLU A 83 14.03 8.20 -3.55
CA GLU A 83 13.30 9.24 -4.29
C GLU A 83 11.79 8.96 -4.38
N GLU A 84 11.38 7.73 -4.10
CA GLU A 84 9.96 7.33 -4.18
C GLU A 84 9.18 7.61 -2.88
N ILE A 85 9.80 7.29 -1.73
CA ILE A 85 9.16 7.43 -0.40
C ILE A 85 8.60 8.84 -0.10
N ARG A 86 9.13 9.88 -0.75
CA ARG A 86 8.67 11.24 -0.54
C ARG A 86 7.43 11.55 -1.38
N GLU A 87 7.37 10.98 -2.59
CA GLU A 87 6.22 11.14 -3.51
C GLU A 87 5.18 10.08 -3.18
N ALA A 88 5.67 8.95 -2.65
CA ALA A 88 4.84 7.84 -2.20
C ALA A 88 4.04 8.30 -0.98
N PHE A 89 4.53 9.40 -0.37
CA PHE A 89 3.86 10.06 0.75
C PHE A 89 2.68 10.83 0.21
N ARG A 90 2.93 11.47 -0.96
CA ARG A 90 1.94 12.26 -1.64
C ARG A 90 0.69 11.42 -1.96
N VAL A 91 0.94 10.13 -2.17
CA VAL A 91 -0.09 9.13 -2.45
C VAL A 91 -1.26 9.23 -1.43
N PHE A 92 -0.85 9.45 -0.17
CA PHE A 92 -1.74 9.57 0.97
C PHE A 92 -2.00 11.07 1.20
N ALA A 93 -1.01 11.87 0.80
CA ALA A 93 -1.09 13.32 0.96
C ALA A 93 -1.68 14.03 -0.28
N LYS A 94 -0.79 14.41 -1.24
CA LYS A 94 -1.15 15.15 -2.48
C LYS A 94 -1.78 16.52 -2.23
N ASP A 95 -2.22 16.74 -1.01
CA ASP A 95 -2.80 18.02 -0.63
C ASP A 95 -1.80 18.81 0.20
N GLY A 96 -0.58 18.24 0.36
CA GLY A 96 0.48 18.88 1.15
C GLY A 96 0.00 19.41 2.49
N ASN A 97 -0.83 18.60 3.14
CA ASN A 97 -1.45 18.93 4.45
C ASN A 97 -0.43 19.28 5.54
N GLY A 98 0.63 18.48 5.64
CA GLY A 98 1.65 18.69 6.66
C GLY A 98 1.33 17.98 7.97
N TYR A 99 0.11 17.41 8.05
CA TYR A 99 -0.36 16.67 9.21
C TYR A 99 -1.43 15.65 8.80
N ILE A 100 -1.01 14.40 8.60
CA ILE A 100 -1.93 13.33 8.20
C ILE A 100 -2.13 12.30 9.32
N SER A 101 -3.27 12.45 9.99
CA SER A 101 -3.70 11.60 11.12
C SER A 101 -3.97 10.18 10.77
N ALA A 102 -3.75 9.34 11.80
CA ALA A 102 -4.03 7.91 11.74
C ALA A 102 -5.52 7.70 11.46
N ALA A 103 -6.29 8.78 11.64
CA ALA A 103 -7.74 8.80 11.40
C ALA A 103 -8.02 8.81 9.90
N GLU A 104 -6.98 9.17 9.12
CA GLU A 104 -7.04 9.22 7.67
C GLU A 104 -7.00 7.82 7.06
N LEU A 105 -6.56 6.83 7.87
CA LEU A 105 -6.49 5.41 7.45
C LEU A 105 -7.81 4.91 6.90
N ARG A 106 -8.86 5.58 7.32
CA ARG A 106 -10.22 5.31 6.91
C ARG A 106 -10.48 5.94 5.53
N HIS A 107 -9.79 7.06 5.24
CA HIS A 107 -9.92 7.76 3.96
C HIS A 107 -9.15 7.04 2.83
N VAL A 108 -7.99 6.45 3.14
CA VAL A 108 -7.18 5.73 2.14
C VAL A 108 -7.97 4.54 1.57
N MET A 109 -8.53 3.71 2.48
CA MET A 109 -9.31 2.54 2.10
C MET A 109 -10.60 2.87 1.39
N THR A 110 -11.27 3.96 1.79
CA THR A 110 -12.51 4.36 1.15
C THR A 110 -12.18 5.15 -0.13
N ASN A 111 -10.92 5.64 -0.22
CA ASN A 111 -10.44 6.32 -1.43
C ASN A 111 -10.52 5.31 -2.57
N LEU A 112 -10.31 4.03 -2.20
CA LEU A 112 -10.45 2.91 -3.11
C LEU A 112 -11.89 2.36 -2.97
N GLY A 113 -12.53 2.77 -1.85
CA GLY A 113 -13.90 2.40 -1.53
C GLY A 113 -14.04 1.06 -0.86
N GLU A 114 -13.01 0.70 -0.11
CA GLU A 114 -12.93 -0.54 0.64
C GLU A 114 -14.00 -0.59 1.72
N LYS A 115 -14.46 -1.80 2.01
CA LYS A 115 -15.49 -2.01 2.98
C LYS A 115 -14.98 -2.72 4.22
N LEU A 116 -15.06 -1.98 5.31
CA LEU A 116 -14.63 -2.44 6.64
C LEU A 116 -15.70 -2.10 7.67
N THR A 117 -15.59 -2.68 8.88
CA THR A 117 -16.56 -2.38 9.95
C THR A 117 -16.08 -1.21 10.79
N ASP A 118 -17.00 -0.62 11.57
CA ASP A 118 -16.70 0.56 12.41
C ASP A 118 -15.58 0.31 13.43
N GLU A 119 -15.52 -0.90 13.98
CA GLU A 119 -14.52 -1.26 14.99
C GLU A 119 -13.23 -1.81 14.38
N GLU A 120 -13.34 -2.59 13.29
CA GLU A 120 -12.17 -3.16 12.62
C GLU A 120 -11.16 -2.07 12.26
N VAL A 121 -11.66 -0.95 11.71
CA VAL A 121 -10.82 0.16 11.39
C VAL A 121 -10.61 1.09 12.58
N ASP A 122 -11.48 1.00 13.61
CA ASP A 122 -11.32 1.83 14.81
C ASP A 122 -10.12 1.37 15.62
N GLU A 123 -9.78 0.10 15.42
CA GLU A 123 -8.62 -0.52 16.04
C GLU A 123 -7.38 -0.27 15.19
N MET A 124 -7.54 -0.43 13.86
CA MET A 124 -6.45 -0.16 12.92
C MET A 124 -6.11 1.32 12.92
N ILE A 125 -7.10 2.11 13.35
CA ILE A 125 -6.97 3.55 13.47
C ILE A 125 -6.26 3.87 14.78
N ARG A 126 -6.58 3.08 15.83
CA ARG A 126 -5.99 3.27 17.15
C ARG A 126 -4.65 2.61 17.29
N GLU A 127 -4.35 1.80 16.31
CA GLU A 127 -3.08 1.08 16.21
C GLU A 127 -1.99 2.07 15.77
N ALA A 128 -2.41 3.32 15.51
CA ALA A 128 -1.50 4.37 15.04
C ALA A 128 -1.80 5.75 15.66
N ALA A 129 -2.74 5.79 16.62
CA ALA A 129 -3.11 7.05 17.29
C ALA A 129 -2.07 7.46 18.34
N ILE A 130 -1.34 8.55 18.05
CA ILE A 130 -0.31 9.05 18.95
C ILE A 130 -0.88 10.13 19.89
N ASP A 131 -0.58 9.99 21.20
CA ASP A 131 -1.03 10.91 22.27
C ASP A 131 -2.56 10.94 22.45
N GLY A 132 -3.28 10.87 21.34
CA GLY A 132 -4.73 10.89 21.35
C GLY A 132 -5.34 11.69 20.19
N ASP A 133 -4.59 11.79 19.09
CA ASP A 133 -5.05 12.52 17.90
C ASP A 133 -4.75 11.70 16.64
N GLY A 134 -3.50 11.26 16.50
CA GLY A 134 -3.08 10.45 15.36
C GLY A 134 -2.46 11.24 14.22
N GLN A 135 -2.56 12.59 14.25
CA GLN A 135 -2.00 13.44 13.18
C GLN A 135 -0.47 13.32 13.13
N VAL A 136 0.01 12.93 11.95
CA VAL A 136 1.46 12.72 11.73
C VAL A 136 1.92 13.12 10.33
N ASN A 137 3.08 13.79 10.25
CA ASN A 137 3.64 14.25 8.97
C ASN A 137 4.75 13.30 8.46
N TYR A 138 5.51 13.77 7.46
CA TYR A 138 6.62 13.05 6.81
C TYR A 138 7.66 12.47 7.79
N GLU A 139 7.69 13.00 9.02
CA GLU A 139 8.65 12.54 10.04
C GLU A 139 8.39 11.09 10.49
N GLU A 140 7.20 10.82 11.04
CA GLU A 140 6.85 9.48 11.54
C GLU A 140 6.20 8.57 10.49
N PHE A 141 5.32 9.12 9.65
CA PHE A 141 4.61 8.31 8.63
C PHE A 141 5.56 7.77 7.55
N VAL A 142 6.79 8.31 7.49
CA VAL A 142 7.80 7.83 6.55
C VAL A 142 8.41 6.55 7.07
N GLN A 143 8.60 6.49 8.40
CA GLN A 143 9.14 5.31 9.06
C GLN A 143 8.20 4.12 8.84
N MET A 144 6.89 4.44 8.75
CA MET A 144 5.85 3.48 8.45
C MET A 144 6.03 3.02 6.99
N MET A 145 6.66 3.91 6.19
CA MET A 145 6.92 3.65 4.78
C MET A 145 8.29 2.99 4.57
N THR A 146 9.27 3.28 5.45
CA THR A 146 10.62 2.71 5.33
C THR A 146 10.71 1.31 5.95
N ALA A 147 9.85 1.04 6.93
CA ALA A 147 9.82 -0.24 7.61
C ALA A 147 8.86 -1.22 6.92
N LYS A 148 9.19 -2.51 6.99
CA LYS A 148 8.37 -3.57 6.38
C LYS A 148 8.10 -4.70 7.37
N ALA B 1 21.67 -10.68 25.26
CA ALA B 1 22.04 -9.61 24.31
C ALA B 1 20.94 -9.41 23.27
N GLY B 2 20.57 -8.13 23.06
CA GLY B 2 19.52 -7.80 22.10
C GLY B 2 19.22 -6.31 22.08
N HIS B 3 18.04 -5.97 21.52
CA HIS B 3 17.61 -4.57 21.42
C HIS B 3 16.20 -4.41 21.98
N MET B 4 16.01 -3.37 22.79
CA MET B 4 14.70 -3.08 23.39
C MET B 4 14.00 -1.95 22.65
N ARG B 5 12.69 -2.13 22.43
CA ARG B 5 11.88 -1.13 21.73
C ARG B 5 11.10 -0.26 22.72
N PRO B 6 10.69 1.00 22.32
CA PRO B 6 9.94 1.90 23.22
C PRO B 6 8.46 1.52 23.38
N LYS B 7 7.86 1.03 22.27
CA LYS B 7 6.45 0.61 22.28
C LYS B 7 6.31 -0.85 21.93
N ARG B 8 5.26 -1.48 22.48
CA ARG B 8 4.98 -2.91 22.24
C ARG B 8 3.81 -3.09 21.28
N ARG B 9 4.07 -3.79 20.17
CA ARG B 9 3.04 -4.05 19.15
C ARG B 9 3.06 -5.50 18.71
N GLU B 10 1.88 -6.01 18.32
CA GLU B 10 1.73 -7.41 17.86
C GLU B 10 1.19 -7.45 16.44
N ILE B 11 0.14 -6.65 16.17
CA ILE B 11 -0.48 -6.59 14.85
C ILE B 11 -0.62 -5.13 14.38
N PRO B 12 0.43 -4.55 13.70
CA PRO B 12 0.40 -3.16 13.21
C PRO B 12 -0.45 -2.96 11.96
N LEU B 13 -0.74 -1.68 11.65
CA LEU B 13 -1.54 -1.29 10.48
C LEU B 13 -0.70 -1.22 9.19
N LYS B 14 0.55 -1.73 9.27
CA LYS B 14 1.50 -1.73 8.13
C LYS B 14 0.95 -2.47 6.89
N VAL B 15 0.03 -1.78 6.17
CA VAL B 15 -0.60 -2.30 4.93
C VAL B 15 -1.33 -1.22 4.17
N LEU B 16 -2.16 -0.50 4.89
CA LEU B 16 -2.97 0.59 4.36
C LEU B 16 -2.15 1.74 3.79
N VAL B 17 -0.83 1.58 3.79
CA VAL B 17 0.10 2.56 3.26
C VAL B 17 1.12 1.84 2.39
N LYS B 18 1.57 0.69 2.89
CA LYS B 18 2.52 -0.15 2.16
C LYS B 18 1.91 -0.71 0.89
N ALA B 19 0.60 -0.94 0.94
CA ALA B 19 -0.14 -1.44 -0.20
C ALA B 19 -0.60 -0.26 -1.05
N VAL B 20 0.12 0.83 -0.83
CA VAL B 20 -0.12 2.11 -1.49
C VAL B 20 1.22 2.70 -1.96
N LEU B 21 2.35 2.27 -1.33
CA LEU B 21 3.67 2.75 -1.74
C LEU B 21 4.19 1.88 -2.87
N PHE B 22 3.54 0.70 -3.02
CA PHE B 22 3.91 -0.27 -4.04
C PHE B 22 3.39 0.16 -5.43
N ALA B 23 2.13 0.62 -5.48
CA ALA B 23 1.48 1.05 -6.71
C ALA B 23 1.81 2.51 -7.07
N CYS B 24 2.50 3.21 -6.14
CA CYS B 24 2.87 4.62 -6.35
C CYS B 24 4.18 4.76 -7.15
N MET B 25 4.60 3.67 -7.80
CA MET B 25 5.86 3.66 -8.58
C MET B 25 5.69 3.02 -9.97
N LEU B 26 4.53 2.37 -10.20
CA LEU B 26 4.23 1.70 -11.49
C LEU B 26 4.37 2.64 -12.71
N MET B 27 4.15 3.93 -12.50
CA MET B 27 4.26 4.92 -13.57
C MET B 27 5.14 6.11 -13.15
N ARG B 28 6.44 5.83 -13.06
CA ARG B 28 7.43 6.83 -12.68
C ARG B 28 8.32 7.20 -13.87
N LYS B 29 7.66 7.52 -15.02
CA LYS B 29 8.34 7.89 -16.28
C LYS B 29 9.22 6.76 -16.83
N ALA A 1 9.42 -19.76 -2.03
CA ALA A 1 8.95 -21.11 -2.43
C ALA A 1 9.01 -22.09 -1.26
N ASP A 2 10.11 -22.03 -0.50
CA ASP A 2 10.31 -22.91 0.66
C ASP A 2 10.28 -22.12 1.97
N GLN A 3 10.95 -20.96 1.99
CA GLN A 3 11.01 -20.10 3.17
C GLN A 3 10.64 -18.66 2.82
N LEU A 4 9.63 -18.13 3.51
CA LEU A 4 9.17 -16.76 3.29
C LEU A 4 9.65 -15.83 4.37
N THR A 5 9.89 -14.59 3.97
CA THR A 5 10.36 -13.54 4.86
C THR A 5 9.17 -12.64 5.21
N GLU A 6 9.12 -12.19 6.46
CA GLU A 6 8.00 -11.40 7.01
C GLU A 6 7.57 -10.18 6.18
N GLU A 7 8.48 -9.25 5.90
CA GLU A 7 8.13 -8.03 5.17
C GLU A 7 8.09 -8.23 3.66
N GLN A 8 8.70 -9.30 3.19
CA GLN A 8 8.69 -9.61 1.76
C GLN A 8 7.32 -10.20 1.40
N ILE A 9 6.82 -11.10 2.27
CA ILE A 9 5.50 -11.70 2.08
C ILE A 9 4.37 -10.87 2.72
N ALA A 10 4.73 -9.90 3.60
CA ALA A 10 3.72 -9.04 4.27
C ALA A 10 2.98 -8.15 3.29
N GLU A 11 3.66 -7.74 2.22
CA GLU A 11 3.10 -6.82 1.24
C GLU A 11 2.08 -7.56 0.39
N PHE A 12 2.50 -8.68 -0.20
CA PHE A 12 1.63 -9.50 -1.04
C PHE A 12 0.44 -10.00 -0.23
N LYS A 13 0.65 -10.18 1.10
CA LYS A 13 -0.42 -10.62 1.97
C LYS A 13 -1.50 -9.59 2.12
N GLU A 14 -1.07 -8.41 2.51
CA GLU A 14 -1.99 -7.36 2.73
C GLU A 14 -2.50 -6.81 1.40
N ALA A 15 -1.64 -6.96 0.39
CA ALA A 15 -1.97 -6.55 -0.96
C ALA A 15 -2.76 -7.64 -1.67
N PHE A 16 -3.06 -8.66 -0.87
CA PHE A 16 -3.83 -9.82 -1.30
C PHE A 16 -5.32 -9.50 -1.17
N SER A 17 -5.73 -9.00 0.02
CA SER A 17 -7.13 -8.61 0.22
C SER A 17 -7.38 -7.16 -0.26
N LEU A 18 -6.26 -6.44 -0.45
CA LEU A 18 -6.26 -5.03 -0.90
C LEU A 18 -6.80 -4.90 -2.34
N PHE A 19 -6.42 -5.86 -3.18
CA PHE A 19 -6.82 -5.87 -4.58
C PHE A 19 -7.93 -6.86 -4.85
N ASP A 20 -7.78 -8.04 -4.27
CA ASP A 20 -8.70 -9.14 -4.50
C ASP A 20 -10.03 -8.98 -3.73
N LYS A 21 -11.06 -8.41 -4.41
CA LYS A 21 -12.40 -8.24 -3.81
C LYS A 21 -13.16 -9.54 -3.94
N ASP A 22 -13.21 -10.00 -5.20
CA ASP A 22 -13.85 -11.27 -5.57
C ASP A 22 -12.96 -12.43 -5.10
N GLY A 23 -11.64 -12.24 -5.28
CA GLY A 23 -10.64 -13.21 -4.86
C GLY A 23 -10.81 -14.63 -5.35
N ASP A 24 -10.95 -14.78 -6.66
CA ASP A 24 -11.02 -16.10 -7.31
C ASP A 24 -9.62 -16.74 -7.22
N GLY A 25 -8.77 -15.94 -6.60
CA GLY A 25 -7.37 -16.24 -6.39
C GLY A 25 -6.50 -15.35 -7.24
N THR A 26 -7.17 -14.44 -7.95
CA THR A 26 -6.54 -13.47 -8.81
C THR A 26 -7.01 -12.05 -8.53
N ILE A 27 -6.37 -11.12 -9.21
CA ILE A 27 -6.64 -9.70 -9.13
C ILE A 27 -7.23 -9.22 -10.39
N THR A 28 -8.28 -8.49 -10.22
CA THR A 28 -9.00 -7.96 -11.34
C THR A 28 -8.74 -6.48 -11.53
N THR A 29 -9.12 -6.06 -12.71
CA THR A 29 -8.99 -4.69 -13.16
C THR A 29 -9.89 -3.76 -12.35
N LYS A 30 -11.14 -4.22 -12.07
CA LYS A 30 -12.14 -3.42 -11.32
C LYS A 30 -11.53 -2.73 -10.08
N GLU A 31 -10.58 -3.42 -9.44
CA GLU A 31 -9.89 -2.90 -8.27
C GLU A 31 -8.69 -2.05 -8.64
N LEU A 32 -7.83 -2.59 -9.51
CA LEU A 32 -6.57 -1.93 -9.94
C LEU A 32 -6.74 -0.45 -10.27
N GLY A 33 -7.88 -0.08 -10.87
CA GLY A 33 -8.13 1.32 -11.18
C GLY A 33 -8.68 2.08 -10.00
N THR A 34 -9.44 1.37 -9.18
CA THR A 34 -9.98 1.89 -7.93
C THR A 34 -8.85 2.07 -6.92
N VAL A 35 -7.75 1.34 -7.17
CA VAL A 35 -6.56 1.36 -6.30
C VAL A 35 -5.73 2.63 -6.56
N MET A 36 -5.24 2.67 -7.79
CA MET A 36 -4.38 3.75 -8.34
C MET A 36 -4.91 5.16 -8.09
N ARG A 37 -6.21 5.33 -8.38
CA ARG A 37 -6.87 6.63 -8.32
C ARG A 37 -6.54 7.49 -7.08
N SER A 38 -6.28 6.80 -5.98
CA SER A 38 -5.97 7.42 -4.67
C SER A 38 -4.78 8.38 -4.68
N LEU A 39 -3.80 8.15 -5.56
CA LEU A 39 -2.61 8.99 -5.63
C LEU A 39 -2.80 10.28 -6.45
N GLY A 40 -3.87 10.35 -7.26
CA GLY A 40 -4.14 11.56 -8.04
C GLY A 40 -3.91 11.41 -9.54
N GLN A 41 -4.14 10.22 -10.06
CA GLN A 41 -3.98 9.95 -11.49
C GLN A 41 -5.33 10.04 -12.21
N ASN A 42 -5.29 10.08 -13.55
CA ASN A 42 -6.51 10.16 -14.38
C ASN A 42 -7.39 8.90 -14.21
N PRO A 43 -8.58 9.02 -13.52
CA PRO A 43 -9.46 7.86 -13.27
C PRO A 43 -10.10 7.29 -14.56
N THR A 44 -9.38 6.37 -15.20
CA THR A 44 -9.86 5.72 -16.41
C THR A 44 -10.42 4.34 -16.09
N GLU A 45 -11.41 3.93 -16.88
CA GLU A 45 -12.08 2.63 -16.73
C GLU A 45 -11.29 1.54 -17.42
N ALA A 46 -10.56 1.92 -18.46
CA ALA A 46 -9.71 0.99 -19.19
C ALA A 46 -8.31 0.93 -18.59
N GLU A 47 -7.95 1.94 -17.78
CA GLU A 47 -6.61 1.96 -17.14
C GLU A 47 -6.33 0.71 -16.33
N LEU A 48 -7.37 0.17 -15.69
CA LEU A 48 -7.28 -1.05 -14.91
C LEU A 48 -7.27 -2.27 -15.83
N GLN A 49 -8.10 -2.24 -16.90
CA GLN A 49 -8.12 -3.33 -17.90
C GLN A 49 -6.86 -3.28 -18.77
N ASP A 50 -6.24 -2.08 -18.84
CA ASP A 50 -5.01 -1.85 -19.59
C ASP A 50 -3.80 -2.17 -18.73
N MET A 51 -3.83 -1.73 -17.46
CA MET A 51 -2.74 -2.01 -16.51
C MET A 51 -2.49 -3.51 -16.33
N ILE A 52 -3.55 -4.33 -16.46
CA ILE A 52 -3.41 -5.79 -16.33
C ILE A 52 -3.03 -6.43 -17.68
N ASN A 53 -3.17 -5.67 -18.77
CA ASN A 53 -2.88 -6.13 -20.12
C ASN A 53 -1.38 -6.32 -20.34
N GLU A 54 -0.63 -5.26 -20.00
CA GLU A 54 0.84 -5.27 -20.15
C GLU A 54 1.54 -6.06 -19.05
N VAL A 55 0.91 -6.13 -17.89
CA VAL A 55 1.45 -6.90 -16.78
C VAL A 55 0.55 -8.14 -16.61
N ASP A 56 0.08 -8.63 -17.78
CA ASP A 56 -0.85 -9.77 -17.87
C ASP A 56 -0.33 -11.09 -17.29
N ALA A 57 -0.98 -11.53 -16.20
CA ALA A 57 -0.67 -12.81 -15.56
C ALA A 57 -1.51 -13.90 -16.23
N ASP A 58 -2.78 -13.59 -16.33
CA ASP A 58 -3.77 -14.46 -16.97
C ASP A 58 -4.33 -13.75 -18.21
N GLY A 59 -4.20 -12.42 -18.21
CA GLY A 59 -4.59 -11.56 -19.33
C GLY A 59 -6.07 -11.46 -19.57
N ASN A 60 -6.86 -11.92 -18.61
CA ASN A 60 -8.29 -11.79 -18.69
C ASN A 60 -8.65 -10.58 -17.84
N GLY A 61 -7.61 -9.77 -17.61
CA GLY A 61 -7.71 -8.60 -16.79
C GLY A 61 -7.48 -8.91 -15.34
N THR A 62 -6.71 -9.97 -15.15
CA THR A 62 -6.39 -10.50 -13.84
C THR A 62 -4.91 -10.69 -13.63
N ILE A 63 -4.44 -10.21 -12.48
CA ILE A 63 -3.05 -10.33 -12.11
C ILE A 63 -2.95 -11.17 -10.83
N ASP A 64 -1.97 -12.03 -10.80
CA ASP A 64 -1.72 -12.94 -9.68
C ASP A 64 -0.80 -12.33 -8.62
N PHE A 65 -0.48 -13.12 -7.58
CA PHE A 65 0.39 -12.68 -6.47
C PHE A 65 1.87 -12.46 -6.89
N PRO A 66 2.47 -13.28 -7.81
CA PRO A 66 3.88 -13.09 -8.23
C PRO A 66 4.07 -11.98 -9.28
N GLU A 67 2.96 -11.58 -9.94
CA GLU A 67 3.01 -10.56 -10.97
C GLU A 67 2.82 -9.12 -10.46
N PHE A 68 1.78 -8.85 -9.64
CA PHE A 68 1.53 -7.48 -9.14
C PHE A 68 2.78 -6.82 -8.50
N LEU A 69 3.59 -7.63 -7.84
CA LEU A 69 4.81 -7.14 -7.16
C LEU A 69 6.04 -7.06 -8.04
N THR A 70 6.01 -7.75 -9.19
CA THR A 70 7.17 -7.78 -10.12
C THR A 70 7.74 -6.39 -10.36
N MET A 71 6.93 -5.37 -10.05
CA MET A 71 7.35 -3.99 -10.15
C MET A 71 8.01 -3.53 -8.85
N MET A 72 7.56 -4.08 -7.70
CA MET A 72 8.17 -3.74 -6.42
C MET A 72 9.35 -4.68 -6.21
N ALA A 73 9.26 -5.83 -6.89
CA ALA A 73 10.33 -6.80 -6.94
C ALA A 73 11.35 -6.29 -7.95
N ARG A 74 10.90 -5.33 -8.80
CA ARG A 74 11.73 -4.68 -9.77
C ARG A 74 12.61 -3.68 -9.06
N LYS A 75 12.02 -2.90 -8.13
CA LYS A 75 12.75 -1.94 -7.33
C LYS A 75 13.89 -2.64 -6.58
N MET A 76 13.78 -3.99 -6.53
CA MET A 76 14.77 -4.86 -5.94
C MET A 76 15.90 -5.07 -6.96
N LYS A 77 15.52 -5.23 -8.25
CA LYS A 77 16.48 -5.39 -9.33
C LYS A 77 16.92 -4.03 -9.91
N ASP A 78 16.21 -2.97 -9.50
CA ASP A 78 16.49 -1.59 -9.94
C ASP A 78 16.49 -0.65 -8.72
N THR A 79 17.66 -0.05 -8.43
CA THR A 79 17.81 0.86 -7.30
C THR A 79 17.47 2.31 -7.64
N ASP A 80 16.62 2.43 -8.66
CA ASP A 80 16.14 3.73 -9.13
C ASP A 80 14.96 4.20 -8.24
N SER A 81 14.74 3.46 -7.15
CA SER A 81 13.67 3.72 -6.19
C SER A 81 13.92 4.93 -5.28
N GLU A 82 15.17 5.38 -5.15
CA GLU A 82 15.51 6.54 -4.29
C GLU A 82 14.93 7.85 -4.87
N GLU A 83 14.82 7.91 -6.20
CA GLU A 83 14.28 9.08 -6.88
C GLU A 83 12.75 9.05 -6.90
N GLU A 84 12.19 7.84 -6.90
CA GLU A 84 10.74 7.63 -6.91
C GLU A 84 10.14 7.61 -5.50
N ILE A 85 10.99 7.34 -4.49
CA ILE A 85 10.59 7.22 -3.07
C ILE A 85 9.99 8.52 -2.48
N ARG A 86 10.32 9.67 -3.07
CA ARG A 86 9.81 10.97 -2.60
C ARG A 86 8.45 11.29 -3.23
N GLU A 87 8.25 10.80 -4.46
CA GLU A 87 6.97 10.97 -5.18
C GLU A 87 6.03 9.85 -4.75
N ALA A 88 6.66 8.73 -4.38
CA ALA A 88 5.96 7.56 -3.82
C ALA A 88 5.49 7.93 -2.42
N PHE A 89 6.10 9.00 -1.89
CA PHE A 89 5.73 9.56 -0.59
C PHE A 89 4.45 10.35 -0.76
N ARG A 90 4.38 11.08 -1.89
CA ARG A 90 3.22 11.91 -2.18
C ARG A 90 1.95 11.06 -2.37
N VAL A 91 2.18 9.76 -2.58
CA VAL A 91 1.14 8.74 -2.75
C VAL A 91 0.16 8.74 -1.55
N PHE A 92 0.75 8.83 -0.35
CA PHE A 92 0.05 8.84 0.91
C PHE A 92 0.02 10.28 1.43
N ALA A 93 1.11 11.01 1.16
CA ALA A 93 1.24 12.41 1.57
C ALA A 93 0.60 13.36 0.56
N LYS A 94 -0.55 13.89 0.93
CA LYS A 94 -1.28 14.85 0.10
C LYS A 94 -0.96 16.28 0.54
N ASP A 95 -0.13 16.37 1.60
CA ASP A 95 0.30 17.64 2.16
C ASP A 95 1.38 18.30 1.30
N GLY A 96 1.95 17.51 0.37
CA GLY A 96 3.01 18.01 -0.52
C GLY A 96 4.28 18.43 0.21
N ASN A 97 4.48 17.89 1.42
CA ASN A 97 5.64 18.21 2.24
C ASN A 97 6.27 16.94 2.82
N GLY A 98 5.43 15.97 3.17
CA GLY A 98 5.91 14.71 3.72
C GLY A 98 5.64 14.52 5.20
N TYR A 99 4.68 15.28 5.76
CA TYR A 99 4.31 15.16 7.18
C TYR A 99 2.99 14.39 7.28
N ILE A 100 3.08 13.11 7.63
CA ILE A 100 1.89 12.27 7.72
C ILE A 100 1.81 11.45 9.02
N SER A 101 0.83 11.82 9.85
CA SER A 101 0.53 11.19 11.12
C SER A 101 0.25 9.70 10.97
N ALA A 102 0.62 8.97 12.01
CA ALA A 102 0.41 7.53 12.10
C ALA A 102 -1.08 7.21 12.11
N ALA A 103 -1.87 8.27 12.32
CA ALA A 103 -3.33 8.20 12.36
C ALA A 103 -3.93 8.24 10.95
N GLU A 104 -3.12 8.70 9.98
CA GLU A 104 -3.54 8.84 8.58
C GLU A 104 -3.74 7.52 7.86
N LEU A 105 -3.15 6.41 8.37
CA LEU A 105 -3.31 5.10 7.73
C LEU A 105 -4.75 4.62 7.71
N ARG A 106 -5.52 5.22 8.59
CA ARG A 106 -6.93 4.96 8.71
C ARG A 106 -7.69 5.78 7.65
N HIS A 107 -7.08 6.91 7.21
CA HIS A 107 -7.68 7.76 6.18
C HIS A 107 -7.31 7.31 4.77
N VAL A 108 -6.03 6.94 4.53
CA VAL A 108 -5.60 6.48 3.21
C VAL A 108 -6.17 5.09 2.87
N MET A 109 -6.57 4.34 3.93
CA MET A 109 -7.15 3.02 3.75
C MET A 109 -8.62 3.12 3.32
N THR A 110 -9.33 4.08 3.91
CA THR A 110 -10.73 4.35 3.58
C THR A 110 -10.79 5.26 2.35
N ASN A 111 -9.64 5.93 2.07
CA ASN A 111 -9.50 6.75 0.85
C ASN A 111 -9.63 5.78 -0.33
N LEU A 112 -9.18 4.54 -0.08
CA LEU A 112 -9.31 3.44 -1.02
C LEU A 112 -10.65 2.73 -0.70
N GLY A 113 -11.13 2.99 0.53
CA GLY A 113 -12.39 2.47 1.03
C GLY A 113 -12.31 1.11 1.66
N GLU A 114 -11.16 0.83 2.24
CA GLU A 114 -10.87 -0.44 2.91
C GLU A 114 -11.73 -0.63 4.15
N LYS A 115 -12.13 -1.86 4.38
CA LYS A 115 -12.95 -2.22 5.48
C LYS A 115 -12.18 -3.08 6.48
N LEU A 116 -11.90 -2.46 7.60
CA LEU A 116 -11.14 -3.08 8.68
C LEU A 116 -11.79 -2.83 10.03
N THR A 117 -11.40 -3.62 11.04
CA THR A 117 -11.92 -3.47 12.40
C THR A 117 -11.01 -2.54 13.19
N ASP A 118 -11.47 -2.12 14.38
CA ASP A 118 -10.70 -1.20 15.23
C ASP A 118 -9.40 -1.83 15.76
N GLU A 119 -9.48 -3.10 16.18
CA GLU A 119 -8.32 -3.81 16.71
C GLU A 119 -7.52 -4.55 15.64
N GLU A 120 -8.19 -5.00 14.56
CA GLU A 120 -7.52 -5.69 13.47
C GLU A 120 -6.44 -4.80 12.85
N VAL A 121 -6.76 -3.52 12.63
CA VAL A 121 -5.81 -2.58 12.10
C VAL A 121 -4.95 -1.97 13.22
N ASP A 122 -5.41 -2.07 14.49
CA ASP A 122 -4.64 -1.54 15.62
C ASP A 122 -3.41 -2.41 15.88
N GLU A 123 -3.50 -3.67 15.45
CA GLU A 123 -2.41 -4.62 15.55
C GLU A 123 -1.51 -4.49 14.35
N MET A 124 -2.13 -4.35 13.16
CA MET A 124 -1.39 -4.16 11.91
C MET A 124 -0.69 -2.80 11.96
N ILE A 125 -1.29 -1.91 12.75
CA ILE A 125 -0.79 -0.57 12.96
C ILE A 125 0.30 -0.63 14.04
N ARG A 126 0.15 -1.58 14.98
CA ARG A 126 1.13 -1.78 16.03
C ARG A 126 2.30 -2.59 15.52
N GLU A 127 2.07 -3.13 14.34
CA GLU A 127 3.06 -3.90 13.62
C GLU A 127 4.20 -2.97 13.15
N ALA A 128 4.04 -1.66 13.44
CA ALA A 128 5.03 -0.62 13.06
C ALA A 128 4.99 0.63 13.96
N ALA A 129 4.60 0.51 15.25
CA ALA A 129 4.57 1.68 16.15
C ALA A 129 5.83 2.54 16.05
N ILE A 130 5.63 3.79 15.62
CA ILE A 130 6.71 4.78 15.51
C ILE A 130 7.33 4.98 16.90
N ASP A 131 8.50 5.64 16.92
CA ASP A 131 9.24 5.95 18.18
C ASP A 131 8.28 6.05 19.38
N GLY A 132 7.06 6.46 19.09
CA GLY A 132 5.99 6.59 20.05
C GLY A 132 5.40 7.99 20.09
N ASP A 133 5.65 8.78 19.02
CA ASP A 133 5.17 10.16 18.91
C ASP A 133 3.76 10.23 18.31
N GLY A 134 3.49 9.37 17.33
CA GLY A 134 2.18 9.30 16.69
C GLY A 134 2.10 9.87 15.28
N GLN A 135 3.12 10.63 14.82
CA GLN A 135 3.10 11.14 13.45
C GLN A 135 4.37 10.75 12.70
N VAL A 136 4.31 10.67 11.35
CA VAL A 136 5.52 10.26 10.59
C VAL A 136 5.79 11.13 9.36
N ASN A 137 7.07 11.48 9.19
CA ASN A 137 7.53 12.27 8.07
C ASN A 137 8.35 11.40 7.10
N TYR A 138 9.06 12.06 6.16
CA TYR A 138 9.92 11.41 5.16
C TYR A 138 11.08 10.62 5.79
N GLU A 139 11.39 10.94 7.06
CA GLU A 139 12.49 10.29 7.78
C GLU A 139 12.22 8.80 8.08
N GLU A 140 11.14 8.49 8.83
CA GLU A 140 10.82 7.10 9.18
C GLU A 140 9.91 6.41 8.18
N PHE A 141 8.99 7.15 7.56
CA PHE A 141 8.04 6.58 6.59
C PHE A 141 8.73 6.13 5.28
N VAL A 142 9.95 6.63 5.06
CA VAL A 142 10.74 6.26 3.87
C VAL A 142 11.46 4.94 4.10
N GLN A 143 11.96 4.74 5.33
CA GLN A 143 12.67 3.51 5.67
C GLN A 143 11.79 2.29 5.44
N MET A 144 10.48 2.47 5.65
CA MET A 144 9.49 1.44 5.37
C MET A 144 9.38 1.26 3.85
N MET A 145 9.75 2.33 3.13
CA MET A 145 9.71 2.34 1.67
C MET A 145 11.05 1.87 1.07
N THR A 146 12.17 2.09 1.81
CA THR A 146 13.49 1.69 1.33
C THR A 146 13.84 0.25 1.69
N ALA A 147 13.24 -0.24 2.79
CA ALA A 147 13.46 -1.61 3.26
C ALA A 147 12.50 -2.59 2.60
N LYS A 148 12.99 -3.81 2.36
CA LYS A 148 12.19 -4.86 1.73
C LYS A 148 11.65 -5.83 2.78
N ALA B 1 -19.88 2.32 37.79
CA ALA B 1 -19.44 0.91 37.66
C ALA B 1 -18.92 0.61 36.26
N GLY B 2 -17.77 -0.06 36.19
CA GLY B 2 -17.16 -0.41 34.92
C GLY B 2 -16.03 0.53 34.55
N HIS B 3 -16.38 1.70 33.98
CA HIS B 3 -15.42 2.74 33.56
C HIS B 3 -14.48 2.24 32.44
N MET B 4 -14.45 2.99 31.34
CA MET B 4 -13.61 2.64 30.18
C MET B 4 -12.75 3.83 29.74
N ARG B 5 -11.54 3.52 29.25
CA ARG B 5 -10.61 4.56 28.79
C ARG B 5 -10.39 4.46 27.27
N PRO B 6 -11.02 5.38 26.46
CA PRO B 6 -10.87 5.38 24.99
C PRO B 6 -9.48 5.84 24.54
N LYS B 7 -9.11 5.46 23.31
CA LYS B 7 -7.81 5.83 22.73
C LYS B 7 -7.95 7.03 21.80
N ARG B 8 -6.90 7.86 21.76
CA ARG B 8 -6.89 9.05 20.91
C ARG B 8 -5.64 9.09 20.03
N ARG B 9 -4.53 8.52 20.53
CA ARG B 9 -3.27 8.48 19.80
C ARG B 9 -3.16 7.21 18.95
N GLU B 10 -2.81 7.40 17.66
CA GLU B 10 -2.68 6.28 16.73
C GLU B 10 -1.22 6.05 16.34
N ILE B 11 -0.91 4.83 15.92
CA ILE B 11 0.44 4.43 15.51
C ILE B 11 0.43 3.98 14.03
N PRO B 12 1.62 3.96 13.32
CA PRO B 12 1.67 3.59 11.88
C PRO B 12 1.98 2.11 11.62
N LEU B 13 1.57 1.63 10.42
CA LEU B 13 1.80 0.28 10.01
C LEU B 13 2.76 0.24 8.81
N LYS B 14 3.57 -0.84 8.73
CA LYS B 14 4.58 -0.98 7.68
C LYS B 14 4.22 -1.98 6.53
N VAL B 15 2.99 -1.86 6.00
CA VAL B 15 2.55 -2.71 4.86
C VAL B 15 1.58 -1.94 3.97
N LEU B 16 0.67 -1.23 4.64
CA LEU B 16 -0.35 -0.39 4.05
C LEU B 16 0.22 0.78 3.23
N VAL B 17 1.51 0.69 2.96
CA VAL B 17 2.23 1.70 2.20
C VAL B 17 2.91 1.01 1.03
N LYS B 18 3.45 -0.19 1.30
CA LYS B 18 4.07 -0.99 0.27
C LYS B 18 3.04 -1.48 -0.73
N ALA B 19 1.78 -1.51 -0.28
CA ALA B 19 0.65 -1.88 -1.11
C ALA B 19 0.12 -0.61 -1.78
N VAL B 20 1.02 0.36 -1.85
CA VAL B 20 0.79 1.68 -2.40
C VAL B 20 2.01 2.14 -3.19
N LEU B 21 3.22 1.64 -2.85
CA LEU B 21 4.44 2.00 -3.57
C LEU B 21 4.51 1.23 -4.88
N PHE B 22 3.57 0.29 -5.05
CA PHE B 22 3.48 -0.53 -6.25
C PHE B 22 2.95 0.28 -7.45
N ALA B 23 2.03 1.21 -7.16
CA ALA B 23 1.41 2.04 -8.19
C ALA B 23 2.16 3.36 -8.45
N CYS B 24 3.20 3.65 -7.65
CA CYS B 24 3.99 4.89 -7.81
C CYS B 24 5.00 4.80 -8.98
N MET B 25 4.91 3.71 -9.77
CA MET B 25 5.82 3.49 -10.90
C MET B 25 5.07 3.18 -12.21
N LEU B 26 3.76 2.89 -12.12
CA LEU B 26 2.95 2.56 -13.31
C LEU B 26 2.94 3.70 -14.34
N MET B 27 2.86 4.94 -13.84
CA MET B 27 2.84 6.14 -14.70
C MET B 27 4.25 6.72 -14.87
N ARG B 28 4.99 6.84 -13.75
CA ARG B 28 6.37 7.38 -13.69
C ARG B 28 6.60 8.57 -14.65
N LYS B 29 5.71 9.57 -14.56
CA LYS B 29 5.80 10.78 -15.39
C LYS B 29 6.66 11.88 -14.76
N ALA A 1 3.23 -21.86 2.20
CA ALA A 1 4.42 -22.74 2.29
C ALA A 1 5.65 -21.97 2.77
N ASP A 2 5.83 -20.74 2.26
CA ASP A 2 6.95 -19.89 2.64
C ASP A 2 6.46 -18.52 3.08
N GLN A 3 6.91 -18.09 4.28
CA GLN A 3 6.53 -16.80 4.85
C GLN A 3 7.75 -16.06 5.36
N LEU A 4 7.70 -14.72 5.29
CA LEU A 4 8.80 -13.87 5.75
C LEU A 4 8.53 -13.33 7.15
N THR A 5 9.39 -12.41 7.63
CA THR A 5 9.19 -11.81 8.96
C THR A 5 7.93 -10.95 8.96
N GLU A 6 7.29 -10.85 10.13
CA GLU A 6 6.01 -10.15 10.34
C GLU A 6 5.84 -8.83 9.56
N GLU A 7 6.83 -7.93 9.64
CA GLU A 7 6.72 -6.63 8.97
C GLU A 7 7.18 -6.67 7.52
N GLN A 8 7.94 -7.70 7.15
CA GLN A 8 8.43 -7.85 5.78
C GLN A 8 7.26 -8.30 4.89
N ILE A 9 6.51 -9.28 5.39
CA ILE A 9 5.33 -9.80 4.70
C ILE A 9 4.06 -9.03 5.07
N ALA A 10 4.15 -8.18 6.12
CA ALA A 10 3.02 -7.34 6.58
C ALA A 10 2.33 -6.59 5.45
N GLU A 11 3.13 -6.11 4.50
CA GLU A 11 2.65 -5.30 3.39
C GLU A 11 1.93 -6.19 2.39
N PHE A 12 2.64 -7.26 1.98
CA PHE A 12 2.11 -8.23 1.03
C PHE A 12 0.83 -8.85 1.56
N LYS A 13 0.74 -8.98 2.90
CA LYS A 13 -0.43 -9.52 3.54
C LYS A 13 -1.63 -8.66 3.35
N GLU A 14 -1.49 -7.42 3.74
CA GLU A 14 -2.58 -6.52 3.66
C GLU A 14 -2.84 -6.14 2.21
N ALA A 15 -1.77 -6.21 1.41
CA ALA A 15 -1.85 -5.92 0.00
C ALA A 15 -2.30 -7.17 -0.76
N PHE A 16 -2.61 -8.18 0.03
CA PHE A 16 -3.09 -9.47 -0.44
C PHE A 16 -4.60 -9.40 -0.62
N SER A 17 -5.33 -8.98 0.44
CA SER A 17 -6.79 -8.88 0.37
C SER A 17 -7.25 -7.54 -0.23
N LEU A 18 -6.35 -6.55 -0.19
CA LEU A 18 -6.60 -5.20 -0.72
C LEU A 18 -6.47 -5.21 -2.26
N PHE A 19 -5.87 -6.29 -2.75
CA PHE A 19 -5.66 -6.51 -4.17
C PHE A 19 -6.48 -7.69 -4.66
N ASP A 20 -6.36 -8.81 -3.95
CA ASP A 20 -7.04 -10.04 -4.33
C ASP A 20 -8.51 -10.06 -3.86
N LYS A 21 -9.43 -9.62 -4.75
CA LYS A 21 -10.87 -9.61 -4.44
C LYS A 21 -11.42 -11.01 -4.64
N ASP A 22 -11.16 -11.51 -5.85
CA ASP A 22 -11.56 -12.87 -6.25
C ASP A 22 -10.65 -13.88 -5.55
N GLY A 23 -9.36 -13.52 -5.48
CA GLY A 23 -8.34 -14.32 -4.79
C GLY A 23 -8.24 -15.78 -5.18
N ASP A 24 -8.09 -16.02 -6.48
CA ASP A 24 -7.86 -17.36 -7.02
C ASP A 24 -6.44 -17.80 -6.65
N GLY A 25 -5.84 -16.87 -5.94
CA GLY A 25 -4.48 -16.93 -5.47
C GLY A 25 -3.66 -15.92 -6.24
N THR A 26 -4.27 -15.46 -7.33
CA THR A 26 -3.70 -14.42 -8.19
C THR A 26 -4.52 -13.14 -8.11
N ILE A 27 -4.05 -12.14 -8.85
CA ILE A 27 -4.66 -10.86 -8.94
C ILE A 27 -5.13 -10.59 -10.32
N THR A 28 -6.32 -10.08 -10.37
CA THR A 28 -6.95 -9.77 -11.64
C THR A 28 -6.88 -8.30 -11.94
N THR A 29 -7.17 -8.02 -13.19
CA THR A 29 -7.16 -6.69 -13.76
C THR A 29 -8.27 -5.81 -13.16
N LYS A 30 -9.48 -6.40 -12.97
CA LYS A 30 -10.64 -5.67 -12.40
C LYS A 30 -10.28 -4.86 -11.13
N GLU A 31 -9.22 -5.31 -10.44
CA GLU A 31 -8.70 -4.68 -9.24
C GLU A 31 -7.70 -3.60 -9.59
N LEU A 32 -6.67 -3.99 -10.36
CA LEU A 32 -5.56 -3.12 -10.76
C LEU A 32 -6.01 -1.73 -11.22
N GLY A 33 -7.17 -1.65 -11.89
CA GLY A 33 -7.67 -0.37 -12.32
C GLY A 33 -8.44 0.36 -11.23
N THR A 34 -9.05 -0.43 -10.37
CA THR A 34 -9.78 0.07 -9.20
C THR A 34 -8.78 0.55 -8.15
N VAL A 35 -7.54 0.05 -8.29
CA VAL A 35 -6.44 0.37 -7.38
C VAL A 35 -5.79 1.71 -7.72
N MET A 36 -5.21 1.71 -8.91
CA MET A 36 -4.50 2.86 -9.52
C MET A 36 -5.23 4.19 -9.41
N ARG A 37 -6.52 4.17 -9.73
CA ARG A 37 -7.36 5.36 -9.79
C ARG A 37 -7.21 6.34 -8.62
N SER A 38 -7.32 5.78 -7.43
CA SER A 38 -7.29 6.50 -6.14
C SER A 38 -6.16 7.54 -5.96
N LEU A 39 -5.11 7.47 -6.77
CA LEU A 39 -4.01 8.42 -6.67
C LEU A 39 -4.24 9.71 -7.48
N GLY A 40 -5.23 9.68 -8.39
CA GLY A 40 -5.55 10.87 -9.18
C GLY A 40 -5.15 10.80 -10.64
N GLN A 41 -5.20 9.61 -11.20
CA GLN A 41 -4.86 9.41 -12.62
C GLN A 41 -6.09 8.95 -13.41
N ASN A 42 -6.03 9.11 -14.75
CA ASN A 42 -7.13 8.70 -15.64
C ASN A 42 -7.21 7.16 -15.73
N PRO A 43 -8.23 6.52 -15.09
CA PRO A 43 -8.36 5.06 -15.10
C PRO A 43 -9.13 4.48 -16.30
N THR A 44 -8.41 3.71 -17.11
CA THR A 44 -8.99 3.04 -18.27
C THR A 44 -9.50 1.65 -17.88
N GLU A 45 -10.35 1.08 -18.73
CA GLU A 45 -10.93 -0.25 -18.49
C GLU A 45 -9.95 -1.33 -18.93
N ALA A 46 -9.18 -1.03 -19.98
CA ALA A 46 -8.16 -1.92 -20.48
C ALA A 46 -6.83 -1.67 -19.78
N GLU A 47 -6.68 -0.50 -19.10
CA GLU A 47 -5.43 -0.19 -18.38
C GLU A 47 -5.06 -1.27 -17.38
N LEU A 48 -6.07 -1.87 -16.74
CA LEU A 48 -5.87 -2.95 -15.79
C LEU A 48 -5.56 -4.26 -16.53
N GLN A 49 -6.25 -4.51 -17.66
CA GLN A 49 -6.00 -5.68 -18.50
C GLN A 49 -4.67 -5.52 -19.26
N ASP A 50 -4.26 -4.26 -19.47
CA ASP A 50 -3.01 -3.93 -20.16
C ASP A 50 -1.85 -3.88 -19.17
N MET A 51 -2.09 -3.30 -17.97
CA MET A 51 -1.05 -3.23 -16.92
C MET A 51 -0.60 -4.63 -16.46
N ILE A 52 -1.49 -5.64 -16.60
CA ILE A 52 -1.13 -7.01 -16.22
C ILE A 52 -0.43 -7.73 -17.39
N ASN A 53 -0.53 -7.14 -18.59
CA ASN A 53 0.05 -7.69 -19.81
C ASN A 53 1.57 -7.55 -19.81
N GLU A 54 2.03 -6.33 -19.51
CA GLU A 54 3.46 -6.02 -19.44
C GLU A 54 4.12 -6.50 -18.17
N VAL A 55 3.34 -6.54 -17.09
CA VAL A 55 3.83 -7.04 -15.80
C VAL A 55 3.19 -8.42 -15.59
N ASP A 56 3.02 -9.12 -16.74
CA ASP A 56 2.36 -10.44 -16.79
C ASP A 56 3.03 -11.55 -15.98
N ALA A 57 2.32 -12.01 -14.94
CA ALA A 57 2.77 -13.13 -14.10
C ALA A 57 2.26 -14.42 -14.73
N ASP A 58 0.98 -14.39 -15.03
CA ASP A 58 0.26 -15.49 -15.68
C ASP A 58 -0.22 -15.02 -17.07
N GLY A 59 -0.35 -13.70 -17.20
CA GLY A 59 -0.73 -13.04 -18.44
C GLY A 59 -2.14 -13.27 -18.91
N ASN A 60 -2.95 -13.84 -18.03
CA ASN A 60 -4.35 -14.03 -18.32
C ASN A 60 -5.09 -12.87 -17.68
N GLY A 61 -4.28 -11.84 -17.38
CA GLY A 61 -4.77 -10.65 -16.72
C GLY A 61 -4.68 -10.79 -15.23
N THR A 62 -3.72 -11.62 -14.83
CA THR A 62 -3.49 -11.93 -13.44
C THR A 62 -2.04 -11.75 -13.03
N ILE A 63 -1.87 -11.14 -11.87
CA ILE A 63 -0.57 -10.90 -11.29
C ILE A 63 -0.54 -11.47 -9.87
N ASP A 64 0.58 -12.06 -9.52
CA ASP A 64 0.78 -12.69 -8.22
C ASP A 64 1.19 -11.66 -7.14
N PHE A 65 1.26 -12.10 -5.87
CA PHE A 65 1.63 -11.22 -4.75
C PHE A 65 3.12 -10.76 -4.79
N PRO A 66 4.12 -11.62 -5.16
CA PRO A 66 5.53 -11.20 -5.21
C PRO A 66 5.91 -10.46 -6.51
N GLU A 67 5.07 -10.61 -7.55
CA GLU A 67 5.33 -10.02 -8.87
C GLU A 67 4.84 -8.56 -9.04
N PHE A 68 3.56 -8.28 -8.71
CA PHE A 68 2.97 -6.93 -8.87
C PHE A 68 3.93 -5.77 -8.54
N LEU A 69 4.61 -5.88 -7.41
CA LEU A 69 5.53 -4.83 -6.95
C LEU A 69 6.95 -4.95 -7.47
N THR A 70 7.33 -6.12 -8.00
CA THR A 70 8.70 -6.33 -8.51
C THR A 70 9.19 -5.16 -9.36
N MET A 71 8.25 -4.41 -9.93
CA MET A 71 8.56 -3.24 -10.71
C MET A 71 8.67 -2.00 -9.82
N MET A 72 7.85 -1.91 -8.75
CA MET A 72 7.94 -0.76 -7.84
C MET A 72 9.01 -1.08 -6.80
N ALA A 73 9.24 -2.39 -6.68
CA ALA A 73 10.29 -2.92 -5.81
C ALA A 73 11.60 -2.76 -6.56
N ARG A 74 11.48 -2.60 -7.92
CA ARG A 74 12.60 -2.37 -8.76
C ARG A 74 13.06 -0.93 -8.57
N LYS A 75 12.09 -0.01 -8.56
CA LYS A 75 12.34 1.40 -8.33
C LYS A 75 13.05 1.59 -6.97
N MET A 76 12.99 0.52 -6.16
CA MET A 76 13.63 0.45 -4.86
C MET A 76 15.07 -0.03 -5.03
N LYS A 77 15.28 -1.05 -5.92
CA LYS A 77 16.63 -1.57 -6.18
C LYS A 77 17.43 -0.62 -7.09
N ASP A 78 16.71 0.33 -7.70
CA ASP A 78 17.29 1.36 -8.56
C ASP A 78 17.35 2.68 -7.78
N THR A 79 18.15 3.65 -8.25
CA THR A 79 18.29 4.94 -7.57
C THR A 79 17.23 5.95 -7.98
N ASP A 80 16.10 5.42 -8.41
CA ASP A 80 14.93 6.20 -8.79
C ASP A 80 14.07 6.49 -7.55
N SER A 81 14.63 6.14 -6.38
CA SER A 81 13.98 6.28 -5.07
C SER A 81 13.75 7.74 -4.63
N GLU A 82 14.42 8.70 -5.29
CA GLU A 82 14.31 10.12 -4.94
C GLU A 82 13.12 10.83 -5.61
N GLU A 83 12.85 10.50 -6.88
CA GLU A 83 11.76 11.14 -7.63
C GLU A 83 10.40 10.45 -7.45
N GLU A 84 10.40 9.23 -6.94
CA GLU A 84 9.15 8.45 -6.74
C GLU A 84 8.45 8.74 -5.42
N ILE A 85 9.24 8.86 -4.34
CA ILE A 85 8.72 9.06 -2.98
C ILE A 85 7.89 10.36 -2.79
N ARG A 86 8.07 11.34 -3.70
CA ARG A 86 7.32 12.62 -3.63
C ARG A 86 5.96 12.51 -4.33
N GLU A 87 5.89 11.66 -5.36
CA GLU A 87 4.63 11.41 -6.10
C GLU A 87 3.87 10.32 -5.37
N ALA A 88 4.65 9.47 -4.70
CA ALA A 88 4.12 8.41 -3.84
C ALA A 88 3.56 9.07 -2.58
N PHE A 89 3.99 10.33 -2.38
CA PHE A 89 3.51 11.18 -1.29
C PHE A 89 2.09 11.61 -1.64
N ARG A 90 1.93 12.06 -2.91
CA ARG A 90 0.67 12.57 -3.40
C ARG A 90 -0.44 11.52 -3.34
N VAL A 91 -0.03 10.26 -3.32
CA VAL A 91 -0.90 9.09 -3.23
C VAL A 91 -1.85 9.18 -2.01
N PHE A 92 -1.27 9.58 -0.88
CA PHE A 92 -1.97 9.73 0.38
C PHE A 92 -2.19 11.22 0.63
N ALA A 93 -1.25 12.04 0.12
CA ALA A 93 -1.32 13.49 0.23
C ALA A 93 -2.43 14.06 -0.66
N LYS A 94 -2.92 15.26 -0.32
CA LYS A 94 -3.95 15.89 -1.13
C LYS A 94 -3.37 17.03 -1.92
N ASP A 95 -2.86 16.64 -3.09
CA ASP A 95 -2.21 17.56 -4.06
C ASP A 95 -0.95 18.18 -3.47
N GLY A 96 -0.66 17.77 -2.23
CA GLY A 96 0.49 18.28 -1.50
C GLY A 96 0.12 19.41 -0.58
N ASN A 97 -0.77 19.10 0.35
CA ASN A 97 -1.28 20.05 1.34
C ASN A 97 -0.22 20.45 2.37
N GLY A 98 0.66 19.50 2.70
CA GLY A 98 1.72 19.75 3.66
C GLY A 98 1.47 19.02 4.97
N TYR A 99 0.26 19.18 5.52
CA TYR A 99 -0.12 18.54 6.77
C TYR A 99 -1.06 17.37 6.50
N ILE A 100 -0.65 16.16 6.90
CA ILE A 100 -1.46 14.95 6.66
C ILE A 100 -1.67 14.15 7.97
N SER A 101 -2.87 14.35 8.54
CA SER A 101 -3.33 13.70 9.78
C SER A 101 -3.38 12.20 9.70
N ALA A 102 -2.99 11.58 10.81
CA ALA A 102 -3.03 10.13 10.98
C ALA A 102 -4.48 9.64 10.87
N ALA A 103 -5.39 10.62 10.97
CA ALA A 103 -6.84 10.37 10.85
C ALA A 103 -7.25 10.22 9.39
N GLU A 104 -6.37 10.67 8.48
CA GLU A 104 -6.58 10.57 7.04
C GLU A 104 -6.53 9.13 6.54
N LEU A 105 -5.95 8.22 7.37
CA LEU A 105 -5.89 6.79 7.05
C LEU A 105 -7.27 6.20 6.83
N ARG A 106 -8.25 6.92 7.33
CA ARG A 106 -9.65 6.59 7.22
C ARG A 106 -10.18 7.03 5.84
N HIS A 107 -9.60 8.12 5.30
CA HIS A 107 -9.99 8.65 4.00
C HIS A 107 -9.26 7.99 2.85
N VAL A 108 -7.93 7.76 2.98
CA VAL A 108 -7.16 7.11 1.90
C VAL A 108 -7.50 5.62 1.79
N MET A 109 -8.06 5.04 2.88
CA MET A 109 -8.47 3.64 2.88
C MET A 109 -9.77 3.45 2.11
N THR A 110 -10.69 4.39 2.29
CA THR A 110 -11.98 4.37 1.59
C THR A 110 -11.80 5.01 0.21
N ASN A 111 -10.70 5.77 0.05
CA ASN A 111 -10.34 6.34 -1.25
C ASN A 111 -10.03 5.14 -2.16
N LEU A 112 -9.54 4.07 -1.51
CA LEU A 112 -9.30 2.78 -2.15
C LEU A 112 -10.59 1.95 -2.01
N GLY A 113 -11.42 2.38 -1.02
CA GLY A 113 -12.71 1.75 -0.74
C GLY A 113 -12.65 0.57 0.20
N GLU A 114 -11.68 0.62 1.09
CA GLU A 114 -11.44 -0.41 2.09
C GLU A 114 -12.56 -0.45 3.12
N LYS A 115 -12.84 -1.65 3.59
CA LYS A 115 -13.86 -1.88 4.56
C LYS A 115 -13.28 -2.30 5.91
N LEU A 116 -13.45 -1.41 6.86
CA LEU A 116 -12.95 -1.60 8.23
C LEU A 116 -14.04 -1.24 9.24
N THR A 117 -13.81 -1.62 10.52
CA THR A 117 -14.76 -1.29 11.58
C THR A 117 -14.45 0.10 12.15
N ASP A 118 -15.34 0.62 13.00
CA ASP A 118 -15.17 1.96 13.58
C ASP A 118 -13.99 2.01 14.58
N GLU A 119 -13.88 0.98 15.43
CA GLU A 119 -12.82 0.92 16.43
C GLU A 119 -11.56 0.23 15.92
N GLU A 120 -11.70 -0.72 14.98
CA GLU A 120 -10.56 -1.42 14.41
C GLU A 120 -9.59 -0.45 13.76
N VAL A 121 -10.13 0.53 13.00
CA VAL A 121 -9.33 1.54 12.39
C VAL A 121 -9.08 2.71 13.32
N ASP A 122 -9.90 2.84 14.39
CA ASP A 122 -9.71 3.94 15.36
C ASP A 122 -8.47 3.68 16.20
N GLU A 123 -8.10 2.40 16.28
CA GLU A 123 -6.91 1.97 16.98
C GLU A 123 -5.71 2.02 16.06
N MET A 124 -5.92 1.63 14.79
CA MET A 124 -4.87 1.68 13.77
C MET A 124 -4.58 3.13 13.42
N ILE A 125 -5.59 3.97 13.71
CA ILE A 125 -5.51 5.40 13.48
C ILE A 125 -4.78 6.04 14.67
N ARG A 126 -5.04 5.49 15.87
CA ARG A 126 -4.43 6.00 17.10
C ARG A 126 -3.06 5.44 17.35
N GLU A 127 -2.74 4.43 16.57
CA GLU A 127 -1.44 3.78 16.62
C GLU A 127 -0.38 4.70 15.99
N ALA A 128 -0.85 5.85 15.48
CA ALA A 128 0.02 6.83 14.83
C ALA A 128 -0.27 8.28 15.27
N ALA A 129 -1.18 8.46 16.25
CA ALA A 129 -1.54 9.81 16.75
C ALA A 129 -0.30 10.54 17.28
N ILE A 130 0.11 11.57 16.54
CA ILE A 130 1.27 12.38 16.91
C ILE A 130 0.82 13.75 17.37
N ASP A 131 1.53 14.24 18.39
CA ASP A 131 1.27 15.53 19.06
C ASP A 131 -0.12 15.59 19.72
N GLY A 132 -1.08 14.91 19.09
CA GLY A 132 -2.45 14.84 19.56
C GLY A 132 -3.45 15.05 18.44
N ASP A 133 -2.99 15.69 17.34
CA ASP A 133 -3.84 15.95 16.17
C ASP A 133 -3.68 14.84 15.13
N GLY A 134 -2.43 14.42 14.92
CA GLY A 134 -2.14 13.35 13.97
C GLY A 134 -1.56 13.84 12.64
N GLN A 135 -1.63 15.16 12.38
CA GLN A 135 -1.12 15.75 11.13
C GLN A 135 0.38 15.54 10.96
N VAL A 136 0.73 14.94 9.82
CA VAL A 136 2.14 14.62 9.50
C VAL A 136 2.47 14.76 8.02
N ASN A 137 3.63 15.37 7.74
CA ASN A 137 4.11 15.61 6.37
C ASN A 137 5.05 14.51 5.85
N TYR A 138 5.70 14.87 4.72
CA TYR A 138 6.69 14.07 3.98
C TYR A 138 7.72 13.33 4.85
N GLU A 139 7.91 13.77 6.11
CA GLU A 139 8.88 13.15 7.02
C GLU A 139 8.61 11.66 7.30
N GLU A 140 7.36 11.33 7.69
CA GLU A 140 6.99 9.94 8.02
C GLU A 140 6.48 9.14 6.82
N PHE A 141 5.60 9.75 6.00
CA PHE A 141 5.01 9.07 4.82
C PHE A 141 6.07 8.59 3.83
N VAL A 142 7.20 9.30 3.79
CA VAL A 142 8.32 8.94 2.94
C VAL A 142 9.17 7.89 3.59
N GLN A 143 9.53 8.13 4.87
CA GLN A 143 10.36 7.22 5.64
C GLN A 143 9.71 5.84 5.71
N MET A 144 8.38 5.83 5.65
CA MET A 144 7.60 4.61 5.62
C MET A 144 7.98 3.82 4.37
N MET A 145 8.23 4.55 3.26
CA MET A 145 8.62 3.94 2.00
C MET A 145 10.15 3.84 1.83
N THR A 146 10.92 4.80 2.39
CA THR A 146 12.37 4.80 2.24
C THR A 146 13.07 3.75 3.10
N ALA A 147 12.43 3.38 4.21
CA ALA A 147 12.96 2.37 5.13
C ALA A 147 12.63 0.96 4.68
N LYS A 148 13.61 0.05 4.79
CA LYS A 148 13.45 -1.34 4.40
C LYS A 148 13.16 -2.23 5.62
N ALA B 1 8.11 -26.68 25.80
CA ALA B 1 6.99 -25.78 26.17
C ALA B 1 7.16 -25.23 27.59
N GLY B 2 6.85 -23.94 27.76
CA GLY B 2 6.97 -23.31 29.06
C GLY B 2 7.29 -21.83 28.95
N HIS B 3 6.31 -20.99 29.29
CA HIS B 3 6.46 -19.53 29.22
C HIS B 3 6.05 -18.88 30.55
N MET B 4 4.91 -19.34 31.12
CA MET B 4 4.35 -18.84 32.40
C MET B 4 3.78 -17.42 32.27
N ARG B 5 4.58 -16.50 31.73
CA ARG B 5 4.16 -15.10 31.54
C ARG B 5 3.98 -14.78 30.05
N PRO B 6 2.76 -14.29 29.62
CA PRO B 6 2.50 -13.95 28.20
C PRO B 6 3.32 -12.74 27.72
N LYS B 7 3.53 -12.67 26.41
CA LYS B 7 4.29 -11.57 25.80
C LYS B 7 3.39 -10.65 25.00
N ARG B 8 3.77 -9.37 24.93
CA ARG B 8 2.99 -8.35 24.21
C ARG B 8 3.62 -8.09 22.83
N ARG B 9 2.74 -7.92 21.83
CA ARG B 9 3.19 -7.66 20.45
C ARG B 9 2.47 -6.45 19.87
N GLU B 10 3.26 -5.52 19.33
CA GLU B 10 2.72 -4.29 18.72
C GLU B 10 3.36 -4.04 17.37
N ILE B 11 2.54 -3.57 16.41
CA ILE B 11 3.00 -3.28 15.05
C ILE B 11 2.37 -1.98 14.51
N PRO B 12 3.11 -1.17 13.69
CA PRO B 12 2.58 0.09 13.12
C PRO B 12 1.62 -0.16 11.94
N LEU B 13 1.08 0.93 11.37
CA LEU B 13 0.14 0.83 10.24
C LEU B 13 0.88 0.80 8.88
N LYS B 14 2.09 0.21 8.88
CA LYS B 14 2.91 0.12 7.66
C LYS B 14 2.30 -0.86 6.63
N VAL B 15 1.14 -0.46 6.09
CA VAL B 15 0.41 -1.26 5.10
C VAL B 15 -0.52 -0.42 4.28
N LEU B 16 -1.34 0.34 4.97
CA LEU B 16 -2.30 1.24 4.37
C LEU B 16 -1.64 2.42 3.63
N VAL B 17 -0.32 2.31 3.49
CA VAL B 17 0.49 3.29 2.79
C VAL B 17 1.40 2.53 1.83
N LYS B 18 2.02 1.46 2.34
CA LYS B 18 2.87 0.59 1.55
C LYS B 18 2.08 -0.13 0.47
N ALA B 19 0.79 -0.32 0.74
CA ALA B 19 -0.13 -0.93 -0.19
C ALA B 19 -0.83 0.15 -0.99
N VAL B 20 -0.03 1.20 -1.19
CA VAL B 20 -0.42 2.42 -1.88
C VAL B 20 0.80 3.01 -2.60
N LEU B 21 2.02 2.70 -2.12
CA LEU B 21 3.23 3.23 -2.74
C LEU B 21 3.60 2.43 -4.00
N PHE B 22 2.80 1.38 -4.32
CA PHE B 22 3.04 0.58 -5.53
C PHE B 22 2.60 1.35 -6.78
N ALA B 23 1.30 1.68 -6.83
CA ALA B 23 0.68 2.39 -7.96
C ALA B 23 1.31 3.75 -8.25
N CYS B 24 2.20 4.19 -7.35
CA CYS B 24 2.90 5.47 -7.47
C CYS B 24 3.97 5.46 -8.59
N MET B 25 4.13 4.33 -9.31
CA MET B 25 5.15 4.24 -10.36
C MET B 25 4.66 3.55 -11.65
N LEU B 26 3.39 3.09 -11.68
CA LEU B 26 2.83 2.42 -12.88
C LEU B 26 2.89 3.29 -14.14
N MET B 27 2.60 4.58 -14.00
CA MET B 27 2.60 5.52 -15.12
C MET B 27 3.91 6.33 -15.21
N ARG B 28 4.88 6.01 -14.35
CA ARG B 28 6.17 6.70 -14.33
C ARG B 28 7.22 5.91 -15.14
N LYS B 29 6.87 5.60 -16.39
CA LYS B 29 7.76 4.85 -17.29
C LYS B 29 8.62 5.80 -18.12
N ALA A 1 0.41 -22.40 -3.68
CA ALA A 1 -0.42 -23.57 -4.08
C ALA A 1 -0.54 -24.58 -2.94
N ASP A 2 0.58 -24.82 -2.24
CA ASP A 2 0.62 -25.76 -1.12
C ASP A 2 1.22 -25.11 0.12
N GLN A 3 2.33 -24.38 -0.07
CA GLN A 3 3.02 -23.70 1.03
C GLN A 3 2.77 -22.20 0.97
N LEU A 4 2.47 -21.61 2.13
CA LEU A 4 2.21 -20.17 2.23
C LEU A 4 3.42 -19.43 2.77
N THR A 5 3.47 -18.15 2.43
CA THR A 5 4.53 -17.25 2.85
C THR A 5 4.05 -16.37 4.01
N GLU A 6 4.92 -15.52 4.56
CA GLU A 6 4.54 -14.65 5.66
C GLU A 6 3.84 -13.35 5.21
N GLU A 7 4.54 -12.55 4.39
CA GLU A 7 4.01 -11.27 3.89
C GLU A 7 3.24 -11.37 2.60
N GLN A 8 3.66 -12.25 1.69
CA GLN A 8 2.99 -12.41 0.38
C GLN A 8 1.51 -12.73 0.55
N ILE A 9 1.18 -13.42 1.64
CA ILE A 9 -0.20 -13.79 1.99
C ILE A 9 -0.86 -12.69 2.79
N ALA A 10 -0.03 -11.85 3.41
CA ALA A 10 -0.52 -10.71 4.19
C ALA A 10 -0.84 -9.51 3.31
N GLU A 11 0.00 -9.31 2.28
CA GLU A 11 -0.11 -8.15 1.41
C GLU A 11 -1.07 -8.43 0.27
N PHE A 12 -0.77 -9.49 -0.51
CA PHE A 12 -1.61 -9.88 -1.65
C PHE A 12 -3.04 -10.14 -1.20
N LYS A 13 -3.22 -10.70 0.01
CA LYS A 13 -4.55 -10.94 0.54
C LYS A 13 -5.36 -9.69 0.66
N GLU A 14 -4.82 -8.73 1.37
CA GLU A 14 -5.52 -7.51 1.59
C GLU A 14 -5.57 -6.70 0.30
N ALA A 15 -4.55 -6.92 -0.52
CA ALA A 15 -4.44 -6.27 -1.81
C ALA A 15 -5.30 -6.99 -2.84
N PHE A 16 -5.97 -8.01 -2.33
CA PHE A 16 -6.87 -8.85 -3.10
C PHE A 16 -8.25 -8.22 -3.13
N SER A 17 -8.78 -7.82 -1.97
CA SER A 17 -10.11 -7.21 -1.93
C SER A 17 -10.05 -5.70 -2.22
N LEU A 18 -8.83 -5.13 -2.14
CA LEU A 18 -8.60 -3.69 -2.40
C LEU A 18 -8.58 -3.42 -3.92
N PHE A 19 -8.00 -4.36 -4.67
CA PHE A 19 -7.92 -4.26 -6.12
C PHE A 19 -9.02 -5.03 -6.79
N ASP A 20 -9.21 -6.28 -6.33
CA ASP A 20 -10.19 -7.15 -6.95
C ASP A 20 -11.64 -6.75 -6.60
N LYS A 21 -12.09 -5.56 -7.08
CA LYS A 21 -13.46 -5.09 -6.82
C LYS A 21 -14.46 -5.88 -7.67
N ASP A 22 -13.98 -6.30 -8.83
CA ASP A 22 -14.74 -7.15 -9.76
C ASP A 22 -14.53 -8.61 -9.32
N GLY A 23 -13.25 -8.94 -9.11
CA GLY A 23 -12.84 -10.26 -8.61
C GLY A 23 -13.24 -11.47 -9.41
N ASP A 24 -12.88 -11.47 -10.70
CA ASP A 24 -13.10 -12.62 -11.58
C ASP A 24 -12.14 -13.74 -11.14
N GLY A 25 -11.41 -13.37 -10.10
CA GLY A 25 -10.41 -14.18 -9.45
C GLY A 25 -9.03 -13.63 -9.73
N THR A 26 -9.01 -12.58 -10.55
CA THR A 26 -7.81 -11.88 -10.93
C THR A 26 -7.94 -10.37 -10.70
N ILE A 27 -6.85 -9.66 -10.99
CA ILE A 27 -6.77 -8.23 -10.86
C ILE A 27 -6.75 -7.60 -12.20
N THR A 28 -7.64 -6.68 -12.34
CA THR A 28 -7.81 -5.98 -13.59
C THR A 28 -7.18 -4.60 -13.55
N THR A 29 -7.18 -4.02 -14.72
CA THR A 29 -6.64 -2.71 -14.97
C THR A 29 -7.47 -1.61 -14.29
N LYS A 30 -8.82 -1.67 -14.42
CA LYS A 30 -9.69 -0.65 -13.77
C LYS A 30 -9.42 -0.56 -12.26
N GLU A 31 -8.82 -1.61 -11.70
CA GLU A 31 -8.43 -1.66 -10.30
C GLU A 31 -7.12 -0.93 -10.12
N LEU A 32 -6.12 -1.39 -10.88
CA LEU A 32 -4.75 -0.86 -10.86
C LEU A 32 -4.72 0.64 -11.04
N GLY A 33 -5.70 1.18 -11.78
CA GLY A 33 -5.77 2.61 -11.97
C GLY A 33 -6.45 3.33 -10.83
N THR A 34 -7.42 2.65 -10.23
CA THR A 34 -8.13 3.17 -9.06
C THR A 34 -7.17 3.19 -7.86
N VAL A 35 -6.11 2.38 -7.98
CA VAL A 35 -5.09 2.24 -6.94
C VAL A 35 -4.06 3.37 -7.01
N MET A 36 -3.36 3.38 -8.14
CA MET A 36 -2.30 4.35 -8.49
C MET A 36 -2.70 5.81 -8.30
N ARG A 37 -3.89 6.14 -8.80
CA ARG A 37 -4.38 7.50 -8.81
C ARG A 37 -4.41 8.18 -7.44
N SER A 38 -4.59 7.36 -6.40
CA SER A 38 -4.69 7.82 -5.01
C SER A 38 -3.42 8.46 -4.44
N LEU A 39 -2.26 8.20 -5.05
CA LEU A 39 -1.00 8.75 -4.56
C LEU A 39 -0.62 10.08 -5.25
N GLY A 40 -1.28 10.40 -6.36
CA GLY A 40 -1.00 11.65 -7.08
C GLY A 40 -0.29 11.46 -8.41
N GLN A 41 -0.60 10.34 -9.06
CA GLN A 41 -0.01 10.02 -10.37
C GLN A 41 -0.93 10.50 -11.51
N ASN A 42 -0.42 10.45 -12.75
CA ASN A 42 -1.19 10.87 -13.93
C ASN A 42 -2.35 9.89 -14.19
N PRO A 43 -3.64 10.30 -13.93
CA PRO A 43 -4.80 9.41 -14.14
C PRO A 43 -5.08 9.08 -15.60
N THR A 44 -4.42 8.04 -16.11
CA THR A 44 -4.61 7.57 -17.47
C THR A 44 -5.48 6.32 -17.50
N GLU A 45 -6.20 6.17 -18.60
CA GLU A 45 -7.10 5.04 -18.81
C GLU A 45 -6.34 3.84 -19.33
N ALA A 46 -5.26 4.11 -20.06
CA ALA A 46 -4.40 3.09 -20.59
C ALA A 46 -3.29 2.72 -19.60
N GLU A 47 -3.01 3.61 -18.63
CA GLU A 47 -1.95 3.32 -17.62
C GLU A 47 -2.19 2.01 -16.89
N LEU A 48 -3.46 1.69 -16.63
CA LEU A 48 -3.84 0.46 -15.96
C LEU A 48 -3.81 -0.72 -16.95
N GLN A 49 -4.25 -0.48 -18.20
CA GLN A 49 -4.19 -1.50 -19.26
C GLN A 49 -2.73 -1.70 -19.72
N ASP A 50 -1.91 -0.66 -19.51
CA ASP A 50 -0.48 -0.68 -19.87
C ASP A 50 0.34 -1.26 -18.72
N MET A 51 0.02 -0.85 -17.47
CA MET A 51 0.72 -1.38 -16.29
C MET A 51 0.56 -2.90 -16.16
N ILE A 52 -0.56 -3.46 -16.67
CA ILE A 52 -0.77 -4.91 -16.64
C ILE A 52 -0.08 -5.59 -17.85
N ASN A 53 0.30 -4.78 -18.85
CA ASN A 53 0.95 -5.26 -20.06
C ASN A 53 2.39 -5.66 -19.81
N GLU A 54 3.13 -4.75 -19.17
CA GLU A 54 4.54 -4.99 -18.83
C GLU A 54 4.68 -5.97 -17.67
N VAL A 55 3.65 -6.04 -16.84
CA VAL A 55 3.61 -6.97 -15.73
C VAL A 55 2.53 -7.99 -16.08
N ASP A 56 2.58 -8.40 -17.37
CA ASP A 56 1.62 -9.34 -17.99
C ASP A 56 1.56 -10.73 -17.33
N ALA A 57 0.53 -10.93 -16.48
CA ALA A 57 0.30 -12.23 -15.84
C ALA A 57 -0.61 -13.09 -16.72
N ASP A 58 -1.73 -12.48 -17.09
CA ASP A 58 -2.73 -13.10 -17.96
C ASP A 58 -2.86 -12.31 -19.28
N GLY A 59 -2.46 -11.03 -19.20
CA GLY A 59 -2.43 -10.13 -20.34
C GLY A 59 -3.76 -9.74 -20.92
N ASN A 60 -4.83 -10.05 -20.20
CA ASN A 60 -6.14 -9.64 -20.60
C ASN A 60 -6.45 -8.39 -19.80
N GLY A 61 -5.36 -7.80 -19.28
CA GLY A 61 -5.44 -6.63 -18.45
C GLY A 61 -5.67 -7.03 -17.01
N THR A 62 -5.20 -8.23 -16.73
CA THR A 62 -5.34 -8.83 -15.42
C THR A 62 -4.02 -9.33 -14.88
N ILE A 63 -3.85 -9.15 -13.57
CA ILE A 63 -2.69 -9.59 -12.88
C ILE A 63 -3.12 -10.47 -11.70
N ASP A 64 -2.38 -11.53 -11.51
CA ASP A 64 -2.64 -12.50 -10.46
C ASP A 64 -1.65 -12.33 -9.29
N PHE A 65 -1.69 -13.28 -8.33
CA PHE A 65 -0.83 -13.25 -7.14
C PHE A 65 0.68 -13.41 -7.45
N PRO A 66 1.12 -14.24 -8.47
CA PRO A 66 2.56 -14.43 -8.78
C PRO A 66 3.24 -13.16 -9.32
N GLU A 67 2.51 -12.37 -10.11
CA GLU A 67 3.03 -11.14 -10.71
C GLU A 67 2.85 -9.92 -9.78
N PHE A 68 1.61 -9.73 -9.29
CA PHE A 68 1.24 -8.63 -8.37
C PHE A 68 2.35 -8.22 -7.38
N LEU A 69 2.93 -9.20 -6.69
CA LEU A 69 3.97 -8.94 -5.69
C LEU A 69 5.39 -8.89 -6.24
N THR A 70 5.61 -9.40 -7.45
CA THR A 70 6.96 -9.42 -8.07
C THR A 70 7.65 -8.06 -7.95
N MET A 71 6.85 -7.02 -7.76
CA MET A 71 7.36 -5.69 -7.57
C MET A 71 7.69 -5.40 -6.11
N MET A 72 6.98 -6.04 -5.15
CA MET A 72 7.30 -5.86 -3.73
C MET A 72 8.38 -6.87 -3.38
N ALA A 73 8.36 -7.98 -4.13
CA ALA A 73 9.37 -9.01 -4.03
C ALA A 73 10.61 -8.50 -4.75
N ARG A 74 10.41 -7.46 -5.61
CA ARG A 74 11.47 -6.81 -6.31
C ARG A 74 12.25 -5.97 -5.32
N LYS A 75 11.52 -5.25 -4.44
CA LYS A 75 12.12 -4.44 -3.40
C LYS A 75 13.01 -5.30 -2.50
N MET A 76 12.79 -6.63 -2.58
CA MET A 76 13.57 -7.63 -1.87
C MET A 76 14.88 -7.85 -2.62
N LYS A 77 14.80 -7.78 -3.96
CA LYS A 77 15.99 -7.90 -4.84
C LYS A 77 16.71 -6.56 -4.90
N ASP A 78 15.90 -5.52 -5.13
CA ASP A 78 16.38 -4.14 -5.21
C ASP A 78 16.22 -3.45 -3.84
N THR A 79 17.35 -3.24 -3.13
CA THR A 79 17.34 -2.60 -1.82
C THR A 79 17.41 -1.09 -1.89
N ASP A 80 16.95 -0.57 -3.01
CA ASP A 80 16.89 0.88 -3.25
C ASP A 80 15.58 1.44 -2.66
N SER A 81 14.89 0.57 -1.91
CA SER A 81 13.60 0.88 -1.27
C SER A 81 13.71 1.90 -0.11
N GLU A 82 14.93 2.13 0.41
CA GLU A 82 15.11 3.08 1.52
C GLU A 82 14.95 4.54 1.04
N GLU A 83 15.49 4.83 -0.15
CA GLU A 83 15.39 6.17 -0.75
C GLU A 83 13.96 6.45 -1.22
N GLU A 84 13.24 5.37 -1.57
CA GLU A 84 11.85 5.44 -2.03
C GLU A 84 10.87 5.41 -0.85
N ILE A 85 11.29 4.77 0.25
CA ILE A 85 10.47 4.57 1.46
C ILE A 85 9.84 5.85 2.04
N ARG A 86 10.48 6.99 1.81
CA ARG A 86 9.97 8.29 2.30
C ARG A 86 8.98 8.90 1.30
N GLU A 87 9.17 8.62 0.01
CA GLU A 87 8.28 9.09 -1.04
C GLU A 87 7.14 8.10 -1.21
N ALA A 88 7.45 6.84 -0.89
CA ALA A 88 6.48 5.74 -0.88
C ALA A 88 5.56 5.92 0.32
N PHE A 89 6.04 6.74 1.26
CA PHE A 89 5.28 7.13 2.45
C PHE A 89 4.31 8.22 2.09
N ARG A 90 4.78 9.15 1.25
CA ARG A 90 3.98 10.28 0.80
C ARG A 90 2.73 9.80 0.03
N VAL A 91 2.77 8.51 -0.34
CA VAL A 91 1.72 7.81 -1.05
C VAL A 91 0.31 8.05 -0.45
N PHE A 92 0.22 8.03 0.89
CA PHE A 92 -1.02 8.28 1.60
C PHE A 92 -0.97 9.64 2.28
N ALA A 93 0.24 10.00 2.73
CA ALA A 93 0.47 11.27 3.41
C ALA A 93 0.75 12.43 2.46
N LYS A 94 0.37 13.61 2.93
CA LYS A 94 0.63 14.88 2.23
C LYS A 94 1.83 15.51 2.90
N ASP A 95 2.49 14.66 3.71
CA ASP A 95 3.63 15.01 4.56
C ASP A 95 3.19 16.06 5.56
N GLY A 96 1.88 16.34 5.45
CA GLY A 96 1.23 17.30 6.34
C GLY A 96 0.73 16.59 7.59
N ASN A 97 1.18 15.34 7.71
CA ASN A 97 0.84 14.45 8.80
C ASN A 97 1.63 14.75 10.10
N GLY A 98 2.87 14.26 10.19
CA GLY A 98 3.69 14.47 11.39
C GLY A 98 3.58 13.32 12.37
N TYR A 99 2.33 12.99 12.73
CA TYR A 99 2.01 11.89 13.65
C TYR A 99 0.74 11.19 13.20
N ILE A 100 0.79 9.87 13.07
CA ILE A 100 -0.38 9.10 12.60
C ILE A 100 -0.72 7.88 13.46
N SER A 101 -1.86 8.01 14.14
CA SER A 101 -2.44 6.96 14.99
C SER A 101 -2.95 5.81 14.19
N ALA A 102 -2.71 4.63 14.75
CA ALA A 102 -3.18 3.36 14.19
C ALA A 102 -4.68 3.41 13.94
N ALA A 103 -5.35 4.38 14.59
CA ALA A 103 -6.79 4.59 14.48
C ALA A 103 -7.15 5.31 13.18
N GLU A 104 -6.15 5.97 12.57
CA GLU A 104 -6.32 6.70 11.31
C GLU A 104 -6.50 5.75 10.13
N LEU A 105 -6.12 4.47 10.32
CA LEU A 105 -6.27 3.44 9.29
C LEU A 105 -7.72 3.29 8.89
N ARG A 106 -8.56 3.56 9.85
CA ARG A 106 -9.99 3.52 9.71
C ARG A 106 -10.44 4.69 8.81
N HIS A 107 -9.66 5.79 8.81
CA HIS A 107 -9.98 6.96 7.99
C HIS A 107 -9.49 6.85 6.55
N VAL A 108 -8.23 6.43 6.33
CA VAL A 108 -7.70 6.32 4.95
C VAL A 108 -8.37 5.16 4.17
N MET A 109 -8.89 4.15 4.88
CA MET A 109 -9.59 3.04 4.24
C MET A 109 -11.00 3.42 3.85
N THR A 110 -11.68 4.16 4.71
CA THR A 110 -13.04 4.60 4.42
C THR A 110 -12.99 5.84 3.51
N ASN A 111 -11.81 6.50 3.49
CA ASN A 111 -11.57 7.64 2.60
C ASN A 111 -11.73 7.12 1.16
N LEU A 112 -11.34 5.84 0.98
CA LEU A 112 -11.51 5.13 -0.28
C LEU A 112 -12.83 4.35 -0.20
N GLY A 113 -13.34 4.22 1.05
CA GLY A 113 -14.59 3.53 1.33
C GLY A 113 -14.45 2.02 1.43
N GLU A 114 -13.27 1.62 1.88
CA GLU A 114 -12.91 0.22 2.05
C GLU A 114 -13.78 -0.46 3.09
N LYS A 115 -14.02 -1.75 2.86
CA LYS A 115 -14.85 -2.54 3.69
C LYS A 115 -14.06 -3.58 4.48
N LEU A 116 -14.07 -3.40 5.78
CA LEU A 116 -13.38 -4.28 6.71
C LEU A 116 -14.30 -4.65 7.88
N THR A 117 -13.92 -5.71 8.63
CA THR A 117 -14.71 -6.15 9.79
C THR A 117 -14.33 -5.32 11.02
N ASP A 118 -15.23 -5.29 12.01
CA ASP A 118 -15.02 -4.51 13.24
C ASP A 118 -13.78 -4.97 14.02
N GLU A 119 -13.58 -6.29 14.12
CA GLU A 119 -12.44 -6.86 14.83
C GLU A 119 -11.22 -7.06 13.94
N GLU A 120 -11.44 -7.17 12.61
CA GLU A 120 -10.35 -7.32 11.66
C GLU A 120 -9.44 -6.10 11.69
N VAL A 121 -10.05 -4.91 11.68
CA VAL A 121 -9.31 -3.68 11.77
C VAL A 121 -9.01 -3.29 13.21
N ASP A 122 -9.76 -3.87 14.17
CA ASP A 122 -9.51 -3.58 15.60
C ASP A 122 -8.20 -4.22 16.03
N GLU A 123 -7.82 -5.27 15.30
CA GLU A 123 -6.56 -5.96 15.52
C GLU A 123 -5.45 -5.29 14.73
N MET A 124 -5.77 -4.85 13.50
CA MET A 124 -4.81 -4.13 12.66
C MET A 124 -4.57 -2.75 13.26
N ILE A 125 -5.54 -2.31 14.06
CA ILE A 125 -5.47 -1.04 14.77
C ILE A 125 -4.65 -1.24 16.04
N ARG A 126 -4.81 -2.44 16.65
CA ARG A 126 -4.10 -2.76 17.88
C ARG A 126 -2.71 -3.27 17.64
N GLU A 127 -2.46 -3.56 16.38
CA GLU A 127 -1.16 -4.01 15.90
C GLU A 127 -0.17 -2.84 15.90
N ALA A 128 -0.71 -1.64 16.26
CA ALA A 128 0.09 -0.41 16.28
C ALA A 128 -0.36 0.54 17.41
N ALA A 129 -1.18 0.05 18.35
CA ALA A 129 -1.67 0.85 19.48
C ALA A 129 -0.59 1.04 20.55
N ILE A 130 -0.11 2.28 20.68
CA ILE A 130 0.92 2.63 21.64
C ILE A 130 0.32 3.23 22.90
N ASP A 131 0.58 2.57 24.06
CA ASP A 131 0.07 2.97 25.39
C ASP A 131 -1.46 2.94 25.49
N GLY A 132 -2.12 3.31 24.41
CA GLY A 132 -3.57 3.33 24.33
C GLY A 132 -4.10 4.38 23.36
N ASP A 133 -3.30 4.69 22.32
CA ASP A 133 -3.68 5.67 21.30
C ASP A 133 -3.27 5.18 19.91
N GLY A 134 -1.98 4.88 19.76
CA GLY A 134 -1.46 4.37 18.48
C GLY A 134 -0.90 5.45 17.56
N GLN A 135 -0.79 6.70 18.05
CA GLN A 135 -0.26 7.81 17.23
C GLN A 135 1.25 7.63 17.00
N VAL A 136 1.61 7.41 15.73
CA VAL A 136 3.03 7.16 15.37
C VAL A 136 3.34 7.45 13.90
N ASN A 137 4.49 8.09 13.68
CA ASN A 137 4.96 8.47 12.35
C ASN A 137 5.96 7.48 11.72
N TYR A 138 6.60 7.97 10.64
CA TYR A 138 7.62 7.31 9.81
C TYR A 138 8.65 6.45 10.59
N GLU A 139 8.82 6.70 11.89
CA GLU A 139 9.79 5.94 12.70
C GLU A 139 9.43 4.44 12.73
N GLU A 140 8.23 4.11 13.22
CA GLU A 140 7.76 2.72 13.31
C GLU A 140 6.99 2.27 12.08
N PHE A 141 6.20 3.17 11.50
CA PHE A 141 5.38 2.84 10.31
C PHE A 141 6.21 2.40 9.10
N VAL A 142 7.51 2.74 9.10
CA VAL A 142 8.43 2.32 8.03
C VAL A 142 8.72 0.84 8.13
N GLN A 143 8.82 0.34 9.37
CA GLN A 143 9.06 -1.07 9.63
C GLN A 143 8.10 -1.95 8.82
N MET A 144 6.90 -1.40 8.54
CA MET A 144 5.91 -2.05 7.69
C MET A 144 6.56 -2.37 6.35
N MET A 145 7.35 -1.40 5.87
CA MET A 145 8.02 -1.51 4.59
C MET A 145 9.46 -2.06 4.68
N THR A 146 10.22 -1.67 5.72
CA THR A 146 11.62 -2.06 5.84
C THR A 146 11.83 -3.55 6.15
N ALA A 147 10.84 -4.16 6.80
CA ALA A 147 10.89 -5.58 7.15
C ALA A 147 10.78 -6.49 5.92
N LYS A 148 11.86 -7.27 5.67
CA LYS A 148 11.95 -8.21 4.52
C LYS A 148 11.77 -7.50 3.17
N ALA B 1 9.79 34.73 18.47
CA ALA B 1 10.41 34.64 17.13
C ALA B 1 9.67 33.64 16.24
N GLY B 2 9.29 32.49 16.83
CA GLY B 2 8.59 31.46 16.08
C GLY B 2 9.26 30.11 16.18
N HIS B 3 8.49 29.08 16.57
CA HIS B 3 9.00 27.72 16.70
C HIS B 3 8.56 26.86 15.53
N MET B 4 9.52 26.13 14.95
CA MET B 4 9.24 25.24 13.82
C MET B 4 9.78 23.84 14.07
N ARG B 5 9.00 22.83 13.71
CA ARG B 5 9.38 21.43 13.89
C ARG B 5 9.23 20.64 12.57
N PRO B 6 9.95 19.47 12.41
CA PRO B 6 9.85 18.66 11.18
C PRO B 6 8.54 17.88 11.08
N LYS B 7 8.19 17.49 9.85
CA LYS B 7 6.96 16.73 9.59
C LYS B 7 7.28 15.35 9.03
N ARG B 8 6.35 14.41 9.21
CA ARG B 8 6.52 13.03 8.74
C ARG B 8 5.42 12.66 7.72
N ARG B 9 5.33 11.36 7.38
CA ARG B 9 4.35 10.89 6.39
C ARG B 9 3.63 9.59 6.83
N GLU B 10 2.82 9.02 5.88
CA GLU B 10 2.03 7.77 6.05
C GLU B 10 0.81 7.96 6.94
N ILE B 11 -0.18 7.08 6.73
CA ILE B 11 -1.42 7.06 7.53
C ILE B 11 -1.85 5.58 7.78
N PRO B 12 -1.91 4.67 6.72
CA PRO B 12 -2.29 3.26 6.91
C PRO B 12 -1.09 2.39 7.36
N LEU B 13 -1.19 1.04 7.32
CA LEU B 13 -0.07 0.18 7.79
C LEU B 13 0.39 -0.91 6.78
N LYS B 14 0.83 -2.05 7.36
CA LYS B 14 1.39 -3.23 6.66
C LYS B 14 0.63 -3.76 5.42
N VAL B 15 -0.59 -3.29 5.14
CA VAL B 15 -1.32 -3.81 3.97
C VAL B 15 -1.82 -2.73 3.06
N LEU B 16 -2.65 -1.89 3.60
CA LEU B 16 -3.23 -0.74 2.91
C LEU B 16 -2.15 0.16 2.28
N VAL B 17 -0.88 -0.13 2.60
CA VAL B 17 0.27 0.62 2.10
C VAL B 17 1.19 -0.30 1.35
N LYS B 18 1.39 -1.51 1.89
CA LYS B 18 2.20 -2.50 1.23
C LYS B 18 1.59 -2.93 -0.09
N ALA B 19 0.30 -2.66 -0.20
CA ALA B 19 -0.46 -2.93 -1.40
C ALA B 19 -0.44 -1.68 -2.30
N VAL B 20 0.51 -0.80 -1.96
CA VAL B 20 0.71 0.48 -2.62
C VAL B 20 2.21 0.80 -2.73
N LEU B 21 3.06 0.16 -1.89
CA LEU B 21 4.51 0.38 -1.93
C LEU B 21 5.11 -0.41 -3.08
N PHE B 22 4.27 -1.33 -3.61
CA PHE B 22 4.64 -2.16 -4.74
C PHE B 22 4.36 -1.43 -6.06
N ALA B 23 3.31 -0.58 -6.05
CA ALA B 23 2.90 0.20 -7.22
C ALA B 23 3.47 1.63 -7.16
N CYS B 24 4.11 1.99 -6.04
CA CYS B 24 4.70 3.32 -5.87
C CYS B 24 6.11 3.39 -6.46
N MET B 25 6.43 2.42 -7.32
CA MET B 25 7.73 2.34 -7.99
C MET B 25 7.60 2.24 -9.52
N LEU B 26 6.34 2.09 -9.99
CA LEU B 26 6.02 1.99 -11.43
C LEU B 26 6.53 3.19 -12.24
N MET B 27 6.40 4.40 -11.67
CA MET B 27 6.83 5.64 -12.33
C MET B 27 8.25 6.02 -11.91
N ARG B 28 9.18 5.06 -12.02
CA ARG B 28 10.58 5.27 -11.68
C ARG B 28 11.42 5.51 -12.93
N LYS B 29 11.16 4.72 -13.98
CA LYS B 29 11.90 4.84 -15.25
C LYS B 29 11.14 5.75 -16.23
N ALA A 1 6.04 -20.93 -1.08
CA ALA A 1 6.08 -19.49 -0.71
C ALA A 1 6.65 -19.31 0.70
N ASP A 2 7.56 -18.35 0.84
CA ASP A 2 8.20 -18.06 2.12
C ASP A 2 8.11 -16.56 2.44
N GLN A 3 8.00 -16.25 3.74
CA GLN A 3 7.90 -14.87 4.21
C GLN A 3 9.25 -14.38 4.72
N LEU A 4 9.49 -13.06 4.60
CA LEU A 4 10.74 -12.45 5.03
C LEU A 4 10.58 -11.82 6.42
N THR A 5 11.43 -10.84 6.75
CA THR A 5 11.35 -10.13 8.04
C THR A 5 10.03 -9.40 8.15
N GLU A 6 9.51 -9.31 9.37
CA GLU A 6 8.19 -8.72 9.69
C GLU A 6 7.79 -7.46 8.90
N GLU A 7 8.60 -6.40 8.93
CA GLU A 7 8.27 -5.15 8.24
C GLU A 7 8.58 -5.16 6.75
N GLN A 8 9.45 -6.10 6.34
CA GLN A 8 9.81 -6.22 4.93
C GLN A 8 8.65 -6.87 4.17
N ILE A 9 8.07 -7.93 4.78
CA ILE A 9 6.91 -8.63 4.21
C ILE A 9 5.59 -8.01 4.66
N ALA A 10 5.63 -7.17 5.71
CA ALA A 10 4.40 -6.50 6.22
C ALA A 10 3.73 -5.61 5.18
N GLU A 11 4.56 -4.96 4.35
CA GLU A 11 4.07 -4.04 3.34
C GLU A 11 3.30 -4.80 2.27
N PHE A 12 3.94 -5.88 1.78
CA PHE A 12 3.34 -6.74 0.77
C PHE A 12 2.16 -7.48 1.39
N LYS A 13 2.20 -7.66 2.73
CA LYS A 13 1.12 -8.29 3.45
C LYS A 13 -0.15 -7.49 3.40
N GLU A 14 -0.05 -6.27 3.86
CA GLU A 14 -1.18 -5.42 3.90
C GLU A 14 -1.58 -5.01 2.49
N ALA A 15 -0.58 -5.02 1.61
CA ALA A 15 -0.76 -4.72 0.20
C ALA A 15 -1.22 -5.96 -0.55
N PHE A 16 -1.38 -7.03 0.22
CA PHE A 16 -1.85 -8.33 -0.27
C PHE A 16 -3.37 -8.34 -0.26
N SER A 17 -3.95 -7.77 0.81
CA SER A 17 -5.40 -7.67 0.98
C SER A 17 -5.95 -6.45 0.24
N LEU A 18 -5.05 -5.52 -0.14
CA LEU A 18 -5.41 -4.29 -0.86
C LEU A 18 -6.20 -4.59 -2.14
N PHE A 19 -5.76 -5.63 -2.83
CA PHE A 19 -6.37 -6.07 -4.09
C PHE A 19 -7.30 -7.25 -3.86
N ASP A 20 -6.79 -8.22 -3.10
CA ASP A 20 -7.47 -9.48 -2.87
C ASP A 20 -8.87 -9.37 -2.20
N LYS A 21 -9.92 -9.34 -3.06
CA LYS A 21 -11.33 -9.35 -2.60
C LYS A 21 -11.75 -10.79 -2.42
N ASP A 22 -11.43 -11.54 -3.47
CA ASP A 22 -11.66 -12.99 -3.53
C ASP A 22 -10.45 -13.69 -2.91
N GLY A 23 -9.25 -13.32 -3.40
CA GLY A 23 -8.00 -13.84 -2.86
C GLY A 23 -7.72 -15.30 -3.10
N ASP A 24 -7.74 -15.70 -4.37
CA ASP A 24 -7.40 -17.06 -4.79
C ASP A 24 -5.90 -17.28 -4.57
N GLY A 25 -5.33 -16.21 -4.06
CA GLY A 25 -3.93 -16.09 -3.75
C GLY A 25 -3.27 -15.15 -4.73
N THR A 26 -4.03 -14.79 -5.76
CA THR A 26 -3.59 -13.86 -6.78
C THR A 26 -4.33 -12.52 -6.72
N ILE A 27 -3.92 -11.63 -7.62
CA ILE A 27 -4.47 -10.33 -7.78
C ILE A 27 -5.06 -10.17 -9.14
N THR A 28 -6.22 -9.59 -9.16
CA THR A 28 -6.94 -9.38 -10.39
C THR A 28 -6.90 -7.94 -10.85
N THR A 29 -7.34 -7.79 -12.08
CA THR A 29 -7.40 -6.51 -12.78
C THR A 29 -8.47 -5.58 -12.18
N LYS A 30 -9.66 -6.13 -11.82
CA LYS A 30 -10.74 -5.32 -11.23
C LYS A 30 -10.29 -4.73 -9.88
N GLU A 31 -9.34 -5.43 -9.24
CA GLU A 31 -8.76 -5.02 -7.96
C GLU A 31 -7.74 -3.91 -8.16
N LEU A 32 -6.90 -4.11 -9.19
CA LEU A 32 -5.83 -3.18 -9.57
C LEU A 32 -6.32 -1.76 -9.71
N GLY A 33 -7.54 -1.57 -10.19
CA GLY A 33 -8.11 -0.25 -10.32
C GLY A 33 -8.70 0.20 -9.01
N THR A 34 -9.25 -0.75 -8.27
CA THR A 34 -9.80 -0.48 -6.93
C THR A 34 -8.69 0.12 -6.07
N VAL A 35 -7.44 -0.17 -6.45
CA VAL A 35 -6.25 0.33 -5.77
C VAL A 35 -5.92 1.75 -6.24
N MET A 36 -5.76 1.87 -7.56
CA MET A 36 -5.40 3.14 -8.22
C MET A 36 -6.55 4.09 -8.46
N ARG A 37 -7.57 3.61 -9.16
CA ARG A 37 -8.72 4.42 -9.59
C ARG A 37 -9.31 5.34 -8.52
N SER A 38 -9.22 4.90 -7.27
CA SER A 38 -9.77 5.64 -6.11
C SER A 38 -9.02 6.92 -5.73
N LEU A 39 -7.77 7.08 -6.19
CA LEU A 39 -6.99 8.28 -5.89
C LEU A 39 -7.31 9.46 -6.82
N GLY A 40 -8.23 9.25 -7.77
CA GLY A 40 -8.63 10.32 -8.69
C GLY A 40 -8.17 10.08 -10.11
N GLN A 41 -8.09 8.82 -10.51
CA GLN A 41 -7.67 8.44 -11.85
C GLN A 41 -8.83 7.77 -12.60
N ASN A 42 -8.97 8.12 -13.90
CA ASN A 42 -10.03 7.56 -14.73
C ASN A 42 -9.44 6.73 -15.89
N PRO A 43 -8.96 5.48 -15.61
CA PRO A 43 -8.37 4.60 -16.62
C PRO A 43 -9.39 3.62 -17.25
N THR A 44 -8.94 2.89 -18.29
CA THR A 44 -9.76 1.90 -18.97
C THR A 44 -9.99 0.65 -18.13
N GLU A 45 -11.02 -0.12 -18.48
CA GLU A 45 -11.36 -1.37 -17.78
C GLU A 45 -10.48 -2.49 -18.29
N ALA A 46 -9.97 -2.31 -19.51
CA ALA A 46 -9.03 -3.21 -20.10
C ALA A 46 -7.63 -2.80 -19.68
N GLU A 47 -7.52 -1.54 -19.17
CA GLU A 47 -6.24 -1.00 -18.69
C GLU A 47 -5.70 -1.78 -17.49
N LEU A 48 -6.58 -2.49 -16.80
CA LEU A 48 -6.21 -3.34 -15.66
C LEU A 48 -5.83 -4.70 -16.21
N GLN A 49 -6.64 -5.19 -17.19
CA GLN A 49 -6.32 -6.43 -17.90
C GLN A 49 -5.03 -6.18 -18.70
N ASP A 50 -4.79 -4.87 -18.96
CA ASP A 50 -3.60 -4.38 -19.65
C ASP A 50 -2.50 -4.14 -18.62
N MET A 51 -2.86 -3.58 -17.44
CA MET A 51 -1.85 -3.35 -16.37
C MET A 51 -1.26 -4.68 -15.86
N ILE A 52 -2.09 -5.75 -15.90
CA ILE A 52 -1.63 -7.08 -15.49
C ILE A 52 -0.95 -7.83 -16.66
N ASN A 53 -1.14 -7.32 -17.88
CA ASN A 53 -0.61 -7.91 -19.09
C ASN A 53 0.91 -7.83 -19.17
N GLU A 54 1.42 -6.62 -18.93
CA GLU A 54 2.88 -6.37 -18.97
C GLU A 54 3.60 -6.90 -17.75
N VAL A 55 2.91 -6.96 -16.63
CA VAL A 55 3.49 -7.51 -15.40
C VAL A 55 2.75 -8.82 -15.12
N ASP A 56 2.44 -9.52 -16.23
CA ASP A 56 1.68 -10.79 -16.20
C ASP A 56 2.33 -11.93 -15.41
N ALA A 57 1.67 -12.32 -14.31
CA ALA A 57 2.11 -13.43 -13.47
C ALA A 57 1.50 -14.72 -13.99
N ASP A 58 0.19 -14.65 -14.20
CA ASP A 58 -0.61 -15.74 -14.74
C ASP A 58 -1.18 -15.31 -16.09
N GLY A 59 -1.27 -13.99 -16.28
CA GLY A 59 -1.73 -13.38 -17.50
C GLY A 59 -3.20 -13.56 -17.80
N ASN A 60 -3.94 -14.02 -16.81
CA ASN A 60 -5.36 -14.16 -16.94
C ASN A 60 -5.97 -12.93 -16.28
N GLY A 61 -5.09 -11.94 -16.13
CA GLY A 61 -5.44 -10.69 -15.50
C GLY A 61 -5.19 -10.74 -14.01
N THR A 62 -4.25 -11.59 -13.65
CA THR A 62 -3.89 -11.83 -12.27
C THR A 62 -2.40 -11.68 -12.02
N ILE A 63 -2.08 -10.99 -10.93
CA ILE A 63 -0.71 -10.79 -10.53
C ILE A 63 -0.50 -11.37 -9.13
N ASP A 64 0.63 -12.00 -8.96
CA ASP A 64 1.02 -12.66 -7.71
C ASP A 64 1.81 -11.71 -6.80
N PHE A 65 2.31 -12.24 -5.66
CA PHE A 65 3.07 -11.45 -4.68
C PHE A 65 4.48 -11.02 -5.19
N PRO A 66 5.25 -11.87 -5.94
CA PRO A 66 6.59 -11.49 -6.44
C PRO A 66 6.54 -10.62 -7.70
N GLU A 67 5.38 -10.61 -8.37
CA GLU A 67 5.19 -9.85 -9.60
C GLU A 67 4.76 -8.39 -9.40
N PHE A 68 3.73 -8.13 -8.54
CA PHE A 68 3.29 -6.73 -8.30
C PHE A 68 4.43 -5.78 -7.91
N LEU A 69 5.42 -6.32 -7.19
CA LEU A 69 6.58 -5.55 -6.73
C LEU A 69 7.71 -5.47 -7.73
N THR A 70 7.72 -6.36 -8.73
CA THR A 70 8.80 -6.39 -9.76
C THR A 70 9.07 -5.00 -10.32
N MET A 71 8.12 -4.10 -10.12
CA MET A 71 8.25 -2.71 -10.51
C MET A 71 8.90 -1.91 -9.41
N MET A 72 8.67 -2.30 -8.14
CA MET A 72 9.32 -1.64 -6.99
C MET A 72 10.66 -2.31 -6.79
N ALA A 73 10.69 -3.59 -7.18
CA ALA A 73 11.90 -4.38 -7.18
C ALA A 73 12.76 -3.89 -8.35
N ARG A 74 12.11 -3.18 -9.30
CA ARG A 74 12.77 -2.59 -10.41
C ARG A 74 13.49 -1.33 -9.95
N LYS A 75 12.78 -0.53 -9.13
CA LYS A 75 13.32 0.68 -8.54
C LYS A 75 14.58 0.32 -7.72
N MET A 76 14.71 -0.99 -7.44
CA MET A 76 15.85 -1.56 -6.74
C MET A 76 16.99 -1.78 -7.75
N LYS A 77 16.64 -2.29 -8.96
CA LYS A 77 17.63 -2.53 -10.00
C LYS A 77 18.01 -1.24 -10.75
N ASP A 78 17.19 -0.20 -10.55
CA ASP A 78 17.41 1.12 -11.14
C ASP A 78 17.75 2.14 -10.02
N THR A 79 18.55 3.15 -10.35
CA THR A 79 18.97 4.18 -9.37
C THR A 79 17.96 5.32 -9.25
N ASP A 80 16.71 5.00 -9.56
CA ASP A 80 15.61 5.94 -9.45
C ASP A 80 15.05 5.94 -8.01
N SER A 81 15.80 5.26 -7.12
CA SER A 81 15.44 5.12 -5.70
C SER A 81 15.52 6.42 -4.88
N GLU A 82 16.19 7.46 -5.41
CA GLU A 82 16.34 8.74 -4.69
C GLU A 82 15.07 9.62 -4.84
N GLU A 83 14.69 9.91 -6.10
CA GLU A 83 13.49 10.71 -6.39
C GLU A 83 12.22 9.92 -6.06
N GLU A 84 12.42 8.61 -5.90
CA GLU A 84 11.38 7.62 -5.59
C GLU A 84 10.64 7.88 -4.28
N ILE A 85 11.29 8.59 -3.34
CA ILE A 85 10.70 8.84 -2.03
C ILE A 85 9.83 10.09 -1.96
N ARG A 86 10.24 11.16 -2.65
CA ARG A 86 9.50 12.41 -2.65
C ARG A 86 8.31 12.35 -3.60
N GLU A 87 8.40 11.46 -4.60
CA GLU A 87 7.33 11.25 -5.58
C GLU A 87 6.34 10.22 -5.06
N ALA A 88 6.87 9.26 -4.27
CA ALA A 88 6.06 8.24 -3.62
C ALA A 88 5.26 8.89 -2.49
N PHE A 89 5.72 10.09 -2.10
CA PHE A 89 5.03 10.92 -1.11
C PHE A 89 3.87 11.60 -1.80
N ARG A 90 4.13 12.04 -3.05
CA ARG A 90 3.14 12.73 -3.86
C ARG A 90 1.87 11.88 -4.02
N VAL A 91 2.06 10.58 -3.78
CA VAL A 91 1.03 9.56 -3.83
C VAL A 91 -0.18 9.93 -2.94
N PHE A 92 0.14 10.39 -1.71
CA PHE A 92 -0.85 10.81 -0.74
C PHE A 92 -0.84 12.33 -0.64
N ALA A 93 0.36 12.90 -0.80
CA ALA A 93 0.58 14.36 -0.74
C ALA A 93 -0.27 15.11 -1.76
N LYS A 94 -0.05 14.76 -3.04
CA LYS A 94 -0.70 15.38 -4.20
C LYS A 94 -0.55 16.90 -4.18
N ASP A 95 0.52 17.31 -4.84
CA ASP A 95 0.93 18.72 -5.01
C ASP A 95 1.64 19.20 -3.73
N GLY A 96 1.80 18.27 -2.79
CA GLY A 96 2.48 18.58 -1.53
C GLY A 96 1.52 18.85 -0.39
N ASN A 97 0.24 18.52 -0.59
CA ASN A 97 -0.80 18.70 0.42
C ASN A 97 -0.75 17.60 1.48
N GLY A 98 -1.15 17.93 2.70
CA GLY A 98 -1.12 16.98 3.78
C GLY A 98 -0.02 17.26 4.77
N TYR A 99 -0.41 17.72 5.95
CA TYR A 99 0.54 18.05 7.02
C TYR A 99 0.55 16.99 8.10
N ILE A 100 1.23 17.32 9.19
CA ILE A 100 1.37 16.45 10.35
C ILE A 100 0.01 16.11 10.98
N SER A 101 -0.53 14.91 10.66
CA SER A 101 -1.75 14.43 11.30
C SER A 101 -1.74 12.90 11.34
N ALA A 102 -2.00 12.35 12.53
CA ALA A 102 -2.11 10.90 12.73
C ALA A 102 -3.40 10.40 12.12
N ALA A 103 -4.30 11.36 11.84
CA ALA A 103 -5.59 11.10 11.22
C ALA A 103 -5.43 10.70 9.75
N GLU A 104 -4.24 10.99 9.20
CA GLU A 104 -3.91 10.69 7.79
C GLU A 104 -4.11 9.20 7.46
N LEU A 105 -3.84 8.32 8.45
CA LEU A 105 -4.02 6.87 8.29
C LEU A 105 -5.44 6.49 7.88
N ARG A 106 -6.34 7.39 8.20
CA ARG A 106 -7.74 7.26 7.90
C ARG A 106 -8.02 7.75 6.47
N HIS A 107 -7.20 8.69 5.97
CA HIS A 107 -7.37 9.23 4.62
C HIS A 107 -6.66 8.40 3.56
N VAL A 108 -5.46 7.88 3.87
CA VAL A 108 -4.70 7.06 2.90
C VAL A 108 -5.46 5.77 2.58
N MET A 109 -6.05 5.16 3.61
CA MET A 109 -6.82 3.92 3.47
C MET A 109 -8.10 4.11 2.68
N THR A 110 -8.82 5.19 2.97
CA THR A 110 -10.06 5.48 2.26
C THR A 110 -9.72 6.08 0.90
N ASN A 111 -8.47 6.57 0.75
CA ASN A 111 -7.96 7.08 -0.54
C ASN A 111 -8.02 5.92 -1.53
N LEU A 112 -7.82 4.70 -0.97
CA LEU A 112 -7.92 3.46 -1.72
C LEU A 112 -9.32 2.88 -1.48
N GLY A 113 -10.02 3.48 -0.48
CA GLY A 113 -11.38 3.07 -0.11
C GLY A 113 -11.42 1.81 0.71
N GLU A 114 -10.34 1.62 1.46
CA GLU A 114 -10.12 0.49 2.34
C GLU A 114 -11.14 0.46 3.47
N LYS A 115 -11.41 -0.74 3.96
CA LYS A 115 -12.35 -0.94 5.02
C LYS A 115 -11.64 -1.35 6.29
N LEU A 116 -11.79 -0.49 7.29
CA LEU A 116 -11.17 -0.66 8.58
C LEU A 116 -12.19 -0.61 9.73
N THR A 117 -11.75 -1.02 10.92
CA THR A 117 -12.60 -0.98 12.12
C THR A 117 -12.25 0.29 12.91
N ASP A 118 -13.00 0.56 13.99
CA ASP A 118 -12.77 1.75 14.80
C ASP A 118 -11.52 1.63 15.69
N GLU A 119 -11.33 0.43 16.28
CA GLU A 119 -10.18 0.18 17.16
C GLU A 119 -8.96 -0.33 16.41
N GLU A 120 -9.16 -1.09 15.31
CA GLU A 120 -8.08 -1.62 14.51
C GLU A 120 -7.17 -0.49 14.02
N VAL A 121 -7.77 0.60 13.52
CA VAL A 121 -7.03 1.73 13.07
C VAL A 121 -6.74 2.70 14.22
N ASP A 122 -7.48 2.60 15.34
CA ASP A 122 -7.25 3.47 16.50
C ASP A 122 -5.94 3.07 17.17
N GLU A 123 -5.53 1.83 16.94
CA GLU A 123 -4.28 1.31 17.45
C GLU A 123 -3.16 1.61 16.47
N MET A 124 -3.46 1.46 15.17
CA MET A 124 -2.49 1.77 14.11
C MET A 124 -2.27 3.27 14.06
N ILE A 125 -3.27 4.00 14.58
CA ILE A 125 -3.23 5.44 14.69
C ILE A 125 -2.44 5.83 15.94
N ARG A 126 -2.60 5.01 17.00
CA ARG A 126 -1.90 5.24 18.26
C ARG A 126 -0.49 4.73 18.25
N GLU A 127 -0.22 3.97 17.21
CA GLU A 127 1.11 3.40 16.96
C GLU A 127 2.06 4.53 16.50
N ALA A 128 1.47 5.73 16.37
CA ALA A 128 2.20 6.92 15.93
C ALA A 128 2.05 8.09 16.90
N ALA A 129 1.29 7.89 18.00
CA ALA A 129 1.06 8.94 19.01
C ALA A 129 2.37 9.48 19.59
N ILE A 130 2.69 10.73 19.24
CA ILE A 130 3.88 11.41 19.71
C ILE A 130 3.50 12.42 20.79
N ASP A 131 4.08 12.24 21.99
CA ASP A 131 3.81 13.10 23.18
C ASP A 131 2.35 13.02 23.65
N GLY A 132 1.44 12.87 22.69
CA GLY A 132 0.01 12.77 22.97
C GLY A 132 -0.87 13.11 21.77
N ASP A 133 -0.26 13.68 20.71
CA ASP A 133 -1.00 14.04 19.50
C ASP A 133 -0.84 12.96 18.43
N GLY A 134 0.39 12.74 17.95
CA GLY A 134 0.66 11.73 16.94
C GLY A 134 0.63 12.23 15.51
N GLN A 135 0.46 13.55 15.31
CA GLN A 135 0.41 14.12 13.95
C GLN A 135 1.71 13.85 13.18
N VAL A 136 1.58 13.46 11.89
CA VAL A 136 2.74 13.07 11.09
C VAL A 136 2.67 13.45 9.58
N ASN A 137 3.52 14.42 9.19
CA ASN A 137 3.66 14.87 7.79
C ASN A 137 4.80 14.08 7.11
N TYR A 138 5.30 14.57 5.94
CA TYR A 138 6.40 13.96 5.15
C TYR A 138 7.56 13.40 5.99
N GLU A 139 7.70 13.86 7.25
CA GLU A 139 8.77 13.39 8.15
C GLU A 139 8.66 11.88 8.43
N GLU A 140 7.52 11.43 8.97
CA GLU A 140 7.30 10.01 9.27
C GLU A 140 6.68 9.25 8.09
N PHE A 141 6.10 9.99 7.12
CA PHE A 141 5.46 9.39 5.94
C PHE A 141 6.47 8.71 5.02
N VAL A 142 7.60 9.40 4.76
CA VAL A 142 8.68 8.86 3.93
C VAL A 142 9.44 7.79 4.69
N GLN A 143 9.60 8.03 6.00
CA GLN A 143 10.29 7.11 6.90
C GLN A 143 9.71 5.71 6.78
N MET A 144 8.41 5.64 6.48
CA MET A 144 7.71 4.37 6.24
C MET A 144 8.36 3.68 5.05
N MET A 145 8.83 4.50 4.09
CA MET A 145 9.47 4.01 2.88
C MET A 145 11.00 3.89 3.06
N THR A 146 11.62 4.84 3.78
CA THR A 146 13.07 4.86 3.98
C THR A 146 13.56 3.80 4.99
N ALA A 147 12.69 3.44 5.93
CA ALA A 147 13.02 2.45 6.95
C ALA A 147 12.58 1.04 6.53
N LYS A 148 13.50 0.09 6.62
CA LYS A 148 13.23 -1.30 6.25
C LYS A 148 13.15 -2.19 7.49
N ALA B 1 -13.72 -25.79 20.85
CA ALA B 1 -14.68 -25.59 19.73
C ALA B 1 -13.95 -25.58 18.38
N GLY B 2 -12.80 -24.91 18.33
CA GLY B 2 -12.02 -24.82 17.10
C GLY B 2 -12.20 -23.49 16.39
N HIS B 3 -11.15 -23.07 15.65
CA HIS B 3 -11.12 -21.80 14.89
C HIS B 3 -11.24 -20.58 15.80
N MET B 4 -10.28 -19.66 15.67
CA MET B 4 -10.25 -18.44 16.47
C MET B 4 -10.44 -17.21 15.60
N ARG B 5 -11.10 -16.19 16.15
CA ARG B 5 -11.36 -14.94 15.42
C ARG B 5 -10.71 -13.72 16.11
N PRO B 6 -10.82 -13.54 17.48
CA PRO B 6 -10.22 -12.38 18.17
C PRO B 6 -8.70 -12.54 18.37
N LYS B 7 -7.94 -11.61 17.79
CA LYS B 7 -6.47 -11.60 17.90
C LYS B 7 -5.93 -10.19 18.06
N ARG B 8 -4.98 -10.01 18.97
CA ARG B 8 -4.38 -8.71 19.23
C ARG B 8 -2.85 -8.80 19.18
N ARG B 9 -2.25 -8.07 18.24
CA ARG B 9 -0.80 -8.04 18.06
C ARG B 9 -0.31 -6.62 17.76
N GLU B 10 0.95 -6.34 18.12
CA GLU B 10 1.56 -5.03 17.91
C GLU B 10 2.34 -5.00 16.59
N ILE B 11 1.90 -4.14 15.67
CA ILE B 11 2.54 -3.99 14.36
C ILE B 11 2.52 -2.51 13.91
N PRO B 12 3.68 -1.94 13.43
CA PRO B 12 3.74 -0.53 12.95
C PRO B 12 2.74 -0.22 11.83
N LEU B 13 2.53 1.07 11.56
CA LEU B 13 1.60 1.51 10.51
C LEU B 13 2.29 1.59 9.14
N LYS B 14 3.50 1.01 9.03
CA LYS B 14 4.29 1.03 7.79
C LYS B 14 3.67 0.13 6.69
N VAL B 15 2.42 0.46 6.33
CA VAL B 15 1.67 -0.29 5.31
C VAL B 15 0.60 0.56 4.66
N LEU B 16 -0.10 1.29 5.49
CA LEU B 16 -1.17 2.17 5.07
C LEU B 16 -0.69 3.34 4.19
N VAL B 17 0.62 3.36 3.95
CA VAL B 17 1.26 4.36 3.09
C VAL B 17 2.34 3.64 2.28
N LYS B 18 3.01 2.66 2.93
CA LYS B 18 4.02 1.85 2.29
C LYS B 18 3.44 1.00 1.18
N ALA B 19 2.16 0.63 1.34
CA ALA B 19 1.44 -0.14 0.33
C ALA B 19 0.88 0.84 -0.71
N VAL B 20 1.42 2.05 -0.64
CA VAL B 20 1.08 3.16 -1.48
C VAL B 20 2.37 3.77 -2.06
N LEU B 21 3.51 3.58 -1.37
CA LEU B 21 4.80 4.06 -1.85
C LEU B 21 5.34 3.02 -2.83
N PHE B 22 4.64 1.87 -2.84
CA PHE B 22 4.95 0.76 -3.72
C PHE B 22 4.11 0.84 -5.01
N ALA B 23 2.93 1.47 -4.90
CA ALA B 23 2.01 1.64 -6.03
C ALA B 23 2.26 2.97 -6.75
N CYS B 24 3.25 3.74 -6.27
CA CYS B 24 3.60 5.06 -6.84
C CYS B 24 3.96 5.02 -8.34
N MET B 25 4.42 3.86 -8.84
CA MET B 25 4.80 3.73 -10.26
C MET B 25 3.78 2.92 -11.08
N LEU B 26 2.80 2.26 -10.43
CA LEU B 26 1.80 1.46 -11.16
C LEU B 26 0.94 2.29 -12.11
N MET B 27 0.73 3.57 -11.75
CA MET B 27 -0.08 4.49 -12.57
C MET B 27 0.77 5.71 -13.02
N ARG B 28 1.96 5.42 -13.56
CA ARG B 28 2.88 6.47 -14.04
C ARG B 28 2.53 6.94 -15.47
N LYS B 29 2.19 5.96 -16.35
CA LYS B 29 1.83 6.23 -17.76
C LYS B 29 3.00 6.85 -18.54
N ALA A 1 6.41 -23.98 -0.20
CA ALA A 1 6.04 -22.86 0.70
C ALA A 1 5.16 -21.84 -0.02
N ASP A 2 4.13 -21.36 0.68
CA ASP A 2 3.20 -20.38 0.11
C ASP A 2 3.04 -19.16 1.04
N GLN A 3 2.95 -19.42 2.34
CA GLN A 3 2.81 -18.36 3.34
C GLN A 3 4.15 -18.03 3.99
N LEU A 4 4.49 -16.74 4.02
CA LEU A 4 5.74 -16.28 4.61
C LEU A 4 5.53 -15.76 6.04
N THR A 5 6.55 -15.09 6.62
CA THR A 5 6.44 -14.54 7.98
C THR A 5 5.38 -13.43 7.99
N GLU A 6 4.69 -13.31 9.12
CA GLU A 6 3.57 -12.37 9.32
C GLU A 6 3.74 -10.98 8.68
N GLU A 7 4.86 -10.30 8.98
CA GLU A 7 5.08 -8.96 8.45
C GLU A 7 5.69 -8.97 7.04
N GLN A 8 6.25 -10.11 6.65
CA GLN A 8 6.83 -10.26 5.31
C GLN A 8 5.70 -10.35 4.28
N ILE A 9 4.70 -11.18 4.60
CA ILE A 9 3.52 -11.37 3.75
C ILE A 9 2.42 -10.36 4.10
N ALA A 10 2.57 -9.67 5.24
CA ALA A 10 1.58 -8.66 5.71
C ALA A 10 1.14 -7.67 4.63
N GLU A 11 2.10 -7.17 3.86
CA GLU A 11 1.85 -6.14 2.85
C GLU A 11 1.14 -6.76 1.65
N PHE A 12 1.76 -7.80 1.08
CA PHE A 12 1.22 -8.49 -0.09
C PHE A 12 -0.13 -9.12 0.25
N LYS A 13 -0.37 -9.37 1.55
CA LYS A 13 -1.64 -9.90 2.00
C LYS A 13 -2.75 -8.91 1.87
N GLU A 14 -2.55 -7.77 2.50
CA GLU A 14 -3.55 -6.76 2.48
C GLU A 14 -3.63 -6.14 1.10
N ALA A 15 -2.51 -6.20 0.39
CA ALA A 15 -2.40 -5.72 -0.96
C ALA A 15 -2.87 -6.79 -1.95
N PHE A 16 -3.33 -7.88 -1.36
CA PHE A 16 -3.86 -9.03 -2.09
C PHE A 16 -5.36 -8.82 -2.37
N SER A 17 -6.06 -8.25 -1.36
CA SER A 17 -7.48 -7.94 -1.49
C SER A 17 -7.69 -6.59 -2.15
N LEU A 18 -6.61 -5.78 -2.23
CA LEU A 18 -6.62 -4.42 -2.81
C LEU A 18 -7.35 -4.35 -4.17
N PHE A 19 -6.91 -5.18 -5.11
CA PHE A 19 -7.48 -5.22 -6.45
C PHE A 19 -8.40 -6.42 -6.64
N ASP A 20 -7.97 -7.56 -6.13
CA ASP A 20 -8.70 -8.81 -6.32
C ASP A 20 -10.13 -8.81 -5.73
N LYS A 21 -11.13 -8.48 -6.57
CA LYS A 21 -12.56 -8.47 -6.18
C LYS A 21 -13.08 -9.90 -6.21
N ASP A 22 -12.87 -10.50 -7.38
CA ASP A 22 -13.24 -11.90 -7.63
C ASP A 22 -12.23 -12.81 -6.94
N GLY A 23 -10.94 -12.45 -7.08
CA GLY A 23 -9.84 -13.16 -6.44
C GLY A 23 -9.76 -14.65 -6.71
N ASP A 24 -9.74 -15.01 -7.99
CA ASP A 24 -9.57 -16.40 -8.42
C ASP A 24 -8.11 -16.80 -8.12
N GLY A 25 -7.45 -15.80 -7.58
CA GLY A 25 -6.05 -15.85 -7.18
C GLY A 25 -5.21 -15.00 -8.10
N THR A 26 -5.89 -14.27 -8.98
CA THR A 26 -5.26 -13.36 -9.93
C THR A 26 -5.85 -11.96 -9.85
N ILE A 27 -5.15 -11.04 -10.51
CA ILE A 27 -5.52 -9.67 -10.60
C ILE A 27 -5.87 -9.29 -11.99
N THR A 28 -6.98 -8.65 -12.10
CA THR A 28 -7.47 -8.23 -13.40
C THR A 28 -7.25 -6.75 -13.63
N THR A 29 -7.46 -6.39 -14.88
CA THR A 29 -7.29 -5.06 -15.39
C THR A 29 -8.30 -4.06 -14.80
N LYS A 30 -9.59 -4.45 -14.68
CA LYS A 30 -10.61 -3.55 -14.10
C LYS A 30 -10.28 -3.18 -12.64
N GLU A 31 -9.50 -4.05 -12.00
CA GLU A 31 -9.06 -3.89 -10.62
C GLU A 31 -7.87 -2.95 -10.53
N LEU A 32 -6.95 -3.10 -11.48
CA LEU A 32 -5.72 -2.31 -11.59
C LEU A 32 -5.97 -0.82 -11.59
N GLY A 33 -7.10 -0.41 -12.15
CA GLY A 33 -7.46 1.00 -12.16
C GLY A 33 -8.15 1.41 -10.89
N THR A 34 -8.80 0.43 -10.28
CA THR A 34 -9.46 0.60 -8.99
C THR A 34 -8.41 0.85 -7.91
N VAL A 35 -7.18 0.42 -8.21
CA VAL A 35 -6.03 0.57 -7.30
C VAL A 35 -5.44 1.98 -7.38
N MET A 36 -4.95 2.27 -8.58
CA MET A 36 -4.31 3.55 -8.96
C MET A 36 -5.14 4.79 -8.67
N ARG A 37 -6.44 4.69 -8.94
CA ARG A 37 -7.35 5.83 -8.84
C ARG A 37 -7.18 6.69 -7.57
N SER A 38 -7.22 6.01 -6.44
CA SER A 38 -7.10 6.60 -5.09
C SER A 38 -5.97 7.63 -4.90
N LEU A 39 -4.88 7.50 -5.64
CA LEU A 39 -3.76 8.42 -5.50
C LEU A 39 -3.86 9.64 -6.44
N GLY A 40 -4.90 9.65 -7.29
CA GLY A 40 -5.12 10.78 -8.20
C GLY A 40 -4.83 10.48 -9.67
N GLN A 41 -4.79 9.21 -10.01
CA GLN A 41 -4.53 8.79 -11.40
C GLN A 41 -5.76 8.08 -11.98
N ASN A 42 -6.16 8.53 -13.18
CA ASN A 42 -7.32 7.95 -13.88
C ASN A 42 -6.96 7.68 -15.36
N PRO A 43 -6.22 6.56 -15.66
CA PRO A 43 -5.82 6.20 -17.03
C PRO A 43 -6.95 5.53 -17.83
N THR A 44 -6.68 5.26 -19.12
CA THR A 44 -7.62 4.63 -20.04
C THR A 44 -8.12 3.26 -19.55
N GLU A 45 -9.16 2.74 -20.22
CA GLU A 45 -9.77 1.44 -19.88
C GLU A 45 -8.96 0.31 -20.49
N ALA A 46 -8.24 0.62 -21.57
CA ALA A 46 -7.34 -0.32 -22.19
C ALA A 46 -6.00 -0.23 -21.51
N GLU A 47 -5.80 0.88 -20.76
CA GLU A 47 -4.55 1.12 -20.00
C GLU A 47 -4.32 0.05 -18.95
N LEU A 48 -5.40 -0.61 -18.52
CA LEU A 48 -5.32 -1.70 -17.55
C LEU A 48 -5.07 -3.01 -18.29
N GLN A 49 -5.80 -3.21 -19.40
CA GLN A 49 -5.56 -4.37 -20.27
C GLN A 49 -4.15 -4.27 -20.85
N ASP A 50 -3.66 -3.01 -20.92
CA ASP A 50 -2.32 -2.68 -21.36
C ASP A 50 -1.36 -2.74 -20.18
N MET A 51 -1.79 -2.24 -18.98
CA MET A 51 -0.90 -2.31 -17.78
C MET A 51 -0.58 -3.75 -17.39
N ILE A 52 -1.53 -4.67 -17.63
CA ILE A 52 -1.31 -6.10 -17.33
C ILE A 52 -0.64 -6.82 -18.50
N ASN A 53 -0.63 -6.17 -19.68
CA ASN A 53 -0.06 -6.71 -20.90
C ASN A 53 1.46 -6.80 -20.83
N GLU A 54 2.07 -5.68 -20.44
CA GLU A 54 3.55 -5.59 -20.32
C GLU A 54 4.08 -6.31 -19.09
N VAL A 55 3.27 -6.38 -18.06
CA VAL A 55 3.65 -7.09 -16.84
C VAL A 55 2.79 -8.35 -16.77
N ASP A 56 2.52 -8.91 -17.97
CA ASP A 56 1.65 -10.09 -18.15
C ASP A 56 2.12 -11.37 -17.42
N ALA A 57 1.32 -11.78 -16.43
CA ALA A 57 1.55 -13.01 -15.68
C ALA A 57 0.87 -14.16 -16.41
N ASP A 58 -0.40 -13.90 -16.72
CA ASP A 58 -1.25 -14.83 -17.45
C ASP A 58 -1.62 -14.21 -18.81
N GLY A 59 -1.53 -12.88 -18.86
CA GLY A 59 -1.76 -12.09 -20.06
C GLY A 59 -3.19 -12.06 -20.55
N ASN A 60 -4.10 -12.52 -19.72
CA ASN A 60 -5.51 -12.46 -20.04
C ASN A 60 -6.05 -11.22 -19.34
N GLY A 61 -5.08 -10.36 -18.98
CA GLY A 61 -5.37 -9.13 -18.29
C GLY A 61 -5.36 -9.35 -16.79
N THR A 62 -4.60 -10.37 -16.41
CA THR A 62 -4.47 -10.78 -15.03
C THR A 62 -3.04 -10.91 -14.58
N ILE A 63 -2.78 -10.41 -13.39
CA ILE A 63 -1.48 -10.47 -12.78
C ILE A 63 -1.58 -11.13 -11.40
N ASP A 64 -0.62 -11.95 -11.10
CA ASP A 64 -0.54 -12.68 -9.84
C ASP A 64 0.16 -11.82 -8.76
N PHE A 65 0.30 -12.38 -7.54
CA PHE A 65 0.95 -11.68 -6.42
C PHE A 65 2.49 -11.48 -6.61
N PRO A 66 3.26 -12.44 -7.24
CA PRO A 66 4.72 -12.30 -7.43
C PRO A 66 5.10 -11.40 -8.62
N GLU A 67 4.15 -11.16 -9.54
CA GLU A 67 4.39 -10.33 -10.72
C GLU A 67 4.11 -8.85 -10.46
N PHE A 68 2.97 -8.53 -9.82
CA PHE A 68 2.61 -7.14 -9.52
C PHE A 68 3.69 -6.40 -8.72
N LEU A 69 4.40 -7.14 -7.86
CA LEU A 69 5.45 -6.57 -7.01
C LEU A 69 6.82 -6.53 -7.65
N THR A 70 7.02 -7.28 -8.73
CA THR A 70 8.33 -7.35 -9.41
C THR A 70 8.90 -5.94 -9.66
N MET A 71 8.03 -4.93 -9.62
CA MET A 71 8.42 -3.55 -9.76
C MET A 71 8.77 -2.93 -8.40
N MET A 72 8.09 -3.35 -7.30
CA MET A 72 8.43 -2.82 -5.96
C MET A 72 9.56 -3.69 -5.42
N ALA A 73 9.60 -4.91 -5.93
CA ALA A 73 10.66 -5.86 -5.64
C ALA A 73 11.87 -5.44 -6.46
N ARG A 74 11.62 -4.59 -7.50
CA ARG A 74 12.64 -4.04 -8.31
C ARG A 74 13.30 -2.90 -7.56
N LYS A 75 12.46 -2.06 -6.94
CA LYS A 75 12.92 -0.96 -6.12
C LYS A 75 13.85 -1.49 -5.01
N MET A 76 13.79 -2.82 -4.84
CA MET A 76 14.64 -3.56 -3.91
C MET A 76 16.00 -3.79 -4.58
N LYS A 77 15.97 -4.18 -5.88
CA LYS A 77 17.20 -4.42 -6.64
C LYS A 77 17.82 -3.12 -7.16
N ASP A 78 17.04 -2.03 -7.12
CA ASP A 78 17.48 -0.69 -7.54
C ASP A 78 17.34 0.29 -6.37
N THR A 79 18.42 1.01 -6.04
CA THR A 79 18.41 1.95 -4.92
C THR A 79 17.91 3.33 -5.30
N ASP A 80 17.07 3.35 -6.32
CA ASP A 80 16.42 4.57 -6.81
C ASP A 80 15.16 4.87 -5.96
N SER A 81 15.02 4.10 -4.87
CA SER A 81 13.89 4.19 -3.94
C SER A 81 13.98 5.38 -2.98
N GLU A 82 15.21 5.87 -2.72
CA GLU A 82 15.43 7.00 -1.79
C GLU A 82 14.72 8.27 -2.29
N GLU A 83 14.75 8.49 -3.60
CA GLU A 83 14.12 9.65 -4.24
C GLU A 83 12.61 9.43 -4.44
N GLU A 84 12.19 8.17 -4.33
CA GLU A 84 10.78 7.77 -4.51
C GLU A 84 9.97 7.88 -3.20
N ILE A 85 10.59 7.44 -2.09
CA ILE A 85 9.95 7.40 -0.75
C ILE A 85 9.22 8.70 -0.34
N ARG A 86 9.76 9.86 -0.71
CA ARG A 86 9.16 11.15 -0.38
C ARG A 86 7.95 11.47 -1.27
N GLU A 87 8.02 11.06 -2.55
CA GLU A 87 6.92 11.28 -3.50
C GLU A 87 5.93 10.13 -3.41
N ALA A 88 6.45 8.96 -3.02
CA ALA A 88 5.65 7.76 -2.80
C ALA A 88 4.75 7.97 -1.58
N PHE A 89 5.11 8.97 -0.75
CA PHE A 89 4.27 9.34 0.38
C PHE A 89 3.19 10.29 -0.07
N ARG A 90 3.52 11.14 -1.08
CA ARG A 90 2.57 12.11 -1.60
C ARG A 90 1.27 11.41 -2.04
N VAL A 91 1.43 10.09 -2.19
CA VAL A 91 0.39 9.14 -2.52
C VAL A 91 -0.73 9.13 -1.44
N PHE A 92 -0.28 9.20 -0.18
CA PHE A 92 -1.12 9.17 0.99
C PHE A 92 -1.34 10.60 1.51
N ALA A 93 -0.29 11.41 1.37
CA ALA A 93 -0.32 12.81 1.80
C ALA A 93 -1.06 13.68 0.77
N LYS A 94 -2.04 14.46 1.24
CA LYS A 94 -2.83 15.35 0.36
C LYS A 94 -2.08 16.62 0.04
N ASP A 95 -1.41 17.15 1.04
CA ASP A 95 -0.59 18.35 0.88
C ASP A 95 0.83 17.90 0.52
N GLY A 96 0.98 16.56 0.42
CA GLY A 96 2.28 15.96 0.15
C GLY A 96 3.17 15.93 1.39
N ASN A 97 3.07 17.00 2.18
CA ASN A 97 3.82 17.19 3.40
C ASN A 97 3.04 18.02 4.45
N GLY A 98 3.68 18.25 5.60
CA GLY A 98 3.10 19.06 6.66
C GLY A 98 2.69 18.23 7.84
N TYR A 99 1.63 17.46 7.68
CA TYR A 99 1.10 16.59 8.76
C TYR A 99 0.15 15.53 8.22
N ILE A 100 0.33 14.26 8.66
CA ILE A 100 -0.57 13.18 8.26
C ILE A 100 -1.03 12.36 9.46
N SER A 101 -2.29 12.56 9.83
CA SER A 101 -2.95 11.89 10.95
C SER A 101 -3.09 10.40 10.74
N ALA A 102 -2.70 9.67 11.79
CA ALA A 102 -2.85 8.20 11.82
C ALA A 102 -4.30 7.80 11.55
N ALA A 103 -5.19 8.80 11.65
CA ALA A 103 -6.63 8.63 11.39
C ALA A 103 -6.92 8.54 9.89
N GLU A 104 -5.94 8.96 9.08
CA GLU A 104 -6.03 8.93 7.62
C GLU A 104 -6.11 7.50 7.08
N LEU A 105 -5.71 6.52 7.91
CA LEU A 105 -5.78 5.09 7.59
C LEU A 105 -7.14 4.66 7.12
N ARG A 106 -8.14 5.37 7.62
CA ARG A 106 -9.52 5.12 7.31
C ARG A 106 -9.94 5.82 6.01
N HIS A 107 -9.23 6.91 5.64
CA HIS A 107 -9.53 7.64 4.41
C HIS A 107 -8.95 6.96 3.17
N VAL A 108 -7.76 6.36 3.30
CA VAL A 108 -7.12 5.65 2.18
C VAL A 108 -7.95 4.41 1.79
N MET A 109 -8.34 3.61 2.78
CA MET A 109 -9.14 2.41 2.57
C MET A 109 -10.54 2.71 2.05
N THR A 110 -11.15 3.80 2.53
CA THR A 110 -12.49 4.18 2.05
C THR A 110 -12.35 4.95 0.73
N ASN A 111 -11.11 5.44 0.45
CA ASN A 111 -10.81 6.11 -0.82
C ASN A 111 -11.05 5.06 -1.92
N LEU A 112 -10.78 3.79 -1.53
CA LEU A 112 -11.04 2.64 -2.39
C LEU A 112 -12.44 2.13 -2.06
N GLY A 113 -12.92 2.51 -0.85
CA GLY A 113 -14.24 2.16 -0.36
C GLY A 113 -14.30 0.83 0.34
N GLU A 114 -13.18 0.48 0.96
CA GLU A 114 -13.00 -0.75 1.71
C GLU A 114 -13.92 -0.82 2.91
N LYS A 115 -14.31 -2.04 3.26
CA LYS A 115 -15.20 -2.27 4.35
C LYS A 115 -14.52 -2.96 5.53
N LEU A 116 -14.50 -2.22 6.63
CA LEU A 116 -13.90 -2.69 7.89
C LEU A 116 -14.85 -2.40 9.06
N THR A 117 -14.57 -2.98 10.24
CA THR A 117 -15.40 -2.75 11.41
C THR A 117 -14.98 -1.45 12.10
N ASP A 118 -15.90 -0.84 12.84
CA ASP A 118 -15.64 0.44 13.54
C ASP A 118 -14.48 0.34 14.53
N GLU A 119 -14.40 -0.78 15.26
CA GLU A 119 -13.34 -0.99 16.25
C GLU A 119 -12.10 -1.65 15.66
N GLU A 120 -12.27 -2.47 14.60
CA GLU A 120 -11.15 -3.13 13.94
C GLU A 120 -10.13 -2.10 13.44
N VAL A 121 -10.63 -1.04 12.79
CA VAL A 121 -9.79 0.02 12.32
C VAL A 121 -9.52 1.08 13.40
N ASP A 122 -10.37 1.11 14.45
CA ASP A 122 -10.18 2.07 15.54
C ASP A 122 -8.98 1.68 16.39
N GLU A 123 -8.64 0.38 16.32
CA GLU A 123 -7.49 -0.16 17.00
C GLU A 123 -6.26 -0.03 16.13
N MET A 124 -6.43 -0.28 14.82
CA MET A 124 -5.34 -0.13 13.84
C MET A 124 -5.01 1.35 13.69
N ILE A 125 -6.01 2.17 14.03
CA ILE A 125 -5.89 3.61 13.99
C ILE A 125 -5.24 4.09 15.29
N ARG A 126 -5.58 3.38 16.39
CA ARG A 126 -5.05 3.72 17.71
C ARG A 126 -3.68 3.16 17.95
N GLU A 127 -3.30 2.28 17.07
CA GLU A 127 -1.98 1.65 17.09
C GLU A 127 -0.93 2.66 16.62
N ALA A 128 -1.40 3.86 16.24
CA ALA A 128 -0.53 4.94 15.74
C ALA A 128 -0.97 6.32 16.23
N ALA A 129 -2.05 6.38 17.02
CA ALA A 129 -2.56 7.66 17.54
C ALA A 129 -1.58 8.30 18.52
N ILE A 130 -0.97 9.42 18.10
CA ILE A 130 0.00 10.14 18.89
C ILE A 130 -0.66 11.27 19.70
N ASP A 131 -0.47 11.21 21.04
CA ASP A 131 -1.03 12.17 22.02
C ASP A 131 -2.57 12.19 22.05
N GLY A 132 -3.17 12.02 20.87
CA GLY A 132 -4.62 12.01 20.74
C GLY A 132 -5.09 12.57 19.40
N ASP A 133 -4.24 12.48 18.37
CA ASP A 133 -4.57 12.99 17.02
C ASP A 133 -4.03 12.05 15.94
N GLY A 134 -2.73 11.73 16.02
CA GLY A 134 -2.10 10.84 15.04
C GLY A 134 -1.40 11.58 13.90
N GLN A 135 -1.61 12.91 13.82
CA GLN A 135 -0.99 13.74 12.76
C GLN A 135 0.53 13.71 12.82
N VAL A 136 1.13 13.35 11.68
CA VAL A 136 2.62 13.22 11.61
C VAL A 136 3.18 13.54 10.22
N ASN A 137 4.30 14.29 10.19
CA ASN A 137 4.95 14.69 8.93
C ASN A 137 5.91 13.60 8.42
N TYR A 138 6.73 14.00 7.44
CA TYR A 138 7.72 13.16 6.76
C TYR A 138 8.77 12.54 7.70
N GLU A 139 8.97 13.13 8.89
CA GLU A 139 9.94 12.62 9.86
C GLU A 139 9.60 11.18 10.29
N GLU A 140 8.40 11.01 10.86
CA GLU A 140 7.92 9.71 11.30
C GLU A 140 7.14 8.95 10.22
N PHE A 141 6.61 9.67 9.22
CA PHE A 141 5.83 9.05 8.14
C PHE A 141 6.72 8.25 7.18
N VAL A 142 8.01 8.57 7.16
CA VAL A 142 8.98 7.91 6.29
C VAL A 142 9.41 6.57 6.87
N GLN A 143 9.64 6.54 8.18
CA GLN A 143 10.05 5.32 8.87
C GLN A 143 9.07 4.17 8.63
N MET A 144 7.79 4.52 8.50
CA MET A 144 6.74 3.55 8.18
C MET A 144 6.96 3.06 6.74
N MET A 145 7.59 3.94 5.93
CA MET A 145 7.89 3.64 4.54
C MET A 145 9.29 3.02 4.36
N THR A 146 10.24 3.34 5.26
CA THR A 146 11.60 2.81 5.16
C THR A 146 11.76 1.45 5.84
N ALA A 147 10.92 1.18 6.85
CA ALA A 147 10.96 -0.07 7.58
C ALA A 147 10.08 -1.14 6.91
N LYS A 148 10.71 -2.30 6.61
CA LYS A 148 10.04 -3.45 5.96
C LYS A 148 9.47 -3.09 4.58
N ALA B 1 15.38 -2.93 22.23
CA ALA B 1 14.39 -3.80 22.93
C ALA B 1 12.99 -3.18 22.89
N GLY B 2 12.92 -1.87 23.10
CA GLY B 2 11.63 -1.17 23.09
C GLY B 2 11.31 -0.53 24.44
N HIS B 3 11.00 0.77 24.40
CA HIS B 3 10.67 1.52 25.62
C HIS B 3 9.39 2.32 25.42
N MET B 4 8.56 2.39 26.48
CA MET B 4 7.27 3.13 26.50
C MET B 4 6.19 2.46 25.63
N ARG B 5 6.52 2.18 24.36
CA ARG B 5 5.58 1.56 23.43
C ARG B 5 5.88 0.06 23.26
N PRO B 6 4.88 -0.79 22.87
CA PRO B 6 5.08 -2.23 22.68
C PRO B 6 5.68 -2.57 21.31
N LYS B 7 6.28 -3.77 21.22
CA LYS B 7 6.91 -4.24 19.97
C LYS B 7 6.50 -5.68 19.67
N ARG B 8 6.35 -6.50 20.71
CA ARG B 8 5.96 -7.91 20.57
C ARG B 8 4.44 -8.07 20.70
N ARG B 9 3.92 -9.18 20.14
CA ARG B 9 2.47 -9.54 20.16
C ARG B 9 1.64 -8.63 19.23
N GLU B 10 1.88 -7.31 19.31
CA GLU B 10 1.17 -6.34 18.48
C GLU B 10 1.98 -5.99 17.23
N ILE B 11 1.33 -6.02 16.07
CA ILE B 11 1.98 -5.72 14.79
C ILE B 11 1.64 -4.30 14.30
N PRO B 12 2.50 -3.67 13.44
CA PRO B 12 2.26 -2.31 12.92
C PRO B 12 1.25 -2.28 11.77
N LEU B 13 0.83 -1.07 11.38
CA LEU B 13 -0.13 -0.89 10.28
C LEU B 13 0.59 -0.77 8.92
N LYS B 14 1.76 -1.40 8.80
CA LYS B 14 2.56 -1.36 7.57
C LYS B 14 1.88 -2.14 6.43
N VAL B 15 0.74 -1.61 5.99
CA VAL B 15 -0.06 -2.20 4.92
C VAL B 15 -0.83 -1.13 4.19
N LEU B 16 -1.63 -0.41 4.93
CA LEU B 16 -2.43 0.69 4.44
C LEU B 16 -1.55 1.85 3.90
N VAL B 17 -0.24 1.60 3.87
CA VAL B 17 0.76 2.54 3.37
C VAL B 17 1.76 1.76 2.54
N LYS B 18 2.09 0.54 2.99
CA LYS B 18 3.00 -0.35 2.29
C LYS B 18 2.33 -0.96 1.05
N ALA B 19 1.01 -1.11 1.11
CA ALA B 19 0.22 -1.62 -0.02
C ALA B 19 -0.06 -0.47 -0.98
N VAL B 20 0.65 0.62 -0.74
CA VAL B 20 0.55 1.84 -1.52
C VAL B 20 1.92 2.14 -2.12
N LEU B 21 2.99 1.61 -1.48
CA LEU B 21 4.35 1.77 -2.00
C LEU B 21 4.64 0.64 -2.96
N PHE B 22 3.78 -0.39 -2.86
CA PHE B 22 3.86 -1.57 -3.69
C PHE B 22 3.10 -1.37 -5.02
N ALA B 23 2.37 -0.25 -5.11
CA ALA B 23 1.60 0.12 -6.31
C ALA B 23 1.80 1.59 -6.71
N CYS B 24 2.82 2.26 -6.11
CA CYS B 24 3.09 3.68 -6.40
C CYS B 24 4.13 3.86 -7.52
N MET B 25 4.88 2.79 -7.83
CA MET B 25 5.93 2.86 -8.88
C MET B 25 5.39 2.49 -10.27
N LEU B 26 4.17 1.94 -10.34
CA LEU B 26 3.54 1.52 -11.61
C LEU B 26 3.46 2.65 -12.65
N MET B 27 3.23 3.88 -12.19
CA MET B 27 3.13 5.05 -13.07
C MET B 27 4.08 6.17 -12.62
N ARG B 28 5.38 5.92 -12.77
CA ARG B 28 6.42 6.89 -12.40
C ARG B 28 7.49 6.96 -13.50
N LYS B 29 7.10 7.60 -14.64
CA LYS B 29 7.97 7.80 -15.81
C LYS B 29 8.44 6.47 -16.42
N ALA A 1 -3.87 -24.47 -2.07
CA ALA A 1 -3.11 -23.20 -1.96
C ALA A 1 -2.27 -23.16 -0.69
N ASP A 2 -1.01 -22.77 -0.83
CA ASP A 2 -0.08 -22.69 0.29
C ASP A 2 0.06 -21.25 0.78
N GLN A 3 0.02 -21.07 2.11
CA GLN A 3 0.14 -19.75 2.72
C GLN A 3 1.19 -19.77 3.83
N LEU A 4 1.83 -18.60 4.04
CA LEU A 4 2.86 -18.46 5.07
C LEU A 4 2.31 -17.72 6.28
N THR A 5 3.15 -16.99 7.04
CA THR A 5 2.69 -16.24 8.21
C THR A 5 1.70 -15.16 7.75
N GLU A 6 0.68 -14.96 8.58
CA GLU A 6 -0.46 -14.05 8.31
C GLU A 6 -0.14 -12.70 7.65
N GLU A 7 0.74 -11.89 8.26
CA GLU A 7 1.04 -10.56 7.71
C GLU A 7 2.04 -10.58 6.57
N GLN A 8 2.78 -11.68 6.45
CA GLN A 8 3.74 -11.84 5.37
C GLN A 8 2.98 -12.18 4.09
N ILE A 9 2.02 -13.10 4.21
CA ILE A 9 1.17 -13.52 3.10
C ILE A 9 -0.10 -12.65 2.96
N ALA A 10 -0.38 -11.80 3.98
CA ALA A 10 -1.57 -10.91 3.96
C ALA A 10 -1.52 -9.83 2.89
N GLU A 11 -0.32 -9.57 2.37
CA GLU A 11 -0.13 -8.48 1.41
C GLU A 11 -0.97 -8.71 0.15
N PHE A 12 -0.74 -9.85 -0.52
CA PHE A 12 -1.51 -10.18 -1.72
C PHE A 12 -2.93 -10.57 -1.33
N LYS A 13 -3.13 -10.97 -0.05
CA LYS A 13 -4.44 -11.31 0.47
C LYS A 13 -5.35 -10.11 0.53
N GLU A 14 -4.86 -9.11 1.22
CA GLU A 14 -5.62 -7.92 1.41
C GLU A 14 -5.70 -7.15 0.11
N ALA A 15 -4.65 -7.31 -0.69
CA ALA A 15 -4.57 -6.70 -2.00
C ALA A 15 -5.34 -7.52 -3.02
N PHE A 16 -5.95 -8.57 -2.48
CA PHE A 16 -6.78 -9.49 -3.24
C PHE A 16 -8.20 -8.94 -3.30
N SER A 17 -8.76 -8.58 -2.13
CA SER A 17 -10.13 -8.03 -2.06
C SER A 17 -10.16 -6.52 -2.32
N LEU A 18 -9.01 -5.86 -2.09
CA LEU A 18 -8.86 -4.41 -2.30
C LEU A 18 -8.66 -4.08 -3.78
N PHE A 19 -8.29 -5.11 -4.55
CA PHE A 19 -8.03 -4.96 -5.97
C PHE A 19 -9.06 -5.65 -6.85
N ASP A 20 -9.36 -6.89 -6.48
CA ASP A 20 -10.24 -7.79 -7.23
C ASP A 20 -11.75 -7.39 -7.17
N LYS A 21 -12.17 -6.50 -8.09
CA LYS A 21 -13.59 -6.11 -8.20
C LYS A 21 -14.32 -7.07 -9.12
N ASP A 22 -13.62 -7.40 -10.21
CA ASP A 22 -14.12 -8.32 -11.25
C ASP A 22 -14.07 -9.75 -10.69
N GLY A 23 -12.90 -10.11 -10.16
CA GLY A 23 -12.69 -11.39 -9.52
C GLY A 23 -12.64 -12.65 -10.36
N ASP A 24 -11.76 -12.64 -11.35
CA ASP A 24 -11.47 -13.83 -12.15
C ASP A 24 -10.52 -14.69 -11.29
N GLY A 25 -10.13 -14.04 -10.20
CA GLY A 25 -9.20 -14.55 -9.21
C GLY A 25 -7.89 -13.82 -9.34
N THR A 26 -7.95 -12.81 -10.20
CA THR A 26 -6.84 -11.97 -10.55
C THR A 26 -7.10 -10.47 -10.33
N ILE A 27 -6.07 -9.68 -10.63
CA ILE A 27 -6.07 -8.25 -10.53
C ILE A 27 -6.21 -7.63 -11.88
N THR A 28 -7.09 -6.66 -11.95
CA THR A 28 -7.35 -6.00 -13.19
C THR A 28 -6.83 -4.58 -13.21
N THR A 29 -6.83 -4.07 -14.42
CA THR A 29 -6.38 -2.72 -14.76
C THR A 29 -7.37 -1.66 -14.24
N LYS A 30 -8.65 -2.04 -14.08
CA LYS A 30 -9.70 -1.11 -13.60
C LYS A 30 -9.41 -0.58 -12.18
N GLU A 31 -8.91 -1.46 -11.31
CA GLU A 31 -8.57 -1.11 -9.93
C GLU A 31 -7.18 -0.50 -9.85
N LEU A 32 -6.25 -1.03 -10.66
CA LEU A 32 -4.85 -0.58 -10.68
C LEU A 32 -4.70 0.93 -10.70
N GLY A 33 -5.60 1.63 -11.40
CA GLY A 33 -5.56 3.08 -11.42
C GLY A 33 -6.29 3.66 -10.23
N THR A 34 -7.41 3.06 -9.92
CA THR A 34 -8.23 3.43 -8.77
C THR A 34 -7.42 3.28 -7.48
N VAL A 35 -6.37 2.42 -7.55
CA VAL A 35 -5.50 2.17 -6.39
C VAL A 35 -4.46 3.29 -6.25
N MET A 36 -3.63 3.35 -7.29
CA MET A 36 -2.53 4.33 -7.44
C MET A 36 -2.94 5.79 -7.30
N ARG A 37 -4.14 6.11 -7.80
CA ARG A 37 -4.63 7.48 -7.86
C ARG A 37 -4.38 8.32 -6.60
N SER A 38 -4.36 7.64 -5.45
CA SER A 38 -4.14 8.26 -4.13
C SER A 38 -2.86 9.11 -4.04
N LEU A 39 -1.85 8.79 -4.85
CA LEU A 39 -0.59 9.52 -4.85
C LEU A 39 -0.62 10.78 -5.73
N GLY A 40 -1.53 10.83 -6.72
CA GLY A 40 -1.65 12.03 -7.56
C GLY A 40 -1.05 11.92 -8.95
N GLN A 41 -1.10 10.73 -9.54
CA GLN A 41 -0.58 10.50 -10.89
C GLN A 41 -1.69 10.63 -11.94
N ASN A 42 -1.30 10.73 -13.22
CA ASN A 42 -2.26 10.85 -14.34
C ASN A 42 -2.99 9.50 -14.55
N PRO A 43 -4.31 9.43 -14.20
CA PRO A 43 -5.09 8.18 -14.35
C PRO A 43 -5.60 7.90 -15.77
N THR A 44 -4.77 7.23 -16.57
CA THR A 44 -5.14 6.85 -17.93
C THR A 44 -5.81 5.48 -17.94
N GLU A 45 -6.58 5.22 -18.99
CA GLU A 45 -7.30 3.95 -19.14
C GLU A 45 -6.40 2.87 -19.71
N ALA A 46 -5.45 3.29 -20.53
CA ALA A 46 -4.48 2.39 -21.09
C ALA A 46 -3.29 2.25 -20.17
N GLU A 47 -3.11 3.22 -19.24
CA GLU A 47 -1.98 3.15 -18.28
C GLU A 47 -2.06 1.94 -17.38
N LEU A 48 -3.26 1.43 -17.18
CA LEU A 48 -3.52 0.26 -16.36
C LEU A 48 -3.40 -0.99 -17.23
N GLN A 49 -4.01 -0.95 -18.43
CA GLN A 49 -3.86 -2.03 -19.41
C GLN A 49 -2.39 -2.11 -19.84
N ASP A 50 -1.70 -0.97 -19.69
CA ASP A 50 -0.27 -0.84 -19.97
C ASP A 50 0.51 -1.22 -18.72
N MET A 51 0.03 -0.80 -17.52
CA MET A 51 0.73 -1.19 -16.26
C MET A 51 0.73 -2.71 -16.09
N ILE A 52 -0.33 -3.38 -16.57
CA ILE A 52 -0.41 -4.84 -16.50
C ILE A 52 0.28 -5.50 -17.70
N ASN A 53 0.57 -4.71 -18.74
CA ASN A 53 1.20 -5.18 -19.97
C ASN A 53 2.64 -5.62 -19.76
N GLU A 54 3.41 -4.73 -19.15
CA GLU A 54 4.83 -4.99 -18.88
C GLU A 54 5.05 -5.92 -17.69
N VAL A 55 4.08 -5.97 -16.80
CA VAL A 55 4.14 -6.85 -15.64
C VAL A 55 3.03 -7.90 -15.83
N ASP A 56 2.81 -8.24 -17.11
CA ASP A 56 1.76 -9.18 -17.54
C ASP A 56 1.88 -10.61 -16.97
N ALA A 57 0.89 -10.96 -16.13
CA ALA A 57 0.79 -12.29 -15.54
C ALA A 57 -0.01 -13.18 -16.48
N ASP A 58 -1.16 -12.63 -16.87
CA ASP A 58 -2.08 -13.26 -17.80
C ASP A 58 -2.17 -12.42 -19.08
N GLY A 59 -1.82 -11.13 -18.93
CA GLY A 59 -1.76 -10.18 -20.03
C GLY A 59 -3.09 -9.80 -20.63
N ASN A 60 -4.17 -10.18 -19.97
CA ASN A 60 -5.49 -9.80 -20.40
C ASN A 60 -5.87 -8.57 -19.60
N GLY A 61 -4.82 -7.97 -19.03
CA GLY A 61 -4.96 -6.80 -18.19
C GLY A 61 -5.14 -7.20 -16.76
N THR A 62 -4.62 -8.38 -16.45
CA THR A 62 -4.71 -8.95 -15.13
C THR A 62 -3.38 -9.39 -14.61
N ILE A 63 -3.18 -9.17 -13.31
CA ILE A 63 -1.97 -9.54 -12.62
C ILE A 63 -2.33 -10.39 -11.41
N ASP A 64 -1.53 -11.41 -11.20
CA ASP A 64 -1.70 -12.36 -10.11
C ASP A 64 -0.79 -12.01 -8.93
N PHE A 65 -0.76 -12.90 -7.91
CA PHE A 65 0.06 -12.70 -6.70
C PHE A 65 1.59 -12.81 -6.95
N PRO A 66 2.11 -13.69 -7.89
CA PRO A 66 3.56 -13.81 -8.15
C PRO A 66 4.17 -12.57 -8.82
N GLU A 67 3.39 -11.88 -9.66
CA GLU A 67 3.84 -10.68 -10.36
C GLU A 67 3.60 -9.41 -9.53
N PHE A 68 2.37 -9.27 -8.98
CA PHE A 68 1.96 -8.14 -8.13
C PHE A 68 3.06 -7.63 -7.19
N LEU A 69 3.71 -8.54 -6.47
CA LEU A 69 4.77 -8.17 -5.52
C LEU A 69 6.16 -8.07 -6.12
N THR A 70 6.35 -8.62 -7.33
CA THR A 70 7.67 -8.62 -8.00
C THR A 70 8.34 -7.24 -7.93
N MET A 71 7.54 -6.21 -7.71
CA MET A 71 8.05 -4.87 -7.56
C MET A 71 8.45 -4.55 -6.12
N MET A 72 7.75 -5.14 -5.12
CA MET A 72 8.14 -4.94 -3.72
C MET A 72 9.19 -5.98 -3.38
N ALA A 73 9.15 -7.08 -4.16
CA ALA A 73 10.13 -8.14 -4.07
C ALA A 73 11.38 -7.67 -4.83
N ARG A 74 11.19 -6.62 -5.68
CA ARG A 74 12.24 -6.00 -6.40
C ARG A 74 13.02 -5.11 -5.48
N LYS A 75 12.30 -4.36 -4.64
CA LYS A 75 12.91 -3.49 -3.66
C LYS A 75 13.76 -4.31 -2.71
N MET A 76 13.53 -5.64 -2.75
CA MET A 76 14.30 -6.62 -2.01
C MET A 76 15.61 -6.87 -2.74
N LYS A 77 15.53 -6.93 -4.10
CA LYS A 77 16.72 -7.12 -4.92
C LYS A 77 17.42 -5.78 -5.26
N ASP A 78 16.72 -4.68 -4.95
CA ASP A 78 17.24 -3.31 -5.17
C ASP A 78 17.02 -2.45 -3.92
N THR A 79 18.12 -1.99 -3.31
CA THR A 79 18.06 -1.18 -2.09
C THR A 79 17.90 0.31 -2.37
N ASP A 80 17.29 0.60 -3.51
CA ASP A 80 16.99 1.96 -3.94
C ASP A 80 15.70 2.45 -3.27
N SER A 81 15.21 1.64 -2.32
CA SER A 81 13.96 1.89 -1.58
C SER A 81 14.06 3.02 -0.54
N GLU A 82 15.24 3.23 0.05
CA GLU A 82 15.44 4.27 1.09
C GLU A 82 15.19 5.70 0.57
N GLU A 83 15.26 5.87 -0.75
CA GLU A 83 15.04 7.18 -1.39
C GLU A 83 13.55 7.42 -1.67
N GLU A 84 12.86 6.35 -2.11
CA GLU A 84 11.43 6.42 -2.44
C GLU A 84 10.54 6.16 -1.21
N ILE A 85 11.11 5.56 -0.16
CA ILE A 85 10.39 5.18 1.07
C ILE A 85 9.64 6.35 1.76
N ARG A 86 10.14 7.58 1.58
CA ARG A 86 9.51 8.77 2.18
C ARG A 86 8.40 9.33 1.27
N GLU A 87 8.55 9.09 -0.05
CA GLU A 87 7.54 9.51 -1.04
C GLU A 87 6.49 8.42 -1.18
N ALA A 88 6.94 7.18 -0.92
CA ALA A 88 6.08 5.99 -0.89
C ALA A 88 5.19 6.09 0.34
N PHE A 89 5.63 6.96 1.27
CA PHE A 89 4.89 7.29 2.48
C PHE A 89 3.76 8.24 2.12
N ARG A 90 4.08 9.17 1.20
CA ARG A 90 3.14 10.17 0.73
C ARG A 90 1.98 9.55 -0.05
N VAL A 91 2.20 8.30 -0.46
CA VAL A 91 1.25 7.49 -1.21
C VAL A 91 -0.16 7.45 -0.56
N PHE A 92 -0.20 7.24 0.77
CA PHE A 92 -1.45 7.20 1.51
C PHE A 92 -1.57 8.44 2.38
N ALA A 93 -0.42 8.97 2.78
CA ALA A 93 -0.34 10.20 3.61
C ALA A 93 -1.24 11.29 3.07
N LYS A 94 -1.94 11.99 3.96
CA LYS A 94 -2.81 13.06 3.52
C LYS A 94 -2.20 14.41 3.80
N ASP A 95 -1.46 14.85 2.78
CA ASP A 95 -0.72 16.14 2.76
C ASP A 95 0.52 16.06 3.65
N GLY A 96 0.66 14.90 4.31
CA GLY A 96 1.77 14.68 5.22
C GLY A 96 1.53 15.27 6.58
N ASN A 97 0.82 14.53 7.41
CA ASN A 97 0.47 14.95 8.76
C ASN A 97 1.64 14.73 9.75
N GLY A 98 2.40 13.66 9.53
CA GLY A 98 3.55 13.36 10.35
C GLY A 98 3.35 12.16 11.26
N TYR A 99 2.39 12.28 12.17
CA TYR A 99 2.11 11.22 13.13
C TYR A 99 0.86 10.45 12.74
N ILE A 100 1.04 9.16 12.40
CA ILE A 100 -0.07 8.31 11.99
C ILE A 100 -0.53 7.36 13.11
N SER A 101 -1.62 7.75 13.78
CA SER A 101 -2.25 6.94 14.81
C SER A 101 -2.78 5.66 14.26
N ALA A 102 -2.49 4.59 14.99
CA ALA A 102 -2.97 3.23 14.65
C ALA A 102 -4.48 3.22 14.41
N ALA A 103 -5.14 4.32 14.84
CA ALA A 103 -6.59 4.51 14.69
C ALA A 103 -6.95 5.13 13.33
N GLU A 104 -5.95 5.78 12.69
CA GLU A 104 -6.11 6.42 11.37
C GLU A 104 -6.42 5.43 10.26
N LEU A 105 -6.13 4.14 10.52
CA LEU A 105 -6.40 3.07 9.54
C LEU A 105 -7.87 2.97 9.18
N ARG A 106 -8.67 3.55 10.06
CA ARG A 106 -10.10 3.61 9.92
C ARG A 106 -10.47 4.81 9.02
N HIS A 107 -9.62 5.86 9.04
CA HIS A 107 -9.87 7.05 8.22
C HIS A 107 -9.31 6.94 6.80
N VAL A 108 -8.06 6.44 6.64
CA VAL A 108 -7.48 6.32 5.30
C VAL A 108 -8.14 5.22 4.46
N MET A 109 -8.82 4.27 5.13
CA MET A 109 -9.52 3.20 4.43
C MET A 109 -10.88 3.68 3.92
N THR A 110 -11.55 4.50 4.73
CA THR A 110 -12.86 5.06 4.35
C THR A 110 -12.62 6.32 3.51
N ASN A 111 -11.39 6.85 3.58
CA ASN A 111 -10.98 7.99 2.74
C ASN A 111 -11.07 7.51 1.30
N LEU A 112 -10.81 6.20 1.13
CA LEU A 112 -10.95 5.51 -0.14
C LEU A 112 -12.38 4.95 -0.20
N GLY A 113 -12.98 4.81 1.01
CA GLY A 113 -14.35 4.33 1.16
C GLY A 113 -14.47 2.83 1.27
N GLU A 114 -13.45 2.22 1.83
CA GLU A 114 -13.37 0.78 2.03
C GLU A 114 -14.45 0.28 2.97
N LYS A 115 -14.96 -0.91 2.68
CA LYS A 115 -16.00 -1.51 3.45
C LYS A 115 -15.50 -2.72 4.22
N LEU A 116 -15.46 -2.53 5.52
CA LEU A 116 -15.00 -3.56 6.46
C LEU A 116 -15.96 -3.64 7.65
N THR A 117 -15.82 -4.70 8.46
CA THR A 117 -16.67 -4.87 9.65
C THR A 117 -16.10 -4.04 10.80
N ASP A 118 -16.96 -3.74 11.79
CA ASP A 118 -16.56 -2.93 12.96
C ASP A 118 -15.41 -3.56 13.75
N GLU A 119 -15.46 -4.89 13.92
CA GLU A 119 -14.43 -5.62 14.66
C GLU A 119 -13.28 -6.09 13.79
N GLU A 120 -13.54 -6.35 12.50
CA GLU A 120 -12.50 -6.78 11.57
C GLU A 120 -11.38 -5.73 11.48
N VAL A 121 -11.78 -4.45 11.38
CA VAL A 121 -10.83 -3.38 11.36
C VAL A 121 -10.43 -2.93 12.76
N ASP A 122 -11.24 -3.27 13.78
CA ASP A 122 -10.93 -2.89 15.16
C ASP A 122 -9.74 -3.72 15.66
N GLU A 123 -9.56 -4.88 15.03
CA GLU A 123 -8.46 -5.77 15.31
C GLU A 123 -7.26 -5.39 14.47
N MET A 124 -7.51 -5.00 13.21
CA MET A 124 -6.45 -4.56 12.31
C MET A 124 -5.95 -3.19 12.76
N ILE A 125 -6.82 -2.51 13.52
CA ILE A 125 -6.53 -1.21 14.09
C ILE A 125 -5.73 -1.41 15.38
N ARG A 126 -6.08 -2.49 16.12
CA ARG A 126 -5.40 -2.80 17.37
C ARG A 126 -4.14 -3.60 17.19
N GLU A 127 -3.99 -4.07 15.99
CA GLU A 127 -2.80 -4.84 15.58
C GLU A 127 -1.61 -3.89 15.43
N ALA A 128 -1.88 -2.58 15.64
CA ALA A 128 -0.85 -1.55 15.51
C ALA A 128 -0.89 -0.53 16.66
N ALA A 129 -1.78 -0.74 17.66
CA ALA A 129 -1.89 0.18 18.81
C ALA A 129 -0.56 0.31 19.56
N ILE A 130 0.05 1.49 19.44
CA ILE A 130 1.31 1.78 20.10
C ILE A 130 1.09 2.74 21.25
N ASP A 131 1.85 2.47 22.32
CA ASP A 131 1.80 3.23 23.61
C ASP A 131 0.40 3.18 24.26
N GLY A 132 -0.63 3.17 23.42
CA GLY A 132 -2.01 3.14 23.84
C GLY A 132 -2.88 4.06 23.01
N ASP A 133 -2.28 5.15 22.51
CA ASP A 133 -2.98 6.12 21.64
C ASP A 133 -2.89 5.67 20.18
N GLY A 134 -1.69 5.23 19.78
CA GLY A 134 -1.47 4.74 18.42
C GLY A 134 -0.79 5.73 17.48
N GLN A 135 -0.72 7.02 17.87
CA GLN A 135 -0.09 8.04 17.01
C GLN A 135 1.42 7.86 16.92
N VAL A 136 1.90 7.70 15.68
CA VAL A 136 3.34 7.47 15.42
C VAL A 136 3.75 8.00 14.05
N ASN A 137 4.92 8.66 14.01
CA ASN A 137 5.45 9.27 12.79
C ASN A 137 6.06 8.25 11.81
N TYR A 138 6.79 8.79 10.84
CA TYR A 138 7.44 8.04 9.77
C TYR A 138 8.46 6.99 10.27
N GLU A 139 9.15 7.31 11.37
CA GLU A 139 10.20 6.45 11.97
C GLU A 139 9.78 4.97 12.13
N GLU A 140 8.60 4.74 12.71
CA GLU A 140 8.10 3.37 12.94
C GLU A 140 7.30 2.81 11.78
N PHE A 141 6.47 3.65 11.14
CA PHE A 141 5.63 3.20 10.03
C PHE A 141 6.43 3.04 8.71
N VAL A 142 7.73 3.41 8.75
CA VAL A 142 8.64 3.21 7.61
C VAL A 142 9.14 1.79 7.67
N GLN A 143 9.35 1.32 8.92
CA GLN A 143 9.79 -0.03 9.20
C GLN A 143 8.87 -1.02 8.49
N MET A 144 7.62 -0.55 8.28
CA MET A 144 6.60 -1.29 7.54
C MET A 144 7.20 -1.70 6.19
N MET A 145 7.89 -0.74 5.53
CA MET A 145 8.52 -1.01 4.24
C MET A 145 10.00 -1.42 4.38
N THR A 146 10.74 -0.84 5.34
CA THR A 146 12.17 -1.11 5.49
C THR A 146 12.49 -2.52 5.98
N ALA A 147 11.55 -3.13 6.72
CA ALA A 147 11.71 -4.47 7.25
C ALA A 147 11.20 -5.53 6.25
N LYS A 148 11.84 -6.70 6.28
CA LYS A 148 11.47 -7.80 5.40
C LYS A 148 10.60 -8.83 6.13
N ALA B 1 8.93 27.28 17.47
CA ALA B 1 8.78 28.52 16.65
C ALA B 1 9.02 28.23 15.17
N GLY B 2 10.02 27.40 14.87
CA GLY B 2 10.34 27.05 13.49
C GLY B 2 10.06 25.60 13.19
N HIS B 3 11.06 24.91 12.63
CA HIS B 3 10.94 23.50 12.27
C HIS B 3 11.59 22.61 13.33
N MET B 4 10.99 21.43 13.57
CA MET B 4 11.51 20.48 14.55
C MET B 4 12.11 19.25 13.87
N ARG B 5 11.44 18.74 12.83
CA ARG B 5 11.91 17.57 12.09
C ARG B 5 12.03 17.89 10.59
N PRO B 6 12.86 17.12 9.80
CA PRO B 6 13.02 17.36 8.35
C PRO B 6 11.84 16.85 7.51
N LYS B 7 11.33 15.65 7.86
CA LYS B 7 10.22 15.04 7.14
C LYS B 7 9.15 14.51 8.11
N ARG B 8 7.88 14.81 7.79
CA ARG B 8 6.75 14.37 8.60
C ARG B 8 5.60 13.88 7.71
N ARG B 9 5.38 12.55 7.71
CA ARG B 9 4.33 11.95 6.88
C ARG B 9 3.57 10.85 7.65
N GLU B 10 2.33 10.56 7.21
CA GLU B 10 1.47 9.54 7.84
C GLU B 10 1.15 8.40 6.86
N ILE B 11 0.82 7.20 7.39
CA ILE B 11 0.49 6.03 6.53
C ILE B 11 -0.03 4.82 7.36
N PRO B 12 -1.05 4.02 6.83
CA PRO B 12 -1.59 2.84 7.54
C PRO B 12 -0.56 1.68 7.65
N LEU B 13 -1.03 0.46 8.02
CA LEU B 13 -0.11 -0.70 8.20
C LEU B 13 0.19 -1.48 6.90
N LYS B 14 0.83 -2.66 7.07
CA LYS B 14 1.25 -3.52 5.96
C LYS B 14 0.11 -4.33 5.31
N VAL B 15 -0.36 -3.76 4.19
CA VAL B 15 -1.41 -4.27 3.27
C VAL B 15 -2.07 -3.10 2.59
N LEU B 16 -2.56 -2.21 3.43
CA LEU B 16 -3.13 -0.95 3.00
C LEU B 16 -2.02 -0.01 2.50
N VAL B 17 -0.75 -0.47 2.64
CA VAL B 17 0.44 0.30 2.27
C VAL B 17 1.37 -0.58 1.49
N LYS B 18 1.57 -1.82 1.97
CA LYS B 18 2.42 -2.78 1.31
C LYS B 18 1.94 -3.10 -0.09
N ALA B 19 0.63 -2.98 -0.27
CA ALA B 19 0.00 -3.21 -1.56
C ALA B 19 -0.08 -1.88 -2.31
N VAL B 20 0.82 -0.99 -1.89
CA VAL B 20 0.94 0.37 -2.39
C VAL B 20 2.41 0.77 -2.45
N LEU B 21 3.31 0.07 -1.70
CA LEU B 21 4.75 0.37 -1.75
C LEU B 21 5.36 -0.36 -2.92
N PHE B 22 4.51 -1.14 -3.60
CA PHE B 22 4.87 -1.87 -4.80
C PHE B 22 4.60 -1.01 -6.04
N ALA B 23 3.58 -0.14 -5.94
CA ALA B 23 3.16 0.73 -7.02
C ALA B 23 3.75 2.15 -6.92
N CYS B 24 4.52 2.41 -5.86
CA CYS B 24 5.15 3.74 -5.65
C CYS B 24 6.44 3.91 -6.48
N MET B 25 6.73 2.92 -7.35
CA MET B 25 7.93 2.97 -8.19
C MET B 25 7.60 2.95 -9.69
N LEU B 26 6.31 2.69 -10.03
CA LEU B 26 5.85 2.64 -11.43
C LEU B 26 6.18 3.92 -12.23
N MET B 27 6.19 5.06 -11.52
CA MET B 27 6.49 6.36 -12.15
C MET B 27 8.01 6.63 -12.24
N ARG B 28 8.80 5.79 -11.55
CA ARG B 28 10.26 5.93 -11.55
C ARG B 28 10.90 5.03 -12.60
N LYS B 29 10.42 3.79 -12.71
CA LYS B 29 10.93 2.82 -13.68
C LYS B 29 10.14 2.86 -14.99
N ALA A 1 0.47 -20.75 -1.39
CA ALA A 1 1.01 -19.42 -1.04
C ALA A 1 2.11 -19.53 0.02
N ASP A 2 3.22 -18.82 -0.22
CA ASP A 2 4.36 -18.82 0.70
C ASP A 2 4.37 -17.55 1.55
N GLN A 3 4.79 -17.70 2.81
CA GLN A 3 4.85 -16.57 3.74
C GLN A 3 6.30 -16.29 4.16
N LEU A 4 6.73 -15.04 3.97
CA LEU A 4 8.10 -14.62 4.32
C LEU A 4 8.09 -13.89 5.67
N THR A 5 9.08 -12.99 5.89
CA THR A 5 9.15 -12.22 7.14
C THR A 5 7.92 -11.32 7.26
N GLU A 6 7.45 -11.17 8.49
CA GLU A 6 6.22 -10.43 8.85
C GLU A 6 5.95 -9.12 8.10
N GLU A 7 6.88 -8.17 8.12
CA GLU A 7 6.66 -6.87 7.47
C GLU A 7 6.90 -6.90 5.96
N GLN A 8 7.60 -7.91 5.50
CA GLN A 8 7.86 -8.07 4.07
C GLN A 8 6.60 -8.60 3.38
N ILE A 9 5.99 -9.61 4.03
CA ILE A 9 4.74 -10.21 3.54
C ILE A 9 3.49 -9.50 4.07
N ALA A 10 3.65 -8.62 5.08
CA ALA A 10 2.49 -7.88 5.65
C ALA A 10 1.78 -6.99 4.65
N GLU A 11 2.56 -6.45 3.70
CA GLU A 11 2.04 -5.50 2.72
C GLU A 11 1.28 -6.26 1.65
N PHE A 12 1.91 -7.30 1.10
CA PHE A 12 1.31 -8.15 0.08
C PHE A 12 0.05 -8.81 0.62
N LYS A 13 0.06 -9.12 1.93
CA LYS A 13 -1.09 -9.73 2.56
C LYS A 13 -2.31 -8.85 2.53
N GLU A 14 -2.12 -7.65 3.00
CA GLU A 14 -3.20 -6.74 3.07
C GLU A 14 -3.52 -6.19 1.70
N ALA A 15 -2.49 -6.16 0.86
CA ALA A 15 -2.63 -5.72 -0.51
C ALA A 15 -3.10 -6.88 -1.39
N PHE A 16 -3.38 -7.97 -0.69
CA PHE A 16 -3.88 -9.21 -1.29
C PHE A 16 -5.39 -9.12 -1.44
N SER A 17 -6.09 -8.79 -0.34
CA SER A 17 -7.55 -8.67 -0.38
C SER A 17 -8.00 -7.28 -0.83
N LEU A 18 -7.06 -6.32 -0.79
CA LEU A 18 -7.31 -4.92 -1.19
C LEU A 18 -7.25 -4.78 -2.72
N PHE A 19 -6.56 -5.73 -3.37
CA PHE A 19 -6.41 -5.77 -4.82
C PHE A 19 -7.30 -6.86 -5.42
N ASP A 20 -7.18 -8.05 -4.84
CA ASP A 20 -7.89 -9.23 -5.32
C ASP A 20 -9.37 -9.21 -4.89
N LYS A 21 -10.25 -8.65 -5.75
CA LYS A 21 -11.69 -8.59 -5.47
C LYS A 21 -12.31 -9.95 -5.68
N ASP A 22 -12.05 -10.46 -6.89
CA ASP A 22 -12.52 -11.79 -7.30
C ASP A 22 -11.67 -12.85 -6.60
N GLY A 23 -10.36 -12.57 -6.48
CA GLY A 23 -9.41 -13.44 -5.79
C GLY A 23 -9.40 -14.89 -6.21
N ASP A 24 -9.24 -15.12 -7.51
CA ASP A 24 -9.08 -16.47 -8.08
C ASP A 24 -7.71 -17.00 -7.68
N GLY A 25 -7.06 -16.12 -6.95
CA GLY A 25 -5.71 -16.31 -6.45
C GLY A 25 -4.79 -15.36 -7.20
N THR A 26 -5.37 -14.75 -8.23
CA THR A 26 -4.67 -13.78 -9.06
C THR A 26 -5.31 -12.38 -8.95
N ILE A 27 -4.68 -11.45 -9.67
CA ILE A 27 -5.09 -10.08 -9.74
C ILE A 27 -5.48 -9.71 -11.13
N THR A 28 -6.57 -9.01 -11.22
CA THR A 28 -7.10 -8.61 -12.50
C THR A 28 -6.85 -7.15 -12.79
N THR A 29 -7.10 -6.83 -14.04
CA THR A 29 -6.94 -5.50 -14.61
C THR A 29 -8.05 -4.54 -14.13
N LYS A 30 -9.18 -5.11 -13.65
CA LYS A 30 -10.32 -4.30 -13.16
C LYS A 30 -9.94 -3.49 -11.90
N GLU A 31 -9.14 -4.10 -11.02
CA GLU A 31 -8.69 -3.46 -9.79
C GLU A 31 -7.47 -2.57 -10.03
N LEU A 32 -6.56 -3.03 -10.90
CA LEU A 32 -5.31 -2.34 -11.21
C LEU A 32 -5.49 -0.85 -11.45
N GLY A 33 -6.58 -0.45 -12.11
CA GLY A 33 -6.85 0.96 -12.31
C GLY A 33 -7.57 1.56 -11.13
N THR A 34 -8.49 0.79 -10.58
CA THR A 34 -9.23 1.18 -9.38
C THR A 34 -8.25 1.44 -8.23
N VAL A 35 -7.05 0.83 -8.33
CA VAL A 35 -6.00 0.99 -7.32
C VAL A 35 -5.30 2.34 -7.49
N MET A 36 -4.68 2.47 -8.65
CA MET A 36 -3.93 3.67 -9.09
C MET A 36 -4.76 4.95 -9.10
N ARG A 37 -5.96 4.86 -9.69
CA ARG A 37 -6.84 5.99 -9.90
C ARG A 37 -6.99 6.92 -8.69
N SER A 38 -6.88 6.34 -7.50
CA SER A 38 -7.01 7.06 -6.22
C SER A 38 -6.08 8.27 -6.07
N LEU A 39 -4.91 8.20 -6.71
CA LEU A 39 -3.92 9.28 -6.64
C LEU A 39 -4.19 10.40 -7.66
N GLY A 40 -5.23 10.23 -8.50
CA GLY A 40 -5.58 11.26 -9.48
C GLY A 40 -5.27 10.91 -10.93
N GLN A 41 -4.94 9.64 -11.18
CA GLN A 41 -4.63 9.18 -12.55
C GLN A 41 -5.80 8.38 -13.12
N ASN A 42 -6.20 8.74 -14.35
CA ASN A 42 -7.31 8.07 -15.02
C ASN A 42 -6.81 7.35 -16.30
N PRO A 43 -6.41 6.04 -16.19
CA PRO A 43 -5.92 5.26 -17.33
C PRO A 43 -7.04 4.57 -18.13
N THR A 44 -6.66 4.01 -19.29
CA THR A 44 -7.59 3.30 -20.18
C THR A 44 -8.09 1.99 -19.56
N GLU A 45 -9.11 1.39 -20.19
CA GLU A 45 -9.69 0.12 -19.74
C GLU A 45 -8.84 -1.03 -20.24
N ALA A 46 -8.20 -0.83 -21.38
CA ALA A 46 -7.28 -1.79 -21.93
C ALA A 46 -5.89 -1.55 -21.37
N GLU A 47 -5.68 -0.34 -20.78
CA GLU A 47 -4.39 0.02 -20.17
C GLU A 47 -4.06 -0.87 -18.98
N LEU A 48 -5.08 -1.48 -18.40
CA LEU A 48 -4.92 -2.41 -17.28
C LEU A 48 -4.65 -3.80 -17.84
N GLN A 49 -5.42 -4.17 -18.90
CA GLN A 49 -5.16 -5.40 -19.64
C GLN A 49 -3.78 -5.27 -20.29
N ASP A 50 -3.38 -4.00 -20.46
CA ASP A 50 -2.07 -3.61 -21.00
C ASP A 50 -1.07 -3.54 -19.85
N MET A 51 -1.50 -2.98 -18.68
CA MET A 51 -0.59 -2.92 -17.50
C MET A 51 -0.23 -4.32 -17.01
N ILE A 52 -1.12 -5.30 -17.25
CA ILE A 52 -0.87 -6.69 -16.88
C ILE A 52 -0.07 -7.42 -17.98
N ASN A 53 -0.02 -6.81 -19.18
CA ASN A 53 0.67 -7.35 -20.34
C ASN A 53 2.18 -7.27 -20.19
N GLU A 54 2.63 -6.08 -19.80
CA GLU A 54 4.07 -5.82 -19.60
C GLU A 54 4.61 -6.51 -18.36
N VAL A 55 3.75 -6.65 -17.36
CA VAL A 55 4.10 -7.36 -16.15
C VAL A 55 3.28 -8.66 -16.16
N ASP A 56 3.28 -9.27 -17.35
CA ASP A 56 2.51 -10.49 -17.67
C ASP A 56 2.86 -11.73 -16.82
N ALA A 57 2.00 -12.00 -15.82
CA ALA A 57 2.16 -13.19 -14.96
C ALA A 57 1.43 -14.38 -15.58
N ASP A 58 0.15 -14.13 -15.89
CA ASP A 58 -0.73 -15.13 -16.50
C ASP A 58 -1.18 -14.64 -17.89
N GLY A 59 -1.15 -13.32 -18.06
CA GLY A 59 -1.48 -12.66 -19.33
C GLY A 59 -2.92 -12.73 -19.76
N ASN A 60 -3.78 -13.19 -18.86
CA ASN A 60 -5.20 -13.20 -19.12
C ASN A 60 -5.77 -11.94 -18.49
N GLY A 61 -4.83 -11.02 -18.22
CA GLY A 61 -5.15 -9.77 -17.59
C GLY A 61 -5.10 -9.92 -16.09
N THR A 62 -4.29 -10.88 -15.68
CA THR A 62 -4.12 -11.22 -14.29
C THR A 62 -2.66 -11.26 -13.90
N ILE A 63 -2.39 -10.78 -12.70
CA ILE A 63 -1.06 -10.78 -12.16
C ILE A 63 -1.07 -11.49 -10.80
N ASP A 64 -0.04 -12.29 -10.59
CA ASP A 64 0.12 -13.09 -9.38
C ASP A 64 0.61 -12.25 -8.19
N PHE A 65 0.74 -12.89 -7.01
CA PHE A 65 1.17 -12.20 -5.79
C PHE A 65 2.70 -11.91 -5.74
N PRO A 66 3.61 -12.84 -6.20
CA PRO A 66 5.06 -12.59 -6.17
C PRO A 66 5.55 -11.72 -7.34
N GLU A 67 4.73 -11.60 -8.38
CA GLU A 67 5.08 -10.83 -9.57
C GLU A 67 4.69 -9.36 -9.51
N PHE A 68 3.43 -9.03 -9.08
CA PHE A 68 2.97 -7.63 -9.01
C PHE A 68 4.00 -6.65 -8.43
N LEU A 69 4.66 -7.06 -7.34
CA LEU A 69 5.63 -6.21 -6.66
C LEU A 69 7.06 -6.32 -7.17
N THR A 70 7.39 -7.36 -7.94
CA THR A 70 8.77 -7.56 -8.44
C THR A 70 9.36 -6.26 -9.01
N MET A 71 8.49 -5.35 -9.41
CA MET A 71 8.90 -4.05 -9.90
C MET A 71 9.04 -3.06 -8.75
N MET A 72 8.18 -3.18 -7.72
CA MET A 72 8.26 -2.31 -6.54
C MET A 72 9.24 -2.93 -5.57
N ALA A 73 9.45 -4.23 -5.77
CA ALA A 73 10.43 -5.00 -5.04
C ALA A 73 11.78 -4.73 -5.67
N ARG A 74 11.73 -4.22 -6.93
CA ARG A 74 12.88 -3.83 -7.67
C ARG A 74 13.38 -2.50 -7.12
N LYS A 75 12.43 -1.57 -6.93
CA LYS A 75 12.70 -0.26 -6.36
C LYS A 75 13.35 -0.42 -4.98
N MET A 76 13.26 -1.67 -4.45
CA MET A 76 13.85 -2.08 -3.20
C MET A 76 15.30 -2.50 -3.44
N LYS A 77 15.54 -3.27 -4.55
CA LYS A 77 16.89 -3.71 -4.88
C LYS A 77 17.73 -2.57 -5.49
N ASP A 78 17.03 -1.50 -5.89
CA ASP A 78 17.66 -0.29 -6.43
C ASP A 78 17.45 0.86 -5.43
N THR A 79 18.47 1.71 -5.25
CA THR A 79 18.38 2.81 -4.29
C THR A 79 17.76 4.07 -4.88
N ASP A 80 16.94 3.86 -5.88
CA ASP A 80 16.20 4.94 -6.55
C ASP A 80 14.88 5.19 -5.79
N SER A 81 14.77 4.54 -4.62
CA SER A 81 13.59 4.60 -3.75
C SER A 81 13.50 5.90 -2.93
N GLU A 82 14.65 6.50 -2.58
CA GLU A 82 14.70 7.73 -1.77
C GLU A 82 13.94 8.89 -2.44
N GLU A 83 13.94 8.90 -3.78
CA GLU A 83 13.24 9.93 -4.55
C GLU A 83 11.77 9.55 -4.81
N GLU A 84 11.46 8.26 -4.63
CA GLU A 84 10.11 7.73 -4.84
C GLU A 84 9.22 7.83 -3.59
N ILE A 85 9.84 7.79 -2.40
CA ILE A 85 9.11 7.83 -1.12
C ILE A 85 8.35 9.17 -0.87
N ARG A 86 8.85 10.26 -1.46
CA ARG A 86 8.22 11.59 -1.30
C ARG A 86 7.08 11.81 -2.31
N GLU A 87 7.17 11.14 -3.47
CA GLU A 87 6.13 11.22 -4.51
C GLU A 87 5.06 10.18 -4.23
N ALA A 88 5.50 9.07 -3.61
CA ALA A 88 4.60 8.01 -3.16
C ALA A 88 3.82 8.52 -1.96
N PHE A 89 4.37 9.61 -1.37
CA PHE A 89 3.75 10.34 -0.26
C PHE A 89 2.57 11.14 -0.79
N ARG A 90 2.79 11.77 -1.97
CA ARG A 90 1.78 12.60 -2.61
C ARG A 90 0.52 11.82 -2.95
N VAL A 91 0.67 10.49 -2.94
CA VAL A 91 -0.39 9.52 -3.21
C VAL A 91 -1.63 9.76 -2.33
N PHE A 92 -1.39 9.93 -1.03
CA PHE A 92 -2.43 10.18 -0.05
C PHE A 92 -2.37 11.61 0.45
N ALA A 93 -1.15 12.17 0.46
CA ALA A 93 -0.92 13.56 0.90
C ALA A 93 -1.63 14.58 0.01
N LYS A 94 -1.17 14.72 -1.25
CA LYS A 94 -1.74 15.67 -2.26
C LYS A 94 -1.66 17.16 -1.84
N ASP A 95 -1.26 17.40 -0.59
CA ASP A 95 -1.13 18.76 -0.08
C ASP A 95 0.27 19.33 -0.33
N GLY A 96 1.13 18.52 -0.97
CA GLY A 96 2.50 18.94 -1.26
C GLY A 96 3.46 18.65 -0.10
N ASN A 97 2.87 18.30 1.06
CA ASN A 97 3.59 17.97 2.27
C ASN A 97 2.90 16.80 2.93
N GLY A 98 1.59 16.96 3.16
CA GLY A 98 0.76 15.91 3.73
C GLY A 98 0.84 15.77 5.22
N TYR A 99 -0.19 16.29 5.90
CA TYR A 99 -0.33 16.18 7.35
C TYR A 99 -1.42 15.13 7.61
N ILE A 100 -1.18 13.94 7.03
CA ILE A 100 -2.14 12.82 7.10
C ILE A 100 -2.30 12.24 8.52
N SER A 101 -3.38 12.66 9.17
CA SER A 101 -3.78 12.19 10.50
C SER A 101 -4.16 10.74 10.51
N ALA A 102 -3.91 10.14 11.67
CA ALA A 102 -4.26 8.75 11.94
C ALA A 102 -5.74 8.51 11.64
N ALA A 103 -6.48 9.63 11.61
CA ALA A 103 -7.92 9.63 11.34
C ALA A 103 -8.21 9.53 9.83
N GLU A 104 -7.19 9.82 9.02
CA GLU A 104 -7.29 9.75 7.56
C GLU A 104 -7.25 8.33 7.05
N LEU A 105 -6.71 7.40 7.86
CA LEU A 105 -6.65 5.97 7.51
C LEU A 105 -8.03 5.39 7.25
N ARG A 106 -9.01 6.09 7.78
CA ARG A 106 -10.41 5.76 7.65
C ARG A 106 -10.96 6.31 6.32
N HIS A 107 -10.44 7.46 5.87
CA HIS A 107 -10.89 8.09 4.62
C HIS A 107 -10.14 7.55 3.40
N VAL A 108 -8.80 7.39 3.50
CA VAL A 108 -8.02 6.87 2.37
C VAL A 108 -8.32 5.39 2.11
N MET A 109 -8.87 4.69 3.12
CA MET A 109 -9.22 3.27 2.99
C MET A 109 -10.54 3.13 2.24
N THR A 110 -11.50 4.00 2.54
CA THR A 110 -12.80 4.01 1.87
C THR A 110 -12.67 4.78 0.56
N ASN A 111 -11.61 5.58 0.44
CA ASN A 111 -11.30 6.30 -0.79
C ASN A 111 -11.02 5.22 -1.85
N LEU A 112 -10.48 4.08 -1.35
CA LEU A 112 -10.25 2.90 -2.16
C LEU A 112 -11.51 2.01 -2.03
N GLY A 113 -12.28 2.30 -0.96
CA GLY A 113 -13.53 1.60 -0.68
C GLY A 113 -13.38 0.33 0.12
N GLU A 114 -12.34 0.32 0.95
CA GLU A 114 -12.00 -0.81 1.82
C GLU A 114 -13.08 -1.08 2.85
N LYS A 115 -13.27 -2.35 3.16
CA LYS A 115 -14.24 -2.79 4.10
C LYS A 115 -13.58 -3.34 5.34
N LEU A 116 -13.76 -2.59 6.41
CA LEU A 116 -13.19 -2.92 7.72
C LEU A 116 -14.25 -2.75 8.82
N THR A 117 -13.96 -3.27 10.02
CA THR A 117 -14.86 -3.14 11.16
C THR A 117 -14.65 -1.79 11.86
N ASP A 118 -15.65 -1.35 12.63
CA ASP A 118 -15.58 -0.07 13.34
C ASP A 118 -14.42 0.00 14.33
N GLU A 119 -14.15 -1.11 15.03
CA GLU A 119 -13.09 -1.18 16.02
C GLU A 119 -11.74 -1.59 15.41
N GLU A 120 -11.77 -2.38 14.32
CA GLU A 120 -10.56 -2.82 13.65
C GLU A 120 -9.74 -1.62 13.18
N VAL A 121 -10.42 -0.63 12.56
CA VAL A 121 -9.77 0.57 12.13
C VAL A 121 -9.69 1.61 13.25
N ASP A 122 -10.52 1.46 14.30
CA ASP A 122 -10.48 2.40 15.44
C ASP A 122 -9.20 2.19 16.24
N GLU A 123 -8.64 0.99 16.11
CA GLU A 123 -7.39 0.61 16.72
C GLU A 123 -6.23 1.02 15.82
N MET A 124 -6.40 0.77 14.51
CA MET A 124 -5.39 1.15 13.51
C MET A 124 -5.33 2.67 13.41
N ILE A 125 -6.43 3.30 13.83
CA ILE A 125 -6.56 4.74 13.87
C ILE A 125 -5.90 5.26 15.16
N ARG A 126 -6.04 4.48 16.25
CA ARG A 126 -5.48 4.84 17.54
C ARG A 126 -4.03 4.43 17.66
N GLU A 127 -3.64 3.63 16.70
CA GLU A 127 -2.27 3.13 16.58
C GLU A 127 -1.34 4.27 16.14
N ALA A 128 -1.94 5.46 15.89
CA ALA A 128 -1.19 6.63 15.43
C ALA A 128 -1.75 7.96 15.96
N ALA A 129 -2.74 7.89 16.86
CA ALA A 129 -3.36 9.10 17.43
C ALA A 129 -2.43 9.81 18.42
N ILE A 130 -1.94 10.99 18.01
CA ILE A 130 -1.04 11.79 18.81
C ILE A 130 -1.81 12.90 19.54
N ASP A 131 -1.71 12.92 20.88
CA ASP A 131 -2.39 13.89 21.76
C ASP A 131 -3.93 13.81 21.69
N GLY A 132 -4.44 13.54 20.50
CA GLY A 132 -5.87 13.42 20.26
C GLY A 132 -6.29 13.82 18.86
N ASP A 133 -5.36 13.67 17.89
CA ASP A 133 -5.63 14.00 16.48
C ASP A 133 -4.97 12.97 15.56
N GLY A 134 -3.64 12.84 15.68
CA GLY A 134 -2.90 11.87 14.87
C GLY A 134 -2.36 12.41 13.55
N GLN A 135 -2.42 13.74 13.34
CA GLN A 135 -1.92 14.33 12.07
C GLN A 135 -0.41 14.20 11.96
N VAL A 136 0.03 13.54 10.88
CA VAL A 136 1.46 13.28 10.65
C VAL A 136 1.92 13.61 9.24
N ASN A 137 3.09 14.26 9.16
CA ASN A 137 3.69 14.67 7.89
C ASN A 137 4.74 13.66 7.41
N TYR A 138 5.55 14.07 6.41
CA TYR A 138 6.63 13.25 5.80
C TYR A 138 7.60 12.63 6.82
N GLU A 139 7.65 13.18 8.05
CA GLU A 139 8.55 12.68 9.09
C GLU A 139 8.13 11.29 9.62
N GLU A 140 6.92 11.17 10.17
CA GLU A 140 6.42 9.91 10.73
C GLU A 140 5.68 9.04 9.72
N PHE A 141 4.85 9.65 8.85
CA PHE A 141 4.06 8.90 7.85
C PHE A 141 4.94 8.19 6.81
N VAL A 142 6.23 8.60 6.72
CA VAL A 142 7.19 7.98 5.79
C VAL A 142 7.77 6.73 6.41
N GLN A 143 7.85 6.68 7.75
CA GLN A 143 8.38 5.53 8.46
C GLN A 143 7.63 4.24 8.09
N MET A 144 6.31 4.37 7.85
CA MET A 144 5.51 3.24 7.41
C MET A 144 5.87 2.93 5.95
N MET A 145 6.46 3.96 5.29
CA MET A 145 6.89 3.85 3.90
C MET A 145 8.34 3.37 3.79
N THR A 146 9.19 3.74 4.79
CA THR A 146 10.60 3.36 4.78
C THR A 146 10.85 1.98 5.37
N ALA A 147 9.97 1.54 6.26
CA ALA A 147 10.07 0.23 6.91
C ALA A 147 9.60 -0.90 5.99
N LYS A 148 10.52 -1.81 5.67
CA LYS A 148 10.21 -2.97 4.81
C LYS A 148 10.14 -4.25 5.63
N ALA B 1 22.75 -5.09 26.80
CA ALA B 1 21.58 -4.41 27.40
C ALA B 1 20.39 -4.42 26.45
N GLY B 2 19.21 -4.77 26.99
CA GLY B 2 17.99 -4.82 26.20
C GLY B 2 17.10 -5.99 26.57
N HIS B 3 15.80 -5.73 26.69
CA HIS B 3 14.83 -6.75 27.05
C HIS B 3 14.08 -7.25 25.81
N MET B 4 13.79 -8.55 25.79
CA MET B 4 13.07 -9.18 24.68
C MET B 4 11.67 -9.62 25.10
N ARG B 5 10.69 -9.39 24.22
CA ARG B 5 9.30 -9.75 24.49
C ARG B 5 8.87 -10.93 23.59
N PRO B 6 8.60 -12.15 24.18
CA PRO B 6 8.17 -13.33 23.38
C PRO B 6 6.80 -13.15 22.71
N LYS B 7 5.90 -12.42 23.38
CA LYS B 7 4.56 -12.16 22.86
C LYS B 7 4.43 -10.74 22.34
N ARG B 8 3.85 -10.60 21.14
CA ARG B 8 3.66 -9.30 20.50
C ARG B 8 2.20 -9.12 20.09
N ARG B 9 1.61 -7.99 20.52
CA ARG B 9 0.21 -7.67 20.22
C ARG B 9 0.06 -6.24 19.67
N GLU B 10 0.97 -5.35 20.09
CA GLU B 10 0.94 -3.95 19.65
C GLU B 10 1.78 -3.73 18.40
N ILE B 11 1.10 -3.41 17.29
CA ILE B 11 1.75 -3.15 16.00
C ILE B 11 0.97 -2.08 15.20
N PRO B 12 1.60 -0.91 14.85
CA PRO B 12 0.91 0.15 14.09
C PRO B 12 0.68 -0.22 12.62
N LEU B 13 -0.10 0.61 11.89
CA LEU B 13 -0.40 0.39 10.49
C LEU B 13 0.85 0.52 9.61
N LYS B 14 0.97 -0.41 8.69
CA LYS B 14 2.11 -0.49 7.77
C LYS B 14 1.72 -1.06 6.40
N VAL B 15 0.43 -1.01 6.05
CA VAL B 15 -0.04 -1.58 4.78
C VAL B 15 -1.01 -0.68 4.02
N LEU B 16 -1.85 0.02 4.76
CA LEU B 16 -2.86 0.93 4.22
C LEU B 16 -2.28 2.10 3.40
N VAL B 17 -0.96 2.13 3.30
CA VAL B 17 -0.23 3.14 2.54
C VAL B 17 0.86 2.41 1.76
N LYS B 18 1.41 1.33 2.36
CA LYS B 18 2.40 0.49 1.73
C LYS B 18 1.81 -0.26 0.55
N ALA B 19 0.49 -0.47 0.62
CA ALA B 19 -0.25 -1.12 -0.45
C ALA B 19 -0.69 -0.06 -1.46
N VAL B 20 0.01 1.07 -1.36
CA VAL B 20 -0.21 2.24 -2.17
C VAL B 20 1.14 2.78 -2.67
N LEU B 21 2.25 2.48 -1.96
CA LEU B 21 3.57 2.92 -2.38
C LEU B 21 4.07 1.97 -3.45
N PHE B 22 3.36 0.85 -3.58
CA PHE B 22 3.65 -0.16 -4.56
C PHE B 22 2.95 0.16 -5.90
N ALA B 23 1.85 0.90 -5.81
CA ALA B 23 1.09 1.31 -7.00
C ALA B 23 1.58 2.66 -7.55
N CYS B 24 2.47 3.33 -6.80
CA CYS B 24 3.03 4.63 -7.20
C CYS B 24 4.12 4.47 -8.28
N MET B 25 4.63 3.24 -8.44
CA MET B 25 5.69 2.93 -9.40
C MET B 25 5.14 2.49 -10.77
N LEU B 26 3.86 2.09 -10.80
CA LEU B 26 3.19 1.63 -12.04
C LEU B 26 3.26 2.68 -13.16
N MET B 27 3.03 3.96 -12.80
CA MET B 27 3.06 5.06 -13.77
C MET B 27 3.94 6.21 -13.24
N ARG B 28 5.20 5.88 -12.94
CA ARG B 28 6.18 6.86 -12.43
C ARG B 28 6.88 7.61 -13.58
N LYS B 29 7.29 6.86 -14.63
CA LYS B 29 7.98 7.41 -15.81
C LYS B 29 9.32 8.06 -15.44
N ALA A 1 -0.25 -22.41 0.03
CA ALA A 1 0.02 -20.96 0.18
C ALA A 1 1.15 -20.72 1.18
N ASP A 2 2.12 -19.89 0.79
CA ASP A 2 3.26 -19.56 1.64
C ASP A 2 3.08 -18.19 2.29
N GLN A 3 3.37 -18.12 3.60
CA GLN A 3 3.24 -16.88 4.36
C GLN A 3 4.51 -16.60 5.16
N LEU A 4 4.96 -15.35 5.12
CA LEU A 4 6.17 -14.92 5.84
C LEU A 4 5.81 -14.34 7.21
N THR A 5 6.71 -13.52 7.81
CA THR A 5 6.44 -12.89 9.10
C THR A 5 5.28 -11.90 8.95
N GLU A 6 4.50 -11.74 10.03
CA GLU A 6 3.29 -10.90 10.07
C GLU A 6 3.38 -9.57 9.29
N GLU A 7 4.36 -8.72 9.60
CA GLU A 7 4.50 -7.44 8.92
C GLU A 7 5.20 -7.54 7.57
N GLN A 8 5.91 -8.64 7.34
CA GLN A 8 6.59 -8.87 6.07
C GLN A 8 5.55 -9.18 4.99
N ILE A 9 4.60 -10.07 5.33
CA ILE A 9 3.50 -10.45 4.44
C ILE A 9 2.29 -9.54 4.61
N ALA A 10 2.29 -8.75 5.71
CA ALA A 10 1.16 -7.82 6.01
C ALA A 10 0.71 -6.95 4.84
N GLU A 11 1.65 -6.50 4.01
CA GLU A 11 1.34 -5.59 2.92
C GLU A 11 0.73 -6.35 1.76
N PHE A 12 1.47 -7.36 1.26
CA PHE A 12 1.02 -8.16 0.13
C PHE A 12 -0.26 -8.92 0.48
N LYS A 13 -0.44 -9.21 1.78
CA LYS A 13 -1.63 -9.89 2.25
C LYS A 13 -2.86 -9.04 2.11
N GLU A 14 -2.77 -7.88 2.70
CA GLU A 14 -3.88 -6.98 2.69
C GLU A 14 -4.07 -6.39 1.30
N ALA A 15 -2.95 -6.33 0.56
CA ALA A 15 -2.94 -5.85 -0.81
C ALA A 15 -3.30 -6.97 -1.77
N PHE A 16 -3.60 -8.10 -1.16
CA PHE A 16 -4.00 -9.31 -1.86
C PHE A 16 -5.51 -9.27 -2.09
N SER A 17 -6.28 -8.99 -1.02
CA SER A 17 -7.75 -8.91 -1.13
C SER A 17 -8.22 -7.52 -1.57
N LEU A 18 -7.34 -6.52 -1.40
CA LEU A 18 -7.62 -5.13 -1.81
C LEU A 18 -7.49 -4.99 -3.34
N PHE A 19 -6.88 -6.02 -3.93
CA PHE A 19 -6.65 -6.13 -5.36
C PHE A 19 -7.52 -7.22 -5.98
N ASP A 20 -7.67 -8.32 -5.23
CA ASP A 20 -8.39 -9.49 -5.70
C ASP A 20 -9.93 -9.34 -5.61
N LYS A 21 -10.56 -8.93 -6.73
CA LYS A 21 -12.03 -8.83 -6.80
C LYS A 21 -12.58 -10.20 -7.15
N ASP A 22 -12.04 -10.72 -8.25
CA ASP A 22 -12.38 -12.06 -8.75
C ASP A 22 -11.62 -13.09 -7.90
N GLY A 23 -10.32 -12.82 -7.68
CA GLY A 23 -9.47 -13.66 -6.84
C GLY A 23 -9.32 -15.11 -7.24
N ASP A 24 -8.91 -15.33 -8.48
CA ASP A 24 -8.61 -16.67 -9.00
C ASP A 24 -7.32 -17.17 -8.34
N GLY A 25 -6.84 -16.29 -7.49
CA GLY A 25 -5.60 -16.45 -6.75
C GLY A 25 -4.58 -15.49 -7.30
N THR A 26 -4.92 -14.95 -8.47
CA THR A 26 -4.12 -13.97 -9.17
C THR A 26 -4.78 -12.60 -9.19
N ILE A 27 -4.07 -11.64 -9.79
CA ILE A 27 -4.51 -10.28 -9.94
C ILE A 27 -4.77 -9.96 -11.37
N THR A 28 -5.90 -9.36 -11.58
CA THR A 28 -6.31 -8.99 -12.91
C THR A 28 -6.11 -7.52 -13.17
N THR A 29 -6.19 -7.21 -14.44
CA THR A 29 -6.02 -5.87 -14.95
C THR A 29 -7.15 -4.94 -14.47
N LYS A 30 -8.40 -5.45 -14.47
CA LYS A 30 -9.59 -4.66 -14.06
C LYS A 30 -9.36 -3.86 -12.77
N GLU A 31 -8.59 -4.45 -11.83
CA GLU A 31 -8.27 -3.81 -10.57
C GLU A 31 -7.01 -2.95 -10.68
N LEU A 32 -5.95 -3.51 -11.27
CA LEU A 32 -4.64 -2.83 -11.41
C LEU A 32 -4.75 -1.37 -11.87
N GLY A 33 -5.70 -1.08 -12.76
CA GLY A 33 -5.88 0.29 -13.22
C GLY A 33 -6.75 1.09 -12.27
N THR A 34 -7.66 0.38 -11.64
CA THR A 34 -8.56 0.93 -10.62
C THR A 34 -7.75 1.23 -9.35
N VAL A 35 -6.60 0.55 -9.25
CA VAL A 35 -5.70 0.68 -8.08
C VAL A 35 -4.84 1.95 -8.22
N MET A 36 -4.03 1.90 -9.26
CA MET A 36 -3.08 2.97 -9.66
C MET A 36 -3.67 4.37 -9.72
N ARG A 37 -4.85 4.46 -10.33
CA ARG A 37 -5.52 5.74 -10.60
C ARG A 37 -5.48 6.74 -9.45
N SER A 38 -6.03 6.30 -8.32
CA SER A 38 -6.13 7.10 -7.08
C SER A 38 -4.77 7.62 -6.55
N LEU A 39 -3.66 7.23 -7.19
CA LEU A 39 -2.33 7.67 -6.79
C LEU A 39 -1.95 9.00 -7.48
N GLY A 40 -2.73 9.38 -8.51
CA GLY A 40 -2.48 10.63 -9.22
C GLY A 40 -1.96 10.44 -10.64
N GLN A 41 -2.39 9.34 -11.28
CA GLN A 41 -1.99 9.03 -12.66
C GLN A 41 -3.22 9.07 -13.58
N ASN A 42 -2.97 8.99 -14.89
CA ASN A 42 -4.04 9.00 -15.90
C ASN A 42 -4.75 7.64 -15.94
N PRO A 43 -6.02 7.54 -15.43
CA PRO A 43 -6.78 6.26 -15.41
C PRO A 43 -7.11 5.70 -16.80
N THR A 44 -6.18 4.92 -17.35
CA THR A 44 -6.36 4.28 -18.66
C THR A 44 -6.96 2.89 -18.50
N GLU A 45 -7.65 2.45 -19.55
CA GLU A 45 -8.31 1.14 -19.58
C GLU A 45 -7.33 0.06 -19.98
N ALA A 46 -6.35 0.44 -20.81
CA ALA A 46 -5.32 -0.47 -21.24
C ALA A 46 -4.13 -0.46 -20.29
N GLU A 47 -4.00 0.60 -19.47
CA GLU A 47 -2.88 0.70 -18.50
C GLU A 47 -2.80 -0.51 -17.58
N LEU A 48 -3.95 -1.09 -17.25
CA LEU A 48 -4.03 -2.27 -16.40
C LEU A 48 -3.76 -3.53 -17.24
N GLN A 49 -4.28 -3.58 -18.47
CA GLN A 49 -4.01 -4.71 -19.39
C GLN A 49 -2.58 -4.62 -19.93
N ASP A 50 -2.01 -3.40 -19.88
CA ASP A 50 -0.65 -3.13 -20.32
C ASP A 50 0.34 -3.38 -19.17
N MET A 51 -0.02 -2.90 -17.96
CA MET A 51 0.83 -3.10 -16.76
C MET A 51 1.06 -4.60 -16.48
N ILE A 52 0.08 -5.45 -16.85
CA ILE A 52 0.21 -6.90 -16.64
C ILE A 52 0.96 -7.57 -17.82
N ASN A 53 1.09 -6.83 -18.94
CA ASN A 53 1.74 -7.31 -20.14
C ASN A 53 3.25 -7.34 -19.97
N GLU A 54 3.79 -6.20 -19.52
CA GLU A 54 5.24 -6.05 -19.28
C GLU A 54 5.68 -6.74 -18.00
N VAL A 55 4.76 -6.84 -17.06
CA VAL A 55 5.03 -7.52 -15.80
C VAL A 55 4.22 -8.82 -15.85
N ASP A 56 4.29 -9.45 -17.04
CA ASP A 56 3.56 -10.68 -17.39
C ASP A 56 3.89 -11.90 -16.49
N ALA A 57 3.00 -12.16 -15.52
CA ALA A 57 3.13 -13.33 -14.64
C ALA A 57 2.45 -14.54 -15.25
N ASP A 58 1.20 -14.34 -15.63
CA ASP A 58 0.35 -15.35 -16.25
C ASP A 58 -0.03 -14.92 -17.67
N GLY A 59 0.02 -13.60 -17.90
CA GLY A 59 -0.24 -12.98 -19.19
C GLY A 59 -1.66 -13.07 -19.68
N ASN A 60 -2.56 -13.48 -18.81
CA ASN A 60 -3.96 -13.49 -19.13
C ASN A 60 -4.56 -12.23 -18.55
N GLY A 61 -3.62 -11.29 -18.27
CA GLY A 61 -3.97 -10.02 -17.67
C GLY A 61 -4.00 -10.16 -16.17
N THR A 62 -3.22 -11.12 -15.70
CA THR A 62 -3.13 -11.46 -14.30
C THR A 62 -1.70 -11.47 -13.80
N ILE A 63 -1.53 -10.92 -12.60
CA ILE A 63 -0.24 -10.87 -11.96
C ILE A 63 -0.33 -11.56 -10.59
N ASP A 64 0.72 -12.28 -10.28
CA ASP A 64 0.83 -13.07 -9.05
C ASP A 64 1.54 -12.29 -7.93
N PHE A 65 1.68 -12.94 -6.76
CA PHE A 65 2.31 -12.34 -5.57
C PHE A 65 3.81 -11.97 -5.76
N PRO A 66 4.66 -12.77 -6.50
CA PRO A 66 6.08 -12.44 -6.68
C PRO A 66 6.34 -11.37 -7.75
N GLU A 67 5.36 -11.17 -8.66
CA GLU A 67 5.49 -10.20 -9.74
C GLU A 67 5.01 -8.79 -9.40
N PHE A 68 3.77 -8.63 -8.84
CA PHE A 68 3.26 -7.29 -8.52
C PHE A 68 4.20 -6.43 -7.66
N LEU A 69 4.94 -7.09 -6.78
CA LEU A 69 5.87 -6.39 -5.87
C LEU A 69 7.25 -6.17 -6.45
N THR A 70 7.59 -6.88 -7.54
CA THR A 70 8.91 -6.78 -8.19
C THR A 70 9.36 -5.32 -8.37
N MET A 71 8.39 -4.40 -8.29
CA MET A 71 8.67 -2.97 -8.37
C MET A 71 8.99 -2.40 -6.99
N MET A 72 8.39 -2.93 -5.91
CA MET A 72 8.73 -2.45 -4.56
C MET A 72 9.94 -3.24 -4.10
N ALA A 73 10.06 -4.44 -4.67
CA ALA A 73 11.22 -5.29 -4.46
C ALA A 73 12.37 -4.73 -5.28
N ARG A 74 12.01 -3.87 -6.26
CA ARG A 74 12.96 -3.18 -7.08
C ARG A 74 13.56 -2.03 -6.30
N LYS A 75 12.70 -1.29 -5.60
CA LYS A 75 13.12 -0.19 -4.76
C LYS A 75 14.10 -0.69 -3.71
N MET A 76 14.13 -2.03 -3.57
CA MET A 76 15.04 -2.74 -2.69
C MET A 76 16.40 -2.89 -3.41
N LYS A 77 16.34 -3.18 -4.74
CA LYS A 77 17.55 -3.33 -5.54
C LYS A 77 18.08 -1.97 -6.05
N ASP A 78 17.22 -0.93 -5.94
CA ASP A 78 17.57 0.44 -6.36
C ASP A 78 17.41 1.40 -5.17
N THR A 79 18.39 2.31 -4.99
CA THR A 79 18.38 3.26 -3.89
C THR A 79 17.60 4.53 -4.22
N ASP A 80 16.64 4.38 -5.10
CA ASP A 80 15.75 5.46 -5.52
C ASP A 80 14.59 5.62 -4.51
N SER A 81 14.71 4.89 -3.39
CA SER A 81 13.70 4.86 -2.32
C SER A 81 13.54 6.19 -1.54
N GLU A 82 14.50 7.11 -1.68
CA GLU A 82 14.47 8.40 -0.96
C GLU A 82 13.62 9.47 -1.69
N GLU A 83 13.77 9.58 -3.02
CA GLU A 83 13.03 10.59 -3.80
C GLU A 83 11.58 10.18 -4.11
N GLU A 84 11.27 8.89 -3.94
CA GLU A 84 9.92 8.37 -4.22
C GLU A 84 8.98 8.49 -3.01
N ILE A 85 9.49 8.21 -1.81
CA ILE A 85 8.69 8.22 -0.56
C ILE A 85 7.99 9.58 -0.27
N ARG A 86 8.49 10.67 -0.89
CA ARG A 86 7.90 12.00 -0.71
C ARG A 86 6.73 12.23 -1.68
N GLU A 87 6.83 11.63 -2.87
CA GLU A 87 5.75 11.70 -3.88
C GLU A 87 4.76 10.59 -3.60
N ALA A 88 5.29 9.52 -2.99
CA ALA A 88 4.50 8.39 -2.53
C ALA A 88 3.69 8.83 -1.32
N PHE A 89 4.16 9.95 -0.72
CA PHE A 89 3.47 10.61 0.40
C PHE A 89 2.25 11.31 -0.15
N ARG A 90 2.46 11.96 -1.32
CA ARG A 90 1.42 12.71 -2.00
C ARG A 90 0.25 11.82 -2.42
N VAL A 91 0.51 10.51 -2.42
CA VAL A 91 -0.45 9.46 -2.78
C VAL A 91 -1.80 9.64 -2.04
N PHE A 92 -1.72 9.87 -0.73
CA PHE A 92 -2.89 10.11 0.09
C PHE A 92 -2.94 11.55 0.52
N ALA A 93 -1.75 12.14 0.67
CA ALA A 93 -1.58 13.55 1.08
C ALA A 93 -2.32 14.50 0.13
N LYS A 94 -1.96 14.45 -1.18
CA LYS A 94 -2.51 15.34 -2.23
C LYS A 94 -2.65 16.75 -1.70
N ASP A 95 -1.52 17.45 -1.78
CA ASP A 95 -1.35 18.82 -1.26
C ASP A 95 -1.45 18.76 0.27
N GLY A 96 -1.41 17.50 0.78
CA GLY A 96 -1.50 17.21 2.21
C GLY A 96 -0.64 18.12 3.08
N ASN A 97 0.52 18.55 2.53
CA ASN A 97 1.46 19.47 3.21
C ASN A 97 2.12 18.84 4.46
N GLY A 98 1.52 17.77 4.94
CA GLY A 98 2.01 17.05 6.10
C GLY A 98 1.12 17.22 7.32
N TYR A 99 -0.07 16.60 7.23
CA TYR A 99 -1.07 16.62 8.31
C TYR A 99 -2.00 15.40 8.17
N ILE A 100 -1.43 14.28 7.70
CA ILE A 100 -2.19 13.04 7.47
C ILE A 100 -2.36 12.22 8.77
N SER A 101 -3.56 12.34 9.34
CA SER A 101 -3.96 11.65 10.56
C SER A 101 -4.28 10.18 10.35
N ALA A 102 -4.13 9.44 11.45
CA ALA A 102 -4.46 8.02 11.51
C ALA A 102 -5.97 7.86 11.36
N ALA A 103 -6.67 9.00 11.51
CA ALA A 103 -8.12 9.07 11.38
C ALA A 103 -8.53 8.91 9.92
N GLU A 104 -7.55 9.11 9.02
CA GLU A 104 -7.72 8.99 7.57
C GLU A 104 -8.02 7.55 7.15
N LEU A 105 -7.72 6.57 8.03
CA LEU A 105 -8.00 5.15 7.78
C LEU A 105 -9.45 4.89 7.38
N ARG A 106 -10.27 5.86 7.74
CA ARG A 106 -11.69 5.87 7.45
C ARG A 106 -11.91 6.33 5.99
N HIS A 107 -11.07 7.28 5.55
CA HIS A 107 -11.15 7.82 4.18
C HIS A 107 -10.33 6.97 3.20
N VAL A 108 -9.21 6.40 3.68
CA VAL A 108 -8.33 5.56 2.87
C VAL A 108 -9.05 4.33 2.30
N MET A 109 -9.83 3.65 3.14
CA MET A 109 -10.55 2.44 2.72
C MET A 109 -11.83 2.77 1.93
N THR A 110 -12.40 3.96 2.16
CA THR A 110 -13.59 4.42 1.43
C THR A 110 -13.13 5.02 0.09
N ASN A 111 -11.82 5.34 0.01
CA ASN A 111 -11.21 5.81 -1.25
C ASN A 111 -11.42 4.68 -2.28
N LEU A 112 -11.45 3.45 -1.74
CA LEU A 112 -11.75 2.24 -2.49
C LEU A 112 -13.26 1.99 -2.39
N GLY A 113 -13.85 2.55 -1.31
CA GLY A 113 -15.28 2.46 -1.05
C GLY A 113 -15.68 1.34 -0.12
N GLU A 114 -14.79 1.01 0.79
CA GLU A 114 -14.99 -0.03 1.79
C GLU A 114 -15.96 0.44 2.86
N LYS A 115 -16.68 -0.50 3.44
CA LYS A 115 -17.65 -0.22 4.44
C LYS A 115 -17.14 -0.57 5.83
N LEU A 116 -17.11 0.44 6.69
CA LEU A 116 -16.63 0.31 8.06
C LEU A 116 -17.65 0.79 9.09
N THR A 117 -17.43 0.39 10.34
CA THR A 117 -18.28 0.83 11.45
C THR A 117 -17.47 1.73 12.37
N ASP A 118 -18.14 2.54 13.20
CA ASP A 118 -17.46 3.46 14.12
C ASP A 118 -16.60 2.73 15.16
N GLU A 119 -16.93 1.45 15.43
CA GLU A 119 -16.18 0.64 16.38
C GLU A 119 -15.03 -0.10 15.71
N GLU A 120 -15.23 -0.51 14.45
CA GLU A 120 -14.21 -1.18 13.67
C GLU A 120 -13.00 -0.28 13.55
N VAL A 121 -13.29 0.97 13.19
CA VAL A 121 -12.28 1.97 13.06
C VAL A 121 -11.88 2.56 14.39
N ASP A 122 -12.72 2.41 15.43
CA ASP A 122 -12.36 2.93 16.75
C ASP A 122 -11.15 2.17 17.27
N GLU A 123 -11.04 0.93 16.80
CA GLU A 123 -9.95 0.06 17.10
C GLU A 123 -8.81 0.29 16.11
N MET A 124 -9.16 0.39 14.81
CA MET A 124 -8.18 0.66 13.77
C MET A 124 -7.70 2.11 13.90
N ILE A 125 -8.54 2.92 14.56
CA ILE A 125 -8.23 4.31 14.83
C ILE A 125 -7.30 4.38 16.06
N ARG A 126 -7.57 3.48 17.04
CA ARG A 126 -6.80 3.45 18.27
C ARG A 126 -5.54 2.63 18.18
N GLU A 127 -5.47 1.89 17.10
CA GLU A 127 -4.30 1.06 16.79
C GLU A 127 -3.20 1.96 16.23
N ALA A 128 -3.52 3.26 16.10
CA ALA A 128 -2.58 4.25 15.54
C ALA A 128 -2.68 5.62 16.22
N ALA A 129 -3.41 5.72 17.35
CA ALA A 129 -3.54 7.01 18.06
C ALA A 129 -2.19 7.50 18.59
N ILE A 130 -1.68 8.57 17.98
CA ILE A 130 -0.41 9.18 18.37
C ILE A 130 -0.64 10.51 19.05
N ASP A 131 0.17 10.74 20.09
CA ASP A 131 0.14 11.95 20.95
C ASP A 131 -1.23 12.17 21.63
N GLY A 132 -2.28 11.79 20.92
CA GLY A 132 -3.64 11.93 21.40
C GLY A 132 -4.53 12.68 20.42
N ASP A 133 -3.89 13.41 19.49
CA ASP A 133 -4.60 14.17 18.45
C ASP A 133 -4.95 13.26 17.27
N GLY A 134 -3.94 12.51 16.80
CA GLY A 134 -4.15 11.57 15.71
C GLY A 134 -3.59 12.00 14.37
N GLN A 135 -3.21 13.29 14.20
CA GLN A 135 -2.68 13.75 12.91
C GLN A 135 -1.17 13.65 12.87
N VAL A 136 -0.64 13.22 11.70
CA VAL A 136 0.82 13.04 11.55
C VAL A 136 1.33 13.34 10.12
N ASN A 137 2.44 14.06 10.05
CA ASN A 137 3.09 14.42 8.80
C ASN A 137 4.21 13.46 8.39
N TYR A 138 4.97 13.91 7.39
CA TYR A 138 6.11 13.22 6.80
C TYR A 138 7.14 12.69 7.83
N GLU A 139 7.12 13.23 9.05
CA GLU A 139 8.06 12.78 10.10
C GLU A 139 7.75 11.35 10.57
N GLU A 140 6.55 11.14 11.12
CA GLU A 140 6.12 9.83 11.62
C GLU A 140 5.41 9.00 10.57
N PHE A 141 4.59 9.66 9.74
CA PHE A 141 3.81 8.96 8.69
C PHE A 141 4.70 8.36 7.59
N VAL A 142 6.00 8.73 7.60
CA VAL A 142 6.97 8.21 6.63
C VAL A 142 7.49 6.85 7.10
N GLN A 143 7.62 6.70 8.43
CA GLN A 143 8.08 5.44 9.02
C GLN A 143 7.15 4.29 8.62
N MET A 144 5.86 4.62 8.46
CA MET A 144 4.86 3.67 8.00
C MET A 144 5.13 3.37 6.52
N MET A 145 5.78 4.34 5.85
CA MET A 145 6.14 4.24 4.45
C MET A 145 7.53 3.62 4.25
N THR A 146 8.45 3.81 5.22
CA THR A 146 9.81 3.29 5.12
C THR A 146 9.92 1.85 5.63
N ALA A 147 9.02 1.47 6.55
CA ALA A 147 8.99 0.14 7.13
C ALA A 147 8.20 -0.83 6.25
N LYS A 148 8.81 -1.98 5.95
CA LYS A 148 8.18 -3.01 5.13
C LYS A 148 7.60 -4.13 6.00
N ALA B 1 21.87 -8.31 11.23
CA ALA B 1 22.68 -7.99 12.44
C ALA B 1 22.15 -6.76 13.15
N GLY B 2 22.20 -6.77 14.48
CA GLY B 2 21.72 -5.65 15.28
C GLY B 2 20.60 -6.04 16.21
N HIS B 3 19.44 -5.35 16.07
CA HIS B 3 18.22 -5.59 16.88
C HIS B 3 18.46 -5.29 18.37
N MET B 4 17.57 -4.47 18.94
CA MET B 4 17.66 -4.10 20.36
C MET B 4 16.75 -4.97 21.24
N ARG B 5 15.53 -5.21 20.75
CA ARG B 5 14.55 -6.04 21.48
C ARG B 5 14.41 -7.42 20.81
N PRO B 6 14.32 -8.54 21.60
CA PRO B 6 14.18 -9.90 21.04
C PRO B 6 12.77 -10.19 20.51
N LYS B 7 11.75 -9.67 21.22
CA LYS B 7 10.34 -9.87 20.84
C LYS B 7 9.74 -8.60 20.26
N ARG B 8 8.88 -8.76 19.26
CA ARG B 8 8.22 -7.63 18.60
C ARG B 8 6.70 -7.88 18.50
N ARG B 9 5.94 -6.78 18.48
CA ARG B 9 4.48 -6.86 18.39
C ARG B 9 4.00 -6.42 17.00
N GLU B 10 3.15 -7.26 16.39
CA GLU B 10 2.60 -6.98 15.06
C GLU B 10 1.07 -6.98 15.09
N ILE B 11 0.50 -5.77 15.02
CA ILE B 11 -0.97 -5.59 15.04
C ILE B 11 -1.45 -4.33 14.26
N PRO B 12 -0.62 -3.23 14.09
CA PRO B 12 -1.08 -2.02 13.37
C PRO B 12 -1.43 -2.26 11.89
N LEU B 13 -1.94 -1.21 11.23
CA LEU B 13 -2.33 -1.25 9.81
C LEU B 13 -1.12 -1.42 8.88
N LYS B 14 -0.26 -0.37 8.80
CA LYS B 14 0.95 -0.33 7.97
C LYS B 14 0.80 -0.96 6.55
N VAL B 15 -0.44 -0.99 6.03
CA VAL B 15 -0.70 -1.57 4.70
C VAL B 15 -1.61 -0.68 3.87
N LEU B 16 -2.59 -0.09 4.52
CA LEU B 16 -3.56 0.79 3.90
C LEU B 16 -2.90 2.00 3.21
N VAL B 17 -1.57 2.00 3.24
CA VAL B 17 -0.74 3.01 2.59
C VAL B 17 0.40 2.30 1.89
N LYS B 18 0.90 1.22 2.51
CA LYS B 18 1.94 0.38 1.95
C LYS B 18 1.43 -0.36 0.71
N ALA B 19 0.12 -0.58 0.66
CA ALA B 19 -0.54 -1.22 -0.46
C ALA B 19 -0.85 -0.16 -1.53
N VAL B 20 -0.25 1.01 -1.31
CA VAL B 20 -0.39 2.17 -2.15
C VAL B 20 1.00 2.75 -2.46
N LEU B 21 2.01 2.39 -1.62
CA LEU B 21 3.38 2.83 -1.83
C LEU B 21 4.06 1.85 -2.76
N PHE B 22 3.43 0.66 -2.86
CA PHE B 22 3.89 -0.42 -3.71
C PHE B 22 3.35 -0.23 -5.14
N ALA B 23 2.19 0.45 -5.25
CA ALA B 23 1.56 0.72 -6.55
C ALA B 23 2.04 2.06 -7.12
N CYS B 24 2.65 2.90 -6.25
CA CYS B 24 3.18 4.20 -6.64
C CYS B 24 4.60 4.07 -7.20
N MET B 25 5.07 2.81 -7.27
CA MET B 25 6.42 2.49 -7.78
C MET B 25 6.36 1.93 -9.20
N LEU B 26 5.16 1.52 -9.65
CA LEU B 26 4.94 0.96 -11.00
C LEU B 26 5.41 1.89 -12.12
N MET B 27 5.16 3.20 -11.94
CA MET B 27 5.56 4.21 -12.93
C MET B 27 6.37 5.33 -12.28
N ARG B 28 5.95 5.76 -11.07
CA ARG B 28 6.60 6.83 -10.27
C ARG B 28 7.01 8.08 -11.09
N LYS B 29 6.31 8.31 -12.22
CA LYS B 29 6.58 9.46 -13.10
C LYS B 29 5.73 10.67 -12.70
N ALA A 1 -0.44 -19.66 -2.86
CA ALA A 1 -0.73 -20.81 -1.96
C ALA A 1 0.13 -20.77 -0.71
N ASP A 2 1.42 -20.44 -0.88
CA ASP A 2 2.37 -20.37 0.23
C ASP A 2 2.57 -18.92 0.68
N GLN A 3 2.82 -18.74 1.98
CA GLN A 3 3.04 -17.40 2.55
C GLN A 3 4.36 -17.35 3.31
N LEU A 4 4.97 -16.15 3.33
CA LEU A 4 6.25 -15.94 4.01
C LEU A 4 6.01 -15.36 5.42
N THR A 5 7.02 -14.68 6.00
CA THR A 5 6.87 -14.06 7.32
C THR A 5 5.82 -12.95 7.26
N GLU A 6 5.10 -12.77 8.37
CA GLU A 6 3.97 -11.82 8.49
C GLU A 6 4.16 -10.48 7.77
N GLU A 7 5.26 -9.77 8.04
CA GLU A 7 5.49 -8.47 7.42
C GLU A 7 6.13 -8.57 6.05
N GLN A 8 6.73 -9.71 5.75
CA GLN A 8 7.37 -9.94 4.45
C GLN A 8 6.28 -10.10 3.38
N ILE A 9 5.25 -10.90 3.71
CA ILE A 9 4.11 -11.14 2.83
C ILE A 9 2.99 -10.11 3.04
N ALA A 10 3.06 -9.39 4.17
CA ALA A 10 2.04 -8.38 4.56
C ALA A 10 1.56 -7.44 3.46
N GLU A 11 2.50 -6.82 2.72
CA GLU A 11 2.15 -5.80 1.74
C GLU A 11 1.38 -6.38 0.56
N PHE A 12 2.00 -7.31 -0.18
CA PHE A 12 1.32 -7.92 -1.33
C PHE A 12 0.11 -8.73 -0.85
N LYS A 13 0.08 -9.09 0.46
CA LYS A 13 -1.06 -9.79 1.03
C LYS A 13 -2.28 -8.92 1.08
N GLU A 14 -2.13 -7.80 1.76
CA GLU A 14 -3.21 -6.89 1.94
C GLU A 14 -3.52 -6.20 0.62
N ALA A 15 -2.46 -6.09 -0.19
CA ALA A 15 -2.55 -5.52 -1.52
C ALA A 15 -3.05 -6.56 -2.52
N PHE A 16 -3.32 -7.74 -1.98
CA PHE A 16 -3.83 -8.89 -2.73
C PHE A 16 -5.35 -8.78 -2.82
N SER A 17 -5.97 -8.34 -1.70
CA SER A 17 -7.42 -8.15 -1.65
C SER A 17 -7.81 -6.78 -2.21
N LEU A 18 -6.80 -5.90 -2.36
CA LEU A 18 -6.98 -4.54 -2.92
C LEU A 18 -7.60 -4.59 -4.31
N PHE A 19 -7.10 -5.55 -5.09
CA PHE A 19 -7.51 -5.75 -6.48
C PHE A 19 -8.54 -6.86 -6.60
N ASP A 20 -8.28 -7.96 -5.92
CA ASP A 20 -9.08 -9.17 -6.01
C ASP A 20 -10.58 -8.98 -5.60
N LYS A 21 -11.44 -8.72 -6.62
CA LYS A 21 -12.90 -8.62 -6.40
C LYS A 21 -13.47 -10.02 -6.54
N ASP A 22 -13.03 -10.66 -7.62
CA ASP A 22 -13.37 -12.04 -7.95
C ASP A 22 -12.39 -12.96 -7.20
N GLY A 23 -11.09 -12.67 -7.39
CA GLY A 23 -10.03 -13.40 -6.70
C GLY A 23 -9.87 -14.85 -7.06
N ASP A 24 -9.68 -15.12 -8.35
CA ASP A 24 -9.42 -16.47 -8.87
C ASP A 24 -8.03 -16.90 -8.41
N GLY A 25 -7.44 -15.95 -7.69
CA GLY A 25 -6.11 -16.05 -7.13
C GLY A 25 -5.18 -15.12 -7.87
N THR A 26 -5.70 -14.55 -8.95
CA THR A 26 -4.98 -13.59 -9.76
C THR A 26 -5.56 -12.18 -9.64
N ILE A 27 -4.87 -11.25 -10.31
CA ILE A 27 -5.23 -9.87 -10.38
C ILE A 27 -5.59 -9.48 -11.77
N THR A 28 -6.71 -8.85 -11.89
CA THR A 28 -7.20 -8.43 -13.17
C THR A 28 -7.07 -6.94 -13.36
N THR A 29 -7.28 -6.57 -14.61
CA THR A 29 -7.18 -5.20 -15.09
C THR A 29 -8.27 -4.31 -14.47
N LYS A 30 -9.56 -4.72 -14.53
CA LYS A 30 -10.66 -3.91 -13.94
C LYS A 30 -10.37 -3.57 -12.48
N GLU A 31 -9.46 -4.34 -11.88
CA GLU A 31 -9.02 -4.16 -10.50
C GLU A 31 -7.87 -3.17 -10.44
N LEU A 32 -6.83 -3.43 -11.24
CA LEU A 32 -5.62 -2.59 -11.30
C LEU A 32 -5.93 -1.13 -11.62
N GLY A 33 -7.07 -0.89 -12.28
CA GLY A 33 -7.48 0.48 -12.57
C GLY A 33 -8.21 1.11 -11.40
N THR A 34 -8.98 0.28 -10.70
CA THR A 34 -9.70 0.70 -9.49
C THR A 34 -8.69 1.06 -8.39
N VAL A 35 -7.48 0.52 -8.56
CA VAL A 35 -6.37 0.72 -7.60
C VAL A 35 -5.70 2.08 -7.84
N MET A 36 -5.12 2.17 -9.03
CA MET A 36 -4.40 3.36 -9.53
C MET A 36 -5.20 4.65 -9.44
N ARG A 37 -6.43 4.58 -9.94
CA ARG A 37 -7.31 5.72 -10.05
C ARG A 37 -7.55 6.47 -8.72
N SER A 38 -7.50 5.72 -7.64
CA SER A 38 -7.74 6.22 -6.27
C SER A 38 -6.76 7.32 -5.80
N LEU A 39 -5.54 7.32 -6.33
CA LEU A 39 -4.54 8.30 -5.94
C LEU A 39 -4.58 9.59 -6.80
N GLY A 40 -5.36 9.58 -7.88
CA GLY A 40 -5.47 10.77 -8.73
C GLY A 40 -4.80 10.64 -10.09
N GLN A 41 -4.80 9.43 -10.62
CA GLN A 41 -4.20 9.15 -11.93
C GLN A 41 -5.24 9.26 -13.04
N ASN A 42 -4.79 9.23 -14.31
CA ASN A 42 -5.68 9.31 -15.48
C ASN A 42 -6.53 8.03 -15.58
N PRO A 43 -7.89 8.13 -15.43
CA PRO A 43 -8.77 6.96 -15.48
C PRO A 43 -9.03 6.41 -16.90
N THR A 44 -8.12 5.53 -17.35
CA THR A 44 -8.25 4.89 -18.65
C THR A 44 -8.73 3.45 -18.49
N GLU A 45 -9.45 2.98 -19.49
CA GLU A 45 -10.00 1.63 -19.51
C GLU A 45 -8.95 0.64 -19.99
N ALA A 46 -8.04 1.13 -20.82
CA ALA A 46 -6.94 0.32 -21.32
C ALA A 46 -5.75 0.40 -20.39
N GLU A 47 -5.70 1.43 -19.52
CA GLU A 47 -4.56 1.58 -18.57
C GLU A 47 -4.36 0.34 -17.72
N LEU A 48 -5.46 -0.31 -17.35
CA LEU A 48 -5.42 -1.53 -16.55
C LEU A 48 -5.15 -2.75 -17.43
N GLN A 49 -5.73 -2.78 -18.65
CA GLN A 49 -5.47 -3.86 -19.61
C GLN A 49 -4.06 -3.71 -20.19
N ASP A 50 -3.54 -2.47 -20.16
CA ASP A 50 -2.19 -2.15 -20.64
C ASP A 50 -1.17 -2.36 -19.52
N MET A 51 -1.52 -1.90 -18.29
CA MET A 51 -0.62 -2.09 -17.13
C MET A 51 -0.33 -3.58 -16.87
N ILE A 52 -1.27 -4.48 -17.22
CA ILE A 52 -1.05 -5.91 -17.06
C ILE A 52 -0.30 -6.51 -18.27
N ASN A 53 -0.23 -5.74 -19.36
CA ASN A 53 0.41 -6.14 -20.60
C ASN A 53 1.93 -6.07 -20.48
N GLU A 54 2.40 -4.92 -19.98
CA GLU A 54 3.85 -4.70 -19.79
C GLU A 54 4.39 -5.47 -18.58
N VAL A 55 3.51 -5.74 -17.63
CA VAL A 55 3.88 -6.54 -16.47
C VAL A 55 3.10 -7.84 -16.60
N ASP A 56 3.11 -8.35 -17.84
CA ASP A 56 2.39 -9.58 -18.26
C ASP A 56 2.80 -10.86 -17.51
N ALA A 57 1.96 -11.26 -16.53
CA ALA A 57 2.18 -12.50 -15.78
C ALA A 57 1.49 -13.67 -16.46
N ASP A 58 0.21 -13.46 -16.74
CA ASP A 58 -0.64 -14.44 -17.41
C ASP A 58 -1.11 -13.90 -18.77
N GLY A 59 -1.12 -12.56 -18.86
CA GLY A 59 -1.48 -11.85 -20.09
C GLY A 59 -2.92 -11.92 -20.50
N ASN A 60 -3.76 -12.44 -19.62
CA ASN A 60 -5.18 -12.47 -19.87
C ASN A 60 -5.77 -11.26 -19.16
N GLY A 61 -4.85 -10.33 -18.88
CA GLY A 61 -5.18 -9.12 -18.17
C GLY A 61 -5.15 -9.37 -16.67
N THR A 62 -4.35 -10.34 -16.32
CA THR A 62 -4.19 -10.78 -14.96
C THR A 62 -2.73 -10.83 -14.54
N ILE A 63 -2.49 -10.41 -13.32
CA ILE A 63 -1.18 -10.43 -12.75
C ILE A 63 -1.24 -11.26 -11.46
N ASP A 64 -0.24 -12.06 -11.27
CA ASP A 64 -0.11 -12.96 -10.14
C ASP A 64 0.85 -12.39 -9.09
N PHE A 65 1.17 -13.20 -8.06
CA PHE A 65 2.06 -12.79 -6.97
C PHE A 65 3.54 -12.59 -7.42
N PRO A 66 4.10 -13.37 -8.39
CA PRO A 66 5.51 -13.20 -8.83
C PRO A 66 5.76 -11.88 -9.59
N GLU A 67 4.76 -11.41 -10.35
CA GLU A 67 4.88 -10.17 -11.12
C GLU A 67 4.46 -8.95 -10.30
N PHE A 68 3.26 -9.03 -9.67
CA PHE A 68 2.70 -7.96 -8.82
C PHE A 68 3.74 -7.18 -8.01
N LEU A 69 4.62 -7.91 -7.31
CA LEU A 69 5.64 -7.28 -6.47
C LEU A 69 6.93 -6.93 -7.20
N THR A 70 7.14 -7.49 -8.39
CA THR A 70 8.36 -7.24 -9.18
C THR A 70 8.71 -5.75 -9.23
N MET A 71 7.72 -4.91 -8.95
CA MET A 71 7.91 -3.48 -8.91
C MET A 71 8.35 -3.01 -7.52
N MET A 72 7.90 -3.69 -6.44
CA MET A 72 8.34 -3.32 -5.09
C MET A 72 9.62 -4.07 -4.82
N ALA A 73 9.77 -5.20 -5.53
CA ALA A 73 10.97 -6.00 -5.51
C ALA A 73 12.00 -5.31 -6.40
N ARG A 74 11.50 -4.38 -7.26
CA ARG A 74 12.32 -3.59 -8.11
C ARG A 74 12.99 -2.50 -7.29
N LYS A 75 12.20 -1.85 -6.42
CA LYS A 75 12.71 -0.82 -5.52
C LYS A 75 13.84 -1.41 -4.66
N MET A 76 13.88 -2.76 -4.65
CA MET A 76 14.90 -3.54 -3.96
C MET A 76 16.13 -3.67 -4.84
N LYS A 77 15.91 -3.95 -6.15
CA LYS A 77 17.01 -4.07 -7.11
C LYS A 77 17.45 -2.70 -7.65
N ASP A 78 16.63 -1.69 -7.38
CA ASP A 78 16.89 -0.31 -7.79
C ASP A 78 16.92 0.60 -6.55
N THR A 79 18.08 1.21 -6.27
CA THR A 79 18.24 2.07 -5.10
C THR A 79 17.83 3.52 -5.35
N ASP A 80 16.95 3.68 -6.31
CA ASP A 80 16.38 4.97 -6.67
C ASP A 80 15.15 5.25 -5.78
N SER A 81 14.96 4.35 -4.80
CA SER A 81 13.84 4.40 -3.85
C SER A 81 13.89 5.60 -2.89
N GLU A 82 15.07 6.23 -2.75
CA GLU A 82 15.25 7.39 -1.87
C GLU A 82 14.49 8.62 -2.42
N GLU A 83 14.43 8.71 -3.75
CA GLU A 83 13.73 9.80 -4.44
C GLU A 83 12.26 9.45 -4.67
N GLU A 84 11.96 8.14 -4.68
CA GLU A 84 10.60 7.64 -4.88
C GLU A 84 9.81 7.55 -3.57
N ILE A 85 10.53 7.44 -2.44
CA ILE A 85 9.91 7.29 -1.11
C ILE A 85 9.16 8.55 -0.63
N ARG A 86 9.58 9.73 -1.11
CA ARG A 86 8.93 11.00 -0.75
C ARG A 86 7.74 11.29 -1.67
N GLU A 87 7.82 10.77 -2.90
CA GLU A 87 6.73 10.92 -3.89
C GLU A 87 5.69 9.84 -3.64
N ALA A 88 6.17 8.70 -3.12
CA ALA A 88 5.31 7.59 -2.73
C ALA A 88 4.56 7.99 -1.45
N PHE A 89 5.10 9.03 -0.80
CA PHE A 89 4.50 9.64 0.38
C PHE A 89 3.37 10.55 -0.06
N ARG A 90 3.64 11.28 -1.16
CA ARG A 90 2.68 12.22 -1.72
C ARG A 90 1.41 11.48 -2.22
N VAL A 91 1.56 10.15 -2.34
CA VAL A 91 0.50 9.25 -2.78
C VAL A 91 -0.82 9.48 -2.01
N PHE A 92 -0.74 9.58 -0.69
CA PHE A 92 -1.88 9.84 0.14
C PHE A 92 -1.80 11.25 0.70
N ALA A 93 -0.56 11.71 0.95
CA ALA A 93 -0.30 13.06 1.47
C ALA A 93 -0.91 14.14 0.55
N LYS A 94 -0.45 14.16 -0.73
CA LYS A 94 -0.93 15.11 -1.77
C LYS A 94 -0.76 16.60 -1.41
N ASP A 95 -0.36 16.88 -0.17
CA ASP A 95 -0.16 18.24 0.29
C ASP A 95 1.23 18.76 -0.12
N GLY A 96 2.04 17.87 -0.72
CA GLY A 96 3.38 18.23 -1.16
C GLY A 96 4.36 18.48 -0.02
N ASN A 97 4.05 17.94 1.15
CA ASN A 97 4.89 18.09 2.33
C ASN A 97 5.09 16.75 3.03
N GLY A 98 3.98 16.08 3.35
CA GLY A 98 4.04 14.78 3.99
C GLY A 98 3.64 14.80 5.45
N TYR A 99 2.33 14.76 5.70
CA TYR A 99 1.77 14.72 7.05
C TYR A 99 0.43 13.97 7.03
N ILE A 100 0.48 12.69 7.43
CA ILE A 100 -0.72 11.85 7.44
C ILE A 100 -0.91 11.08 8.75
N SER A 101 -1.92 11.52 9.51
CA SER A 101 -2.32 10.93 10.80
C SER A 101 -2.67 9.47 10.71
N ALA A 102 -2.43 8.80 11.83
CA ALA A 102 -2.76 7.38 12.01
C ALA A 102 -4.28 7.21 11.90
N ALA A 103 -4.97 8.36 11.98
CA ALA A 103 -6.43 8.43 11.89
C ALA A 103 -6.86 8.38 10.41
N GLU A 104 -5.89 8.65 9.51
CA GLU A 104 -6.12 8.64 8.07
C GLU A 104 -6.34 7.22 7.55
N LEU A 105 -5.92 6.21 8.35
CA LEU A 105 -6.10 4.79 8.02
C LEU A 105 -7.57 4.46 7.75
N ARG A 106 -8.41 5.28 8.33
CA ARG A 106 -9.84 5.22 8.20
C ARG A 106 -10.27 5.80 6.84
N HIS A 107 -9.49 6.78 6.35
CA HIS A 107 -9.75 7.41 5.07
C HIS A 107 -9.14 6.63 3.90
N VAL A 108 -7.94 6.06 4.10
CA VAL A 108 -7.26 5.27 3.05
C VAL A 108 -8.04 3.99 2.72
N MET A 109 -8.83 3.49 3.70
CA MET A 109 -9.60 2.26 3.52
C MET A 109 -10.97 2.54 2.88
N THR A 110 -11.59 3.63 3.29
CA THR A 110 -12.90 4.05 2.75
C THR A 110 -12.67 4.74 1.40
N ASN A 111 -11.41 5.18 1.15
CA ASN A 111 -11.03 5.77 -0.14
C ASN A 111 -11.25 4.68 -1.20
N LEU A 112 -11.07 3.43 -0.74
CA LEU A 112 -11.33 2.24 -1.54
C LEU A 112 -12.75 1.77 -1.22
N GLY A 113 -13.28 2.26 -0.07
CA GLY A 113 -14.63 1.94 0.38
C GLY A 113 -14.72 0.65 1.15
N GLU A 114 -13.63 0.33 1.83
CA GLU A 114 -13.47 -0.87 2.64
C GLU A 114 -14.45 -0.91 3.80
N LYS A 115 -14.89 -2.12 4.12
CA LYS A 115 -15.81 -2.35 5.17
C LYS A 115 -15.16 -3.10 6.32
N LEU A 116 -15.03 -2.38 7.42
CA LEU A 116 -14.42 -2.89 8.64
C LEU A 116 -15.29 -2.55 9.86
N THR A 117 -14.99 -3.17 11.01
CA THR A 117 -15.74 -2.89 12.25
C THR A 117 -15.23 -1.59 12.87
N ASP A 118 -16.09 -0.93 13.66
CA ASP A 118 -15.77 0.36 14.30
C ASP A 118 -14.54 0.25 15.22
N GLU A 119 -14.46 -0.84 16.00
CA GLU A 119 -13.35 -1.05 16.93
C GLU A 119 -12.18 -1.80 16.29
N GLU A 120 -12.44 -2.53 15.20
CA GLU A 120 -11.41 -3.26 14.50
C GLU A 120 -10.37 -2.31 13.93
N VAL A 121 -10.85 -1.23 13.28
CA VAL A 121 -9.99 -0.21 12.75
C VAL A 121 -9.63 0.84 13.80
N ASP A 122 -10.43 0.93 14.88
CA ASP A 122 -10.14 1.90 15.95
C ASP A 122 -8.91 1.46 16.74
N GLU A 123 -8.64 0.16 16.68
CA GLU A 123 -7.48 -0.43 17.31
C GLU A 123 -6.29 -0.37 16.37
N MET A 124 -6.54 -0.63 15.08
CA MET A 124 -5.49 -0.54 14.05
C MET A 124 -5.12 0.91 13.84
N ILE A 125 -6.06 1.79 14.22
CA ILE A 125 -5.89 3.22 14.15
C ILE A 125 -5.11 3.68 15.38
N ARG A 126 -5.39 3.03 16.53
CA ARG A 126 -4.75 3.37 17.78
C ARG A 126 -3.41 2.70 17.96
N GLU A 127 -3.17 1.75 17.09
CA GLU A 127 -1.92 1.00 17.05
C GLU A 127 -0.81 1.89 16.47
N ALA A 128 -1.20 3.11 16.07
CA ALA A 128 -0.27 4.08 15.46
C ALA A 128 -0.51 5.53 15.92
N ALA A 129 -1.53 5.74 16.78
CA ALA A 129 -1.87 7.08 17.28
C ALA A 129 -0.86 7.56 18.33
N ILE A 130 -0.07 8.58 17.94
CA ILE A 130 0.93 9.17 18.81
C ILE A 130 0.35 10.34 19.61
N ASP A 131 0.60 10.34 20.94
CA ASP A 131 0.12 11.37 21.89
C ASP A 131 -1.41 11.45 22.01
N GLY A 132 -2.09 11.26 20.88
CA GLY A 132 -3.54 11.29 20.84
C GLY A 132 -4.10 11.78 19.51
N ASP A 133 -3.27 12.47 18.72
CA ASP A 133 -3.67 13.00 17.40
C ASP A 133 -3.39 11.97 16.30
N GLY A 134 -2.16 11.46 16.27
CA GLY A 134 -1.78 10.46 15.28
C GLY A 134 -1.14 11.04 14.02
N GLN A 135 -1.19 12.38 13.84
CA GLN A 135 -0.60 13.02 12.64
C GLN A 135 0.92 12.85 12.61
N VAL A 136 1.40 12.23 11.53
CA VAL A 136 2.83 11.93 11.38
C VAL A 136 3.35 12.18 9.97
N ASN A 137 4.54 12.80 9.90
CA ASN A 137 5.20 13.14 8.66
C ASN A 137 6.08 12.00 8.10
N TYR A 138 6.85 12.38 7.08
CA TYR A 138 7.81 11.54 6.33
C TYR A 138 8.70 10.63 7.22
N GLU A 139 8.82 10.94 8.51
CA GLU A 139 9.66 10.15 9.43
C GLU A 139 9.11 8.74 9.71
N GLU A 140 7.84 8.64 10.13
CA GLU A 140 7.23 7.35 10.48
C GLU A 140 6.54 6.62 9.32
N PHE A 141 5.64 7.31 8.59
CA PHE A 141 4.89 6.65 7.49
C PHE A 141 5.78 6.22 6.32
N VAL A 142 7.05 6.64 6.33
CA VAL A 142 8.03 6.23 5.31
C VAL A 142 8.57 4.87 5.71
N GLN A 143 8.73 4.67 7.03
CA GLN A 143 9.22 3.41 7.58
C GLN A 143 8.39 2.24 7.05
N MET A 144 7.11 2.54 6.76
CA MET A 144 6.20 1.58 6.14
C MET A 144 6.83 1.06 4.86
N MET A 145 7.45 2.00 4.11
CA MET A 145 8.09 1.68 2.83
C MET A 145 9.59 1.33 2.99
N THR A 146 10.31 2.02 3.90
CA THR A 146 11.74 1.81 4.07
C THR A 146 12.08 0.47 4.75
N ALA A 147 11.16 -0.03 5.57
CA ALA A 147 11.34 -1.29 6.27
C ALA A 147 10.79 -2.47 5.47
N LYS A 148 11.41 -3.64 5.65
CA LYS A 148 11.01 -4.85 4.95
C LYS A 148 10.13 -5.74 5.84
N ALA B 1 17.33 0.59 33.40
CA ALA B 1 16.36 0.54 32.28
C ALA B 1 15.20 -0.40 32.61
N GLY B 2 14.00 0.00 32.17
CA GLY B 2 12.81 -0.80 32.41
C GLY B 2 11.69 -0.50 31.43
N HIS B 3 11.74 -1.16 30.25
CA HIS B 3 10.75 -0.99 29.16
C HIS B 3 10.75 0.44 28.60
N MET B 4 10.88 0.55 27.27
CA MET B 4 10.89 1.84 26.59
C MET B 4 9.54 2.15 25.97
N ARG B 5 9.06 3.40 26.16
CA ARG B 5 7.76 3.90 25.63
C ARG B 5 6.56 3.13 26.24
N PRO B 6 5.33 3.76 26.27
CA PRO B 6 4.13 3.11 26.84
C PRO B 6 3.52 2.05 25.91
N LYS B 7 3.80 2.18 24.60
CA LYS B 7 3.27 1.26 23.58
C LYS B 7 4.26 0.12 23.32
N ARG B 8 3.71 -1.05 22.97
CA ARG B 8 4.51 -2.24 22.69
C ARG B 8 4.42 -2.64 21.22
N ARG B 9 3.20 -2.55 20.65
CA ARG B 9 2.90 -2.90 19.24
C ARG B 9 3.15 -4.38 18.96
N GLU B 10 2.13 -5.05 18.41
CA GLU B 10 2.23 -6.48 18.08
C GLU B 10 2.07 -6.71 16.57
N ILE B 11 1.08 -6.03 15.96
CA ILE B 11 0.82 -6.17 14.52
C ILE B 11 0.82 -4.79 13.82
N PRO B 12 1.91 -4.42 13.08
CA PRO B 12 2.00 -3.13 12.36
C PRO B 12 0.99 -3.02 11.21
N LEU B 13 0.69 -1.78 10.81
CA LEU B 13 -0.25 -1.52 9.72
C LEU B 13 0.47 -1.17 8.41
N LYS B 14 1.65 -1.77 8.20
CA LYS B 14 2.46 -1.52 7.00
C LYS B 14 1.82 -2.14 5.74
N VAL B 15 0.59 -1.67 5.42
CA VAL B 15 -0.16 -2.18 4.27
C VAL B 15 -1.13 -1.14 3.72
N LEU B 16 -1.84 -0.51 4.62
CA LEU B 16 -2.83 0.50 4.29
C LEU B 16 -2.23 1.76 3.64
N VAL B 17 -0.91 1.74 3.45
CA VAL B 17 -0.17 2.81 2.79
C VAL B 17 0.93 2.17 1.95
N LYS B 18 1.49 1.05 2.46
CA LYS B 18 2.50 0.29 1.75
C LYS B 18 1.93 -0.30 0.46
N ALA B 19 0.63 -0.61 0.49
CA ALA B 19 -0.07 -1.13 -0.67
C ALA B 19 -0.49 0.03 -1.56
N VAL B 20 0.16 1.16 -1.28
CA VAL B 20 -0.04 2.43 -1.95
C VAL B 20 1.33 3.02 -2.32
N LEU B 21 2.40 2.63 -1.56
CA LEU B 21 3.75 3.10 -1.84
C LEU B 21 4.38 2.20 -2.91
N PHE B 22 3.67 1.10 -3.19
CA PHE B 22 4.06 0.13 -4.20
C PHE B 22 3.49 0.50 -5.57
N ALA B 23 2.30 1.11 -5.56
CA ALA B 23 1.60 1.54 -6.77
C ALA B 23 2.08 2.92 -7.27
N CYS B 24 2.99 3.56 -6.51
CA CYS B 24 3.55 4.88 -6.87
C CYS B 24 4.47 4.84 -8.09
N MET B 25 4.85 3.63 -8.52
CA MET B 25 5.76 3.46 -9.66
C MET B 25 5.03 3.03 -10.95
N LEU B 26 3.75 2.61 -10.84
CA LEU B 26 2.96 2.18 -12.00
C LEU B 26 2.84 3.26 -13.09
N MET B 27 2.90 4.54 -12.65
CA MET B 27 2.80 5.69 -13.57
C MET B 27 4.18 6.12 -14.10
N ARG B 28 5.06 5.13 -14.31
CA ARG B 28 6.42 5.38 -14.81
C ARG B 28 6.45 5.55 -16.34
N LYS B 29 5.57 4.81 -17.04
CA LYS B 29 5.45 4.84 -18.52
C LYS B 29 6.74 4.37 -19.21
N ALA A 1 11.25 -22.32 13.81
CA ALA A 1 10.05 -21.90 14.57
C ALA A 1 9.20 -20.90 13.77
N ASP A 2 9.88 -19.95 13.12
CA ASP A 2 9.21 -18.92 12.31
C ASP A 2 9.83 -18.84 10.92
N GLN A 3 8.97 -18.88 9.90
CA GLN A 3 9.41 -18.81 8.50
C GLN A 3 9.31 -17.38 7.96
N LEU A 4 8.18 -16.72 8.24
CA LEU A 4 7.94 -15.35 7.79
C LEU A 4 8.14 -14.37 8.93
N THR A 5 8.67 -13.22 8.56
CA THR A 5 8.93 -12.13 9.49
C THR A 5 7.83 -11.08 9.32
N GLU A 6 7.40 -10.50 10.44
CA GLU A 6 6.31 -9.53 10.50
C GLU A 6 6.37 -8.36 9.52
N GLU A 7 7.46 -7.58 9.53
CA GLU A 7 7.59 -6.41 8.67
C GLU A 7 8.05 -6.75 7.26
N GLN A 8 8.61 -7.93 7.08
CA GLN A 8 9.05 -8.38 5.76
C GLN A 8 7.84 -8.81 4.95
N ILE A 9 6.93 -9.55 5.62
CA ILE A 9 5.68 -10.00 5.01
C ILE A 9 4.55 -8.98 5.19
N ALA A 10 4.74 -7.98 6.08
CA ALA A 10 3.73 -6.94 6.36
C ALA A 10 3.18 -6.21 5.14
N GLU A 11 3.95 -6.19 4.04
CA GLU A 11 3.55 -5.44 2.88
C GLU A 11 2.65 -6.25 1.94
N PHE A 12 3.20 -7.35 1.38
CA PHE A 12 2.44 -8.19 0.44
C PHE A 12 1.33 -8.98 1.13
N LYS A 13 1.48 -9.26 2.44
CA LYS A 13 0.45 -9.95 3.19
C LYS A 13 -0.78 -9.10 3.36
N GLU A 14 -0.53 -7.90 3.81
CA GLU A 14 -1.58 -7.00 4.07
C GLU A 14 -2.16 -6.45 2.77
N ALA A 15 -1.25 -6.33 1.79
CA ALA A 15 -1.60 -5.89 0.44
C ALA A 15 -2.20 -7.05 -0.34
N PHE A 16 -2.37 -8.13 0.38
CA PHE A 16 -2.97 -9.35 -0.14
C PHE A 16 -4.48 -9.23 -0.03
N SER A 17 -4.95 -8.74 1.14
CA SER A 17 -6.40 -8.55 1.37
C SER A 17 -6.89 -7.19 0.85
N LEU A 18 -5.94 -6.24 0.65
CA LEU A 18 -6.26 -4.88 0.16
C LEU A 18 -6.36 -4.86 -1.38
N PHE A 19 -5.85 -5.90 -2.03
CA PHE A 19 -5.87 -5.99 -3.50
C PHE A 19 -6.76 -7.11 -3.98
N ASP A 20 -6.76 -8.21 -3.25
CA ASP A 20 -7.50 -9.41 -3.62
C ASP A 20 -9.03 -9.29 -3.33
N LYS A 21 -9.75 -8.60 -4.25
CA LYS A 21 -11.22 -8.46 -4.15
C LYS A 21 -11.91 -9.63 -4.82
N ASP A 22 -11.30 -10.04 -5.93
CA ASP A 22 -11.79 -11.18 -6.73
C ASP A 22 -11.45 -12.48 -5.98
N GLY A 23 -10.21 -12.55 -5.51
CA GLY A 23 -9.73 -13.66 -4.70
C GLY A 23 -9.64 -15.03 -5.32
N ASP A 24 -8.97 -15.11 -6.45
CA ASP A 24 -8.67 -16.38 -7.10
C ASP A 24 -7.35 -16.85 -6.48
N GLY A 25 -6.85 -15.92 -5.67
CA GLY A 25 -5.59 -16.02 -4.96
C GLY A 25 -4.61 -15.08 -5.61
N THR A 26 -5.18 -14.29 -6.53
CA THR A 26 -4.47 -13.32 -7.32
C THR A 26 -5.03 -11.90 -7.19
N ILE A 27 -4.35 -10.99 -7.90
CA ILE A 27 -4.66 -9.60 -7.98
C ILE A 27 -5.23 -9.27 -9.32
N THR A 28 -6.27 -8.51 -9.29
CA THR A 28 -6.96 -8.13 -10.52
C THR A 28 -6.75 -6.68 -10.85
N THR A 29 -7.20 -6.36 -12.04
CA THR A 29 -7.12 -5.02 -12.62
C THR A 29 -8.09 -4.06 -11.89
N LYS A 30 -9.09 -4.62 -11.19
CA LYS A 30 -10.06 -3.81 -10.44
C LYS A 30 -9.41 -3.10 -9.25
N GLU A 31 -8.60 -3.85 -8.44
CA GLU A 31 -7.90 -3.27 -7.29
C GLU A 31 -6.89 -2.24 -7.73
N LEU A 32 -6.24 -2.56 -8.86
CA LEU A 32 -5.17 -1.75 -9.44
C LEU A 32 -5.49 -0.29 -9.43
N GLY A 33 -6.67 0.09 -9.89
CA GLY A 33 -7.03 1.49 -9.89
C GLY A 33 -7.56 1.91 -8.55
N THR A 34 -8.25 1.00 -7.89
CA THR A 34 -8.76 1.24 -6.54
C THR A 34 -7.60 1.52 -5.59
N VAL A 35 -6.40 1.01 -5.98
CA VAL A 35 -5.18 1.19 -5.20
C VAL A 35 -4.50 2.51 -5.53
N MET A 36 -4.09 2.60 -6.78
CA MET A 36 -3.38 3.77 -7.37
C MET A 36 -4.17 5.06 -7.38
N ARG A 37 -5.38 5.02 -7.94
CA ARG A 37 -6.21 6.21 -8.15
C ARG A 37 -6.28 7.17 -6.95
N SER A 38 -6.13 6.60 -5.76
CA SER A 38 -6.17 7.36 -4.48
C SER A 38 -5.21 8.56 -4.45
N LEU A 39 -4.10 8.47 -5.19
CA LEU A 39 -3.10 9.54 -5.25
C LEU A 39 -3.52 10.70 -6.17
N GLY A 40 -4.65 10.53 -6.89
CA GLY A 40 -5.14 11.59 -7.76
C GLY A 40 -4.99 11.29 -9.24
N GLN A 41 -5.09 10.01 -9.59
CA GLN A 41 -4.98 9.57 -10.99
C GLN A 41 -6.35 9.31 -11.60
N ASN A 42 -6.47 9.57 -12.90
CA ASN A 42 -7.72 9.36 -13.64
C ASN A 42 -7.42 8.59 -14.95
N PRO A 43 -7.03 7.28 -14.85
CA PRO A 43 -6.70 6.44 -16.00
C PRO A 43 -7.89 5.63 -16.52
N THR A 44 -7.67 4.91 -17.64
CA THR A 44 -8.67 4.06 -18.29
C THR A 44 -8.97 2.80 -17.46
N GLU A 45 -10.11 2.16 -17.77
CA GLU A 45 -10.55 0.93 -17.11
C GLU A 45 -9.85 -0.27 -17.73
N ALA A 46 -9.43 -0.10 -18.98
CA ALA A 46 -8.66 -1.09 -19.68
C ALA A 46 -7.19 -0.89 -19.36
N GLU A 47 -6.88 0.31 -18.81
CA GLU A 47 -5.50 0.65 -18.40
C GLU A 47 -4.99 -0.27 -17.30
N LEU A 48 -5.92 -0.89 -16.57
CA LEU A 48 -5.61 -1.86 -15.52
C LEU A 48 -5.46 -3.23 -16.14
N GLN A 49 -6.40 -3.59 -17.04
CA GLN A 49 -6.31 -4.82 -17.81
C GLN A 49 -5.02 -4.77 -18.64
N ASP A 50 -4.62 -3.51 -18.94
CA ASP A 50 -3.39 -3.20 -19.65
C ASP A 50 -2.23 -3.08 -18.65
N MET A 51 -2.48 -2.48 -17.45
CA MET A 51 -1.39 -2.38 -16.43
C MET A 51 -0.94 -3.77 -15.97
N ILE A 52 -1.86 -4.75 -16.03
CA ILE A 52 -1.53 -6.13 -15.66
C ILE A 52 -0.88 -6.88 -16.85
N ASN A 53 -1.00 -6.30 -18.05
CA ASN A 53 -0.48 -6.87 -19.28
C ASN A 53 1.04 -6.73 -19.36
N GLU A 54 1.52 -5.52 -19.02
CA GLU A 54 2.97 -5.24 -19.03
C GLU A 54 3.68 -5.94 -17.89
N VAL A 55 2.97 -6.13 -16.79
CA VAL A 55 3.50 -6.85 -15.65
C VAL A 55 2.69 -8.14 -15.58
N ASP A 56 2.52 -8.74 -16.78
CA ASP A 56 1.73 -9.97 -17.01
C ASP A 56 2.19 -11.21 -16.22
N ALA A 57 1.49 -11.52 -15.13
CA ALA A 57 1.77 -12.72 -14.33
C ALA A 57 0.95 -13.89 -14.85
N ASP A 58 -0.35 -13.63 -14.97
CA ASP A 58 -1.32 -14.62 -15.47
C ASP A 58 -1.97 -14.11 -16.77
N GLY A 59 -1.95 -12.78 -16.93
CA GLY A 59 -2.45 -12.10 -18.12
C GLY A 59 -3.94 -12.17 -18.33
N ASN A 60 -4.66 -12.63 -17.32
CA ASN A 60 -6.10 -12.64 -17.38
C ASN A 60 -6.57 -11.38 -16.65
N GLY A 61 -5.61 -10.47 -16.52
CA GLY A 61 -5.81 -9.22 -15.82
C GLY A 61 -5.57 -9.41 -14.35
N THR A 62 -4.72 -10.38 -14.07
CA THR A 62 -4.36 -10.75 -12.73
C THR A 62 -2.86 -10.82 -12.54
N ILE A 63 -2.42 -10.38 -11.38
CA ILE A 63 -1.04 -10.40 -11.01
C ILE A 63 -0.89 -11.12 -9.67
N ASP A 64 0.14 -11.91 -9.56
CA ASP A 64 0.44 -12.71 -8.36
C ASP A 64 1.14 -11.88 -7.28
N PHE A 65 1.35 -12.49 -6.11
CA PHE A 65 2.00 -11.82 -4.97
C PHE A 65 3.53 -11.61 -5.14
N PRO A 66 4.31 -12.55 -5.78
CA PRO A 66 5.76 -12.37 -5.96
C PRO A 66 6.12 -11.47 -7.15
N GLU A 67 5.20 -11.31 -8.11
CA GLU A 67 5.43 -10.53 -9.32
C GLU A 67 5.09 -9.04 -9.21
N PHE A 68 3.87 -8.70 -8.71
CA PHE A 68 3.41 -7.29 -8.59
C PHE A 68 4.53 -6.29 -8.20
N LEU A 69 5.32 -6.65 -7.20
CA LEU A 69 6.38 -5.78 -6.70
C LEU A 69 7.73 -5.93 -7.40
N THR A 70 7.97 -7.04 -8.09
CA THR A 70 9.28 -7.29 -8.77
C THR A 70 9.75 -6.06 -9.54
N MET A 71 8.79 -5.25 -9.96
CA MET A 71 9.08 -4.01 -10.65
C MET A 71 9.27 -2.87 -9.65
N MET A 72 8.55 -2.92 -8.51
CA MET A 72 8.71 -1.89 -7.48
C MET A 72 9.83 -2.30 -6.56
N ALA A 73 10.10 -3.61 -6.58
CA ALA A 73 11.21 -4.21 -5.88
C ALA A 73 12.44 -3.99 -6.74
N ARG A 74 12.19 -3.65 -8.03
CA ARG A 74 13.23 -3.33 -8.94
C ARG A 74 13.70 -1.90 -8.66
N LYS A 75 12.72 -1.00 -8.53
CA LYS A 75 12.96 0.40 -8.18
C LYS A 75 13.66 0.48 -6.82
N MET A 76 13.61 -0.65 -6.08
CA MET A 76 14.24 -0.79 -4.81
C MET A 76 15.68 -1.31 -5.00
N LYS A 77 15.95 -2.19 -6.03
CA LYS A 77 17.32 -2.64 -6.24
C LYS A 77 18.18 -1.50 -6.86
N ASP A 78 17.48 -0.47 -7.36
CA ASP A 78 18.09 0.73 -7.93
C ASP A 78 17.95 1.87 -6.94
N THR A 79 19.00 2.70 -6.79
CA THR A 79 18.98 3.80 -5.84
C THR A 79 18.37 5.08 -6.41
N ASP A 80 17.51 4.89 -7.38
CA ASP A 80 16.76 5.97 -8.02
C ASP A 80 15.50 6.27 -7.21
N SER A 81 15.43 5.63 -6.03
CA SER A 81 14.31 5.73 -5.10
C SER A 81 14.39 7.00 -4.22
N GLU A 82 15.59 7.56 -4.05
CA GLU A 82 15.78 8.77 -3.22
C GLU A 82 14.98 9.97 -3.77
N GLU A 83 14.83 9.99 -5.11
CA GLU A 83 14.08 11.05 -5.79
C GLU A 83 12.58 10.71 -5.89
N GLU A 84 12.27 9.41 -5.77
CA GLU A 84 10.90 8.91 -5.85
C GLU A 84 10.19 8.93 -4.49
N ILE A 85 10.95 8.68 -3.41
CA ILE A 85 10.43 8.61 -2.03
C ILE A 85 9.73 9.91 -1.55
N ARG A 86 10.11 11.06 -2.11
CA ARG A 86 9.52 12.33 -1.73
C ARG A 86 8.17 12.57 -2.42
N GLU A 87 8.03 12.07 -3.66
CA GLU A 87 6.78 12.19 -4.43
C GLU A 87 5.86 11.03 -4.08
N ALA A 88 6.50 9.90 -3.72
CA ALA A 88 5.81 8.70 -3.25
C ALA A 88 5.16 9.01 -1.91
N PHE A 89 5.65 10.11 -1.29
CA PHE A 89 5.12 10.64 -0.04
C PHE A 89 3.81 11.37 -0.32
N ARG A 90 3.81 12.12 -1.45
CA ARG A 90 2.65 12.89 -1.85
C ARG A 90 1.43 11.99 -2.09
N VAL A 91 1.72 10.69 -2.22
CA VAL A 91 0.75 9.63 -2.43
C VAL A 91 -0.34 9.63 -1.32
N PHE A 92 0.12 9.77 -0.08
CA PHE A 92 -0.71 9.79 1.10
C PHE A 92 -0.77 11.20 1.66
N ALA A 93 0.36 11.90 1.56
CA ALA A 93 0.48 13.28 2.03
C ALA A 93 -0.32 14.23 1.13
N LYS A 94 -1.36 14.83 1.71
CA LYS A 94 -2.22 15.78 0.97
C LYS A 94 -1.74 17.22 1.16
N ASP A 95 -0.72 17.40 2.01
CA ASP A 95 -0.15 18.72 2.27
C ASP A 95 0.85 19.13 1.19
N GLY A 96 1.15 18.19 0.28
CA GLY A 96 2.11 18.44 -0.81
C GLY A 96 3.56 18.52 -0.33
N ASN A 97 3.77 18.30 0.97
CA ASN A 97 5.08 18.36 1.60
C ASN A 97 5.19 17.36 2.75
N GLY A 98 4.07 17.17 3.47
CA GLY A 98 4.03 16.25 4.59
C GLY A 98 3.96 16.95 5.94
N TYR A 99 2.76 16.94 6.53
CA TYR A 99 2.49 17.54 7.85
C TYR A 99 1.30 16.81 8.51
N ILE A 100 0.60 16.00 7.70
CA ILE A 100 -0.58 15.23 8.11
C ILE A 100 -0.29 14.10 9.10
N SER A 101 -1.32 13.78 9.89
CA SER A 101 -1.28 12.77 10.95
C SER A 101 -1.36 11.34 10.48
N ALA A 102 -0.87 10.47 11.39
CA ALA A 102 -0.92 9.02 11.22
C ALA A 102 -2.36 8.58 11.44
N ALA A 103 -3.15 9.53 11.99
CA ALA A 103 -4.58 9.33 12.25
C ALA A 103 -5.33 9.21 10.92
N GLU A 104 -4.66 9.66 9.85
CA GLU A 104 -5.17 9.62 8.49
C GLU A 104 -5.29 8.18 7.97
N LEU A 105 -4.59 7.24 8.64
CA LEU A 105 -4.66 5.80 8.31
C LEU A 105 -6.08 5.29 8.21
N ARG A 106 -6.97 5.99 8.87
CA ARG A 106 -8.37 5.69 8.89
C ARG A 106 -9.08 6.28 7.66
N HIS A 107 -8.53 7.39 7.14
CA HIS A 107 -9.09 8.04 5.95
C HIS A 107 -8.54 7.44 4.66
N VAL A 108 -7.21 7.30 4.54
CA VAL A 108 -6.61 6.72 3.32
C VAL A 108 -6.99 5.25 3.13
N MET A 109 -7.40 4.58 4.23
CA MET A 109 -7.83 3.18 4.17
C MET A 109 -9.22 3.07 3.55
N THR A 110 -10.06 4.07 3.86
CA THR A 110 -11.42 4.13 3.32
C THR A 110 -11.37 4.78 1.93
N ASN A 111 -10.25 5.49 1.63
CA ASN A 111 -10.04 6.05 0.29
C ASN A 111 -9.97 4.87 -0.68
N LEU A 112 -9.44 3.75 -0.11
CA LEU A 112 -9.37 2.47 -0.80
C LEU A 112 -10.67 1.71 -0.48
N GLY A 113 -11.34 2.17 0.59
CA GLY A 113 -12.60 1.61 1.05
C GLY A 113 -12.46 0.37 1.90
N GLU A 114 -11.35 0.31 2.61
CA GLU A 114 -11.00 -0.79 3.49
C GLU A 114 -11.96 -0.92 4.66
N LYS A 115 -12.22 -2.17 5.04
CA LYS A 115 -13.10 -2.48 6.11
C LYS A 115 -12.33 -3.06 7.29
N LEU A 116 -12.30 -2.28 8.35
CA LEU A 116 -11.60 -2.64 9.58
C LEU A 116 -12.47 -2.36 10.80
N THR A 117 -12.05 -2.87 11.96
CA THR A 117 -12.78 -2.66 13.21
C THR A 117 -12.38 -1.31 13.82
N ASP A 118 -13.22 -0.78 14.72
CA ASP A 118 -12.97 0.53 15.36
C ASP A 118 -11.69 0.54 16.20
N GLU A 119 -11.45 -0.54 16.96
CA GLU A 119 -10.27 -0.65 17.81
C GLU A 119 -9.08 -1.28 17.09
N GLU A 120 -9.34 -2.03 16.00
CA GLU A 120 -8.29 -2.64 15.22
C GLU A 120 -7.38 -1.58 14.62
N VAL A 121 -8.00 -0.54 14.02
CA VAL A 121 -7.27 0.55 13.45
C VAL A 121 -6.94 1.62 14.50
N ASP A 122 -7.66 1.61 15.65
CA ASP A 122 -7.39 2.57 16.72
C ASP A 122 -6.07 2.23 17.41
N GLU A 123 -5.69 0.97 17.28
CA GLU A 123 -4.43 0.47 17.80
C GLU A 123 -3.33 0.67 16.77
N MET A 124 -3.65 0.39 15.50
CA MET A 124 -2.71 0.59 14.40
C MET A 124 -2.47 2.08 14.20
N ILE A 125 -3.44 2.87 14.68
CA ILE A 125 -3.38 4.31 14.64
C ILE A 125 -2.53 4.80 15.81
N ARG A 126 -2.67 4.10 16.96
CA ARG A 126 -1.92 4.43 18.15
C ARG A 126 -0.51 3.90 18.11
N GLU A 127 -0.30 3.05 17.14
CA GLU A 127 0.99 2.43 16.86
C GLU A 127 1.95 3.49 16.27
N ALA A 128 1.40 4.71 16.06
CA ALA A 128 2.16 5.82 15.49
C ALA A 128 1.88 7.17 16.16
N ALA A 129 1.09 7.16 17.26
CA ALA A 129 0.76 8.40 17.99
C ALA A 129 2.01 9.08 18.54
N ILE A 130 2.34 10.24 17.96
CA ILE A 130 3.50 11.01 18.38
C ILE A 130 3.08 12.24 19.17
N ASP A 131 3.91 12.53 20.18
CA ASP A 131 3.72 13.65 21.14
C ASP A 131 2.37 13.59 21.88
N GLY A 132 1.35 13.13 21.17
CA GLY A 132 0.00 13.01 21.69
C GLY A 132 -1.04 13.61 20.75
N ASP A 133 -0.56 14.36 19.74
CA ASP A 133 -1.42 14.98 18.73
C ASP A 133 -1.68 14.00 17.58
N GLY A 134 -0.60 13.41 17.05
CA GLY A 134 -0.71 12.43 15.98
C GLY A 134 -0.31 12.94 14.61
N GLN A 135 -0.15 14.26 14.42
CA GLN A 135 0.23 14.80 13.09
C GLN A 135 1.70 14.59 12.78
N VAL A 136 1.98 14.12 11.56
CA VAL A 136 3.37 13.81 11.16
C VAL A 136 3.78 14.45 9.82
N ASN A 137 5.01 14.98 9.81
CA ASN A 137 5.60 15.62 8.65
C ASN A 137 6.19 14.58 7.69
N TYR A 138 6.99 15.06 6.74
CA TYR A 138 7.65 14.22 5.74
C TYR A 138 8.79 13.36 6.31
N GLU A 139 9.32 13.74 7.47
CA GLU A 139 10.46 13.03 8.09
C GLU A 139 10.12 11.67 8.70
N GLU A 140 8.88 11.47 9.17
CA GLU A 140 8.50 10.19 9.80
C GLU A 140 7.97 9.14 8.84
N PHE A 141 6.92 9.46 8.06
CA PHE A 141 6.36 8.48 7.11
C PHE A 141 7.35 8.09 6.01
N VAL A 142 8.40 8.93 5.81
CA VAL A 142 9.46 8.63 4.85
C VAL A 142 10.26 7.45 5.35
N GLN A 143 10.50 7.43 6.67
CA GLN A 143 11.24 6.35 7.31
C GLN A 143 10.48 5.03 7.14
N MET A 144 9.14 5.15 7.10
CA MET A 144 8.25 4.01 6.85
C MET A 144 8.44 3.59 5.40
N MET A 145 8.87 4.55 4.58
CA MET A 145 9.11 4.34 3.15
C MET A 145 10.56 3.91 2.86
N THR A 146 11.52 4.32 3.72
CA THR A 146 12.92 3.96 3.53
C THR A 146 13.26 2.60 4.15
N ALA A 147 12.50 2.20 5.17
CA ALA A 147 12.69 0.94 5.85
C ALA A 147 11.88 -0.17 5.20
N LYS A 148 12.55 -1.30 4.92
CA LYS A 148 11.90 -2.46 4.30
C LYS A 148 11.56 -3.52 5.34
N ALA B 1 -15.21 -14.26 -2.49
CA ALA B 1 -16.01 -13.69 -1.36
C ALA B 1 -16.34 -14.76 -0.33
N GLY B 2 -16.09 -14.45 0.94
CA GLY B 2 -16.37 -15.39 2.02
C GLY B 2 -16.15 -14.77 3.39
N HIS B 3 -15.29 -15.41 4.19
CA HIS B 3 -14.99 -14.94 5.55
C HIS B 3 -13.67 -14.17 5.56
N MET B 4 -13.58 -13.19 6.48
CA MET B 4 -12.38 -12.36 6.63
C MET B 4 -11.47 -12.86 7.75
N ARG B 5 -12.10 -13.43 8.82
CA ARG B 5 -11.38 -13.97 10.00
C ARG B 5 -10.59 -12.87 10.75
N PRO B 6 -11.08 -12.38 11.93
CA PRO B 6 -10.39 -11.34 12.72
C PRO B 6 -9.07 -11.83 13.31
N LYS B 7 -8.17 -10.87 13.62
CA LYS B 7 -6.86 -11.18 14.19
C LYS B 7 -6.81 -10.79 15.67
N ARG B 8 -6.00 -11.52 16.44
CA ARG B 8 -5.85 -11.27 17.87
C ARG B 8 -4.47 -10.68 18.20
N ARG B 9 -3.51 -10.88 17.27
CA ARG B 9 -2.15 -10.37 17.46
C ARG B 9 -1.98 -8.99 16.83
N GLU B 10 -1.05 -8.20 17.38
CA GLU B 10 -0.78 -6.84 16.89
C GLU B 10 0.39 -6.84 15.90
N ILE B 11 0.23 -6.06 14.82
CA ILE B 11 1.26 -5.95 13.78
C ILE B 11 1.36 -4.51 13.25
N PRO B 12 2.58 -4.07 12.78
CA PRO B 12 2.78 -2.70 12.25
C PRO B 12 1.90 -2.39 11.03
N LEU B 13 1.75 -1.10 10.72
CA LEU B 13 0.92 -0.67 9.59
C LEU B 13 1.75 -0.47 8.31
N LYS B 14 2.93 -1.10 8.24
CA LYS B 14 3.83 -0.98 7.08
C LYS B 14 3.26 -1.68 5.83
N VAL B 15 2.17 -1.11 5.31
CA VAL B 15 1.49 -1.62 4.10
C VAL B 15 0.54 -0.59 3.52
N LEU B 16 -0.26 0.00 4.38
CA LEU B 16 -1.23 1.02 3.98
C LEU B 16 -0.52 2.24 3.36
N VAL B 17 0.81 2.13 3.26
CA VAL B 17 1.67 3.16 2.68
C VAL B 17 2.67 2.49 1.76
N LYS B 18 3.23 1.35 2.21
CA LYS B 18 4.16 0.57 1.42
C LYS B 18 3.50 -0.07 0.21
N ALA B 19 2.22 -0.42 0.38
CA ALA B 19 1.43 -1.01 -0.70
C ALA B 19 0.81 0.12 -1.52
N VAL B 20 1.44 1.27 -1.35
CA VAL B 20 1.09 2.52 -2.00
C VAL B 20 2.34 3.07 -2.68
N LEU B 21 3.54 2.65 -2.18
CA LEU B 21 4.81 3.06 -2.79
C LEU B 21 5.06 2.18 -4.01
N PHE B 22 4.22 1.13 -4.10
CA PHE B 22 4.27 0.17 -5.20
C PHE B 22 3.53 0.74 -6.43
N ALA B 23 2.66 1.72 -6.20
CA ALA B 23 1.87 2.33 -7.27
C ALA B 23 2.40 3.72 -7.66
N CYS B 24 3.42 4.21 -6.93
CA CYS B 24 4.01 5.54 -7.20
C CYS B 24 5.02 5.47 -8.38
N MET B 25 5.05 4.34 -9.08
CA MET B 25 5.97 4.13 -10.20
C MET B 25 5.21 3.74 -11.49
N LEU B 26 3.95 3.28 -11.35
CA LEU B 26 3.13 2.85 -12.49
C LEU B 26 2.91 3.99 -13.51
N MET B 27 2.67 5.21 -12.99
CA MET B 27 2.43 6.40 -13.83
C MET B 27 3.75 7.05 -14.30
N ARG B 28 4.88 6.56 -13.78
CA ARG B 28 6.20 7.08 -14.14
C ARG B 28 6.83 6.28 -15.28
N LYS B 29 6.68 4.93 -15.21
CA LYS B 29 7.23 3.99 -16.22
C LYS B 29 8.76 4.06 -16.30
N ALA A 1 6.44 -26.05 5.52
CA ALA A 1 7.88 -25.69 5.51
C ALA A 1 8.07 -24.17 5.47
N ASP A 2 7.25 -23.48 4.65
CA ASP A 2 7.32 -22.03 4.51
C ASP A 2 6.24 -21.35 5.35
N GLN A 3 6.64 -20.26 6.02
CA GLN A 3 5.73 -19.49 6.88
C GLN A 3 5.77 -18.01 6.51
N LEU A 4 4.62 -17.34 6.65
CA LEU A 4 4.51 -15.92 6.34
C LEU A 4 4.48 -15.08 7.60
N THR A 5 5.10 -13.93 7.50
CA THR A 5 5.20 -12.98 8.59
C THR A 5 4.19 -11.84 8.35
N GLU A 6 3.58 -11.38 9.45
CA GLU A 6 2.53 -10.33 9.44
C GLU A 6 2.79 -9.12 8.53
N GLU A 7 3.91 -8.43 8.70
CA GLU A 7 4.21 -7.23 7.92
C GLU A 7 4.84 -7.53 6.57
N GLN A 8 5.38 -8.74 6.43
CA GLN A 8 5.98 -9.17 5.17
C GLN A 8 4.87 -9.48 4.16
N ILE A 9 3.82 -10.17 4.65
CA ILE A 9 2.65 -10.50 3.83
C ILE A 9 1.59 -9.40 3.87
N ALA A 10 1.71 -8.49 4.87
CA ALA A 10 0.76 -7.37 5.07
C ALA A 10 0.36 -6.59 3.82
N GLU A 11 1.25 -6.50 2.84
CA GLU A 11 0.96 -5.68 1.67
C GLU A 11 0.21 -6.44 0.58
N PHE A 12 0.84 -7.49 0.02
CA PHE A 12 0.22 -8.27 -1.05
C PHE A 12 -1.00 -9.06 -0.58
N LYS A 13 -1.09 -9.32 0.74
CA LYS A 13 -2.24 -10.00 1.30
C LYS A 13 -3.46 -9.14 1.27
N GLU A 14 -3.30 -7.97 1.84
CA GLU A 14 -4.37 -7.04 1.93
C GLU A 14 -4.66 -6.43 0.57
N ALA A 15 -3.58 -6.30 -0.21
CA ALA A 15 -3.65 -5.80 -1.57
C ALA A 15 -4.07 -6.91 -2.53
N PHE A 16 -4.39 -8.04 -1.91
CA PHE A 16 -4.88 -9.22 -2.60
C PHE A 16 -6.39 -9.09 -2.77
N SER A 17 -7.06 -8.70 -1.66
CA SER A 17 -8.51 -8.50 -1.68
C SER A 17 -8.86 -7.07 -2.14
N LEU A 18 -7.84 -6.19 -2.11
CA LEU A 18 -7.96 -4.78 -2.53
C LEU A 18 -8.28 -4.71 -4.02
N PHE A 19 -7.58 -5.56 -4.78
CA PHE A 19 -7.75 -5.67 -6.22
C PHE A 19 -8.78 -6.71 -6.58
N ASP A 20 -8.59 -7.91 -6.03
CA ASP A 20 -9.41 -9.05 -6.37
C ASP A 20 -10.88 -8.97 -5.90
N LYS A 21 -11.74 -8.48 -6.81
CA LYS A 21 -13.19 -8.38 -6.58
C LYS A 21 -13.79 -9.77 -6.76
N ASP A 22 -13.33 -10.40 -7.84
CA ASP A 22 -13.71 -11.77 -8.19
C ASP A 22 -12.79 -12.72 -7.40
N GLY A 23 -11.47 -12.47 -7.52
CA GLY A 23 -10.47 -13.21 -6.77
C GLY A 23 -10.35 -14.69 -7.06
N ASP A 24 -10.15 -15.03 -8.33
CA ASP A 24 -9.92 -16.42 -8.74
C ASP A 24 -8.54 -16.84 -8.20
N GLY A 25 -7.97 -15.85 -7.53
CA GLY A 25 -6.67 -15.92 -6.91
C GLY A 25 -5.66 -15.06 -7.64
N THR A 26 -6.09 -14.54 -8.78
CA THR A 26 -5.28 -13.66 -9.60
C THR A 26 -5.89 -12.26 -9.69
N ILE A 27 -5.02 -11.30 -9.98
CA ILE A 27 -5.40 -9.91 -10.11
C ILE A 27 -5.60 -9.52 -11.53
N THR A 28 -6.74 -8.98 -11.77
CA THR A 28 -7.11 -8.57 -13.11
C THR A 28 -6.96 -7.07 -13.28
N THR A 29 -7.04 -6.71 -14.54
CA THR A 29 -6.89 -5.35 -15.01
C THR A 29 -8.00 -4.43 -14.48
N LYS A 30 -9.29 -4.83 -14.60
CA LYS A 30 -10.41 -3.98 -14.10
C LYS A 30 -10.20 -3.58 -12.63
N GLU A 31 -9.32 -4.34 -11.96
CA GLU A 31 -8.96 -4.10 -10.56
C GLU A 31 -7.83 -3.09 -10.47
N LEU A 32 -6.75 -3.37 -11.22
CA LEU A 32 -5.55 -2.53 -11.25
C LEU A 32 -5.86 -1.09 -11.64
N GLY A 33 -6.96 -0.90 -12.38
CA GLY A 33 -7.37 0.45 -12.76
C GLY A 33 -8.18 1.12 -11.68
N THR A 34 -8.97 0.31 -10.96
CA THR A 34 -9.76 0.80 -9.82
C THR A 34 -8.81 1.25 -8.70
N VAL A 35 -7.58 0.72 -8.75
CA VAL A 35 -6.54 1.00 -7.76
C VAL A 35 -5.87 2.35 -8.04
N MET A 36 -5.24 2.39 -9.20
CA MET A 36 -4.50 3.56 -9.73
C MET A 36 -5.33 4.84 -9.75
N ARG A 37 -6.57 4.71 -10.21
CA ARG A 37 -7.46 5.84 -10.40
C ARG A 37 -7.67 6.67 -9.13
N SER A 38 -7.62 5.98 -7.99
CA SER A 38 -7.85 6.61 -6.68
C SER A 38 -6.64 7.35 -6.10
N LEU A 39 -5.44 7.06 -6.61
CA LEU A 39 -4.24 7.71 -6.12
C LEU A 39 -3.83 8.96 -6.92
N GLY A 40 -4.49 9.19 -8.07
CA GLY A 40 -4.19 10.38 -8.86
C GLY A 40 -3.47 10.09 -10.17
N GLN A 41 -3.74 8.94 -10.76
CA GLN A 41 -3.12 8.54 -12.03
C GLN A 41 -4.08 8.80 -13.20
N ASN A 42 -3.56 8.72 -14.44
CA ASN A 42 -4.36 8.94 -15.65
C ASN A 42 -5.39 7.80 -15.83
N PRO A 43 -6.72 8.06 -15.62
CA PRO A 43 -7.76 7.01 -15.74
C PRO A 43 -7.95 6.49 -17.17
N THR A 44 -7.14 5.47 -17.53
CA THR A 44 -7.25 4.83 -18.82
C THR A 44 -7.84 3.43 -18.68
N GLU A 45 -8.53 2.99 -19.74
CA GLU A 45 -9.18 1.68 -19.77
C GLU A 45 -8.19 0.60 -20.14
N ALA A 46 -7.17 0.98 -20.93
CA ALA A 46 -6.11 0.08 -21.32
C ALA A 46 -4.99 0.11 -20.30
N GLU A 47 -4.93 1.19 -19.47
CA GLU A 47 -3.87 1.31 -18.43
C GLU A 47 -3.79 0.07 -17.55
N LEU A 48 -4.94 -0.51 -17.23
CA LEU A 48 -5.02 -1.71 -16.42
C LEU A 48 -4.69 -2.96 -17.25
N GLN A 49 -5.17 -3.00 -18.52
CA GLN A 49 -4.86 -4.11 -19.44
C GLN A 49 -3.41 -4.02 -19.93
N ASP A 50 -2.86 -2.78 -19.89
CA ASP A 50 -1.49 -2.51 -20.30
C ASP A 50 -0.53 -2.72 -19.12
N MET A 51 -0.93 -2.22 -17.93
CA MET A 51 -0.11 -2.40 -16.71
C MET A 51 0.12 -3.88 -16.37
N ILE A 52 -0.85 -4.76 -16.69
CA ILE A 52 -0.69 -6.21 -16.43
C ILE A 52 0.04 -6.90 -17.61
N ASN A 53 0.13 -6.20 -18.74
CA ASN A 53 0.75 -6.72 -19.95
C ASN A 53 2.26 -6.87 -19.79
N GLU A 54 2.89 -5.79 -19.35
CA GLU A 54 4.35 -5.76 -19.14
C GLU A 54 4.77 -6.48 -17.86
N VAL A 55 3.87 -6.53 -16.89
CA VAL A 55 4.13 -7.22 -15.63
C VAL A 55 3.25 -8.49 -15.64
N ASP A 56 3.09 -9.04 -16.86
CA ASP A 56 2.26 -10.23 -17.12
C ASP A 56 2.67 -11.50 -16.37
N ALA A 57 1.79 -11.94 -15.44
CA ALA A 57 1.98 -13.18 -14.70
C ALA A 57 1.37 -14.33 -15.47
N ASP A 58 0.14 -14.09 -15.90
CA ASP A 58 -0.63 -15.03 -16.70
C ASP A 58 -0.89 -14.42 -18.09
N GLY A 59 -0.81 -13.08 -18.13
CA GLY A 59 -0.96 -12.31 -19.37
C GLY A 59 -2.35 -12.26 -19.93
N ASN A 60 -3.32 -12.70 -19.14
CA ASN A 60 -4.71 -12.62 -19.54
C ASN A 60 -5.26 -11.37 -18.88
N GLY A 61 -4.31 -10.52 -18.48
CA GLY A 61 -4.61 -9.29 -17.80
C GLY A 61 -4.70 -9.51 -16.31
N THR A 62 -4.00 -10.53 -15.87
CA THR A 62 -3.98 -10.93 -14.48
C THR A 62 -2.57 -11.05 -13.93
N ILE A 63 -2.42 -10.56 -12.71
CA ILE A 63 -1.17 -10.61 -12.01
C ILE A 63 -1.36 -11.38 -10.70
N ASP A 64 -0.38 -12.19 -10.40
CA ASP A 64 -0.35 -13.02 -9.20
C ASP A 64 0.51 -12.37 -8.12
N PHE A 65 0.83 -13.13 -7.05
CA PHE A 65 1.64 -12.63 -5.93
C PHE A 65 3.14 -12.43 -6.29
N PRO A 66 3.78 -13.26 -7.18
CA PRO A 66 5.21 -13.10 -7.53
C PRO A 66 5.48 -11.88 -8.43
N GLU A 67 4.50 -11.50 -9.27
CA GLU A 67 4.65 -10.37 -10.17
C GLU A 67 4.21 -9.06 -9.52
N PHE A 68 3.01 -9.07 -8.89
CA PHE A 68 2.43 -7.90 -8.20
C PHE A 68 3.47 -7.02 -7.47
N LEU A 69 4.34 -7.64 -6.70
CA LEU A 69 5.35 -6.91 -5.94
C LEU A 69 6.64 -6.64 -6.69
N THR A 70 6.86 -7.33 -7.81
CA THR A 70 8.07 -7.16 -8.63
C THR A 70 8.41 -5.69 -8.86
N MET A 71 7.40 -4.84 -8.66
CA MET A 71 7.57 -3.41 -8.80
C MET A 71 8.03 -2.77 -7.48
N MET A 72 7.59 -3.30 -6.32
CA MET A 72 8.06 -2.77 -5.03
C MET A 72 9.36 -3.49 -4.69
N ALA A 73 9.49 -4.69 -5.28
CA ALA A 73 10.69 -5.47 -5.18
C ALA A 73 11.72 -4.87 -6.15
N ARG A 74 11.21 -4.05 -7.11
CA ARG A 74 12.03 -3.36 -8.05
C ARG A 74 12.66 -2.16 -7.37
N LYS A 75 11.83 -1.43 -6.61
CA LYS A 75 12.29 -0.27 -5.85
C LYS A 75 13.38 -0.72 -4.86
N MET A 76 13.46 -2.04 -4.68
CA MET A 76 14.46 -2.69 -3.86
C MET A 76 15.74 -2.86 -4.69
N LYS A 77 15.58 -3.24 -5.98
CA LYS A 77 16.71 -3.42 -6.88
C LYS A 77 17.13 -2.10 -7.54
N ASP A 78 16.27 -1.08 -7.41
CA ASP A 78 16.51 0.26 -7.95
C ASP A 78 16.39 1.30 -6.82
N THR A 79 17.47 2.06 -6.59
CA THR A 79 17.50 3.06 -5.53
C THR A 79 16.94 4.42 -5.97
N ASP A 80 16.07 4.36 -6.96
CA ASP A 80 15.38 5.53 -7.49
C ASP A 80 14.14 5.82 -6.63
N SER A 81 14.03 5.10 -5.51
CA SER A 81 12.91 5.20 -4.57
C SER A 81 12.93 6.49 -3.73
N GLU A 82 14.09 7.17 -3.66
CA GLU A 82 14.22 8.42 -2.89
C GLU A 82 13.41 9.55 -3.52
N GLU A 83 13.34 9.54 -4.86
CA GLU A 83 12.58 10.55 -5.61
C GLU A 83 11.11 10.14 -5.75
N GLU A 84 10.84 8.84 -5.56
CA GLU A 84 9.49 8.28 -5.65
C GLU A 84 8.74 8.36 -4.31
N ILE A 85 9.47 8.17 -3.21
CA ILE A 85 8.90 8.16 -1.84
C ILE A 85 8.17 9.48 -1.45
N ARG A 86 8.55 10.59 -2.07
CA ARG A 86 7.92 11.90 -1.78
C ARG A 86 6.64 12.10 -2.58
N GLU A 87 6.60 11.61 -3.82
CA GLU A 87 5.41 11.68 -4.67
C GLU A 87 4.46 10.57 -4.29
N ALA A 88 5.05 9.49 -3.77
CA ALA A 88 4.31 8.35 -3.25
C ALA A 88 3.69 8.76 -1.91
N PHE A 89 4.25 9.86 -1.34
CA PHE A 89 3.74 10.45 -0.12
C PHE A 89 2.49 11.25 -0.43
N ARG A 90 2.52 11.96 -1.57
CA ARG A 90 1.40 12.80 -2.00
C ARG A 90 0.14 11.96 -2.24
N VAL A 91 0.37 10.65 -2.36
CA VAL A 91 -0.66 9.64 -2.55
C VAL A 91 -1.67 9.61 -1.39
N PHE A 92 -1.12 9.71 -0.17
CA PHE A 92 -1.86 9.69 1.06
C PHE A 92 -1.96 11.11 1.62
N ALA A 93 -0.92 11.89 1.33
CA ALA A 93 -0.84 13.28 1.75
C ALA A 93 -1.53 14.21 0.75
N LYS A 94 -2.52 14.99 1.25
CA LYS A 94 -3.27 15.93 0.41
C LYS A 94 -2.51 17.23 0.20
N ASP A 95 -1.78 17.62 1.24
CA ASP A 95 -0.94 18.81 1.19
C ASP A 95 0.46 18.39 0.74
N GLY A 96 0.59 17.09 0.44
CA GLY A 96 1.87 16.52 0.04
C GLY A 96 2.77 16.21 1.23
N ASN A 97 2.79 17.14 2.19
CA ASN A 97 3.59 17.05 3.40
C ASN A 97 3.03 17.94 4.52
N GLY A 98 3.68 17.92 5.69
CA GLY A 98 3.28 18.75 6.80
C GLY A 98 2.66 17.96 7.94
N TYR A 99 1.46 17.41 7.70
CA TYR A 99 0.73 16.65 8.73
C TYR A 99 -0.37 15.75 8.14
N ILE A 100 -0.17 14.43 8.22
CA ILE A 100 -1.16 13.46 7.74
C ILE A 100 -1.38 12.36 8.78
N SER A 101 -2.59 12.36 9.35
CA SER A 101 -3.03 11.46 10.41
C SER A 101 -3.22 10.02 10.00
N ALA A 102 -2.96 9.18 11.00
CA ALA A 102 -3.14 7.73 10.91
C ALA A 102 -4.64 7.44 10.83
N ALA A 103 -5.44 8.46 11.16
CA ALA A 103 -6.90 8.41 11.10
C ALA A 103 -7.36 8.43 9.64
N GLU A 104 -6.44 8.85 8.75
CA GLU A 104 -6.68 8.92 7.31
C GLU A 104 -6.80 7.52 6.69
N LEU A 105 -6.30 6.49 7.45
CA LEU A 105 -6.39 5.08 7.04
C LEU A 105 -7.78 4.68 6.58
N ARG A 106 -8.75 5.38 7.10
CA ARG A 106 -10.14 5.18 6.81
C ARG A 106 -10.56 5.91 5.53
N HIS A 107 -9.86 7.03 5.23
CA HIS A 107 -10.13 7.81 4.02
C HIS A 107 -9.52 7.17 2.77
N VAL A 108 -8.34 6.54 2.93
CA VAL A 108 -7.66 5.86 1.81
C VAL A 108 -8.50 4.67 1.31
N MET A 109 -8.93 3.82 2.26
CA MET A 109 -9.76 2.65 1.93
C MET A 109 -11.13 3.01 1.39
N THR A 110 -11.70 4.10 1.87
CA THR A 110 -13.01 4.56 1.37
C THR A 110 -12.80 5.38 0.10
N ASN A 111 -11.54 5.84 -0.13
CA ASN A 111 -11.18 6.54 -1.36
C ASN A 111 -11.41 5.56 -2.51
N LEU A 112 -11.20 4.26 -2.19
CA LEU A 112 -11.48 3.17 -3.10
C LEU A 112 -12.92 2.70 -2.84
N GLY A 113 -13.41 3.06 -1.63
CA GLY A 113 -14.76 2.74 -1.19
C GLY A 113 -14.90 1.39 -0.53
N GLU A 114 -13.83 0.97 0.12
CA GLU A 114 -13.76 -0.30 0.84
C GLU A 114 -14.73 -0.33 2.01
N LYS A 115 -15.23 -1.52 2.30
CA LYS A 115 -16.19 -1.72 3.34
C LYS A 115 -15.61 -2.48 4.52
N LEU A 116 -15.55 -1.78 5.64
CA LEU A 116 -15.04 -2.32 6.90
C LEU A 116 -16.00 -1.97 8.05
N THR A 117 -15.81 -2.60 9.22
CA THR A 117 -16.63 -2.32 10.39
C THR A 117 -16.07 -1.10 11.15
N ASP A 118 -16.92 -0.47 11.97
CA ASP A 118 -16.54 0.72 12.73
C ASP A 118 -15.37 0.45 13.70
N GLU A 119 -15.37 -0.72 14.33
CA GLU A 119 -14.34 -1.10 15.28
C GLU A 119 -13.17 -1.82 14.63
N GLU A 120 -13.42 -2.56 13.54
CA GLU A 120 -12.38 -3.29 12.83
C GLU A 120 -11.29 -2.32 12.35
N VAL A 121 -11.71 -1.17 11.78
CA VAL A 121 -10.79 -0.16 11.35
C VAL A 121 -10.40 0.78 12.49
N ASP A 122 -11.21 0.82 13.57
CA ASP A 122 -10.88 1.68 14.72
C ASP A 122 -9.68 1.12 15.47
N GLU A 123 -9.46 -0.18 15.30
CA GLU A 123 -8.32 -0.86 15.88
C GLU A 123 -7.13 -0.78 14.94
N MET A 124 -7.40 -0.94 13.62
CA MET A 124 -6.37 -0.81 12.59
C MET A 124 -5.90 0.64 12.51
N ILE A 125 -6.78 1.53 12.97
CA ILE A 125 -6.51 2.95 13.04
C ILE A 125 -5.68 3.24 14.29
N ARG A 126 -5.99 2.50 15.37
CA ARG A 126 -5.31 2.65 16.64
C ARG A 126 -3.99 1.90 16.68
N GLU A 127 -3.83 1.07 15.69
CA GLU A 127 -2.61 0.29 15.49
C GLU A 127 -1.49 1.20 14.99
N ALA A 128 -1.86 2.49 14.75
CA ALA A 128 -0.92 3.49 14.25
C ALA A 128 -1.12 4.86 14.92
N ALA A 129 -1.95 4.92 15.98
CA ALA A 129 -2.21 6.18 16.70
C ALA A 129 -0.94 6.73 17.34
N ILE A 130 -0.47 7.85 16.78
CA ILE A 130 0.73 8.51 17.28
C ILE A 130 0.36 9.78 18.01
N ASP A 131 1.13 10.03 19.08
CA ASP A 131 0.95 11.18 20.01
C ASP A 131 -0.43 11.18 20.70
N GLY A 132 -1.43 10.71 19.97
CA GLY A 132 -2.80 10.64 20.46
C GLY A 132 -3.79 11.12 19.42
N ASP A 133 -3.36 12.04 18.55
CA ASP A 133 -4.19 12.58 17.48
C ASP A 133 -4.05 11.73 16.22
N GLY A 134 -2.81 11.32 15.92
CA GLY A 134 -2.53 10.49 14.77
C GLY A 134 -1.92 11.22 13.60
N GLN A 135 -1.94 12.57 13.61
CA GLN A 135 -1.39 13.37 12.50
C GLN A 135 0.13 13.33 12.47
N VAL A 136 0.66 12.94 11.29
CA VAL A 136 2.12 12.80 11.11
C VAL A 136 2.57 12.95 9.65
N ASN A 137 3.65 13.70 9.45
CA ASN A 137 4.22 13.96 8.11
C ASN A 137 5.26 12.92 7.66
N TYR A 138 5.96 13.29 6.58
CA TYR A 138 7.02 12.51 5.91
C TYR A 138 8.01 11.79 6.86
N GLU A 139 8.10 12.23 8.12
CA GLU A 139 9.02 11.63 9.09
C GLU A 139 8.70 10.13 9.37
N GLU A 140 7.47 9.84 9.81
CA GLU A 140 7.05 8.47 10.15
C GLU A 140 6.44 7.70 8.98
N PHE A 141 5.46 8.30 8.28
CA PHE A 141 4.77 7.61 7.16
C PHE A 141 5.70 7.17 6.03
N VAL A 142 6.91 7.74 5.98
CA VAL A 142 7.91 7.37 4.99
C VAL A 142 8.65 6.13 5.43
N GLN A 143 9.01 6.09 6.73
CA GLN A 143 9.72 4.97 7.31
C GLN A 143 8.95 3.66 7.07
N MET A 144 7.61 3.80 6.99
CA MET A 144 6.73 2.70 6.66
C MET A 144 7.12 2.14 5.29
N MET A 145 7.51 3.05 4.38
CA MET A 145 7.92 2.67 3.04
C MET A 145 9.44 2.47 2.91
N THR A 146 10.26 3.28 3.62
CA THR A 146 11.71 3.20 3.51
C THR A 146 12.29 1.94 4.16
N ALA A 147 11.58 1.41 5.16
CA ALA A 147 11.99 0.20 5.87
C ALA A 147 11.47 -1.07 5.20
N LYS A 148 12.23 -2.16 5.35
CA LYS A 148 11.87 -3.45 4.77
C LYS A 148 11.77 -4.53 5.85
N ALA B 1 22.71 -2.73 30.55
CA ALA B 1 23.07 -1.42 31.17
C ALA B 1 22.12 -1.06 32.31
N GLY B 2 20.82 -1.31 32.11
CA GLY B 2 19.81 -1.00 33.12
C GLY B 2 18.73 -2.06 33.19
N HIS B 3 17.54 -1.72 32.69
CA HIS B 3 16.40 -2.64 32.69
C HIS B 3 15.80 -2.75 31.28
N MET B 4 15.35 -3.96 30.94
CA MET B 4 14.76 -4.23 29.63
C MET B 4 13.23 -4.36 29.73
N ARG B 5 12.53 -3.94 28.67
CA ARG B 5 11.08 -4.00 28.62
C ARG B 5 10.60 -5.01 27.55
N PRO B 6 9.96 -6.15 27.95
CA PRO B 6 9.45 -7.16 26.99
C PRO B 6 8.24 -6.70 26.18
N LYS B 7 7.73 -5.51 26.50
CA LYS B 7 6.56 -4.94 25.79
C LYS B 7 7.00 -4.07 24.62
N ARG B 8 6.48 -4.39 23.43
CA ARG B 8 6.79 -3.65 22.20
C ARG B 8 5.53 -3.37 21.39
N ARG B 9 5.58 -2.28 20.60
CA ARG B 9 4.44 -1.88 19.76
C ARG B 9 4.60 -2.44 18.35
N GLU B 10 3.46 -2.73 17.71
CA GLU B 10 3.45 -3.26 16.34
C GLU B 10 2.52 -2.47 15.43
N ILE B 11 2.86 -2.44 14.14
CA ILE B 11 2.08 -1.74 13.12
C ILE B 11 1.75 -2.67 11.93
N PRO B 12 0.74 -3.58 12.08
CA PRO B 12 0.35 -4.54 11.03
C PRO B 12 -0.51 -3.93 9.91
N LEU B 13 -0.77 -2.61 9.96
CA LEU B 13 -1.58 -1.93 8.94
C LEU B 13 -0.80 -1.65 7.64
N LYS B 14 0.46 -2.14 7.59
CA LYS B 14 1.35 -1.95 6.43
C LYS B 14 0.74 -2.48 5.12
N VAL B 15 -0.13 -1.64 4.51
CA VAL B 15 -0.79 -1.96 3.24
C VAL B 15 -1.63 -0.78 2.77
N LEU B 16 -2.39 -0.23 3.69
CA LEU B 16 -3.26 0.91 3.43
C LEU B 16 -2.44 2.15 3.03
N VAL B 17 -1.13 1.94 2.92
CA VAL B 17 -0.17 2.96 2.53
C VAL B 17 0.79 2.34 1.53
N LYS B 18 1.19 1.10 1.81
CA LYS B 18 2.08 0.35 0.95
C LYS B 18 1.43 -0.03 -0.38
N ALA B 19 0.13 -0.32 -0.33
CA ALA B 19 -0.64 -0.64 -1.54
C ALA B 19 -1.08 0.66 -2.21
N VAL B 20 -0.39 1.71 -1.77
CA VAL B 20 -0.61 3.07 -2.22
C VAL B 20 0.73 3.71 -2.60
N LEU B 21 1.86 3.16 -2.09
CA LEU B 21 3.19 3.66 -2.43
C LEU B 21 3.78 2.79 -3.53
N PHE B 22 3.15 1.61 -3.71
CA PHE B 22 3.57 0.65 -4.71
C PHE B 22 2.94 0.96 -6.09
N ALA B 23 1.65 1.32 -6.07
CA ALA B 23 0.91 1.63 -7.30
C ALA B 23 1.15 3.07 -7.78
N CYS B 24 1.75 3.91 -6.91
CA CYS B 24 2.04 5.31 -7.24
C CYS B 24 3.41 5.45 -7.93
N MET B 25 3.93 4.32 -8.42
CA MET B 25 5.24 4.30 -9.10
C MET B 25 5.16 3.61 -10.46
N LEU B 26 4.03 2.93 -10.73
CA LEU B 26 3.79 2.21 -12.00
C LEU B 26 3.93 3.11 -13.24
N MET B 27 3.62 4.41 -13.08
CA MET B 27 3.70 5.39 -14.17
C MET B 27 5.12 5.99 -14.31
N ARG B 28 5.94 5.81 -13.27
CA ARG B 28 7.32 6.33 -13.25
C ARG B 28 8.32 5.28 -13.72
N LYS B 29 7.99 3.98 -13.48
CA LYS B 29 8.85 2.83 -13.86
C LYS B 29 10.20 2.85 -13.13
#